data_9DMT
#
_entry.id   9DMT
#
_cell.length_a   1.00
_cell.length_b   1.00
_cell.length_c   1.00
_cell.angle_alpha   90.00
_cell.angle_beta   90.00
_cell.angle_gamma   90.00
#
_symmetry.space_group_name_H-M   'P 1'
#
loop_
_entity.id
_entity.type
_entity.pdbx_description
1 polymer 'Acetylcholine receptor subunit alpha'
2 polymer 'Acetylcholine receptor subunit beta'
3 polymer 'Acetylcholine receptor subunit delta'
4 polymer 'Acetylcholine receptor subunit epsilon'
5 polymer 'Fab7 heavy chain'
6 polymer 'Fab7 light chain'
7 branched alpha-D-mannopyranose-(1-3)-[alpha-D-mannopyranose-(1-6)]beta-D-mannopyranose-(1-4)-2-acetamido-2-deoxy-beta-D-glucopyranose-(1-4)-2-acetamido-2-deoxy-beta-D-glucopyranose
8 branched alpha-D-mannopyranose-(1-3)-alpha-D-mannopyranose-(1-6)-[alpha-D-mannopyranose-(1-3)]beta-D-mannopyranose-(1-4)-2-acetamido-2-deoxy-beta-D-glucopyranose-(1-4)-2-acetamido-2-deoxy-beta-D-glucopyranose
9 non-polymer '(2S)-3-(hexadecanoyloxy)-2-[(9Z)-octadec-9-enoyloxy]propyl 2-(trimethylammonio)ethyl phosphate'
10 non-polymer CHOLESTEROL
11 non-polymer 2-acetamido-2-deoxy-beta-D-glucopyranose
#
loop_
_entity_poly.entity_id
_entity_poly.type
_entity_poly.pdbx_seq_one_letter_code
_entity_poly.pdbx_strand_id
1 'polypeptide(L)'
;MEPWPLLLLFSLCSAGLVLGSEHETRLVAKLFKDYSSVVRPVEDHRQVVEVTVGLQLIQLINVDEVNQIVTTNVRLKQQW
VDYNLKWNPDDYGGVKKIHIPSEKIWRPDLVLYNNADGDFAIVKFTKVLLQYTGHITWTPPAIFKSYCEIIVTHFPFDEQ
NCSMKLGTWTYDGSVVAINPESDQPDLSNFMESGEWVIKESRGWKHSVTYSCCPDTPYLDITYHFVMQRLPLYFIVNVII
PCLLFSFLTGLVFYLPTDSGEKMTLSISVLLSLTVFLLVIVELIPSTSSAVPLIGKYMLFTMVFVIASIIITVIVINTHH
RSPSTHVMPNWVRKVFIDTIPNIMFFSTMKRPSREKQDKKIFTEDIDISDISGKPGPPPMGFHSPLIKHPEVKSAIEGIK
YIAETMKSDQESNNAAAEWKYVAMVMDHILLGVFMLVCIIGTLAVFAGRLIELNQQG
;
A,C
2 'polypeptide(L)'
;MTPGALLMLLGALGAPLAPGVRGSEAEGRLREKLFSGYDSSVRPAREVGDRVRVSVGLILAQLISLNEKDEEMSTKVYLD
LEWTDYRLSWDPAEHDGIDSLRITAESVWLPDVVLLNNNDGNFDVALDISVVVSSDGSVRWQPPGIYRSSCSIQVTYFPF
DWQNCTMVFSSYSYDSSEVSLQTGLGPDGQGHQEIHIHEGTFIENGQWEIIHKPSRLIQPPGDPRGGREGQRQEVIFYLI
IRRKPLFYLVNVIAPCILITLLAIFVFYLPPDAGEKMGLSIFALLTLTVFLLLLADKVPETSLSVPIIIKYLMFTMVLVT
FSVILSVVVLNLHHRSPHTHQMPLWVRQIFIHKLPLYLRLKRPKPERDLMPEPPHCSSPGSGWGRGTDEYFIRKPPSDFL
FPKPNRFQPELSAPDLRRFIDGPNRAVALLPELREVVSSISYIARQLQEQEDHDALKEDWQFVAMVVDRLFLWTFIIFTS
VGTLVIFLDATYHLPPPDPFPSR
;
E
3 'polypeptide(L)'
;MEGPVLTLGLLAALAVCGSWGLNEEERLIRHLFQEKGYNKELRPVAHKEESVDVALALTLSNLISLKEVEETLTTNVWIE
HGWTDNRLKWNAEEFGNISVLRLPPDMVWLPEIVLENNNDGSFQISYSCNVLVYHYGFVYWLPPAIFRSSCPISVTYFPF
DWQNCSLKFSSLKYTAKEITLSLKQDAKENRTYPVEWIIIDPEGFTENGEWEIVHRPARVNVDPRAPLDSPSRQDITFYL
IIRRKPLFYIINILVPCVLISFMVNLVFYLPADSGEKTSVAISVLLAQSVFLLLISKRLPATSMAIPLIGKFLLFGMVLV
TMVVVICVIVLNIHFRTPSTHVLSEGVKKLFLETLPELLHMSRPAEDGPSPGALVRRSSSLGYISKAEEYFLLKSRSDLM
FEKQSERHGLARRLTTARRPPASSEQAQQELFNELKPAVDGANFIVNHMRDQNNYNEEKDSWNRVARTVDRLCLFVVTPV
MVVGTAWIFLQGVYNQPPPQPFPGDPYSYNVQDKRFI
;
D
4 'polypeptide(L)'
;MARAPLGVLLLLGLLGRGVGKNEELRLYHHLFNNYDPGSRPVREPEDTVTISLKVTLTNLISLNEKEETLTTSVWIGIDW
QDYRLNYSKDDFGGIETLRVPSELVWLPEIVLENNIDGQFGVAYDANVLVYEGGSVTWLPPAIYRSVCAVEVTYFPFDWQ
NCSLIFRSQTYNAEEVEFTFAVDNDGKTINKIDIDTEAYTENGEWAIDFCPGVIRRHHGGATDGPGETDVIYSLIIRRKP
LFYVINIIVPCVLISGLVLLAYFLPAQAGGQKCTVSINVLLAQTVFLFLIAQKIPETSLSVPLLGRFLIFVMVVATLIVM
NCVIVLNVSQRTPTTHAMSPRLRHVLLELLPRLLGSPPPPEAPRAASPPRRASSVGLLLRAEELILKKPRSELVFEGQRH
RQGTWTAAFCQSLGAAAPEVRCCVDAVNFVAESTRDQEATGEEVSDWVRMGNALDNICFWAALVLFSVGSSLIFLGAYFN
RVPDLPYAPCIQP
;
B
5 'polypeptide(L)'
;MDSKGSSQKGSRLLLLLVVSNLLLCQGVVSAEVQLVESGGGLVKPGGSLRLSCAASGFTFSGYWMHWVRQAPGKGLVWVS
HINGDGSSTTYADSVKGRFTISRDNAKNTLYLQMNALRAEDTAVYYCTRDVGSYGLESRYLTYVNWFDPWGQGTLVTVSS
ASTKGPSVFPLAPSSKSTSGGTAALGCLVKDYFPEPVTVSWNSGALTSGVHTFPAVLQSSGLYSLSSVVTVPSSSLGTQT
YICNVNHKPSNTKVDKKVEPKSCGSDYKDHDGDYKDHDIDYKDDDDKHHHHHHHH
;
F
6 'polypeptide(L)'
;MGWSCIILFLVATATGVHSDIQMTQSPSTLSASVGDRVTITCRASQSISSWLAWFQQKPGQAPKLLIYKASSLESGVPSR
FSGSGSGTEFSLTISSLQPDDFATYYCQQYNTYWTFGQGTKVEIKRTVAAPSVFIFPPSDEQLKSGTASVVCLLNNFYPR
EAKVQWKVDNALQSGNSQESVTEQDSKDSTYSLSSTLTLSKADYEKHKVYACEVTHQGLSSPVTKSFNRGEC
;
G
#
loop_
_chem_comp.id
_chem_comp.type
_chem_comp.name
_chem_comp.formula
BMA D-saccharide, beta linking beta-D-mannopyranose 'C6 H12 O6'
CLR non-polymer CHOLESTEROL 'C27 H46 O'
MAN D-saccharide, alpha linking alpha-D-mannopyranose 'C6 H12 O6'
NAG D-saccharide, beta linking 2-acetamido-2-deoxy-beta-D-glucopyranose 'C8 H15 N O6'
POV non-polymer '(2S)-3-(hexadecanoyloxy)-2-[(9Z)-octadec-9-enoyloxy]propyl 2-(trimethylammonio)ethyl phosphate' 'C42 H82 N O8 P'
#
# COMPACT_ATOMS: atom_id res chain seq x y z
N SER A 21 -28.11 19.02 -29.22
CA SER A 21 -27.70 19.32 -27.82
C SER A 21 -28.57 20.40 -27.19
N GLU A 22 -28.95 21.41 -27.98
CA GLU A 22 -29.89 22.41 -27.49
C GLU A 22 -31.23 21.78 -27.15
N HIS A 23 -31.74 20.92 -28.05
CA HIS A 23 -32.97 20.19 -27.76
C HIS A 23 -32.78 19.27 -26.56
N GLU A 24 -31.67 18.54 -26.52
CA GLU A 24 -31.41 17.65 -25.41
C GLU A 24 -31.12 18.44 -24.13
N THR A 25 -30.50 19.62 -24.26
CA THR A 25 -30.29 20.47 -23.09
C THR A 25 -31.61 20.89 -22.48
N ARG A 26 -32.54 21.35 -23.33
CA ARG A 26 -33.85 21.75 -22.83
C ARG A 26 -34.60 20.56 -22.24
N LEU A 27 -34.50 19.39 -22.87
CA LEU A 27 -35.16 18.20 -22.34
C LEU A 27 -34.61 17.83 -20.97
N VAL A 28 -33.29 17.83 -20.82
CA VAL A 28 -32.68 17.43 -19.56
C VAL A 28 -33.00 18.44 -18.47
N ALA A 29 -33.07 19.73 -18.83
CA ALA A 29 -33.49 20.73 -17.86
C ALA A 29 -34.93 20.51 -17.42
N LYS A 30 -35.81 20.18 -18.37
CA LYS A 30 -37.21 19.97 -18.04
C LYS A 30 -37.40 18.74 -17.16
N LEU A 31 -36.69 17.66 -17.47
CA LEU A 31 -36.93 16.38 -16.79
C LEU A 31 -36.56 16.46 -15.32
N PHE A 32 -35.47 17.14 -14.98
CA PHE A 32 -34.93 17.17 -13.63
C PHE A 32 -35.27 18.47 -12.88
N LYS A 33 -36.28 19.21 -13.36
CA LYS A 33 -36.65 20.44 -12.68
C LYS A 33 -37.26 20.15 -11.31
N ASP A 34 -38.19 19.20 -11.25
CA ASP A 34 -38.89 18.82 -10.02
C ASP A 34 -38.80 17.32 -9.80
N TYR A 35 -37.65 16.74 -10.12
CA TYR A 35 -37.46 15.30 -10.01
C TYR A 35 -36.98 14.93 -8.61
N SER A 36 -37.39 13.75 -8.16
CA SER A 36 -37.01 13.21 -6.86
C SER A 36 -36.43 11.82 -7.07
N SER A 37 -35.20 11.61 -6.60
CA SER A 37 -34.56 10.30 -6.63
C SER A 37 -34.81 9.50 -5.35
N VAL A 38 -35.49 10.09 -4.36
CA VAL A 38 -35.73 9.38 -3.11
C VAL A 38 -36.85 8.37 -3.27
N VAL A 39 -37.99 8.80 -3.80
CA VAL A 39 -39.16 7.94 -3.89
C VAL A 39 -39.04 7.00 -5.09
N ARG A 40 -39.81 5.92 -5.05
CA ARG A 40 -39.80 4.96 -6.13
C ARG A 40 -40.45 5.58 -7.38
N PRO A 41 -40.00 5.20 -8.58
CA PRO A 41 -40.51 5.89 -9.78
C PRO A 41 -41.79 5.24 -10.30
N VAL A 42 -42.87 5.41 -9.56
CA VAL A 42 -44.18 4.87 -9.93
C VAL A 42 -45.22 5.97 -9.85
N GLU A 43 -46.25 5.85 -10.68
CA GLU A 43 -47.35 6.80 -10.65
C GLU A 43 -48.07 6.73 -9.31
N ASP A 44 -48.28 5.52 -8.80
CA ASP A 44 -48.99 5.29 -7.56
C ASP A 44 -48.16 4.34 -6.70
N HIS A 45 -48.22 4.54 -5.37
CA HIS A 45 -47.32 3.83 -4.48
C HIS A 45 -47.66 2.35 -4.34
N ARG A 46 -48.89 1.94 -4.68
CA ARG A 46 -49.26 0.53 -4.59
C ARG A 46 -48.68 -0.30 -5.74
N GLN A 47 -48.12 0.34 -6.77
CA GLN A 47 -47.49 -0.38 -7.86
C GLN A 47 -46.09 -0.84 -7.45
N VAL A 48 -45.60 -1.85 -8.17
CA VAL A 48 -44.30 -2.46 -7.92
C VAL A 48 -43.35 -2.05 -9.04
N VAL A 49 -42.15 -1.62 -8.68
CA VAL A 49 -41.13 -1.33 -9.68
C VAL A 49 -40.60 -2.65 -10.21
N GLU A 50 -40.80 -2.89 -11.50
CA GLU A 50 -40.35 -4.13 -12.14
C GLU A 50 -38.95 -3.92 -12.72
N VAL A 51 -37.98 -4.64 -12.17
CA VAL A 51 -36.57 -4.51 -12.55
C VAL A 51 -36.15 -5.83 -13.19
N THR A 52 -35.62 -5.75 -14.40
CA THR A 52 -34.97 -6.88 -15.05
C THR A 52 -33.48 -6.83 -14.76
N VAL A 53 -32.93 -7.93 -14.27
CA VAL A 53 -31.53 -8.02 -13.86
C VAL A 53 -30.86 -9.08 -14.73
N GLY A 54 -29.72 -8.74 -15.30
CA GLY A 54 -28.93 -9.67 -16.08
C GLY A 54 -27.45 -9.51 -15.80
N LEU A 55 -26.79 -10.60 -15.41
CA LEU A 55 -25.37 -10.57 -15.08
C LEU A 55 -24.57 -11.06 -16.28
N GLN A 56 -23.59 -10.26 -16.70
CA GLN A 56 -22.64 -10.63 -17.73
C GLN A 56 -21.28 -10.84 -17.06
N LEU A 57 -20.67 -11.99 -17.28
CA LEU A 57 -19.37 -12.33 -16.71
C LEU A 57 -18.31 -12.05 -17.76
N ILE A 58 -17.49 -11.02 -17.51
CA ILE A 58 -16.42 -10.67 -18.44
C ILE A 58 -15.18 -11.52 -18.18
N GLN A 59 -14.87 -11.77 -16.90
CA GLN A 59 -13.61 -12.38 -16.54
C GLN A 59 -13.74 -13.05 -15.18
N LEU A 60 -13.15 -14.24 -15.05
CA LEU A 60 -12.99 -14.93 -13.77
C LEU A 60 -11.60 -14.58 -13.26
N ILE A 61 -11.51 -13.56 -12.40
CA ILE A 61 -10.21 -13.04 -12.01
C ILE A 61 -9.46 -14.04 -11.15
N ASN A 62 -10.11 -14.59 -10.12
CA ASN A 62 -9.37 -15.39 -9.16
C ASN A 62 -10.29 -16.28 -8.34
N VAL A 63 -9.75 -17.41 -7.89
CA VAL A 63 -10.41 -18.31 -6.95
C VAL A 63 -9.44 -18.49 -5.79
N ASP A 64 -9.64 -17.72 -4.71
CA ASP A 64 -8.87 -17.86 -3.49
C ASP A 64 -9.49 -18.98 -2.65
N GLU A 65 -8.81 -20.12 -2.60
CA GLU A 65 -9.32 -21.28 -1.89
C GLU A 65 -9.16 -21.15 -0.38
N VAL A 66 -8.08 -20.52 0.08
CA VAL A 66 -7.84 -20.39 1.51
C VAL A 66 -8.93 -19.54 2.16
N ASN A 67 -9.19 -18.36 1.60
CA ASN A 67 -10.19 -17.46 2.14
C ASN A 67 -11.58 -17.71 1.56
N GLN A 68 -11.74 -18.65 0.64
CA GLN A 68 -13.03 -19.02 0.08
C GLN A 68 -13.71 -17.83 -0.59
N ILE A 69 -12.94 -17.14 -1.45
CA ILE A 69 -13.44 -15.97 -2.17
C ILE A 69 -13.22 -16.20 -3.66
N VAL A 70 -14.18 -15.76 -4.47
CA VAL A 70 -14.04 -15.77 -5.92
C VAL A 70 -14.19 -14.33 -6.40
N THR A 71 -13.15 -13.85 -7.11
CA THR A 71 -13.11 -12.51 -7.69
C THR A 71 -13.45 -12.61 -9.17
N THR A 72 -14.45 -11.82 -9.58
CA THR A 72 -14.92 -11.82 -10.97
C THR A 72 -15.17 -10.38 -11.43
N ASN A 73 -15.01 -10.17 -12.73
CA ASN A 73 -15.34 -8.91 -13.40
C ASN A 73 -16.69 -9.09 -14.06
N VAL A 74 -17.66 -8.23 -13.71
CA VAL A 74 -19.04 -8.40 -14.14
C VAL A 74 -19.61 -7.08 -14.63
N ARG A 75 -20.63 -7.19 -15.47
CA ARG A 75 -21.51 -6.11 -15.84
C ARG A 75 -22.91 -6.47 -15.36
N LEU A 76 -23.54 -5.57 -14.60
CA LEU A 76 -24.83 -5.85 -13.98
C LEU A 76 -25.92 -5.04 -14.69
N LYS A 77 -26.40 -5.58 -15.80
CA LYS A 77 -27.42 -4.88 -16.59
C LYS A 77 -28.73 -4.84 -15.81
N GLN A 78 -29.24 -3.64 -15.56
CA GLN A 78 -30.47 -3.41 -14.82
C GLN A 78 -31.39 -2.58 -15.70
N GLN A 79 -32.60 -3.08 -15.94
CA GLN A 79 -33.58 -2.41 -16.78
C GLN A 79 -34.83 -2.14 -15.95
N TRP A 80 -35.35 -0.93 -16.03
CA TRP A 80 -36.66 -0.66 -15.44
C TRP A 80 -37.29 0.50 -16.20
N VAL A 81 -38.42 0.99 -15.69
CA VAL A 81 -39.14 2.12 -16.28
C VAL A 81 -39.30 3.18 -15.21
N ASP A 82 -38.91 4.41 -15.53
CA ASP A 82 -39.15 5.56 -14.67
C ASP A 82 -40.39 6.29 -15.20
N TYR A 83 -41.40 6.40 -14.34
CA TYR A 83 -42.67 6.98 -14.79
C TYR A 83 -42.51 8.45 -15.16
N ASN A 84 -41.69 9.18 -14.41
CA ASN A 84 -41.57 10.63 -14.57
C ASN A 84 -40.52 11.07 -15.58
N LEU A 85 -39.69 10.15 -16.08
CA LEU A 85 -38.67 10.48 -17.08
C LEU A 85 -39.15 10.11 -18.49
N LYS A 86 -40.26 10.73 -18.90
CA LYS A 86 -40.83 10.52 -20.23
C LYS A 86 -40.98 11.87 -20.93
N TRP A 87 -40.95 11.81 -22.27
CA TRP A 87 -41.14 13.01 -23.07
C TRP A 87 -41.66 12.60 -24.44
N ASN A 88 -42.22 13.57 -25.15
CA ASN A 88 -42.61 13.40 -26.53
C ASN A 88 -41.44 13.80 -27.42
N PRO A 89 -40.90 12.92 -28.28
CA PRO A 89 -39.77 13.35 -29.13
C PRO A 89 -40.09 14.51 -30.05
N ASP A 90 -41.34 14.61 -30.52
CA ASP A 90 -41.70 15.70 -31.43
C ASP A 90 -41.54 17.06 -30.78
N ASP A 91 -41.70 17.13 -29.45
CA ASP A 91 -41.51 18.39 -28.73
C ASP A 91 -40.04 18.72 -28.48
N TYR A 92 -39.10 17.84 -28.85
CA TYR A 92 -37.69 18.06 -28.57
C TYR A 92 -36.85 17.66 -29.77
N GLY A 93 -37.31 18.01 -30.97
CA GLY A 93 -36.52 17.81 -32.17
C GLY A 93 -36.30 16.35 -32.55
N GLY A 94 -37.15 15.44 -32.09
CA GLY A 94 -37.02 14.05 -32.45
C GLY A 94 -36.04 13.25 -31.63
N VAL A 95 -35.58 13.77 -30.49
CA VAL A 95 -34.69 13.02 -29.62
C VAL A 95 -35.48 11.87 -29.01
N LYS A 96 -35.05 10.63 -29.28
CA LYS A 96 -35.72 9.43 -28.81
C LYS A 96 -34.99 8.74 -27.66
N LYS A 97 -33.67 8.93 -27.55
CA LYS A 97 -32.89 8.33 -26.48
C LYS A 97 -31.77 9.28 -26.09
N ILE A 98 -31.39 9.24 -24.82
CA ILE A 98 -30.33 10.08 -24.28
C ILE A 98 -29.52 9.28 -23.27
N HIS A 99 -28.37 9.82 -22.89
CA HIS A 99 -27.52 9.28 -21.84
C HIS A 99 -27.40 10.31 -20.73
N ILE A 100 -27.70 9.91 -19.51
CA ILE A 100 -27.68 10.83 -18.37
C ILE A 100 -26.89 10.18 -17.23
N PRO A 101 -26.32 10.97 -16.32
CA PRO A 101 -25.61 10.38 -15.18
C PRO A 101 -26.56 9.56 -14.31
N SER A 102 -26.05 8.43 -13.80
CA SER A 102 -26.85 7.54 -12.97
C SER A 102 -27.07 8.06 -11.56
N GLU A 103 -26.19 8.94 -11.07
CA GLU A 103 -26.33 9.46 -9.71
C GLU A 103 -27.55 10.34 -9.55
N LYS A 104 -28.07 10.92 -10.64
CA LYS A 104 -29.18 11.86 -10.54
C LYS A 104 -30.52 11.19 -10.28
N ILE A 105 -30.68 9.92 -10.66
CA ILE A 105 -31.98 9.28 -10.69
C ILE A 105 -32.08 8.23 -9.58
N TRP A 106 -33.31 7.86 -9.27
CA TRP A 106 -33.56 6.69 -8.45
C TRP A 106 -33.04 5.45 -9.15
N ARG A 107 -32.38 4.57 -8.40
CA ARG A 107 -31.88 3.31 -8.88
C ARG A 107 -32.28 2.20 -7.92
N PRO A 108 -32.36 0.95 -8.37
CA PRO A 108 -32.45 -0.15 -7.41
C PRO A 108 -31.12 -0.35 -6.72
N ASP A 109 -31.18 -0.67 -5.42
CA ASP A 109 -29.98 -0.84 -4.60
C ASP A 109 -29.57 -2.30 -4.55
N LEU A 110 -29.22 -2.84 -5.71
CA LEU A 110 -28.76 -4.23 -5.76
C LEU A 110 -27.47 -4.39 -4.98
N VAL A 111 -27.44 -5.36 -4.10
CA VAL A 111 -26.32 -5.67 -3.24
C VAL A 111 -25.98 -7.14 -3.42
N LEU A 112 -24.68 -7.44 -3.42
CA LEU A 112 -24.18 -8.81 -3.40
C LEU A 112 -24.21 -9.30 -1.97
N TYR A 113 -25.18 -10.17 -1.66
CA TYR A 113 -25.42 -10.56 -0.27
C TYR A 113 -24.24 -11.31 0.32
N ASN A 114 -23.61 -12.18 -0.47
CA ASN A 114 -22.47 -12.96 -0.04
C ASN A 114 -21.13 -12.31 -0.39
N ASN A 115 -21.09 -10.97 -0.42
CA ASN A 115 -19.83 -10.28 -0.59
C ASN A 115 -18.87 -10.62 0.54
N ALA A 116 -17.61 -10.91 0.18
CA ALA A 116 -16.63 -11.35 1.18
C ALA A 116 -15.83 -10.17 1.73
N ASP A 117 -15.05 -9.51 0.88
CA ASP A 117 -14.27 -8.36 1.31
C ASP A 117 -14.19 -7.27 0.23
N GLY A 118 -15.10 -7.26 -0.72
CA GLY A 118 -15.17 -6.25 -1.76
C GLY A 118 -16.24 -5.22 -1.49
N ASP A 119 -16.83 -4.72 -2.57
CA ASP A 119 -17.93 -3.77 -2.47
C ASP A 119 -19.25 -4.50 -2.41
N PHE A 120 -20.12 -4.06 -1.51
CA PHE A 120 -21.44 -4.67 -1.39
C PHE A 120 -22.34 -4.26 -2.55
N ALA A 121 -22.25 -3.01 -2.98
CA ALA A 121 -23.13 -2.44 -4.00
C ALA A 121 -22.28 -1.93 -5.17
N ILE A 122 -22.98 -1.43 -6.20
CA ILE A 122 -22.31 -0.80 -7.32
C ILE A 122 -21.67 0.51 -6.86
N VAL A 123 -20.40 0.69 -7.20
CA VAL A 123 -19.68 1.92 -6.91
C VAL A 123 -19.28 2.69 -8.16
N LYS A 124 -19.24 2.06 -9.33
CA LYS A 124 -18.90 2.72 -10.59
C LYS A 124 -20.20 3.17 -11.22
N PHE A 125 -20.48 4.47 -11.12
CA PHE A 125 -21.78 5.02 -11.53
C PHE A 125 -21.66 5.53 -12.97
N THR A 126 -21.81 4.60 -13.90
CA THR A 126 -21.79 4.91 -15.32
C THR A 126 -23.15 5.47 -15.75
N LYS A 127 -23.19 6.01 -16.97
CA LYS A 127 -24.38 6.66 -17.47
C LYS A 127 -25.49 5.65 -17.76
N VAL A 128 -26.73 6.09 -17.58
CA VAL A 128 -27.91 5.32 -17.95
C VAL A 128 -28.41 5.79 -19.31
N LEU A 129 -28.83 4.82 -20.13
CA LEU A 129 -29.52 5.09 -21.38
C LEU A 129 -31.01 5.20 -21.09
N LEU A 130 -31.60 6.36 -21.40
CA LEU A 130 -32.99 6.66 -21.13
C LEU A 130 -33.73 6.83 -22.45
N GLN A 131 -34.80 6.08 -22.63
CA GLN A 131 -35.67 6.21 -23.79
C GLN A 131 -36.80 7.19 -23.50
N TYR A 132 -37.43 7.70 -24.56
CA TYR A 132 -38.55 8.62 -24.38
C TYR A 132 -39.73 7.95 -23.70
N THR A 133 -39.84 6.63 -23.76
CA THR A 133 -40.89 5.89 -23.08
C THR A 133 -40.65 5.78 -21.57
N GLY A 134 -39.52 6.27 -21.06
CA GLY A 134 -39.18 6.12 -19.67
C GLY A 134 -38.35 4.90 -19.35
N HIS A 135 -38.04 4.06 -20.33
CA HIS A 135 -37.26 2.87 -20.08
C HIS A 135 -35.79 3.23 -19.84
N ILE A 136 -35.26 2.76 -18.73
CA ILE A 136 -33.88 2.96 -18.34
C ILE A 136 -33.16 1.63 -18.46
N THR A 137 -32.00 1.65 -19.11
CA THR A 137 -31.02 0.57 -19.08
C THR A 137 -29.74 1.12 -18.46
N TRP A 138 -29.25 0.44 -17.43
CA TRP A 138 -28.05 0.84 -16.70
C TRP A 138 -27.16 -0.39 -16.57
N THR A 139 -25.95 -0.31 -17.12
CA THR A 139 -25.05 -1.46 -17.22
C THR A 139 -23.72 -1.12 -16.54
N PRO A 140 -23.73 -0.99 -15.21
CA PRO A 140 -22.48 -0.65 -14.53
C PRO A 140 -21.54 -1.83 -14.47
N PRO A 141 -20.23 -1.60 -14.37
CA PRO A 141 -19.30 -2.69 -14.10
C PRO A 141 -19.08 -2.86 -12.60
N ALA A 142 -18.53 -4.02 -12.26
CA ALA A 142 -18.23 -4.30 -10.86
C ALA A 142 -17.18 -5.39 -10.77
N ILE A 143 -16.48 -5.39 -9.65
CA ILE A 143 -15.60 -6.48 -9.24
C ILE A 143 -16.32 -7.18 -8.08
N PHE A 144 -16.88 -8.36 -8.34
CA PHE A 144 -17.57 -9.13 -7.32
C PHE A 144 -16.56 -10.04 -6.63
N LYS A 145 -16.40 -9.86 -5.32
CA LYS A 145 -15.64 -10.75 -4.47
C LYS A 145 -16.64 -11.48 -3.58
N SER A 146 -17.03 -12.70 -3.96
CA SER A 146 -18.12 -13.45 -3.27
C SER A 146 -17.59 -14.60 -2.42
N TYR A 147 -18.11 -14.79 -1.20
CA TYR A 147 -17.71 -15.92 -0.33
C TYR A 147 -18.33 -17.19 -0.94
N CYS A 148 -17.51 -18.18 -1.27
CA CYS A 148 -17.96 -19.42 -1.96
C CYS A 148 -17.37 -20.62 -1.24
N GLU A 149 -18.21 -21.56 -0.78
CA GLU A 149 -17.73 -22.80 -0.13
C GLU A 149 -16.81 -23.52 -1.12
N ILE A 150 -15.55 -23.72 -0.77
CA ILE A 150 -14.54 -24.36 -1.59
C ILE A 150 -14.31 -25.76 -1.03
N ILE A 151 -14.59 -26.77 -1.83
CA ILE A 151 -14.31 -28.17 -1.48
C ILE A 151 -13.00 -28.55 -2.15
N VAL A 152 -12.00 -28.87 -1.34
CA VAL A 152 -10.65 -29.15 -1.84
C VAL A 152 -10.34 -30.63 -1.86
N THR A 153 -11.35 -31.49 -1.75
CA THR A 153 -11.11 -32.93 -1.61
C THR A 153 -10.40 -33.50 -2.84
N HIS A 154 -10.83 -33.08 -4.03
CA HIS A 154 -10.31 -33.60 -5.29
C HIS A 154 -9.29 -32.67 -5.95
N PHE A 155 -8.77 -31.69 -5.22
CA PHE A 155 -7.80 -30.76 -5.79
C PHE A 155 -6.56 -31.52 -6.25
N PRO A 156 -6.01 -31.21 -7.44
CA PRO A 156 -6.36 -30.18 -8.43
C PRO A 156 -7.38 -30.64 -9.47
N PHE A 157 -8.03 -31.78 -9.27
CA PHE A 157 -9.11 -32.25 -10.14
C PHE A 157 -10.47 -31.89 -9.56
N ASP A 158 -10.55 -30.74 -8.89
CA ASP A 158 -11.71 -30.35 -8.13
C ASP A 158 -12.66 -29.53 -8.97
N GLU A 159 -13.95 -29.78 -8.80
CA GLU A 159 -15.01 -28.97 -9.37
C GLU A 159 -15.56 -28.08 -8.27
N GLN A 160 -15.79 -26.79 -8.56
CA GLN A 160 -16.31 -25.82 -7.58
C GLN A 160 -17.67 -25.32 -8.06
N ASN A 161 -18.50 -24.78 -7.17
CA ASN A 161 -19.85 -24.25 -7.51
C ASN A 161 -20.06 -22.98 -6.70
N CYS A 162 -19.55 -21.83 -7.16
CA CYS A 162 -19.67 -20.54 -6.44
C CYS A 162 -20.88 -19.78 -6.92
N SER A 163 -21.65 -19.20 -6.01
CA SER A 163 -22.89 -18.46 -6.34
C SER A 163 -22.66 -16.96 -6.15
N MET A 164 -23.53 -16.13 -6.68
CA MET A 164 -23.48 -14.65 -6.53
C MET A 164 -24.92 -14.21 -6.24
N LYS A 165 -25.30 -14.10 -4.97
CA LYS A 165 -26.65 -13.76 -4.57
C LYS A 165 -26.81 -12.26 -4.62
N LEU A 166 -27.80 -11.79 -5.39
CA LEU A 166 -28.05 -10.38 -5.61
C LEU A 166 -29.47 -10.05 -5.16
N GLY A 167 -29.62 -8.92 -4.49
CA GLY A 167 -30.95 -8.51 -4.10
C GLY A 167 -31.00 -7.05 -3.72
N THR A 168 -32.21 -6.49 -3.77
CA THR A 168 -32.41 -5.14 -3.27
C THR A 168 -32.29 -5.15 -1.75
N TRP A 169 -31.29 -4.43 -1.24
CA TRP A 169 -30.98 -4.50 0.18
C TRP A 169 -32.12 -3.99 1.04
N THR A 170 -32.73 -2.87 0.66
CA THR A 170 -33.70 -2.17 1.49
C THR A 170 -35.13 -2.24 0.97
N TYR A 171 -35.34 -2.68 -0.26
CA TYR A 171 -36.68 -2.81 -0.85
C TYR A 171 -37.08 -4.27 -0.89
N ASP A 172 -38.28 -4.56 -0.41
CA ASP A 172 -38.82 -5.91 -0.44
C ASP A 172 -39.63 -6.11 -1.72
N GLY A 173 -40.04 -7.36 -1.94
CA GLY A 173 -40.74 -7.72 -3.17
C GLY A 173 -42.06 -7.01 -3.36
N SER A 174 -42.66 -6.50 -2.30
CA SER A 174 -43.94 -5.81 -2.39
C SER A 174 -43.82 -4.41 -2.98
N VAL A 175 -42.62 -3.84 -3.06
CA VAL A 175 -42.42 -2.48 -3.59
C VAL A 175 -41.48 -2.50 -4.80
N VAL A 176 -40.57 -3.46 -4.84
CA VAL A 176 -39.61 -3.59 -5.94
C VAL A 176 -39.44 -5.06 -6.25
N ALA A 177 -39.79 -5.45 -7.48
CA ALA A 177 -39.68 -6.83 -7.95
C ALA A 177 -38.52 -6.94 -8.93
N ILE A 178 -37.66 -7.93 -8.72
CA ILE A 178 -36.54 -8.23 -9.62
C ILE A 178 -36.83 -9.53 -10.36
N ASN A 179 -36.54 -9.53 -11.66
CA ASN A 179 -36.71 -10.69 -12.51
C ASN A 179 -35.44 -10.93 -13.31
N PRO A 180 -35.01 -12.19 -13.51
CA PRO A 180 -33.84 -12.41 -14.37
C PRO A 180 -34.10 -12.04 -15.82
N GLU A 181 -33.06 -11.53 -16.46
CA GLU A 181 -33.15 -11.25 -17.90
C GLU A 181 -33.17 -12.54 -18.70
N SER A 182 -32.41 -13.54 -18.27
CA SER A 182 -32.33 -14.81 -18.96
C SER A 182 -32.07 -15.91 -17.94
N ASP A 183 -32.30 -17.15 -18.36
CA ASP A 183 -32.09 -18.29 -17.47
C ASP A 183 -30.62 -18.46 -17.10
N GLN A 184 -29.70 -17.99 -17.95
CA GLN A 184 -28.27 -18.19 -17.79
C GLN A 184 -27.54 -16.84 -17.76
N PRO A 185 -26.38 -16.76 -17.10
CA PRO A 185 -25.57 -15.55 -17.25
C PRO A 185 -25.07 -15.39 -18.68
N ASP A 186 -24.84 -14.14 -19.08
CA ASP A 186 -24.35 -13.83 -20.41
C ASP A 186 -22.84 -13.97 -20.44
N LEU A 187 -22.36 -15.02 -21.12
CA LEU A 187 -20.93 -15.31 -21.25
C LEU A 187 -20.40 -15.00 -22.64
N SER A 188 -21.09 -14.15 -23.41
CA SER A 188 -20.67 -13.87 -24.77
C SER A 188 -19.35 -13.13 -24.82
N ASN A 189 -19.11 -12.23 -23.86
CA ASN A 189 -17.86 -11.47 -23.78
C ASN A 189 -16.94 -12.00 -22.69
N PHE A 190 -17.03 -13.29 -22.38
CA PHE A 190 -16.21 -13.89 -21.34
C PHE A 190 -14.81 -14.17 -21.88
N MET A 191 -13.80 -13.68 -21.17
CA MET A 191 -12.42 -13.97 -21.53
C MET A 191 -12.04 -15.37 -21.05
N GLU A 192 -11.31 -16.10 -21.89
CA GLU A 192 -10.88 -17.44 -21.53
C GLU A 192 -9.96 -17.39 -20.32
N SER A 193 -10.16 -18.33 -19.41
CA SER A 193 -9.35 -18.45 -18.20
C SER A 193 -8.28 -19.52 -18.42
N GLY A 194 -7.09 -19.26 -17.92
CA GLY A 194 -6.00 -20.22 -17.97
C GLY A 194 -5.97 -21.20 -16.83
N GLU A 195 -6.97 -21.18 -15.95
CA GLU A 195 -7.01 -22.03 -14.77
C GLU A 195 -8.34 -22.74 -14.54
N TRP A 196 -9.43 -22.27 -15.14
CA TRP A 196 -10.76 -22.81 -14.88
C TRP A 196 -11.55 -22.87 -16.17
N VAL A 197 -12.44 -23.87 -16.24
CA VAL A 197 -13.40 -24.03 -17.32
C VAL A 197 -14.78 -24.04 -16.70
N ILE A 198 -15.65 -23.15 -17.15
CA ILE A 198 -17.01 -23.04 -16.62
C ILE A 198 -17.83 -24.14 -17.29
N LYS A 199 -18.07 -25.24 -16.57
CA LYS A 199 -18.92 -26.28 -17.12
C LYS A 199 -20.34 -25.78 -17.29
N GLU A 200 -20.89 -25.13 -16.25
CA GLU A 200 -22.31 -24.78 -16.24
C GLU A 200 -22.48 -23.42 -15.60
N SER A 201 -23.55 -22.74 -15.98
CA SER A 201 -23.90 -21.46 -15.38
C SER A 201 -25.41 -21.29 -15.44
N ARG A 202 -25.99 -20.71 -14.41
CA ARG A 202 -27.43 -20.56 -14.38
C ARG A 202 -27.84 -19.60 -13.27
N GLY A 203 -28.88 -18.83 -13.52
CA GLY A 203 -29.44 -17.91 -12.55
C GLY A 203 -30.85 -18.33 -12.13
N TRP A 204 -31.11 -18.27 -10.83
CA TRP A 204 -32.38 -18.70 -10.26
C TRP A 204 -32.94 -17.59 -9.37
N LYS A 205 -34.23 -17.30 -9.53
CA LYS A 205 -34.92 -16.34 -8.66
C LYS A 205 -35.57 -17.08 -7.49
N HIS A 206 -35.49 -16.46 -6.32
CA HIS A 206 -36.05 -17.02 -5.09
C HIS A 206 -36.86 -15.94 -4.38
N SER A 207 -37.97 -16.36 -3.76
CA SER A 207 -38.83 -15.51 -2.96
C SER A 207 -39.03 -16.18 -1.60
N VAL A 208 -38.73 -15.44 -0.52
CA VAL A 208 -38.82 -15.96 0.83
C VAL A 208 -39.73 -15.05 1.64
N THR A 209 -40.72 -15.63 2.31
CA THR A 209 -41.59 -14.92 3.24
C THR A 209 -41.32 -15.45 4.63
N TYR A 210 -40.95 -14.56 5.54
CA TYR A 210 -40.70 -14.93 6.93
C TYR A 210 -42.00 -14.85 7.74
N SER A 211 -41.98 -15.52 8.89
CA SER A 211 -43.19 -15.64 9.71
C SER A 211 -43.65 -14.27 10.22
N CYS A 212 -42.72 -13.43 10.66
CA CYS A 212 -43.06 -12.15 11.24
C CYS A 212 -43.31 -11.06 10.20
N CYS A 213 -43.07 -11.33 8.92
CA CYS A 213 -43.40 -10.40 7.83
C CYS A 213 -44.15 -11.18 6.76
N PRO A 214 -45.43 -11.48 6.98
CA PRO A 214 -46.17 -12.27 5.98
C PRO A 214 -46.58 -11.49 4.74
N ASP A 215 -46.35 -10.18 4.69
CA ASP A 215 -46.81 -9.33 3.59
C ASP A 215 -45.67 -8.68 2.82
N THR A 216 -44.40 -8.94 3.17
CA THR A 216 -43.25 -8.36 2.49
C THR A 216 -42.33 -9.49 2.07
N PRO A 217 -42.62 -10.18 0.96
CA PRO A 217 -41.70 -11.21 0.48
C PRO A 217 -40.37 -10.58 0.06
N TYR A 218 -39.29 -11.28 0.36
CA TYR A 218 -37.94 -10.84 0.03
C TYR A 218 -37.43 -11.66 -1.15
N LEU A 219 -37.00 -10.98 -2.19
CA LEU A 219 -36.62 -11.60 -3.45
C LEU A 219 -35.11 -11.55 -3.62
N ASP A 220 -34.59 -12.53 -4.33
CA ASP A 220 -33.18 -12.53 -4.69
C ASP A 220 -33.01 -13.27 -6.01
N ILE A 221 -31.91 -12.99 -6.70
CA ILE A 221 -31.47 -13.76 -7.84
C ILE A 221 -30.08 -14.27 -7.53
N THR A 222 -29.92 -15.58 -7.54
CA THR A 222 -28.64 -16.22 -7.28
C THR A 222 -28.14 -16.78 -8.60
N TYR A 223 -27.08 -16.18 -9.12
CA TYR A 223 -26.35 -16.78 -10.23
C TYR A 223 -25.37 -17.78 -9.66
N HIS A 224 -25.11 -18.85 -10.40
CA HIS A 224 -24.15 -19.86 -9.96
C HIS A 224 -23.35 -20.32 -11.16
N PHE A 225 -22.10 -20.68 -10.89
CA PHE A 225 -21.16 -21.13 -11.91
C PHE A 225 -20.51 -22.41 -11.40
N VAL A 226 -20.67 -23.48 -12.17
CA VAL A 226 -19.93 -24.71 -11.96
C VAL A 226 -18.68 -24.66 -12.85
N MET A 227 -17.52 -24.76 -12.20
CA MET A 227 -16.20 -24.55 -12.78
C MET A 227 -15.36 -25.80 -12.53
N GLN A 228 -14.64 -26.27 -13.55
CA GLN A 228 -13.69 -27.36 -13.41
C GLN A 228 -12.28 -26.79 -13.50
N ARG A 229 -11.43 -27.12 -12.53
CA ARG A 229 -10.05 -26.67 -12.57
C ARG A 229 -9.29 -27.38 -13.67
N LEU A 230 -8.39 -26.65 -14.33
CA LEU A 230 -7.46 -27.24 -15.28
C LEU A 230 -6.23 -27.70 -14.51
N PRO A 231 -5.93 -29.00 -14.41
CA PRO A 231 -4.90 -29.46 -13.47
C PRO A 231 -3.49 -29.62 -14.03
N LEU A 232 -3.22 -29.19 -15.26
CA LEU A 232 -1.92 -29.46 -15.88
C LEU A 232 -0.78 -28.81 -15.09
N TYR A 233 -0.99 -27.57 -14.63
CA TYR A 233 0.07 -26.87 -13.89
C TYR A 233 0.44 -27.62 -12.62
N PHE A 234 -0.55 -28.09 -11.87
CA PHE A 234 -0.26 -28.81 -10.64
C PHE A 234 0.25 -30.22 -10.92
N ILE A 235 -0.17 -30.83 -12.03
CA ILE A 235 0.38 -32.14 -12.39
C ILE A 235 1.87 -32.03 -12.67
N VAL A 236 2.25 -31.03 -13.46
CA VAL A 236 3.65 -30.90 -13.86
C VAL A 236 4.50 -30.45 -12.67
N ASN A 237 4.05 -29.41 -11.96
CA ASN A 237 4.93 -28.77 -10.99
C ASN A 237 4.98 -29.50 -9.65
N VAL A 238 3.94 -30.24 -9.30
CA VAL A 238 3.84 -30.91 -7.99
C VAL A 238 3.90 -32.43 -8.14
N ILE A 239 3.04 -33.00 -8.98
CA ILE A 239 2.83 -34.45 -8.95
C ILE A 239 4.06 -35.19 -9.50
N ILE A 240 4.65 -34.70 -10.58
CA ILE A 240 5.74 -35.43 -11.24
C ILE A 240 6.98 -35.51 -10.34
N PRO A 241 7.43 -34.43 -9.69
CA PRO A 241 8.54 -34.59 -8.74
C PRO A 241 8.24 -35.56 -7.60
N CYS A 242 7.00 -35.56 -7.09
CA CYS A 242 6.64 -36.51 -6.05
C CYS A 242 6.70 -37.95 -6.58
N LEU A 243 6.25 -38.15 -7.82
CA LEU A 243 6.37 -39.46 -8.44
C LEU A 243 7.83 -39.89 -8.57
N LEU A 244 8.71 -38.96 -8.96
CA LEU A 244 10.13 -39.30 -9.09
C LEU A 244 10.73 -39.67 -7.74
N PHE A 245 10.40 -38.90 -6.69
CA PHE A 245 10.91 -39.23 -5.36
C PHE A 245 10.38 -40.57 -4.87
N SER A 246 9.09 -40.85 -5.10
CA SER A 246 8.52 -42.12 -4.68
C SER A 246 9.15 -43.28 -5.43
N PHE A 247 9.45 -43.10 -6.72
CA PHE A 247 10.11 -44.16 -7.48
C PHE A 247 11.53 -44.38 -6.96
N LEU A 248 12.25 -43.29 -6.65
CA LEU A 248 13.59 -43.43 -6.10
C LEU A 248 13.59 -44.02 -4.70
N THR A 249 12.47 -43.94 -3.99
CA THR A 249 12.41 -44.49 -2.64
C THR A 249 12.70 -45.99 -2.64
N GLY A 250 12.14 -46.73 -3.59
CA GLY A 250 12.32 -48.17 -3.64
C GLY A 250 13.64 -48.64 -4.18
N LEU A 251 14.44 -47.77 -4.78
CA LEU A 251 15.71 -48.19 -5.37
C LEU A 251 16.77 -48.50 -4.33
N VAL A 252 16.59 -48.07 -3.08
CA VAL A 252 17.57 -48.37 -2.04
C VAL A 252 17.66 -49.87 -1.79
N PHE A 253 16.55 -50.59 -2.00
CA PHE A 253 16.54 -52.03 -1.76
C PHE A 253 17.27 -52.82 -2.84
N TYR A 254 17.59 -52.20 -3.98
CA TYR A 254 18.48 -52.79 -4.97
C TYR A 254 19.94 -52.35 -4.76
N LEU A 255 20.20 -51.44 -3.83
CA LEU A 255 21.56 -51.00 -3.54
C LEU A 255 22.17 -51.90 -2.48
N PRO A 256 23.29 -52.59 -2.75
CA PRO A 256 23.84 -53.49 -1.72
C PRO A 256 24.35 -52.74 -0.50
N THR A 257 24.34 -53.45 0.64
CA THR A 257 24.81 -52.87 1.90
C THR A 257 26.29 -52.53 1.84
N ASP A 258 27.09 -53.38 1.19
CA ASP A 258 28.53 -53.17 1.16
C ASP A 258 28.94 -51.92 0.39
N SER A 259 28.04 -51.32 -0.39
CA SER A 259 28.35 -50.05 -1.03
C SER A 259 28.55 -48.95 0.00
N GLY A 260 27.92 -49.07 1.17
CA GLY A 260 28.02 -48.02 2.17
C GLY A 260 27.31 -46.74 1.80
N GLU A 261 26.31 -46.82 0.91
CA GLU A 261 25.62 -45.66 0.38
C GLU A 261 24.10 -45.73 0.56
N LYS A 262 23.59 -46.72 1.30
CA LYS A 262 22.15 -46.88 1.43
C LYS A 262 21.53 -45.69 2.16
N MET A 263 22.08 -45.34 3.31
CA MET A 263 21.55 -44.21 4.06
C MET A 263 21.76 -42.90 3.32
N THR A 264 22.87 -42.77 2.58
CA THR A 264 23.06 -41.59 1.75
C THR A 264 21.88 -41.42 0.80
N LEU A 265 21.55 -42.48 0.05
CA LEU A 265 20.45 -42.40 -0.91
C LEU A 265 19.12 -42.10 -0.22
N SER A 266 18.80 -42.87 0.82
CA SER A 266 17.47 -42.73 1.43
C SER A 266 17.31 -41.38 2.11
N ILE A 267 18.30 -40.98 2.91
CA ILE A 267 18.23 -39.73 3.64
C ILE A 267 18.25 -38.55 2.68
N SER A 268 18.99 -38.64 1.57
CA SER A 268 19.02 -37.53 0.63
C SER A 268 17.74 -37.45 -0.18
N VAL A 269 17.10 -38.59 -0.47
CA VAL A 269 15.76 -38.54 -1.06
C VAL A 269 14.80 -37.86 -0.10
N LEU A 270 14.92 -38.16 1.19
CA LEU A 270 14.12 -37.46 2.20
C LEU A 270 14.42 -35.97 2.21
N LEU A 271 15.68 -35.60 2.09
CA LEU A 271 16.04 -34.17 2.07
C LEU A 271 15.48 -33.47 0.85
N SER A 272 15.52 -34.13 -0.31
CA SER A 272 14.93 -33.54 -1.51
C SER A 272 13.44 -33.37 -1.36
N LEU A 273 12.76 -34.37 -0.77
CA LEU A 273 11.32 -34.24 -0.53
C LEU A 273 11.03 -33.13 0.47
N THR A 274 11.87 -32.99 1.49
CA THR A 274 11.68 -31.94 2.48
C THR A 274 11.85 -30.56 1.86
N VAL A 275 12.84 -30.40 0.99
CA VAL A 275 13.01 -29.13 0.30
C VAL A 275 11.83 -28.88 -0.64
N PHE A 276 11.34 -29.93 -1.31
CA PHE A 276 10.20 -29.79 -2.20
C PHE A 276 8.91 -29.49 -1.45
N LEU A 277 8.84 -29.81 -0.16
CA LEU A 277 7.70 -29.38 0.64
C LEU A 277 7.57 -27.87 0.65
N LEU A 278 8.68 -27.15 0.60
CA LEU A 278 8.62 -25.70 0.45
C LEU A 278 7.92 -25.32 -0.85
N VAL A 279 8.23 -26.03 -1.94
CA VAL A 279 7.58 -25.78 -3.22
C VAL A 279 6.08 -26.04 -3.11
N ILE A 280 5.72 -27.16 -2.50
CA ILE A 280 4.31 -27.52 -2.37
C ILE A 280 3.56 -26.47 -1.58
N VAL A 281 4.11 -26.04 -0.44
CA VAL A 281 3.44 -25.05 0.37
C VAL A 281 3.37 -23.71 -0.36
N GLU A 282 4.37 -23.39 -1.19
CA GLU A 282 4.32 -22.15 -1.95
C GLU A 282 3.24 -22.19 -3.02
N LEU A 283 3.04 -23.35 -3.67
CA LEU A 283 2.15 -23.43 -4.83
C LEU A 283 0.70 -23.67 -4.44
N ILE A 284 0.41 -24.76 -3.72
CA ILE A 284 -0.97 -25.15 -3.47
C ILE A 284 -1.58 -24.25 -2.39
N PRO A 285 -2.91 -24.08 -2.36
CA PRO A 285 -3.51 -23.34 -1.23
C PRO A 285 -3.36 -24.09 0.08
N SER A 286 -3.29 -23.33 1.17
CA SER A 286 -3.17 -23.87 2.53
C SER A 286 -4.50 -23.67 3.24
N THR A 287 -5.27 -24.75 3.37
CA THR A 287 -6.55 -24.73 4.05
C THR A 287 -6.73 -26.00 4.86
N SER A 288 -7.60 -25.91 5.88
CA SER A 288 -7.86 -27.00 6.81
C SER A 288 -9.28 -27.52 6.73
N SER A 289 -10.03 -27.16 5.69
CA SER A 289 -11.37 -27.71 5.53
C SER A 289 -11.33 -29.22 5.30
N ALA A 290 -10.39 -29.69 4.50
CA ALA A 290 -10.22 -31.10 4.23
C ALA A 290 -8.81 -31.33 3.71
N VAL A 291 -8.44 -32.59 3.58
CA VAL A 291 -7.14 -32.99 3.06
C VAL A 291 -7.25 -33.02 1.54
N PRO A 292 -6.48 -32.21 0.79
CA PRO A 292 -6.52 -32.33 -0.66
C PRO A 292 -5.90 -33.64 -1.13
N LEU A 293 -6.22 -33.99 -2.38
CA LEU A 293 -5.63 -35.18 -2.99
C LEU A 293 -4.11 -35.02 -3.09
N ILE A 294 -3.66 -33.81 -3.43
CA ILE A 294 -2.23 -33.52 -3.40
C ILE A 294 -1.67 -33.67 -1.99
N GLY A 295 -2.45 -33.28 -0.97
CA GLY A 295 -2.00 -33.49 0.40
C GLY A 295 -1.88 -34.95 0.75
N LYS A 296 -2.86 -35.75 0.34
CA LYS A 296 -2.81 -37.18 0.57
C LYS A 296 -1.61 -37.82 -0.13
N TYR A 297 -1.35 -37.40 -1.37
CA TYR A 297 -0.22 -37.97 -2.10
C TYR A 297 1.12 -37.56 -1.48
N MET A 298 1.23 -36.30 -1.05
CA MET A 298 2.45 -35.85 -0.39
C MET A 298 2.68 -36.63 0.90
N LEU A 299 1.62 -36.82 1.69
CA LEU A 299 1.78 -37.58 2.93
C LEU A 299 2.11 -39.04 2.65
N PHE A 300 1.51 -39.62 1.61
CA PHE A 300 1.85 -40.98 1.23
C PHE A 300 3.32 -41.09 0.86
N THR A 301 3.82 -40.15 0.06
CA THR A 301 5.21 -40.18 -0.34
C THR A 301 6.14 -40.03 0.87
N MET A 302 5.78 -39.13 1.79
CA MET A 302 6.60 -38.92 2.98
C MET A 302 6.64 -40.19 3.84
N VAL A 303 5.48 -40.79 4.09
CA VAL A 303 5.44 -42.02 4.89
C VAL A 303 6.17 -43.14 4.16
N PHE A 304 6.10 -43.16 2.83
CA PHE A 304 6.81 -44.16 2.04
C PHE A 304 8.32 -44.04 2.24
N VAL A 305 8.82 -42.81 2.18
CA VAL A 305 10.26 -42.58 2.38
C VAL A 305 10.66 -42.94 3.82
N ILE A 306 9.83 -42.57 4.79
CA ILE A 306 10.15 -42.87 6.19
C ILE A 306 10.20 -44.38 6.43
N ALA A 307 9.21 -45.11 5.90
CA ALA A 307 9.20 -46.56 6.03
C ALA A 307 10.40 -47.18 5.33
N SER A 308 10.77 -46.64 4.16
CA SER A 308 11.95 -47.12 3.47
C SER A 308 13.20 -46.93 4.31
N ILE A 309 13.32 -45.79 4.99
CA ILE A 309 14.48 -45.53 5.83
C ILE A 309 14.51 -46.52 6.99
N ILE A 310 13.37 -46.74 7.64
CA ILE A 310 13.32 -47.64 8.80
C ILE A 310 13.69 -49.06 8.39
N ILE A 311 13.11 -49.54 7.29
CA ILE A 311 13.38 -50.90 6.85
C ILE A 311 14.80 -51.03 6.33
N THR A 312 15.35 -49.96 5.74
CA THR A 312 16.75 -49.98 5.32
C THR A 312 17.66 -50.11 6.52
N VAL A 313 17.34 -49.42 7.62
CA VAL A 313 18.13 -49.56 8.83
C VAL A 313 18.05 -50.98 9.37
N ILE A 314 16.85 -51.58 9.31
CA ILE A 314 16.71 -52.98 9.73
C ILE A 314 17.57 -53.90 8.86
N VAL A 315 17.56 -53.69 7.55
CA VAL A 315 18.35 -54.51 6.64
C VAL A 315 19.84 -54.35 6.91
N ILE A 316 20.29 -53.11 7.15
CA ILE A 316 21.70 -52.87 7.41
C ILE A 316 22.11 -53.52 8.72
N ASN A 317 21.24 -53.44 9.74
CA ASN A 317 21.52 -54.10 11.00
C ASN A 317 21.63 -55.61 10.82
N THR A 318 20.74 -56.19 10.02
CA THR A 318 20.80 -57.63 9.77
C THR A 318 22.06 -58.02 9.03
N HIS A 319 22.48 -57.19 8.06
CA HIS A 319 23.66 -57.49 7.27
C HIS A 319 24.92 -57.54 8.12
N HIS A 320 25.05 -56.63 9.08
CA HIS A 320 26.26 -56.43 9.84
C HIS A 320 26.29 -57.21 11.15
N ARG A 321 25.34 -58.10 11.38
CA ARG A 321 25.30 -58.86 12.63
C ARG A 321 26.54 -59.71 12.76
N SER A 322 27.29 -59.51 13.84
CA SER A 322 28.47 -60.31 14.08
C SER A 322 28.05 -61.73 14.47
N PRO A 323 28.76 -62.77 14.00
CA PRO A 323 28.38 -64.13 14.42
C PRO A 323 28.84 -64.49 15.82
N SER A 324 29.80 -63.76 16.37
CA SER A 324 30.23 -64.03 17.75
C SER A 324 29.19 -63.54 18.74
N THR A 325 28.80 -62.27 18.64
CA THR A 325 27.82 -61.71 19.58
C THR A 325 26.44 -62.31 19.36
N HIS A 326 25.99 -62.35 18.10
CA HIS A 326 24.68 -62.85 17.74
C HIS A 326 24.76 -64.28 17.22
N VAL A 327 23.74 -65.07 17.55
CA VAL A 327 23.58 -66.43 17.06
C VAL A 327 22.32 -66.48 16.23
N MET A 328 22.41 -67.11 15.06
CA MET A 328 21.32 -67.09 14.09
C MET A 328 20.16 -67.93 14.62
N PRO A 329 18.95 -67.38 14.78
CA PRO A 329 17.83 -68.24 15.17
C PRO A 329 17.49 -69.26 14.09
N ASN A 330 16.90 -70.36 14.53
CA ASN A 330 16.55 -71.41 13.57
C ASN A 330 15.42 -70.96 12.65
N TRP A 331 14.49 -70.15 13.17
CA TRP A 331 13.38 -69.69 12.34
C TRP A 331 13.87 -68.78 11.23
N VAL A 332 14.87 -67.94 11.50
CA VAL A 332 15.39 -67.05 10.47
C VAL A 332 15.98 -67.87 9.33
N ARG A 333 16.74 -68.91 9.67
CA ARG A 333 17.29 -69.78 8.64
C ARG A 333 16.19 -70.50 7.88
N LYS A 334 15.12 -70.92 8.59
CA LYS A 334 14.06 -71.67 7.94
C LYS A 334 13.31 -70.81 6.92
N VAL A 335 12.94 -69.58 7.29
CA VAL A 335 12.22 -68.72 6.34
C VAL A 335 13.16 -68.21 5.24
N PHE A 336 14.32 -67.65 5.60
CA PHE A 336 15.05 -66.85 4.63
C PHE A 336 16.09 -67.65 3.84
N ILE A 337 16.70 -68.67 4.43
CA ILE A 337 17.71 -69.45 3.71
C ILE A 337 17.09 -70.69 3.06
N ASP A 338 16.07 -71.29 3.66
CA ASP A 338 15.53 -72.57 3.22
C ASP A 338 14.24 -72.44 2.40
N THR A 339 13.29 -71.63 2.85
CA THR A 339 11.95 -71.61 2.27
C THR A 339 11.84 -70.61 1.12
N ILE A 340 12.16 -69.35 1.39
CA ILE A 340 11.91 -68.28 0.42
C ILE A 340 12.69 -68.47 -0.88
N PRO A 341 14.00 -68.77 -0.86
CA PRO A 341 14.74 -68.89 -2.13
C PRO A 341 14.20 -69.95 -3.08
N ASN A 342 13.38 -70.89 -2.60
CA ASN A 342 12.74 -71.82 -3.52
C ASN A 342 11.80 -71.09 -4.48
N ILE A 343 11.08 -70.09 -3.97
CA ILE A 343 10.20 -69.30 -4.82
C ILE A 343 11.02 -68.42 -5.75
N MET A 344 12.18 -67.94 -5.30
CA MET A 344 13.05 -67.06 -6.08
C MET A 344 14.06 -67.89 -6.88
N PHE A 345 14.88 -67.22 -7.67
CA PHE A 345 15.93 -67.85 -8.48
C PHE A 345 17.27 -67.24 -8.09
N PHE A 346 17.86 -67.76 -7.01
CA PHE A 346 19.21 -67.44 -6.59
C PHE A 346 19.78 -68.64 -5.86
N SER A 347 21.11 -68.74 -5.85
CA SER A 347 21.77 -69.86 -5.22
C SER A 347 21.75 -69.70 -3.70
N THR A 348 21.42 -70.80 -3.01
CA THR A 348 21.51 -70.83 -1.56
C THR A 348 22.97 -70.78 -1.12
N MET A 349 23.19 -70.67 0.18
CA MET A 349 24.55 -70.61 0.70
C MET A 349 25.23 -71.97 0.53
N LYS A 388 65.04 -82.35 17.90
CA LYS A 388 63.83 -81.59 18.25
C LYS A 388 64.19 -80.34 19.05
N HIS A 389 64.77 -79.35 18.36
CA HIS A 389 65.13 -78.12 19.04
C HIS A 389 63.88 -77.37 19.47
N PRO A 390 63.97 -76.53 20.51
CA PRO A 390 62.78 -75.75 20.90
C PRO A 390 62.27 -74.85 19.78
N GLU A 391 63.17 -74.26 19.00
CA GLU A 391 62.75 -73.34 17.94
C GLU A 391 62.05 -74.09 16.81
N VAL A 392 62.50 -75.30 16.51
CA VAL A 392 61.84 -76.09 15.46
C VAL A 392 60.43 -76.46 15.88
N LYS A 393 60.26 -76.91 17.12
CA LYS A 393 58.93 -77.23 17.62
C LYS A 393 58.05 -75.99 17.65
N SER A 394 58.63 -74.85 18.03
CA SER A 394 57.87 -73.59 18.03
C SER A 394 57.42 -73.23 16.63
N ALA A 395 58.28 -73.41 15.63
CA ALA A 395 57.89 -73.13 14.25
C ALA A 395 56.79 -74.09 13.79
N ILE A 396 56.89 -75.36 14.18
CA ILE A 396 55.89 -76.34 13.80
C ILE A 396 54.53 -75.94 14.36
N GLU A 397 54.51 -75.58 15.65
CA GLU A 397 53.28 -75.11 16.27
C GLU A 397 52.82 -73.79 15.68
N GLY A 398 53.74 -72.97 15.17
CA GLY A 398 53.35 -71.74 14.50
C GLY A 398 52.61 -71.99 13.21
N ILE A 399 53.10 -72.94 12.40
CA ILE A 399 52.38 -73.32 11.19
C ILE A 399 51.00 -73.87 11.57
N LYS A 400 50.94 -74.71 12.61
CA LYS A 400 49.65 -75.23 13.04
C LYS A 400 48.72 -74.10 13.48
N TYR A 401 49.24 -73.13 14.23
CA TYR A 401 48.43 -72.03 14.71
C TYR A 401 47.92 -71.18 13.55
N ILE A 402 48.76 -70.96 12.54
CA ILE A 402 48.32 -70.21 11.37
C ILE A 402 47.17 -70.94 10.68
N ALA A 403 47.31 -72.25 10.50
CA ALA A 403 46.25 -73.02 9.84
C ALA A 403 44.95 -72.95 10.63
N GLU A 404 45.02 -73.12 11.95
CA GLU A 404 43.81 -73.03 12.76
C GLU A 404 43.22 -71.61 12.73
N THR A 405 44.07 -70.59 12.63
CA THR A 405 43.57 -69.23 12.57
C THR A 405 42.79 -68.98 11.29
N MET A 406 43.32 -69.43 10.14
CA MET A 406 42.55 -69.30 8.91
C MET A 406 41.29 -70.16 8.94
N LYS A 407 41.32 -71.32 9.60
CA LYS A 407 40.10 -72.11 9.73
C LYS A 407 39.04 -71.35 10.51
N SER A 408 39.42 -70.77 11.65
CA SER A 408 38.47 -70.00 12.45
C SER A 408 37.95 -68.79 11.68
N ASP A 409 38.83 -68.12 10.93
CA ASP A 409 38.40 -67.01 10.10
C ASP A 409 37.40 -67.47 9.04
N GLN A 410 37.62 -68.64 8.47
CA GLN A 410 36.68 -69.17 7.48
C GLN A 410 35.31 -69.42 8.09
N GLU A 411 35.28 -70.03 9.29
CA GLU A 411 33.99 -70.25 9.95
C GLU A 411 33.30 -68.93 10.25
N SER A 412 34.04 -67.94 10.76
CA SER A 412 33.44 -66.66 11.07
C SER A 412 32.91 -65.98 9.80
N ASN A 413 33.67 -66.06 8.71
CA ASN A 413 33.24 -65.44 7.46
C ASN A 413 31.99 -66.11 6.92
N ASN A 414 31.91 -67.43 7.00
CA ASN A 414 30.70 -68.13 6.55
C ASN A 414 29.50 -67.75 7.40
N ALA A 415 29.68 -67.68 8.72
CA ALA A 415 28.58 -67.31 9.60
C ALA A 415 28.10 -65.88 9.30
N ALA A 416 29.02 -64.96 9.03
CA ALA A 416 28.62 -63.62 8.62
C ALA A 416 27.92 -63.64 7.27
N ALA A 417 28.40 -64.47 6.34
CA ALA A 417 27.80 -64.55 5.03
C ALA A 417 26.36 -65.04 5.10
N GLU A 418 26.03 -65.87 6.10
CA GLU A 418 24.64 -66.25 6.29
C GLU A 418 23.76 -65.02 6.54
N TRP A 419 24.20 -64.15 7.44
CA TRP A 419 23.46 -62.92 7.73
C TRP A 419 23.38 -62.03 6.49
N LYS A 420 24.47 -61.93 5.75
CA LYS A 420 24.47 -61.13 4.53
C LYS A 420 23.49 -61.67 3.50
N TYR A 421 23.41 -63.01 3.39
CA TYR A 421 22.45 -63.62 2.48
C TYR A 421 21.02 -63.33 2.92
N VAL A 422 20.77 -63.35 4.23
CA VAL A 422 19.44 -63.01 4.74
C VAL A 422 19.08 -61.58 4.35
N ALA A 423 20.00 -60.65 4.58
CA ALA A 423 19.75 -59.25 4.23
C ALA A 423 19.51 -59.09 2.74
N MET A 424 20.26 -59.84 1.93
CA MET A 424 20.08 -59.87 0.48
C MET A 424 18.65 -60.30 0.11
N VAL A 425 18.17 -61.40 0.68
CA VAL A 425 16.85 -61.90 0.33
C VAL A 425 15.77 -60.91 0.76
N MET A 426 15.91 -60.35 1.97
CA MET A 426 14.98 -59.32 2.41
C MET A 426 15.01 -58.11 1.48
N ASP A 427 16.19 -57.73 0.98
CA ASP A 427 16.28 -56.59 0.09
C ASP A 427 15.52 -56.83 -1.20
N HIS A 428 15.64 -58.04 -1.77
CA HIS A 428 14.89 -58.32 -3.00
C HIS A 428 13.39 -58.29 -2.76
N ILE A 429 12.94 -58.93 -1.67
CA ILE A 429 11.51 -58.94 -1.38
C ILE A 429 11.00 -57.52 -1.18
N LEU A 430 11.78 -56.70 -0.46
CA LEU A 430 11.35 -55.35 -0.17
C LEU A 430 11.39 -54.47 -1.40
N LEU A 431 12.31 -54.73 -2.32
CA LEU A 431 12.30 -54.02 -3.60
C LEU A 431 11.00 -54.26 -4.35
N GLY A 432 10.61 -55.54 -4.47
CA GLY A 432 9.34 -55.85 -5.13
C GLY A 432 8.16 -55.23 -4.40
N VAL A 433 8.14 -55.38 -3.08
CA VAL A 433 7.02 -54.89 -2.27
C VAL A 433 6.91 -53.37 -2.40
N PHE A 434 8.04 -52.65 -2.38
CA PHE A 434 7.99 -51.20 -2.40
C PHE A 434 7.62 -50.67 -3.77
N MET A 435 8.08 -51.31 -4.85
CA MET A 435 7.62 -50.88 -6.17
C MET A 435 6.11 -51.11 -6.31
N LEU A 436 5.62 -52.26 -5.83
CA LEU A 436 4.18 -52.51 -5.89
C LEU A 436 3.41 -51.52 -5.03
N VAL A 437 3.92 -51.18 -3.85
CA VAL A 437 3.24 -50.24 -2.97
C VAL A 437 3.24 -48.85 -3.60
N CYS A 438 4.32 -48.47 -4.29
CA CYS A 438 4.34 -47.19 -4.99
C CYS A 438 3.23 -47.13 -6.04
N ILE A 439 3.16 -48.16 -6.89
CA ILE A 439 2.17 -48.16 -7.97
C ILE A 439 0.76 -48.16 -7.39
N ILE A 440 0.51 -49.04 -6.40
CA ILE A 440 -0.83 -49.18 -5.85
C ILE A 440 -1.24 -47.91 -5.09
N GLY A 441 -0.30 -47.28 -4.38
CA GLY A 441 -0.63 -46.06 -3.68
C GLY A 441 -0.97 -44.92 -4.62
N THR A 442 -0.17 -44.77 -5.69
CA THR A 442 -0.47 -43.73 -6.68
C THR A 442 -1.85 -43.96 -7.29
N LEU A 443 -2.14 -45.21 -7.66
CA LEU A 443 -3.45 -45.51 -8.26
C LEU A 443 -4.58 -45.27 -7.26
N ALA A 444 -4.43 -45.75 -6.03
CA ALA A 444 -5.48 -45.58 -5.04
C ALA A 444 -5.73 -44.11 -4.74
N VAL A 445 -4.70 -43.28 -4.84
CA VAL A 445 -4.89 -41.85 -4.60
C VAL A 445 -5.64 -41.21 -5.78
N PHE A 446 -5.21 -41.47 -7.01
CA PHE A 446 -5.66 -40.67 -8.15
C PHE A 446 -6.75 -41.31 -9.01
N ALA A 447 -6.65 -42.62 -9.25
CA ALA A 447 -7.44 -43.26 -10.30
C ALA A 447 -8.94 -43.17 -10.03
N GLY A 448 -9.36 -43.09 -8.78
CA GLY A 448 -10.79 -42.95 -8.51
C GLY A 448 -11.37 -41.68 -9.09
N ARG A 449 -10.75 -40.54 -8.78
CA ARG A 449 -11.23 -39.27 -9.33
C ARG A 449 -10.99 -39.19 -10.83
N LEU A 450 -9.88 -39.75 -11.31
CA LEU A 450 -9.65 -39.76 -12.76
C LEU A 450 -10.73 -40.55 -13.49
N ILE A 451 -11.13 -41.70 -12.93
CA ILE A 451 -12.18 -42.50 -13.54
C ILE A 451 -13.52 -41.77 -13.48
N GLU A 452 -13.79 -41.08 -12.37
CA GLU A 452 -15.04 -40.32 -12.27
C GLU A 452 -15.10 -39.24 -13.35
N LEU A 453 -14.02 -38.48 -13.51
CA LEU A 453 -14.00 -37.44 -14.53
C LEU A 453 -14.09 -38.04 -15.93
N ASN A 454 -13.46 -39.21 -16.15
CA ASN A 454 -13.58 -39.88 -17.43
C ASN A 454 -15.03 -40.28 -17.70
N GLN A 455 -15.72 -40.81 -16.69
CA GLN A 455 -17.12 -41.19 -16.87
C GLN A 455 -18.00 -39.99 -17.14
N GLN A 456 -17.62 -38.80 -16.67
CA GLN A 456 -18.36 -37.58 -16.97
C GLN A 456 -17.91 -36.91 -18.28
N GLY A 457 -17.26 -37.65 -19.18
CA GLY A 457 -16.86 -37.10 -20.46
C GLY A 457 -16.11 -38.10 -21.32
N SER B 21 -35.89 19.34 20.36
CA SER B 21 -34.60 19.59 19.64
C SER B 21 -34.68 20.78 18.68
N GLU B 22 -35.79 21.54 18.75
CA GLU B 22 -35.90 22.74 17.91
C GLU B 22 -34.97 23.84 18.38
N HIS B 23 -34.71 23.90 19.70
CA HIS B 23 -33.79 24.90 20.22
C HIS B 23 -32.40 24.71 19.64
N GLU B 24 -31.93 23.46 19.57
CA GLU B 24 -30.59 23.21 19.03
C GLU B 24 -30.52 23.55 17.55
N THR B 25 -31.59 23.23 16.80
CA THR B 25 -31.62 23.61 15.38
C THR B 25 -31.55 25.12 15.21
N ARG B 26 -32.31 25.85 16.01
CA ARG B 26 -32.28 27.31 15.93
C ARG B 26 -30.91 27.85 16.29
N LEU B 27 -30.28 27.28 17.32
CA LEU B 27 -28.95 27.72 17.73
C LEU B 27 -27.93 27.48 16.62
N VAL B 28 -27.95 26.30 16.00
CA VAL B 28 -26.98 25.98 14.98
C VAL B 28 -27.21 26.85 13.74
N ALA B 29 -28.47 27.16 13.42
CA ALA B 29 -28.73 28.09 12.33
C ALA B 29 -28.20 29.48 12.66
N LYS B 30 -28.37 29.93 13.90
CA LYS B 30 -27.90 31.25 14.30
C LYS B 30 -26.38 31.34 14.24
N LEU B 31 -25.68 30.33 14.73
CA LEU B 31 -24.23 30.44 14.92
C LEU B 31 -23.50 30.57 13.59
N PHE B 32 -23.93 29.84 12.57
CA PHE B 32 -23.21 29.74 11.31
C PHE B 32 -23.81 30.62 10.22
N LYS B 33 -24.50 31.69 10.60
CA LYS B 33 -25.03 32.68 9.68
C LYS B 33 -24.01 33.77 9.34
N ASP B 34 -23.19 34.18 10.32
CA ASP B 34 -22.09 35.11 10.10
C ASP B 34 -20.79 34.49 10.57
N TYR B 35 -20.54 33.24 10.16
CA TYR B 35 -19.33 32.52 10.54
C TYR B 35 -18.44 32.34 9.33
N SER B 36 -17.13 32.41 9.56
CA SER B 36 -16.12 32.12 8.55
C SER B 36 -15.08 31.20 9.16
N SER B 37 -14.86 30.06 8.52
CA SER B 37 -13.86 29.10 9.00
C SER B 37 -12.44 29.49 8.60
N VAL B 38 -12.27 30.40 7.65
CA VAL B 38 -10.93 30.88 7.31
C VAL B 38 -10.40 31.76 8.43
N VAL B 39 -11.25 32.63 8.96
CA VAL B 39 -10.82 33.62 9.94
C VAL B 39 -10.51 32.93 11.27
N ARG B 40 -9.40 33.32 11.89
CA ARG B 40 -9.04 32.75 13.18
C ARG B 40 -10.10 33.14 14.23
N PRO B 41 -10.38 32.27 15.21
CA PRO B 41 -11.52 32.54 16.10
C PRO B 41 -11.16 33.22 17.42
N VAL B 42 -10.75 34.49 17.36
CA VAL B 42 -10.65 35.35 18.54
C VAL B 42 -11.11 36.75 18.14
N GLU B 43 -11.26 37.61 19.15
CA GLU B 43 -11.95 38.88 18.94
C GLU B 43 -11.11 39.86 18.13
N ASP B 44 -9.80 39.88 18.35
CA ASP B 44 -8.89 40.81 17.68
C ASP B 44 -7.78 40.04 16.98
N HIS B 45 -7.37 40.51 15.80
CA HIS B 45 -6.38 39.77 15.02
C HIS B 45 -5.00 39.82 15.65
N ARG B 46 -4.73 40.79 16.52
CA ARG B 46 -3.47 40.83 17.26
C ARG B 46 -3.40 39.77 18.35
N GLN B 47 -4.52 39.16 18.71
CA GLN B 47 -4.54 38.11 19.72
C GLN B 47 -4.08 36.77 19.13
N VAL B 48 -3.66 35.87 20.01
CA VAL B 48 -3.18 34.56 19.66
C VAL B 48 -4.23 33.53 20.04
N VAL B 49 -4.46 32.56 19.14
CA VAL B 49 -5.36 31.45 19.42
C VAL B 49 -4.61 30.45 20.30
N GLU B 50 -5.15 30.19 21.49
CA GLU B 50 -4.53 29.27 22.44
C GLU B 50 -5.14 27.89 22.26
N VAL B 51 -4.33 26.93 21.82
CA VAL B 51 -4.77 25.57 21.54
C VAL B 51 -4.04 24.64 22.53
N THR B 52 -4.80 23.79 23.19
CA THR B 52 -4.25 22.75 24.05
C THR B 52 -4.27 21.44 23.29
N VAL B 53 -3.10 20.79 23.21
CA VAL B 53 -2.92 19.58 22.41
C VAL B 53 -2.56 18.44 23.36
N GLY B 54 -3.29 17.33 23.24
CA GLY B 54 -2.94 16.12 23.94
C GLY B 54 -3.00 14.95 22.97
N LEU B 55 -2.18 13.95 23.26
CA LEU B 55 -2.08 12.74 22.43
C LEU B 55 -2.42 11.53 23.27
N GLN B 56 -3.36 10.73 22.79
CA GLN B 56 -3.71 9.44 23.39
C GLN B 56 -3.23 8.35 22.46
N LEU B 57 -2.41 7.44 22.99
CA LEU B 57 -1.87 6.33 22.20
C LEU B 57 -2.75 5.10 22.44
N ILE B 58 -3.53 4.73 21.43
CA ILE B 58 -4.42 3.58 21.55
C ILE B 58 -3.68 2.28 21.30
N GLN B 59 -2.79 2.26 20.30
CA GLN B 59 -2.10 1.03 19.93
C GLN B 59 -0.81 1.36 19.20
N LEU B 60 0.25 0.63 19.53
CA LEU B 60 1.48 0.60 18.76
C LEU B 60 1.32 -0.49 17.71
N ILE B 61 0.95 -0.10 16.49
CA ILE B 61 0.61 -1.09 15.47
C ILE B 61 1.85 -1.86 15.03
N ASN B 62 2.94 -1.16 14.70
CA ASN B 62 4.11 -1.89 14.19
C ASN B 62 5.33 -0.98 14.16
N VAL B 63 6.50 -1.59 14.29
CA VAL B 63 7.79 -0.94 14.12
C VAL B 63 8.49 -1.60 12.93
N ASP B 64 8.75 -0.83 11.88
CA ASP B 64 9.45 -1.28 10.69
C ASP B 64 10.89 -0.79 10.79
N GLU B 65 11.81 -1.71 11.06
CA GLU B 65 13.21 -1.36 11.24
C GLU B 65 13.90 -1.05 9.92
N VAL B 66 13.44 -1.65 8.82
CA VAL B 66 14.08 -1.43 7.52
C VAL B 66 13.84 0.01 7.07
N ASN B 67 12.57 0.37 6.89
CA ASN B 67 12.22 1.72 6.49
C ASN B 67 12.18 2.69 7.66
N GLN B 68 12.38 2.21 8.89
CA GLN B 68 12.49 3.06 10.07
C GLN B 68 11.20 3.84 10.33
N ILE B 69 10.08 3.13 10.27
CA ILE B 69 8.75 3.74 10.41
C ILE B 69 8.02 3.08 11.57
N VAL B 70 7.56 3.90 12.50
CA VAL B 70 6.69 3.46 13.59
C VAL B 70 5.26 3.85 13.23
N THR B 71 4.38 2.87 13.13
CA THR B 71 2.96 3.11 12.87
C THR B 71 2.17 2.86 14.14
N THR B 72 1.38 3.86 14.53
CA THR B 72 0.59 3.87 15.76
C THR B 72 -0.81 4.36 15.48
N ASN B 73 -1.74 3.94 16.34
CA ASN B 73 -3.11 4.43 16.36
C ASN B 73 -3.24 5.45 17.49
N VAL B 74 -3.70 6.66 17.17
CA VAL B 74 -3.73 7.76 18.12
C VAL B 74 -5.08 8.47 18.07
N ARG B 75 -5.39 9.14 19.17
CA ARG B 75 -6.44 10.15 19.24
C ARG B 75 -5.77 11.48 19.57
N LEU B 76 -6.02 12.49 18.74
CA LEU B 76 -5.31 13.77 18.84
C LEU B 76 -6.24 14.81 19.43
N LYS B 77 -6.35 14.84 20.75
CA LYS B 77 -7.27 15.75 21.41
C LYS B 77 -6.80 17.19 21.28
N GLN B 78 -7.67 18.06 20.77
CA GLN B 78 -7.37 19.47 20.56
C GLN B 78 -8.48 20.28 21.19
N GLN B 79 -8.10 21.24 22.02
CA GLN B 79 -9.05 22.08 22.76
C GLN B 79 -8.75 23.54 22.48
N TRP B 80 -9.78 24.31 22.14
CA TRP B 80 -9.58 25.74 21.96
C TRP B 80 -10.91 26.46 22.04
N VAL B 81 -10.85 27.73 22.42
CA VAL B 81 -12.04 28.56 22.54
C VAL B 81 -12.27 29.26 21.22
N ASP B 82 -13.50 29.17 20.71
CA ASP B 82 -13.93 29.93 19.54
C ASP B 82 -14.74 31.13 20.01
N TYR B 83 -14.25 32.32 19.70
CA TYR B 83 -14.85 33.54 20.25
C TYR B 83 -16.28 33.74 19.75
N ASN B 84 -16.55 33.39 18.49
CA ASN B 84 -17.83 33.68 17.88
C ASN B 84 -18.88 32.60 18.13
N LEU B 85 -18.49 31.41 18.58
CA LEU B 85 -19.42 30.30 18.80
C LEU B 85 -19.85 30.22 20.26
N LYS B 86 -20.48 31.29 20.75
CA LYS B 86 -20.98 31.38 22.11
C LYS B 86 -22.48 31.67 22.10
N TRP B 87 -23.16 31.24 23.15
CA TRP B 87 -24.59 31.50 23.30
C TRP B 87 -24.96 31.43 24.77
N ASN B 88 -26.14 31.96 25.08
CA ASN B 88 -26.73 31.85 26.41
C ASN B 88 -27.64 30.63 26.42
N PRO B 89 -27.41 29.62 27.29
CA PRO B 89 -28.32 28.46 27.28
C PRO B 89 -29.77 28.80 27.60
N ASP B 90 -30.01 29.80 28.45
CA ASP B 90 -31.39 30.18 28.79
C ASP B 90 -32.16 30.64 27.56
N ASP B 91 -31.47 31.25 26.60
CA ASP B 91 -32.13 31.69 25.37
C ASP B 91 -32.44 30.54 24.42
N TYR B 92 -31.94 29.32 24.69
CA TYR B 92 -32.07 28.20 23.78
C TYR B 92 -32.46 26.94 24.55
N GLY B 93 -33.40 27.06 25.47
CA GLY B 93 -33.97 25.90 26.13
C GLY B 93 -33.00 25.12 26.97
N GLY B 94 -31.99 25.78 27.54
CA GLY B 94 -31.04 25.10 28.40
C GLY B 94 -29.98 24.29 27.69
N VAL B 95 -29.87 24.40 26.37
CA VAL B 95 -28.83 23.68 25.65
C VAL B 95 -27.48 24.26 26.04
N LYS B 96 -26.63 23.44 26.67
CA LYS B 96 -25.32 23.85 27.15
C LYS B 96 -24.17 23.30 26.32
N LYS B 97 -24.41 22.32 25.46
CA LYS B 97 -23.36 21.80 24.59
C LYS B 97 -24.03 21.19 23.37
N ILE B 98 -23.28 21.18 22.27
CA ILE B 98 -23.77 20.62 21.00
C ILE B 98 -22.61 19.95 20.28
N HIS B 99 -22.95 19.23 19.21
CA HIS B 99 -21.98 18.54 18.37
C HIS B 99 -22.06 19.11 16.96
N ILE B 100 -20.91 19.48 16.42
CA ILE B 100 -20.83 20.22 15.15
C ILE B 100 -19.85 19.50 14.21
N PRO B 101 -20.10 19.39 12.91
CA PRO B 101 -19.06 18.85 12.02
C PRO B 101 -17.79 19.69 12.07
N SER B 102 -16.65 19.01 12.12
CA SER B 102 -15.39 19.72 12.26
C SER B 102 -15.04 20.51 10.99
N GLU B 103 -15.51 20.05 9.83
CA GLU B 103 -15.24 20.76 8.59
C GLU B 103 -15.87 22.14 8.57
N LYS B 104 -16.92 22.37 9.35
CA LYS B 104 -17.66 23.64 9.30
C LYS B 104 -16.96 24.78 10.01
N ILE B 105 -16.00 24.49 10.89
CA ILE B 105 -15.37 25.50 11.73
C ILE B 105 -13.89 25.61 11.39
N TRP B 106 -13.30 26.74 11.80
CA TRP B 106 -11.86 26.86 11.81
C TRP B 106 -11.26 25.81 12.72
N ARG B 107 -10.12 25.26 12.32
CA ARG B 107 -9.39 24.27 13.09
C ARG B 107 -7.91 24.62 13.06
N PRO B 108 -7.13 24.20 14.05
CA PRO B 108 -5.67 24.23 13.88
C PRO B 108 -5.23 23.14 12.93
N ASP B 109 -4.25 23.47 12.09
CA ASP B 109 -3.76 22.56 11.07
C ASP B 109 -2.55 21.77 11.57
N LEU B 110 -2.77 20.99 12.62
CA LEU B 110 -1.70 20.17 13.17
C LEU B 110 -1.23 19.16 12.15
N VAL B 111 0.08 19.09 11.96
CA VAL B 111 0.73 18.17 11.04
C VAL B 111 1.81 17.44 11.82
N LEU B 112 1.95 16.15 11.52
CA LEU B 112 3.05 15.33 12.00
C LEU B 112 4.27 15.66 11.14
N TYR B 113 5.19 16.45 11.71
CA TYR B 113 6.32 16.94 10.92
C TYR B 113 7.24 15.81 10.47
N ASN B 114 7.40 14.79 11.31
CA ASN B 114 8.24 13.64 11.00
C ASN B 114 7.43 12.47 10.47
N ASN B 115 6.37 12.74 9.73
CA ASN B 115 5.62 11.68 9.06
C ASN B 115 6.51 10.96 8.07
N ALA B 116 6.48 9.63 8.09
CA ALA B 116 7.31 8.86 7.16
C ALA B 116 6.64 8.72 5.80
N ASP B 117 5.52 7.98 5.74
CA ASP B 117 4.81 7.77 4.48
C ASP B 117 3.29 7.72 4.66
N GLY B 118 2.77 8.19 5.79
CA GLY B 118 1.35 8.21 6.04
C GLY B 118 0.73 9.56 5.74
N ASP B 119 -0.37 9.85 6.42
CA ASP B 119 -1.02 11.15 6.28
C ASP B 119 -0.29 12.20 7.11
N PHE B 120 -0.13 13.39 6.53
CA PHE B 120 0.55 14.47 7.23
C PHE B 120 -0.35 15.11 8.28
N ALA B 121 -1.63 15.28 7.96
CA ALA B 121 -2.61 15.96 8.81
C ALA B 121 -3.75 15.01 9.14
N ILE B 122 -4.69 15.51 9.94
CA ILE B 122 -5.90 14.75 10.26
C ILE B 122 -6.76 14.63 9.01
N VAL B 123 -7.18 13.40 8.71
CA VAL B 123 -8.06 13.14 7.57
C VAL B 123 -9.44 12.67 8.01
N LYS B 124 -9.59 12.14 9.23
CA LYS B 124 -10.88 11.69 9.76
C LYS B 124 -11.51 12.88 10.48
N PHE B 125 -12.39 13.60 9.80
CA PHE B 125 -13.00 14.82 10.34
C PHE B 125 -14.26 14.44 11.11
N THR B 126 -14.05 14.02 12.35
CA THR B 126 -15.15 13.70 13.27
C THR B 126 -15.76 15.00 13.79
N LYS B 127 -16.82 14.86 14.60
CA LYS B 127 -17.52 16.02 15.12
C LYS B 127 -16.82 16.59 16.35
N VAL B 128 -17.01 17.89 16.56
CA VAL B 128 -16.45 18.62 17.69
C VAL B 128 -17.56 18.83 18.71
N LEU B 129 -17.19 18.77 19.99
CA LEU B 129 -18.09 19.09 21.09
C LEU B 129 -17.89 20.56 21.46
N LEU B 130 -18.94 21.37 21.29
CA LEU B 130 -18.90 22.81 21.50
C LEU B 130 -19.75 23.16 22.71
N GLN B 131 -19.15 23.84 23.67
CA GLN B 131 -19.87 24.34 24.84
C GLN B 131 -20.42 25.74 24.55
N TYR B 132 -21.35 26.16 25.41
CA TYR B 132 -21.92 27.50 25.29
C TYR B 132 -20.89 28.60 25.53
N THR B 133 -19.81 28.29 26.24
CA THR B 133 -18.74 29.25 26.50
C THR B 133 -17.80 29.42 25.31
N GLY B 134 -18.04 28.73 24.19
CA GLY B 134 -17.15 28.78 23.06
C GLY B 134 -16.04 27.75 23.06
N HIS B 135 -15.90 26.97 24.14
CA HIS B 135 -14.86 25.97 24.20
C HIS B 135 -15.20 24.80 23.28
N ILE B 136 -14.25 24.43 22.43
CA ILE B 136 -14.36 23.32 21.49
C ILE B 136 -13.39 22.25 21.92
N THR B 137 -13.84 21.01 21.93
CA THR B 137 -13.01 19.82 22.08
C THR B 137 -13.20 18.98 20.82
N TRP B 138 -12.10 18.65 20.16
CA TRP B 138 -12.10 17.84 18.94
C TRP B 138 -11.07 16.75 19.11
N THR B 139 -11.51 15.50 19.02
CA THR B 139 -10.67 14.33 19.33
C THR B 139 -10.70 13.37 18.13
N PRO B 140 -10.08 13.77 17.02
CA PRO B 140 -10.09 12.90 15.85
C PRO B 140 -9.15 11.72 16.04
N PRO B 141 -9.46 10.57 15.43
CA PRO B 141 -8.48 9.49 15.38
C PRO B 141 -7.52 9.69 14.22
N ALA B 142 -6.38 8.99 14.30
CA ALA B 142 -5.40 9.04 13.23
C ALA B 142 -4.52 7.81 13.33
N ILE B 143 -3.93 7.45 12.20
CA ILE B 143 -2.87 6.45 12.12
C ILE B 143 -1.62 7.21 11.75
N PHE B 144 -0.73 7.39 12.73
CA PHE B 144 0.51 8.13 12.54
C PHE B 144 1.60 7.14 12.10
N LYS B 145 2.19 7.40 10.94
CA LYS B 145 3.38 6.69 10.47
C LYS B 145 4.54 7.68 10.55
N SER B 146 5.35 7.55 11.60
CA SER B 146 6.41 8.50 11.91
C SER B 146 7.78 7.88 11.66
N TYR B 147 8.72 8.73 11.24
CA TYR B 147 10.08 8.31 10.97
C TYR B 147 10.88 8.30 12.27
N CYS B 148 11.49 7.16 12.58
CA CYS B 148 12.22 6.95 13.83
C CYS B 148 13.58 6.34 13.53
N GLU B 149 14.65 7.05 13.87
CA GLU B 149 15.99 6.48 13.73
C GLU B 149 16.11 5.22 14.59
N ILE B 150 16.26 4.07 13.93
CA ILE B 150 16.32 2.78 14.60
C ILE B 150 17.79 2.42 14.82
N ILE B 151 18.17 2.25 16.07
CA ILE B 151 19.51 1.79 16.43
C ILE B 151 19.45 0.27 16.58
N VAL B 152 20.07 -0.44 15.65
CA VAL B 152 20.01 -1.91 15.63
C VAL B 152 21.23 -2.50 16.32
N THR B 153 21.97 -1.69 17.08
CA THR B 153 23.23 -2.17 17.65
C THR B 153 23.01 -3.33 18.63
N HIS B 154 21.98 -3.22 19.48
CA HIS B 154 21.68 -4.24 20.48
C HIS B 154 20.48 -5.11 20.09
N PHE B 155 20.06 -5.07 18.84
CA PHE B 155 18.94 -5.90 18.38
C PHE B 155 19.28 -7.38 18.59
N PRO B 156 18.36 -8.20 19.13
CA PRO B 156 16.94 -7.97 19.46
C PRO B 156 16.73 -7.45 20.88
N PHE B 157 17.79 -7.15 21.63
CA PHE B 157 17.68 -6.57 22.96
C PHE B 157 17.79 -5.04 22.92
N ASP B 158 17.28 -4.44 21.86
CA ASP B 158 17.46 -3.02 21.60
C ASP B 158 16.35 -2.21 22.27
N GLU B 159 16.73 -1.01 22.71
CA GLU B 159 15.80 0.00 23.18
C GLU B 159 15.75 1.11 22.15
N GLN B 160 14.54 1.55 21.81
CA GLN B 160 14.31 2.54 20.79
C GLN B 160 13.68 3.76 21.47
N ASN B 161 13.86 4.92 20.85
CA ASN B 161 13.31 6.19 21.33
C ASN B 161 12.67 6.90 20.14
N CYS B 162 11.37 6.66 19.95
CA CYS B 162 10.67 7.12 18.77
C CYS B 162 9.73 8.26 19.12
N SER B 163 9.76 9.31 18.30
CA SER B 163 9.09 10.57 18.56
C SER B 163 8.01 10.86 17.52
N MET B 164 7.15 11.80 17.90
CA MET B 164 6.05 12.28 17.07
C MET B 164 6.07 13.80 17.25
N LYS B 165 6.56 14.51 16.23
CA LYS B 165 6.64 15.96 16.26
C LYS B 165 5.39 16.53 15.61
N LEU B 166 4.64 17.34 16.36
CA LEU B 166 3.36 17.88 15.92
C LEU B 166 3.43 19.40 15.94
N GLY B 167 2.91 20.03 14.90
CA GLY B 167 2.89 21.48 14.88
C GLY B 167 1.92 22.02 13.86
N THR B 168 1.52 23.27 14.06
CA THR B 168 0.68 23.95 13.08
C THR B 168 1.51 24.24 11.84
N TRP B 169 1.11 23.64 10.71
CA TRP B 169 1.94 23.68 9.51
C TRP B 169 2.10 25.10 8.98
N THR B 170 1.01 25.87 8.95
CA THR B 170 0.99 27.17 8.29
C THR B 170 0.86 28.35 9.24
N TYR B 171 0.56 28.12 10.51
CA TYR B 171 0.46 29.18 11.51
C TYR B 171 1.68 29.13 12.42
N ASP B 172 2.29 30.29 12.65
CA ASP B 172 3.42 30.41 13.54
C ASP B 172 2.94 30.80 14.94
N GLY B 173 3.89 30.88 15.87
CA GLY B 173 3.56 31.11 17.26
C GLY B 173 2.93 32.45 17.55
N SER B 174 3.10 33.42 16.65
CA SER B 174 2.53 34.76 16.86
C SER B 174 1.05 34.84 16.53
N VAL B 175 0.47 33.82 15.87
CA VAL B 175 -0.94 33.80 15.52
C VAL B 175 -1.67 32.64 16.18
N VAL B 176 -1.03 31.48 16.29
CA VAL B 176 -1.60 30.31 16.93
C VAL B 176 -0.56 29.73 17.88
N ALA B 177 -0.93 29.56 19.13
CA ALA B 177 -0.06 28.99 20.16
C ALA B 177 -0.60 27.63 20.59
N ILE B 178 0.27 26.63 20.58
CA ILE B 178 -0.06 25.27 21.02
C ILE B 178 0.65 25.00 22.33
N ASN B 179 -0.07 24.38 23.26
CA ASN B 179 0.47 24.00 24.56
C ASN B 179 0.11 22.54 24.85
N PRO B 180 0.97 21.79 25.54
CA PRO B 180 0.61 20.41 25.86
C PRO B 180 -0.50 20.34 26.89
N GLU B 181 -1.39 19.36 26.73
CA GLU B 181 -2.43 19.12 27.72
C GLU B 181 -1.84 18.52 29.00
N SER B 182 -0.82 17.69 28.86
CA SER B 182 -0.19 17.03 29.99
C SER B 182 1.29 16.85 29.70
N ASP B 183 2.04 16.59 30.77
CA ASP B 183 3.48 16.35 30.60
C ASP B 183 3.76 15.06 29.85
N GLN B 184 2.84 14.09 29.90
CA GLN B 184 3.00 12.77 29.32
C GLN B 184 1.84 12.47 28.39
N PRO B 185 2.04 11.58 27.41
CA PRO B 185 0.89 11.14 26.60
C PRO B 185 -0.08 10.31 27.41
N ASP B 186 -1.34 10.30 26.97
CA ASP B 186 -2.39 9.54 27.63
C ASP B 186 -2.32 8.09 27.18
N LEU B 187 -1.98 7.19 28.11
CA LEU B 187 -1.83 5.76 27.85
C LEU B 187 -2.89 4.92 28.56
N SER B 188 -3.97 5.55 29.03
CA SER B 188 -4.98 4.83 29.81
C SER B 188 -5.72 3.80 28.95
N ASN B 189 -5.95 4.11 27.67
CA ASN B 189 -6.63 3.21 26.74
C ASN B 189 -5.66 2.55 25.78
N PHE B 190 -4.45 2.22 26.25
CA PHE B 190 -3.42 1.64 25.41
C PHE B 190 -3.56 0.12 25.38
N MET B 191 -3.61 -0.44 24.16
CA MET B 191 -3.64 -1.88 23.99
C MET B 191 -2.27 -2.48 24.25
N GLU B 192 -2.26 -3.67 24.87
CA GLU B 192 -1.00 -4.36 25.11
C GLU B 192 -0.34 -4.76 23.80
N SER B 193 0.97 -4.53 23.71
CA SER B 193 1.75 -4.88 22.53
C SER B 193 2.45 -6.21 22.77
N GLY B 194 2.40 -7.08 21.76
CA GLY B 194 3.08 -8.35 21.83
C GLY B 194 4.55 -8.31 21.45
N GLU B 195 5.09 -7.11 21.18
CA GLU B 195 6.46 -6.96 20.69
C GLU B 195 7.25 -5.89 21.43
N TRP B 196 6.62 -4.95 22.12
CA TRP B 196 7.30 -3.81 22.71
C TRP B 196 6.69 -3.48 24.07
N VAL B 197 7.50 -2.88 24.93
CA VAL B 197 7.07 -2.35 26.22
C VAL B 197 7.47 -0.88 26.27
N ILE B 198 6.50 -0.01 26.53
CA ILE B 198 6.75 1.43 26.62
C ILE B 198 7.20 1.70 28.05
N LYS B 199 8.51 1.88 28.24
CA LYS B 199 9.06 2.15 29.57
C LYS B 199 8.79 3.60 30.01
N GLU B 200 8.91 4.54 29.08
CA GLU B 200 8.82 5.96 29.41
C GLU B 200 8.15 6.66 28.23
N SER B 201 7.41 7.72 28.56
CA SER B 201 6.76 8.51 27.52
C SER B 201 6.63 9.94 28.04
N ARG B 202 6.79 10.91 27.15
CA ARG B 202 6.81 12.29 27.61
C ARG B 202 6.67 13.23 26.41
N GLY B 203 5.95 14.32 26.63
CA GLY B 203 5.75 15.35 25.62
C GLY B 203 6.39 16.66 26.05
N TRP B 204 7.09 17.30 25.10
CA TRP B 204 7.81 18.54 25.35
C TRP B 204 7.45 19.58 24.31
N LYS B 205 7.30 20.82 24.74
CA LYS B 205 7.08 21.95 23.84
C LYS B 205 8.40 22.64 23.52
N HIS B 206 8.55 23.04 22.26
CA HIS B 206 9.74 23.72 21.78
C HIS B 206 9.34 24.93 20.94
N SER B 207 10.14 25.99 21.04
CA SER B 207 9.95 27.21 20.27
C SER B 207 11.27 27.58 19.62
N VAL B 208 11.25 27.81 18.31
CA VAL B 208 12.45 28.08 17.52
C VAL B 208 12.25 29.39 16.78
N THR B 209 13.25 30.27 16.85
CA THR B 209 13.23 31.56 16.18
C THR B 209 14.45 31.65 15.27
N TYR B 210 14.21 31.81 13.98
CA TYR B 210 15.29 31.99 13.02
C TYR B 210 15.77 33.43 13.01
N SER B 211 17.03 33.62 12.59
CA SER B 211 17.59 34.96 12.53
C SER B 211 16.91 35.80 11.46
N CYS B 212 16.37 35.18 10.42
CA CYS B 212 15.69 35.91 9.37
C CYS B 212 14.25 36.27 9.72
N CYS B 213 13.67 35.64 10.74
CA CYS B 213 12.31 35.93 11.21
C CYS B 213 12.30 36.10 12.72
N PRO B 214 12.80 37.24 13.23
CA PRO B 214 12.79 37.46 14.68
C PRO B 214 11.41 37.40 15.32
N ASP B 215 10.38 37.87 14.62
CA ASP B 215 9.08 38.14 15.24
C ASP B 215 8.11 36.97 15.20
N THR B 216 8.41 35.91 14.45
CA THR B 216 7.50 34.77 14.28
C THR B 216 8.16 33.52 14.83
N PRO B 217 7.98 33.19 16.10
CA PRO B 217 8.48 31.90 16.61
C PRO B 217 7.66 30.75 16.07
N TYR B 218 8.34 29.63 15.86
CA TYR B 218 7.73 28.40 15.36
C TYR B 218 7.68 27.40 16.50
N LEU B 219 6.49 26.92 16.81
CA LEU B 219 6.24 26.09 17.97
C LEU B 219 5.97 24.65 17.54
N ASP B 220 6.37 23.71 18.40
CA ASP B 220 6.05 22.31 18.17
C ASP B 220 5.93 21.61 19.50
N ILE B 221 5.18 20.50 19.50
CA ILE B 221 5.12 19.59 20.64
C ILE B 221 5.60 18.24 20.13
N THR B 222 6.65 17.71 20.76
CA THR B 222 7.23 16.43 20.40
C THR B 222 6.93 15.44 21.52
N TYR B 223 6.20 14.38 21.19
CA TYR B 223 5.91 13.29 22.10
C TYR B 223 6.84 12.13 21.80
N HIS B 224 7.65 11.72 22.77
CA HIS B 224 8.58 10.63 22.59
C HIS B 224 8.18 9.45 23.48
N PHE B 225 8.51 8.26 22.98
CA PHE B 225 8.22 7.00 23.65
C PHE B 225 9.48 6.15 23.61
N VAL B 226 9.92 5.70 24.78
CA VAL B 226 11.04 4.78 24.91
C VAL B 226 10.46 3.37 24.94
N MET B 227 10.89 2.52 24.01
CA MET B 227 10.30 1.22 23.76
C MET B 227 11.39 0.16 23.82
N GLN B 228 11.21 -0.84 24.69
CA GLN B 228 12.12 -1.97 24.78
C GLN B 228 11.50 -3.15 24.05
N ARG B 229 12.25 -3.72 23.12
CA ARG B 229 11.79 -4.88 22.38
C ARG B 229 11.68 -6.08 23.32
N LEU B 230 10.66 -6.90 23.10
CA LEU B 230 10.53 -8.17 23.79
C LEU B 230 11.28 -9.22 22.97
N PRO B 231 12.39 -9.78 23.47
CA PRO B 231 13.28 -10.57 22.59
C PRO B 231 12.98 -12.07 22.52
N LEU B 232 11.88 -12.54 23.11
CA LEU B 232 11.65 -13.99 23.20
C LEU B 232 11.51 -14.63 21.82
N TYR B 233 10.82 -13.94 20.89
CA TYR B 233 10.61 -14.48 19.56
C TYR B 233 11.94 -14.71 18.84
N PHE B 234 12.84 -13.72 18.91
CA PHE B 234 14.13 -13.86 18.25
C PHE B 234 15.06 -14.79 19.02
N ILE B 235 14.88 -14.91 20.34
CA ILE B 235 15.64 -15.90 21.09
C ILE B 235 15.28 -17.30 20.62
N VAL B 236 13.98 -17.59 20.50
CA VAL B 236 13.55 -18.93 20.15
C VAL B 236 13.87 -19.24 18.69
N ASN B 237 13.60 -18.29 17.79
CA ASN B 237 13.64 -18.58 16.36
C ASN B 237 14.97 -18.29 15.68
N VAL B 238 15.89 -17.58 16.34
CA VAL B 238 17.16 -17.22 15.74
C VAL B 238 18.33 -17.69 16.58
N ILE B 239 18.36 -17.30 17.86
CA ILE B 239 19.56 -17.47 18.67
C ILE B 239 19.80 -18.94 18.98
N ILE B 240 18.77 -19.68 19.37
CA ILE B 240 18.94 -21.06 19.82
C ILE B 240 19.42 -21.97 18.67
N PRO B 241 18.85 -21.90 17.47
CA PRO B 241 19.44 -22.70 16.37
C PRO B 241 20.89 -22.35 16.08
N CYS B 242 21.26 -21.07 16.14
CA CYS B 242 22.66 -20.69 15.94
C CYS B 242 23.55 -21.28 17.03
N LEU B 243 23.07 -21.26 18.27
CA LEU B 243 23.82 -21.86 19.36
C LEU B 243 23.99 -23.37 19.15
N LEU B 244 22.94 -24.04 18.68
CA LEU B 244 23.04 -25.47 18.42
C LEU B 244 24.04 -25.76 17.31
N PHE B 245 24.04 -24.94 16.26
CA PHE B 245 25.03 -25.11 15.20
C PHE B 245 26.45 -24.88 15.73
N SER B 246 26.61 -23.85 16.57
CA SER B 246 27.92 -23.57 17.15
C SER B 246 28.40 -24.74 18.01
N PHE B 247 27.49 -25.34 18.78
CA PHE B 247 27.86 -26.51 19.58
C PHE B 247 28.21 -27.70 18.69
N LEU B 248 27.42 -27.94 17.63
CA LEU B 248 27.68 -29.05 16.73
C LEU B 248 28.98 -28.88 15.96
N THR B 249 29.46 -27.63 15.81
CA THR B 249 30.68 -27.38 15.06
C THR B 249 31.87 -28.10 15.68
N GLY B 250 32.01 -28.06 17.01
CA GLY B 250 33.16 -28.65 17.66
C GLY B 250 33.13 -30.15 17.80
N LEU B 251 31.96 -30.78 17.64
CA LEU B 251 31.86 -32.22 17.83
C LEU B 251 32.61 -33.02 16.77
N VAL B 252 32.93 -32.41 15.63
CA VAL B 252 33.69 -33.13 14.60
C VAL B 252 35.06 -33.52 15.11
N PHE B 253 35.63 -32.74 16.03
CA PHE B 253 36.98 -33.01 16.50
C PHE B 253 37.05 -34.18 17.48
N TYR B 254 35.91 -34.65 17.98
CA TYR B 254 35.87 -35.91 18.73
C TYR B 254 35.56 -37.11 17.84
N LEU B 255 35.27 -36.90 16.56
CA LEU B 255 34.98 -38.01 15.65
C LEU B 255 36.31 -38.63 15.19
N PRO B 256 36.46 -39.96 15.19
CA PRO B 256 37.66 -40.54 14.58
C PRO B 256 37.68 -40.31 13.08
N THR B 257 38.91 -40.20 12.54
CA THR B 257 39.06 -40.05 11.10
C THR B 257 38.60 -41.32 10.36
N ASP B 258 38.87 -42.49 10.95
CA ASP B 258 38.52 -43.75 10.30
C ASP B 258 37.02 -43.94 10.15
N SER B 259 36.20 -43.14 10.85
CA SER B 259 34.76 -43.19 10.66
C SER B 259 34.34 -42.76 9.26
N GLY B 260 35.13 -41.94 8.59
CA GLY B 260 34.75 -41.46 7.27
C GLY B 260 33.50 -40.62 7.27
N GLU B 261 33.28 -39.81 8.33
CA GLU B 261 32.09 -38.98 8.43
C GLU B 261 32.39 -37.58 8.98
N LYS B 262 33.66 -37.19 9.10
CA LYS B 262 33.98 -35.86 9.61
C LYS B 262 33.48 -34.77 8.66
N MET B 263 33.80 -34.92 7.37
CA MET B 263 33.33 -33.95 6.39
C MET B 263 31.81 -33.98 6.28
N THR B 264 31.20 -35.16 6.41
CA THR B 264 29.74 -35.24 6.41
C THR B 264 29.16 -34.35 7.51
N LEU B 265 29.66 -34.50 8.73
CA LEU B 265 29.13 -33.73 9.86
C LEU B 265 29.37 -32.23 9.67
N SER B 266 30.62 -31.85 9.37
CA SER B 266 30.94 -30.43 9.26
C SER B 266 30.19 -29.77 8.11
N ILE B 267 30.15 -30.42 6.95
CA ILE B 267 29.50 -29.86 5.79
C ILE B 267 27.99 -29.80 6.00
N SER B 268 27.42 -30.76 6.72
CA SER B 268 25.99 -30.71 7.00
C SER B 268 25.66 -29.59 7.97
N VAL B 269 26.54 -29.34 8.94
CA VAL B 269 26.35 -28.16 9.81
C VAL B 269 26.41 -26.89 8.97
N LEU B 270 27.35 -26.81 8.03
CA LEU B 270 27.43 -25.65 7.15
C LEU B 270 26.17 -25.50 6.31
N LEU B 271 25.65 -26.61 5.77
CA LEU B 271 24.44 -26.54 4.95
C LEU B 271 23.25 -26.10 5.79
N SER B 272 23.16 -26.59 7.03
CA SER B 272 22.10 -26.14 7.92
C SER B 272 22.20 -24.64 8.17
N LEU B 273 23.42 -24.14 8.38
CA LEU B 273 23.60 -22.70 8.58
C LEU B 273 23.20 -21.92 7.34
N THR B 274 23.56 -22.44 6.15
CA THR B 274 23.21 -21.75 4.91
C THR B 274 21.70 -21.70 4.70
N VAL B 275 21.01 -22.81 4.98
CA VAL B 275 19.56 -22.82 4.87
C VAL B 275 18.93 -21.90 5.90
N PHE B 276 19.48 -21.88 7.11
CA PHE B 276 19.04 -20.97 8.16
C PHE B 276 19.27 -19.51 7.81
N LEU B 277 20.21 -19.23 6.90
CA LEU B 277 20.41 -17.87 6.42
C LEU B 277 19.12 -17.28 5.85
N LEU B 278 18.27 -18.11 5.23
CA LEU B 278 16.99 -17.63 4.74
C LEU B 278 16.16 -17.04 5.88
N VAL B 279 16.05 -17.79 6.98
CA VAL B 279 15.31 -17.33 8.15
C VAL B 279 15.92 -16.05 8.69
N ILE B 280 17.24 -16.01 8.80
CA ILE B 280 17.87 -14.88 9.46
C ILE B 280 17.72 -13.61 8.62
N VAL B 281 17.97 -13.67 7.31
CA VAL B 281 17.82 -12.44 6.53
C VAL B 281 16.36 -12.02 6.42
N GLU B 282 15.40 -12.97 6.39
CA GLU B 282 14.02 -12.50 6.36
C GLU B 282 13.60 -11.89 7.70
N LEU B 283 14.26 -12.29 8.80
CA LEU B 283 13.94 -11.74 10.11
C LEU B 283 14.82 -10.55 10.50
N ILE B 284 16.10 -10.58 10.20
CA ILE B 284 17.04 -9.53 10.60
C ILE B 284 16.69 -8.24 9.84
N PRO B 285 16.89 -7.04 10.41
CA PRO B 285 16.61 -5.83 9.63
C PRO B 285 17.64 -5.62 8.53
N SER B 286 17.16 -5.34 7.33
CA SER B 286 18.03 -5.07 6.18
C SER B 286 18.39 -3.59 6.14
N THR B 287 19.23 -3.21 7.09
CA THR B 287 19.79 -1.86 7.15
C THR B 287 21.30 -1.96 7.42
N SER B 288 22.03 -0.95 6.95
CA SER B 288 23.49 -0.93 7.01
C SER B 288 24.01 0.16 7.96
N SER B 289 23.15 0.67 8.85
CA SER B 289 23.64 1.64 9.83
C SER B 289 24.63 0.99 10.79
N ALA B 290 24.37 -0.26 11.18
CA ALA B 290 25.27 -0.99 12.06
C ALA B 290 24.98 -2.48 11.92
N VAL B 291 25.84 -3.29 12.50
CA VAL B 291 25.69 -4.74 12.50
C VAL B 291 24.92 -5.13 13.76
N PRO B 292 23.75 -5.77 13.64
CA PRO B 292 23.06 -6.25 14.85
C PRO B 292 23.84 -7.34 15.56
N LEU B 293 23.49 -7.55 16.82
CA LEU B 293 24.09 -8.62 17.60
C LEU B 293 23.77 -9.98 16.98
N ILE B 294 22.56 -10.12 16.42
CA ILE B 294 22.18 -11.35 15.74
C ILE B 294 23.10 -11.58 14.54
N GLY B 295 23.34 -10.52 13.76
CA GLY B 295 24.24 -10.65 12.62
C GLY B 295 25.65 -10.98 13.04
N LYS B 296 26.13 -10.36 14.13
CA LYS B 296 27.46 -10.68 14.63
C LYS B 296 27.56 -12.14 15.03
N TYR B 297 26.55 -12.65 15.73
CA TYR B 297 26.59 -14.05 16.16
C TYR B 297 26.52 -15.00 14.97
N MET B 298 25.69 -14.66 13.97
CA MET B 298 25.62 -15.47 12.77
C MET B 298 26.95 -15.50 12.04
N LEU B 299 27.60 -14.35 11.89
CA LEU B 299 28.89 -14.32 11.20
C LEU B 299 29.94 -15.08 12.00
N PHE B 300 29.92 -14.95 13.33
CA PHE B 300 30.79 -15.76 14.19
C PHE B 300 30.60 -17.25 13.92
N THR B 301 29.35 -17.71 13.94
CA THR B 301 29.06 -19.13 13.75
C THR B 301 29.52 -19.59 12.38
N MET B 302 29.22 -18.81 11.33
CA MET B 302 29.58 -19.19 9.97
C MET B 302 31.10 -19.25 9.81
N VAL B 303 31.79 -18.21 10.28
CA VAL B 303 33.25 -18.14 10.15
C VAL B 303 33.90 -19.33 10.84
N PHE B 304 33.39 -19.72 12.01
CA PHE B 304 34.03 -20.80 12.74
C PHE B 304 33.61 -22.19 12.27
N VAL B 305 32.45 -22.36 11.63
CA VAL B 305 32.22 -23.65 10.97
C VAL B 305 33.17 -23.77 9.77
N ILE B 306 33.39 -22.66 9.06
CA ILE B 306 34.34 -22.68 7.95
C ILE B 306 35.74 -23.01 8.46
N ALA B 307 36.14 -22.40 9.57
CA ALA B 307 37.45 -22.68 10.16
C ALA B 307 37.55 -24.14 10.59
N SER B 308 36.49 -24.68 11.18
CA SER B 308 36.49 -26.08 11.57
C SER B 308 36.62 -26.98 10.35
N ILE B 309 35.97 -26.61 9.24
CA ILE B 309 36.08 -27.41 8.02
C ILE B 309 37.52 -27.40 7.51
N ILE B 310 38.16 -26.23 7.50
CA ILE B 310 39.54 -26.12 7.02
C ILE B 310 40.46 -26.96 7.89
N ILE B 311 40.34 -26.80 9.22
CA ILE B 311 41.23 -27.53 10.11
C ILE B 311 40.93 -29.02 10.05
N THR B 312 39.67 -29.40 9.83
CA THR B 312 39.33 -30.81 9.71
C THR B 312 39.96 -31.42 8.47
N VAL B 313 39.99 -30.67 7.37
CA VAL B 313 40.68 -31.13 6.17
C VAL B 313 42.16 -31.33 6.47
N ILE B 314 42.77 -30.40 7.21
CA ILE B 314 44.17 -30.55 7.56
C ILE B 314 44.39 -31.79 8.43
N VAL B 315 43.50 -32.02 9.40
CA VAL B 315 43.62 -33.17 10.30
C VAL B 315 43.46 -34.47 9.52
N ILE B 316 42.51 -34.53 8.59
CA ILE B 316 42.30 -35.73 7.80
C ILE B 316 43.49 -35.99 6.90
N ASN B 317 44.08 -34.92 6.35
CA ASN B 317 45.29 -35.09 5.55
C ASN B 317 46.43 -35.64 6.39
N THR B 318 46.57 -35.14 7.62
CA THR B 318 47.63 -35.62 8.50
C THR B 318 47.41 -37.09 8.87
N HIS B 319 46.16 -37.48 9.10
CA HIS B 319 45.86 -38.84 9.54
C HIS B 319 46.26 -39.87 8.49
N HIS B 320 46.11 -39.53 7.21
CA HIS B 320 46.27 -40.47 6.12
C HIS B 320 47.71 -40.52 5.58
N ARG B 321 48.64 -39.84 6.22
CA ARG B 321 50.03 -39.87 5.76
C ARG B 321 50.69 -41.21 6.08
N SER B 322 51.62 -41.60 5.23
CA SER B 322 52.32 -42.87 5.33
C SER B 322 53.75 -42.67 4.87
N PRO B 323 54.67 -43.59 5.20
CA PRO B 323 56.05 -43.46 4.69
C PRO B 323 56.14 -43.50 3.18
N SER B 324 55.16 -44.08 2.50
CA SER B 324 55.16 -44.13 1.04
C SER B 324 54.88 -42.78 0.40
N THR B 325 54.47 -41.76 1.17
CA THR B 325 54.18 -40.44 0.66
C THR B 325 54.89 -39.32 1.41
N HIS B 326 55.07 -39.45 2.72
CA HIS B 326 55.64 -38.41 3.55
C HIS B 326 56.68 -38.99 4.51
N VAL B 327 57.59 -38.14 4.94
CA VAL B 327 58.57 -38.47 5.98
C VAL B 327 58.27 -37.58 7.18
N MET B 328 58.25 -38.17 8.36
CA MET B 328 57.86 -37.44 9.57
C MET B 328 58.92 -36.42 9.94
N PRO B 329 58.62 -35.12 10.03
CA PRO B 329 59.61 -34.18 10.55
C PRO B 329 59.88 -34.42 12.02
N ASN B 330 61.08 -34.05 12.45
CA ASN B 330 61.46 -34.23 13.85
C ASN B 330 60.65 -33.34 14.77
N TRP B 331 60.34 -32.12 14.32
CA TRP B 331 59.62 -31.19 15.19
C TRP B 331 58.17 -31.62 15.41
N VAL B 332 57.54 -32.23 14.40
CA VAL B 332 56.19 -32.75 14.58
C VAL B 332 56.19 -33.83 15.66
N ARG B 333 57.15 -34.75 15.58
CA ARG B 333 57.28 -35.79 16.59
C ARG B 333 57.51 -35.18 17.97
N LYS B 334 58.43 -34.21 18.06
CA LYS B 334 58.75 -33.62 19.35
C LYS B 334 57.53 -32.94 19.95
N VAL B 335 56.81 -32.16 19.15
CA VAL B 335 55.68 -31.38 19.68
C VAL B 335 54.53 -32.31 20.07
N PHE B 336 54.16 -33.24 19.18
CA PHE B 336 52.88 -33.93 19.31
C PHE B 336 52.99 -35.30 19.98
N ILE B 337 54.13 -35.97 19.89
CA ILE B 337 54.24 -37.31 20.46
C ILE B 337 54.78 -37.28 21.88
N ASP B 338 55.60 -36.28 22.23
CA ASP B 338 56.28 -36.25 23.53
C ASP B 338 55.75 -35.16 24.46
N THR B 339 55.77 -33.89 24.04
CA THR B 339 55.49 -32.81 24.96
C THR B 339 54.00 -32.73 25.29
N ILE B 340 53.16 -32.58 24.27
CA ILE B 340 51.73 -32.36 24.51
C ILE B 340 51.07 -33.52 25.26
N PRO B 341 51.30 -34.79 24.91
CA PRO B 341 50.61 -35.86 25.66
C PRO B 341 50.99 -35.93 27.14
N ASN B 342 52.11 -35.34 27.53
CA ASN B 342 52.46 -35.24 28.95
C ASN B 342 51.59 -34.25 29.70
N ILE B 343 51.02 -33.27 29.00
CA ILE B 343 50.12 -32.27 29.60
C ILE B 343 48.70 -32.57 29.16
N MET B 344 48.40 -33.84 28.91
CA MET B 344 47.07 -34.28 28.50
C MET B 344 46.64 -35.40 29.45
N PHE B 345 45.52 -36.05 29.12
CA PHE B 345 45.08 -37.21 29.89
C PHE B 345 46.12 -38.32 29.86
N PHE B 346 46.88 -38.42 28.77
CA PHE B 346 47.93 -39.43 28.62
C PHE B 346 47.37 -40.84 28.68
N SER B 347 46.09 -41.00 28.34
CA SER B 347 45.42 -42.30 28.30
C SER B 347 45.48 -42.94 26.92
N THR B 348 46.49 -42.59 26.12
CA THR B 348 46.60 -43.03 24.74
C THR B 348 48.03 -43.48 24.46
N MET B 349 48.17 -44.69 23.91
CA MET B 349 49.49 -45.22 23.60
C MET B 349 50.17 -44.38 22.52
N LYS B 350 51.50 -44.43 22.52
CA LYS B 350 52.30 -43.65 21.58
C LYS B 350 52.45 -44.38 20.25
N LEU B 386 69.19 -82.52 -0.69
CA LEU B 386 67.86 -82.14 -1.16
C LEU B 386 67.70 -80.62 -1.26
N ILE B 387 68.52 -79.89 -0.52
CA ILE B 387 68.46 -78.42 -0.56
C ILE B 387 68.78 -77.89 -1.95
N LYS B 388 69.61 -78.61 -2.71
CA LYS B 388 69.97 -78.15 -4.05
C LYS B 388 68.84 -78.30 -5.05
N HIS B 389 67.74 -78.96 -4.71
CA HIS B 389 66.61 -79.04 -5.61
C HIS B 389 66.04 -77.65 -5.86
N PRO B 390 65.73 -77.26 -7.10
CA PRO B 390 65.28 -75.87 -7.33
C PRO B 390 63.98 -75.52 -6.62
N GLU B 391 63.04 -76.47 -6.51
CA GLU B 391 61.77 -76.15 -5.87
C GLU B 391 61.96 -75.89 -4.38
N VAL B 392 62.80 -76.68 -3.72
CA VAL B 392 63.06 -76.45 -2.30
C VAL B 392 63.70 -75.09 -2.09
N LYS B 393 64.70 -74.76 -2.91
CA LYS B 393 65.37 -73.46 -2.79
C LYS B 393 64.38 -72.33 -3.01
N SER B 394 63.51 -72.46 -4.02
CA SER B 394 62.52 -71.43 -4.30
C SER B 394 61.58 -71.24 -3.11
N ALA B 395 61.12 -72.34 -2.51
CA ALA B 395 60.26 -72.24 -1.34
C ALA B 395 60.98 -71.56 -0.17
N ILE B 396 62.26 -71.90 0.01
CA ILE B 396 63.03 -71.33 1.12
C ILE B 396 63.16 -69.82 0.95
N GLU B 397 63.62 -69.38 -0.22
CA GLU B 397 63.76 -67.94 -0.44
C GLU B 397 62.40 -67.25 -0.42
N GLY B 398 61.34 -67.96 -0.80
CA GLY B 398 60.01 -67.38 -0.71
C GLY B 398 59.56 -67.14 0.72
N ILE B 399 59.84 -68.08 1.62
CA ILE B 399 59.53 -67.88 3.02
C ILE B 399 60.31 -66.69 3.57
N LYS B 400 61.60 -66.59 3.20
CA LYS B 400 62.38 -65.43 3.61
C LYS B 400 61.78 -64.14 3.08
N TYR B 401 61.32 -64.15 1.82
CA TYR B 401 60.71 -62.97 1.22
C TYR B 401 59.43 -62.58 1.94
N ILE B 402 58.61 -63.57 2.32
CA ILE B 402 57.38 -63.28 3.04
C ILE B 402 57.70 -62.61 4.37
N ALA B 403 58.66 -63.17 5.11
CA ALA B 403 59.01 -62.60 6.41
C ALA B 403 59.54 -61.18 6.27
N GLU B 404 60.41 -60.94 5.28
CA GLU B 404 60.93 -59.60 5.05
C GLU B 404 59.80 -58.64 4.68
N THR B 405 58.86 -59.10 3.86
CA THR B 405 57.74 -58.26 3.46
C THR B 405 56.92 -57.83 4.66
N MET B 406 56.61 -58.76 5.57
CA MET B 406 55.79 -58.34 6.70
C MET B 406 56.58 -57.49 7.68
N LYS B 407 57.90 -57.69 7.78
CA LYS B 407 58.72 -56.77 8.56
C LYS B 407 58.59 -55.35 8.02
N SER B 408 58.73 -55.20 6.70
CA SER B 408 58.58 -53.88 6.09
C SER B 408 57.19 -53.31 6.29
N ASP B 409 56.16 -54.16 6.17
CA ASP B 409 54.80 -53.72 6.37
C ASP B 409 54.57 -53.26 7.80
N GLN B 410 55.15 -53.97 8.76
CA GLN B 410 55.02 -53.57 10.16
C GLN B 410 55.68 -52.22 10.41
N GLU B 411 56.86 -51.98 9.82
CA GLU B 411 57.49 -50.67 9.96
C GLU B 411 56.64 -49.57 9.33
N SER B 412 56.10 -49.83 8.14
CA SER B 412 55.26 -48.84 7.48
C SER B 412 54.00 -48.55 8.29
N ASN B 413 53.39 -49.59 8.86
CA ASN B 413 52.21 -49.41 9.68
C ASN B 413 52.53 -48.64 10.95
N ASN B 414 53.72 -48.85 11.53
CA ASN B 414 54.10 -48.09 12.71
C ASN B 414 54.24 -46.60 12.39
N ALA B 415 54.86 -46.29 11.25
CA ALA B 415 54.95 -44.89 10.84
C ALA B 415 53.57 -44.28 10.60
N ALA B 416 52.69 -45.03 9.94
CA ALA B 416 51.33 -44.57 9.71
C ALA B 416 50.60 -44.33 11.04
N ALA B 417 50.80 -45.23 12.00
CA ALA B 417 50.18 -45.08 13.31
C ALA B 417 50.72 -43.86 14.04
N GLU B 418 52.00 -43.53 13.86
CA GLU B 418 52.52 -42.29 14.41
C GLU B 418 51.80 -41.08 13.83
N TRP B 419 51.57 -41.09 12.51
CA TRP B 419 50.82 -40.00 11.89
C TRP B 419 49.39 -39.94 12.45
N LYS B 420 48.76 -41.09 12.61
CA LYS B 420 47.40 -41.12 13.14
C LYS B 420 47.35 -40.59 14.57
N TYR B 421 48.37 -40.91 15.37
CA TYR B 421 48.45 -40.40 16.73
C TYR B 421 48.59 -38.88 16.74
N VAL B 422 49.41 -38.34 15.85
CA VAL B 422 49.54 -36.89 15.75
C VAL B 422 48.19 -36.27 15.41
N ALA B 423 47.48 -36.88 14.46
CA ALA B 423 46.15 -36.35 14.08
C ALA B 423 45.19 -36.40 15.26
N MET B 424 45.23 -37.48 16.04
CA MET B 424 44.34 -37.61 17.19
C MET B 424 44.64 -36.55 18.24
N VAL B 425 45.92 -36.29 18.51
CA VAL B 425 46.29 -35.27 19.49
C VAL B 425 45.81 -33.90 19.02
N MET B 426 46.00 -33.61 17.73
CA MET B 426 45.52 -32.35 17.18
C MET B 426 44.00 -32.24 17.32
N ASP B 427 43.29 -33.35 17.08
CA ASP B 427 41.84 -33.34 17.22
C ASP B 427 41.42 -33.03 18.64
N HIS B 428 42.10 -33.61 19.64
CA HIS B 428 41.72 -33.35 21.02
C HIS B 428 41.95 -31.88 21.38
N ILE B 429 43.10 -31.33 20.99
CA ILE B 429 43.38 -29.92 21.25
C ILE B 429 42.29 -29.06 20.61
N LEU B 430 41.94 -29.37 19.36
CA LEU B 430 40.98 -28.55 18.64
C LEU B 430 39.59 -28.67 19.21
N LEU B 431 39.23 -29.85 19.73
CA LEU B 431 37.96 -29.99 20.43
C LEU B 431 37.90 -29.05 21.62
N GLY B 432 38.96 -29.04 22.44
CA GLY B 432 38.99 -28.12 23.57
C GLY B 432 38.91 -26.67 23.12
N VAL B 433 39.72 -26.32 22.12
CA VAL B 433 39.79 -24.94 21.65
C VAL B 433 38.44 -24.48 21.10
N PHE B 434 37.75 -25.35 20.36
CA PHE B 434 36.52 -24.94 19.70
C PHE B 434 35.35 -24.88 20.69
N MET B 435 35.29 -25.78 21.66
CA MET B 435 34.29 -25.61 22.72
C MET B 435 34.52 -24.32 23.49
N LEU B 436 35.79 -24.03 23.83
CA LEU B 436 36.11 -22.80 24.54
C LEU B 436 35.75 -21.57 23.70
N VAL B 437 36.04 -21.62 22.40
CA VAL B 437 35.75 -20.49 21.52
C VAL B 437 34.24 -20.32 21.38
N CYS B 438 33.48 -21.40 21.32
CA CYS B 438 32.03 -21.30 21.27
C CYS B 438 31.49 -20.59 22.51
N ILE B 439 31.98 -20.99 23.69
CA ILE B 439 31.53 -20.36 24.93
C ILE B 439 31.92 -18.88 24.95
N ILE B 440 33.16 -18.58 24.57
CA ILE B 440 33.64 -17.19 24.63
C ILE B 440 32.89 -16.32 23.64
N GLY B 441 32.61 -16.84 22.44
CA GLY B 441 31.86 -16.04 21.48
C GLY B 441 30.44 -15.80 21.94
N THR B 442 29.77 -16.83 22.47
CA THR B 442 28.41 -16.66 22.96
C THR B 442 28.36 -15.62 24.06
N LEU B 443 29.35 -15.62 24.96
CA LEU B 443 29.38 -14.61 26.01
C LEU B 443 29.73 -13.23 25.45
N ALA B 444 30.77 -13.14 24.63
CA ALA B 444 31.26 -11.84 24.17
C ALA B 444 30.23 -11.13 23.31
N VAL B 445 29.35 -11.86 22.64
CA VAL B 445 28.35 -11.22 21.79
C VAL B 445 27.21 -10.64 22.63
N PHE B 446 26.72 -11.38 23.62
CA PHE B 446 25.45 -11.05 24.29
C PHE B 446 25.60 -10.56 25.73
N ALA B 447 26.60 -11.04 26.47
CA ALA B 447 26.64 -10.83 27.91
C ALA B 447 26.75 -9.37 28.28
N GLY B 448 27.44 -8.55 27.48
CA GLY B 448 27.54 -7.14 27.81
C GLY B 448 26.17 -6.47 27.86
N ARG B 449 25.36 -6.67 26.83
CA ARG B 449 24.03 -6.09 26.81
C ARG B 449 23.14 -6.74 27.87
N LEU B 450 23.28 -8.05 28.08
CA LEU B 450 22.43 -8.71 29.08
C LEU B 450 22.72 -8.21 30.49
N ILE B 451 24.00 -8.05 30.86
CA ILE B 451 24.32 -7.47 32.15
C ILE B 451 23.91 -6.00 32.21
N GLU B 452 24.00 -5.26 31.09
CA GLU B 452 23.54 -3.88 31.12
C GLU B 452 22.05 -3.81 31.41
N LEU B 453 21.26 -4.72 30.84
CA LEU B 453 19.82 -4.72 31.08
C LEU B 453 19.50 -5.22 32.49
N ASN B 454 20.23 -6.23 32.97
CA ASN B 454 19.98 -6.76 34.30
C ASN B 454 20.26 -5.73 35.39
N GLN B 455 21.16 -4.80 35.14
CA GLN B 455 21.53 -3.78 36.12
C GLN B 455 20.52 -2.63 36.19
N GLN B 456 19.41 -2.71 35.46
CA GLN B 456 18.38 -1.68 35.50
C GLN B 456 17.80 -1.55 36.91
N SER C 24 -6.82 38.75 -16.67
CA SER C 24 -7.49 37.92 -17.70
C SER C 24 -8.99 38.23 -17.75
N GLU C 25 -9.32 39.51 -17.75
CA GLU C 25 -10.72 39.93 -17.81
C GLU C 25 -11.37 39.52 -19.13
N ALA C 26 -10.64 39.63 -20.24
CA ALA C 26 -11.19 39.20 -21.53
C ALA C 26 -11.44 37.70 -21.55
N GLU C 27 -10.51 36.93 -20.97
CA GLU C 27 -10.73 35.49 -20.85
C GLU C 27 -11.94 35.19 -19.98
N GLY C 28 -12.12 35.95 -18.90
CA GLY C 28 -13.29 35.75 -18.06
C GLY C 28 -14.59 35.98 -18.81
N ARG C 29 -14.66 37.07 -19.58
CA ARG C 29 -15.85 37.30 -20.39
C ARG C 29 -16.06 36.19 -21.43
N LEU C 30 -14.97 35.71 -22.04
CA LEU C 30 -15.13 34.67 -23.05
C LEU C 30 -15.66 33.37 -22.43
N ARG C 31 -15.13 32.98 -21.26
CA ARG C 31 -15.65 31.80 -20.57
C ARG C 31 -17.10 31.98 -20.17
N GLU C 32 -17.46 33.18 -19.67
CA GLU C 32 -18.84 33.44 -19.28
C GLU C 32 -19.76 33.30 -20.49
N LYS C 33 -19.33 33.81 -21.65
CA LYS C 33 -20.13 33.65 -22.85
C LYS C 33 -20.26 32.19 -23.25
N LEU C 34 -19.15 31.45 -23.22
CA LEU C 34 -19.16 30.09 -23.73
C LEU C 34 -20.01 29.17 -22.87
N PHE C 35 -20.00 29.36 -21.55
CA PHE C 35 -20.65 28.44 -20.62
C PHE C 35 -22.01 28.93 -20.14
N SER C 36 -22.59 29.94 -20.80
CA SER C 36 -23.96 30.33 -20.52
C SER C 36 -24.90 29.39 -21.28
N GLY C 37 -25.71 28.63 -20.54
CA GLY C 37 -26.59 27.66 -21.14
C GLY C 37 -25.93 26.36 -21.56
N TYR C 38 -24.65 26.17 -21.23
CA TYR C 38 -23.91 24.99 -21.64
C TYR C 38 -24.11 23.88 -20.61
N ASP C 39 -24.43 22.68 -21.10
CA ASP C 39 -24.62 21.49 -20.28
C ASP C 39 -23.57 20.47 -20.65
N SER C 40 -22.63 20.22 -19.73
CA SER C 40 -21.53 19.29 -19.99
C SER C 40 -21.97 17.84 -20.01
N SER C 41 -23.18 17.52 -19.55
CA SER C 41 -23.69 16.16 -19.58
C SER C 41 -24.37 15.82 -20.91
N VAL C 42 -24.53 16.78 -21.80
CA VAL C 42 -25.25 16.59 -23.07
C VAL C 42 -24.23 16.47 -24.19
N ARG C 43 -24.34 15.40 -24.97
CA ARG C 43 -23.44 15.21 -26.11
C ARG C 43 -23.66 16.31 -27.14
N PRO C 44 -22.61 16.87 -27.74
CA PRO C 44 -22.83 17.91 -28.75
C PRO C 44 -23.33 17.32 -30.07
N ALA C 45 -24.54 17.71 -30.47
CA ALA C 45 -25.10 17.29 -31.74
C ALA C 45 -26.07 18.39 -32.16
N ARG C 46 -25.65 19.20 -33.14
CA ARG C 46 -26.50 20.31 -33.58
C ARG C 46 -27.82 19.81 -34.14
N GLU C 47 -27.82 18.62 -34.74
CA GLU C 47 -29.01 17.98 -35.25
C GLU C 47 -29.08 16.55 -34.72
N VAL C 48 -30.30 16.05 -34.59
CA VAL C 48 -30.49 14.66 -34.16
C VAL C 48 -29.98 13.74 -35.26
N GLY C 49 -29.13 12.79 -34.86
CA GLY C 49 -28.47 11.88 -35.79
C GLY C 49 -27.04 12.26 -36.11
N ASP C 50 -26.62 13.48 -35.79
CA ASP C 50 -25.23 13.85 -35.97
C ASP C 50 -24.34 13.02 -35.06
N ARG C 51 -23.24 12.54 -35.61
CA ARG C 51 -22.26 11.73 -34.88
C ARG C 51 -21.06 12.59 -34.51
N VAL C 52 -20.58 12.42 -33.29
CA VAL C 52 -19.39 13.12 -32.81
C VAL C 52 -18.19 12.23 -33.13
N ARG C 53 -17.31 12.74 -33.99
CA ARG C 53 -16.10 12.01 -34.35
C ARG C 53 -15.03 12.25 -33.29
N VAL C 54 -14.55 11.19 -32.66
CA VAL C 54 -13.55 11.25 -31.61
C VAL C 54 -12.31 10.53 -32.11
N SER C 55 -11.23 11.27 -32.32
CA SER C 55 -9.95 10.68 -32.70
C SER C 55 -9.17 10.29 -31.45
N VAL C 56 -8.71 9.04 -31.41
CA VAL C 56 -8.08 8.45 -30.23
C VAL C 56 -6.65 8.09 -30.59
N GLY C 57 -5.71 8.56 -29.76
CA GLY C 57 -4.32 8.16 -29.88
C GLY C 57 -3.73 7.94 -28.50
N LEU C 58 -2.54 7.34 -28.48
CA LEU C 58 -1.90 6.92 -27.24
C LEU C 58 -0.41 7.25 -27.28
N ILE C 59 0.09 7.81 -26.18
CA ILE C 59 1.52 8.02 -25.96
C ILE C 59 1.91 7.16 -24.76
N LEU C 60 2.96 6.37 -24.93
CA LEU C 60 3.42 5.45 -23.88
C LEU C 60 4.58 6.11 -23.13
N ALA C 61 4.31 6.61 -21.93
CA ALA C 61 5.36 7.20 -21.12
C ALA C 61 6.23 6.13 -20.47
N GLN C 62 5.64 5.02 -20.06
CA GLN C 62 6.39 3.95 -19.41
C GLN C 62 5.60 2.66 -19.51
N LEU C 63 6.27 1.59 -19.95
CA LEU C 63 5.77 0.22 -19.80
C LEU C 63 6.21 -0.24 -18.42
N ILE C 64 5.31 -0.09 -17.44
CA ILE C 64 5.70 -0.31 -16.05
C ILE C 64 6.06 -1.77 -15.82
N SER C 65 5.20 -2.70 -16.24
CA SER C 65 5.48 -4.10 -15.99
C SER C 65 4.48 -4.96 -16.75
N LEU C 66 4.78 -6.26 -16.79
CA LEU C 66 3.83 -7.29 -17.23
C LEU C 66 3.87 -8.40 -16.19
N ASN C 67 2.88 -8.41 -15.30
CA ASN C 67 2.78 -9.41 -14.26
C ASN C 67 2.16 -10.68 -14.85
N GLU C 68 2.96 -11.75 -14.90
CA GLU C 68 2.48 -13.02 -15.42
C GLU C 68 1.59 -13.75 -14.42
N LYS C 69 1.86 -13.60 -13.13
CA LYS C 69 1.03 -14.23 -12.11
C LYS C 69 -0.39 -13.68 -12.17
N ASP C 70 -0.53 -12.35 -12.20
CA ASP C 70 -1.83 -11.72 -12.32
C ASP C 70 -2.30 -11.59 -13.77
N GLU C 71 -1.43 -11.86 -14.75
CA GLU C 71 -1.76 -11.76 -16.17
C GLU C 71 -2.26 -10.36 -16.51
N GLU C 72 -1.49 -9.34 -16.11
CA GLU C 72 -1.88 -7.96 -16.36
C GLU C 72 -0.67 -7.12 -16.74
N MET C 73 -0.87 -6.24 -17.71
CA MET C 73 0.15 -5.30 -18.16
C MET C 73 -0.12 -3.94 -17.50
N SER C 74 0.87 -3.42 -16.79
CA SER C 74 0.80 -2.11 -16.16
C SER C 74 1.57 -1.12 -17.02
N THR C 75 0.91 -0.03 -17.42
CA THR C 75 1.48 1.00 -18.26
C THR C 75 1.12 2.38 -17.73
N LYS C 76 1.99 3.34 -18.02
CA LYS C 76 1.72 4.76 -17.84
C LYS C 76 1.66 5.39 -19.22
N VAL C 77 0.56 6.10 -19.50
CA VAL C 77 0.27 6.61 -20.83
C VAL C 77 -0.31 8.02 -20.73
N TYR C 78 -0.31 8.70 -21.85
CA TYR C 78 -1.11 9.89 -22.08
C TYR C 78 -2.07 9.59 -23.22
N LEU C 79 -3.36 9.68 -22.95
CA LEU C 79 -4.33 9.62 -24.03
C LEU C 79 -4.20 10.85 -24.90
N ASP C 80 -4.78 10.78 -26.09
CA ASP C 80 -4.81 11.91 -27.01
C ASP C 80 -6.17 11.86 -27.71
N LEU C 81 -7.13 12.58 -27.15
CA LEU C 81 -8.51 12.57 -27.63
C LEU C 81 -8.81 13.91 -28.30
N GLU C 82 -9.32 13.86 -29.52
CA GLU C 82 -9.66 15.04 -30.28
C GLU C 82 -11.12 14.95 -30.73
N TRP C 83 -11.87 16.02 -30.53
CA TRP C 83 -13.26 16.05 -31.02
C TRP C 83 -13.71 17.49 -31.15
N THR C 84 -14.80 17.69 -31.87
CA THR C 84 -15.37 19.02 -32.09
C THR C 84 -16.62 19.18 -31.24
N ASP C 85 -16.69 20.29 -30.53
CA ASP C 85 -17.89 20.71 -29.80
C ASP C 85 -18.30 22.06 -30.36
N TYR C 86 -19.38 22.08 -31.13
CA TYR C 86 -19.80 23.31 -31.80
C TYR C 86 -20.17 24.40 -30.80
N ARG C 87 -20.62 24.02 -29.61
CA ARG C 87 -21.03 25.02 -28.62
C ARG C 87 -19.86 25.86 -28.11
N LEU C 88 -18.64 25.37 -28.25
CA LEU C 88 -17.44 26.03 -27.72
C LEU C 88 -16.65 26.75 -28.81
N SER C 89 -17.34 27.37 -29.76
CA SER C 89 -16.73 28.15 -30.82
C SER C 89 -16.96 29.63 -30.59
N TRP C 90 -16.00 30.45 -31.03
CA TRP C 90 -16.09 31.90 -30.88
C TRP C 90 -15.25 32.57 -31.96
N ASP C 91 -15.49 33.87 -32.13
CA ASP C 91 -14.69 34.68 -33.04
C ASP C 91 -13.55 35.34 -32.28
N PRO C 92 -12.28 35.04 -32.57
CA PRO C 92 -11.19 35.68 -31.80
C PRO C 92 -11.16 37.20 -31.90
N ALA C 93 -11.63 37.77 -33.01
CA ALA C 93 -11.60 39.22 -33.17
C ALA C 93 -12.49 39.91 -32.15
N GLU C 94 -13.58 39.26 -31.73
CA GLU C 94 -14.50 39.84 -30.77
C GLU C 94 -14.06 39.64 -29.32
N HIS C 95 -12.95 38.95 -29.07
CA HIS C 95 -12.51 38.59 -27.72
C HIS C 95 -11.01 38.81 -27.58
N ASP C 96 -10.54 39.96 -28.07
CA ASP C 96 -9.15 40.40 -27.87
C ASP C 96 -8.16 39.40 -28.48
N GLY C 97 -8.54 38.78 -29.59
CA GLY C 97 -7.63 37.90 -30.29
C GLY C 97 -7.29 36.61 -29.57
N ILE C 98 -8.15 36.16 -28.67
CA ILE C 98 -7.93 34.90 -27.96
C ILE C 98 -8.30 33.76 -28.90
N ASP C 99 -7.30 33.00 -29.32
CA ASP C 99 -7.50 31.90 -30.28
C ASP C 99 -7.74 30.56 -29.61
N SER C 100 -7.37 30.41 -28.34
CA SER C 100 -7.52 29.12 -27.66
C SER C 100 -7.69 29.36 -26.16
N LEU C 101 -8.24 28.34 -25.49
CA LEU C 101 -8.47 28.37 -24.06
C LEU C 101 -8.03 27.04 -23.47
N ARG C 102 -7.65 27.08 -22.19
CA ARG C 102 -7.41 25.88 -21.40
C ARG C 102 -8.46 25.83 -20.29
N ILE C 103 -9.27 24.77 -20.29
CA ILE C 103 -10.45 24.68 -19.44
C ILE C 103 -10.39 23.36 -18.69
N THR C 104 -10.83 23.37 -17.43
CA THR C 104 -10.91 22.14 -16.66
C THR C 104 -11.84 21.15 -17.37
N ALA C 105 -11.40 19.89 -17.45
CA ALA C 105 -12.10 18.90 -18.26
C ALA C 105 -13.52 18.66 -17.77
N GLU C 106 -13.75 18.74 -16.47
CA GLU C 106 -15.10 18.54 -15.93
C GLU C 106 -16.09 19.61 -16.38
N SER C 107 -15.60 20.76 -16.86
CA SER C 107 -16.51 21.83 -17.27
C SER C 107 -17.12 21.58 -18.65
N VAL C 108 -16.46 20.81 -19.50
CA VAL C 108 -16.93 20.57 -20.87
C VAL C 108 -17.46 19.15 -20.97
N TRP C 109 -18.22 18.89 -22.02
CA TRP C 109 -18.61 17.53 -22.33
C TRP C 109 -17.39 16.73 -22.74
N LEU C 110 -17.25 15.54 -22.17
CA LEU C 110 -16.21 14.60 -22.52
C LEU C 110 -16.83 13.33 -23.09
N PRO C 111 -16.22 12.70 -24.09
CA PRO C 111 -16.67 11.35 -24.45
C PRO C 111 -16.21 10.37 -23.38
N ASP C 112 -17.07 9.42 -23.05
CA ASP C 112 -16.79 8.49 -21.96
C ASP C 112 -15.88 7.36 -22.42
N VAL C 113 -14.73 7.74 -22.97
CA VAL C 113 -13.77 6.78 -23.50
C VAL C 113 -13.02 6.18 -22.32
N VAL C 114 -13.08 4.86 -22.19
CA VAL C 114 -12.50 4.13 -21.10
C VAL C 114 -11.76 2.93 -21.66
N LEU C 115 -10.86 2.39 -20.84
CA LEU C 115 -10.19 1.12 -21.12
C LEU C 115 -11.16 0.01 -20.76
N LEU C 116 -11.63 -0.72 -21.78
CA LEU C 116 -12.61 -1.77 -21.54
C LEU C 116 -11.99 -2.99 -20.88
N ASN C 117 -10.75 -3.33 -21.26
CA ASN C 117 -10.09 -4.55 -20.78
C ASN C 117 -9.17 -4.28 -19.60
N ASN C 118 -9.53 -3.33 -18.74
CA ASN C 118 -8.79 -3.14 -17.50
C ASN C 118 -8.96 -4.36 -16.61
N ASN C 119 -7.92 -4.66 -15.83
CA ASN C 119 -7.89 -5.84 -14.97
C ASN C 119 -8.27 -5.54 -13.53
N ASP C 120 -8.08 -4.31 -13.05
CA ASP C 120 -8.28 -3.97 -11.65
C ASP C 120 -9.60 -3.23 -11.40
N GLY C 121 -10.47 -3.12 -12.40
CA GLY C 121 -11.71 -2.41 -12.25
C GLY C 121 -11.63 -0.91 -12.45
N ASN C 122 -10.44 -0.36 -12.73
CA ASN C 122 -10.28 1.07 -12.97
C ASN C 122 -10.44 1.35 -14.46
N PHE C 123 -11.51 2.07 -14.80
CA PHE C 123 -11.81 2.41 -16.18
C PHE C 123 -11.26 3.76 -16.61
N ASP C 124 -11.12 4.71 -15.68
CA ASP C 124 -10.96 6.11 -16.01
C ASP C 124 -9.48 6.52 -15.99
N VAL C 125 -9.25 7.81 -16.25
CA VAL C 125 -7.90 8.36 -16.30
C VAL C 125 -7.43 8.71 -14.90
N ALA C 126 -6.11 8.90 -14.77
CA ALA C 126 -5.51 9.19 -13.47
C ALA C 126 -5.74 10.62 -13.03
N LEU C 127 -5.81 11.57 -13.97
CA LEU C 127 -6.00 12.98 -13.63
C LEU C 127 -6.72 13.65 -14.79
N ASP C 128 -7.82 14.34 -14.48
CA ASP C 128 -8.66 14.91 -15.54
C ASP C 128 -7.97 16.07 -16.25
N ILE C 129 -7.13 16.83 -15.54
CA ILE C 129 -6.38 17.98 -16.02
C ILE C 129 -7.21 19.03 -16.77
N SER C 130 -6.82 19.41 -17.99
CA SER C 130 -7.45 20.49 -18.73
C SER C 130 -7.51 20.08 -20.20
N VAL C 131 -8.58 20.49 -20.84
CA VAL C 131 -8.75 20.42 -22.28
C VAL C 131 -8.24 21.72 -22.88
N VAL C 132 -7.76 21.64 -24.12
CA VAL C 132 -7.43 22.80 -24.93
C VAL C 132 -8.53 22.95 -25.98
N VAL C 133 -9.20 24.10 -25.97
CA VAL C 133 -10.33 24.38 -26.85
C VAL C 133 -9.92 25.49 -27.81
N SER C 134 -9.99 25.22 -29.10
CA SER C 134 -9.72 26.21 -30.12
C SER C 134 -10.99 26.98 -30.48
N SER C 135 -10.80 28.13 -31.12
CA SER C 135 -11.92 28.99 -31.47
C SER C 135 -12.87 28.35 -32.47
N ASP C 136 -12.41 27.36 -33.23
CA ASP C 136 -13.28 26.65 -34.18
C ASP C 136 -14.11 25.56 -33.52
N GLY C 137 -14.02 25.39 -32.20
CA GLY C 137 -14.71 24.33 -31.50
C GLY C 137 -13.92 23.05 -31.34
N SER C 138 -12.72 22.97 -31.90
CA SER C 138 -11.89 21.79 -31.71
C SER C 138 -11.42 21.71 -30.26
N VAL C 139 -11.47 20.49 -29.71
CA VAL C 139 -11.13 20.22 -28.32
C VAL C 139 -10.11 19.10 -28.33
N ARG C 140 -8.94 19.35 -27.73
CA ARG C 140 -7.85 18.34 -27.62
C ARG C 140 -7.60 18.09 -26.14
N TRP C 141 -7.70 16.85 -25.68
CA TRP C 141 -7.58 16.44 -24.30
C TRP C 141 -6.51 15.35 -24.21
N GLN C 142 -5.55 15.54 -23.30
CA GLN C 142 -4.39 14.65 -23.17
C GLN C 142 -4.22 14.23 -21.71
N PRO C 143 -5.18 13.49 -21.16
CA PRO C 143 -5.08 13.14 -19.74
C PRO C 143 -4.02 12.08 -19.53
N PRO C 144 -3.34 12.07 -18.38
CA PRO C 144 -2.50 10.93 -18.02
C PRO C 144 -3.34 9.76 -17.54
N GLY C 145 -2.75 8.57 -17.65
CA GLY C 145 -3.42 7.37 -17.18
C GLY C 145 -2.45 6.28 -16.78
N ILE C 146 -2.64 5.73 -15.59
CA ILE C 146 -1.95 4.53 -15.14
C ILE C 146 -2.96 3.39 -15.28
N TYR C 147 -2.69 2.47 -16.19
CA TYR C 147 -3.64 1.45 -16.60
C TYR C 147 -3.07 0.06 -16.34
N ARG C 148 -3.90 -0.81 -15.77
CA ARG C 148 -3.60 -2.22 -15.59
C ARG C 148 -4.58 -3.00 -16.45
N SER C 149 -4.12 -3.45 -17.61
CA SER C 149 -4.95 -4.09 -18.61
C SER C 149 -4.76 -5.61 -18.59
N SER C 150 -5.81 -6.33 -18.94
CA SER C 150 -5.73 -7.78 -19.01
C SER C 150 -4.92 -8.22 -20.22
N CYS C 151 -4.03 -9.20 -20.00
CA CYS C 151 -3.21 -9.76 -21.06
C CYS C 151 -3.08 -11.26 -20.82
N SER C 152 -3.60 -12.06 -21.73
CA SER C 152 -3.49 -13.51 -21.63
C SER C 152 -2.08 -13.93 -22.00
N ILE C 153 -1.37 -14.51 -21.05
CA ILE C 153 0.05 -14.83 -21.24
C ILE C 153 0.18 -16.13 -22.02
N GLN C 154 0.92 -16.08 -23.12
CA GLN C 154 1.34 -17.29 -23.84
C GLN C 154 2.54 -17.85 -23.10
N VAL C 155 2.30 -18.87 -22.26
CA VAL C 155 3.35 -19.38 -21.38
C VAL C 155 4.28 -20.39 -22.04
N THR C 156 4.00 -20.78 -23.29
CA THR C 156 4.64 -21.96 -23.87
C THR C 156 6.16 -21.83 -23.94
N TYR C 157 6.66 -20.64 -24.31
CA TYR C 157 8.08 -20.41 -24.52
C TYR C 157 8.71 -19.53 -23.43
N PHE C 158 8.02 -19.36 -22.30
CA PHE C 158 8.57 -18.58 -21.21
C PHE C 158 9.86 -19.24 -20.72
N PRO C 159 10.93 -18.46 -20.41
CA PRO C 159 11.10 -17.00 -20.47
C PRO C 159 11.58 -16.50 -21.83
N PHE C 160 11.74 -17.36 -22.83
CA PHE C 160 12.14 -16.94 -24.17
C PHE C 160 10.92 -16.66 -25.04
N ASP C 161 10.00 -15.86 -24.50
CA ASP C 161 8.67 -15.67 -25.07
C ASP C 161 8.49 -14.23 -25.53
N TRP C 162 7.44 -14.04 -26.32
CA TRP C 162 6.94 -12.73 -26.68
C TRP C 162 5.44 -12.73 -26.43
N GLN C 163 4.92 -11.57 -26.05
CA GLN C 163 3.54 -11.40 -25.64
C GLN C 163 2.89 -10.34 -26.51
N ASN C 164 1.56 -10.41 -26.59
CA ASN C 164 0.73 -9.58 -27.46
C ASN C 164 -0.34 -8.97 -26.56
N CYS C 165 -0.02 -7.86 -25.91
CA CYS C 165 -0.88 -7.24 -24.91
C CYS C 165 -1.61 -6.06 -25.54
N THR C 166 -2.93 -6.05 -25.42
CA THR C 166 -3.78 -5.06 -26.06
C THR C 166 -4.39 -4.13 -25.01
N MET C 167 -4.57 -2.87 -25.43
CA MET C 167 -5.32 -1.88 -24.67
C MET C 167 -6.52 -1.49 -25.52
N VAL C 168 -7.71 -1.85 -25.07
CA VAL C 168 -8.95 -1.66 -25.82
C VAL C 168 -9.64 -0.43 -25.24
N PHE C 169 -9.74 0.63 -26.04
CA PHE C 169 -10.34 1.89 -25.63
C PHE C 169 -11.64 2.08 -26.39
N SER C 170 -12.70 2.44 -25.67
CA SER C 170 -13.98 2.65 -26.32
C SER C 170 -14.88 3.45 -25.39
N SER C 171 -15.91 4.05 -25.97
CA SER C 171 -16.92 4.71 -25.16
C SER C 171 -17.71 3.65 -24.39
N TYR C 172 -17.94 3.91 -23.10
CA TYR C 172 -18.66 2.93 -22.30
C TYR C 172 -20.15 2.96 -22.55
N SER C 173 -20.72 4.13 -22.86
CA SER C 173 -22.16 4.32 -22.98
C SER C 173 -22.63 4.60 -24.39
N TYR C 174 -22.03 5.57 -25.07
CA TYR C 174 -22.51 5.96 -26.39
C TYR C 174 -22.24 4.86 -27.41
N ASP C 175 -23.18 4.69 -28.33
CA ASP C 175 -23.05 3.73 -29.42
C ASP C 175 -22.47 4.41 -30.65
N SER C 176 -22.20 3.60 -31.68
CA SER C 176 -21.57 4.12 -32.90
C SER C 176 -22.46 5.13 -33.61
N SER C 177 -23.77 5.09 -33.41
CA SER C 177 -24.66 6.09 -33.98
C SER C 177 -24.55 7.44 -33.29
N GLU C 178 -23.96 7.49 -32.10
CA GLU C 178 -23.79 8.72 -31.33
C GLU C 178 -22.35 9.22 -31.32
N VAL C 179 -21.39 8.33 -31.10
CA VAL C 179 -19.98 8.67 -31.04
C VAL C 179 -19.22 7.69 -31.93
N SER C 180 -18.50 8.21 -32.91
CA SER C 180 -17.67 7.40 -33.80
C SER C 180 -16.21 7.62 -33.46
N LEU C 181 -15.46 6.52 -33.43
CA LEU C 181 -14.04 6.55 -33.11
C LEU C 181 -13.19 6.39 -34.37
N GLN C 182 -12.02 7.01 -34.34
CA GLN C 182 -11.03 6.85 -35.40
C GLN C 182 -9.64 6.92 -34.75
N THR C 183 -8.67 6.31 -35.41
CA THR C 183 -7.30 6.32 -34.91
C THR C 183 -6.69 7.69 -35.09
N GLY C 184 -5.92 8.11 -34.08
CA GLY C 184 -5.33 9.45 -34.10
C GLY C 184 -4.16 9.53 -35.06
N LEU C 185 -4.12 10.62 -35.82
CA LEU C 185 -3.07 10.86 -36.80
C LEU C 185 -3.29 12.23 -37.41
N GLY C 186 -2.25 12.76 -38.04
CA GLY C 186 -2.31 14.05 -38.69
C GLY C 186 -0.95 14.75 -38.73
N GLY C 191 -0.44 9.29 -42.26
CA GLY C 191 -1.28 8.78 -41.19
C GLY C 191 -0.62 7.65 -40.41
N HIS C 192 -0.21 7.94 -39.18
CA HIS C 192 0.53 6.98 -38.35
C HIS C 192 -0.44 6.26 -37.42
N GLN C 193 -0.65 4.98 -37.68
CA GLN C 193 -1.50 4.14 -36.84
C GLN C 193 -0.61 3.33 -35.88
N GLU C 194 -0.03 4.04 -34.91
CA GLU C 194 0.90 3.43 -33.98
C GLU C 194 0.82 4.14 -32.65
N ILE C 195 1.26 3.45 -31.59
CA ILE C 195 1.48 4.10 -30.31
C ILE C 195 2.68 5.04 -30.44
N HIS C 196 2.51 6.28 -30.02
CA HIS C 196 3.61 7.23 -30.04
C HIS C 196 4.53 6.98 -28.85
N ILE C 197 5.83 6.92 -29.13
CA ILE C 197 6.86 6.84 -28.09
C ILE C 197 7.88 7.93 -28.37
N HIS C 198 8.02 8.87 -27.44
CA HIS C 198 8.99 9.94 -27.59
C HIS C 198 10.38 9.37 -27.34
N GLU C 199 11.30 9.60 -28.27
CA GLU C 199 12.56 8.88 -28.28
C GLU C 199 13.41 9.23 -27.05
N GLY C 200 13.48 10.50 -26.69
CA GLY C 200 14.34 10.92 -25.61
C GLY C 200 13.83 10.61 -24.22
N THR C 201 12.53 10.79 -24.00
CA THR C 201 11.94 10.75 -22.67
C THR C 201 11.23 9.44 -22.34
N PHE C 202 11.37 8.41 -23.17
CA PHE C 202 10.73 7.13 -22.89
C PHE C 202 11.53 6.34 -21.86
N ILE C 203 10.83 5.81 -20.86
CA ILE C 203 11.45 5.00 -19.82
C ILE C 203 11.46 3.57 -20.34
N GLU C 204 12.61 3.14 -20.86
CA GLU C 204 12.72 1.81 -21.45
C GLU C 204 12.67 0.74 -20.36
N ASN C 205 11.85 -0.28 -20.58
CA ASN C 205 11.73 -1.37 -19.62
C ASN C 205 12.96 -2.25 -19.67
N GLY C 206 13.39 -2.71 -18.49
CA GLY C 206 14.59 -3.53 -18.41
C GLY C 206 14.41 -4.98 -18.81
N GLN C 207 13.16 -5.46 -18.89
CA GLN C 207 12.87 -6.85 -19.20
C GLN C 207 12.13 -7.04 -20.52
N TRP C 208 11.66 -5.97 -21.16
CA TRP C 208 10.79 -6.08 -22.33
C TRP C 208 11.27 -5.14 -23.42
N GLU C 209 11.32 -5.65 -24.65
CA GLU C 209 11.64 -4.88 -25.85
C GLU C 209 10.38 -4.79 -26.71
N ILE C 210 10.02 -3.58 -27.11
CA ILE C 210 8.82 -3.35 -27.90
C ILE C 210 9.16 -3.64 -29.36
N ILE C 211 8.60 -4.71 -29.92
CA ILE C 211 8.83 -5.07 -31.31
C ILE C 211 7.92 -4.28 -32.23
N HIS C 212 6.62 -4.34 -31.98
CA HIS C 212 5.61 -3.63 -32.76
C HIS C 212 4.69 -2.89 -31.81
N LYS C 213 4.04 -1.85 -32.33
CA LYS C 213 3.14 -1.05 -31.52
C LYS C 213 2.05 -0.42 -32.38
N PRO C 214 1.22 -1.19 -33.09
CA PRO C 214 0.21 -0.60 -33.95
C PRO C 214 -1.06 -0.22 -33.19
N SER C 215 -1.93 0.50 -33.88
CA SER C 215 -3.26 0.85 -33.40
C SER C 215 -4.26 0.58 -34.52
N ARG C 216 -5.42 0.03 -34.14
CA ARG C 216 -6.44 -0.35 -35.11
C ARG C 216 -7.82 0.10 -34.64
N LEU C 217 -8.66 0.44 -35.61
CA LEU C 217 -10.08 0.70 -35.38
C LEU C 217 -10.86 -0.57 -35.67
N ILE C 218 -11.56 -1.07 -34.66
CA ILE C 218 -12.37 -2.29 -34.77
C ILE C 218 -13.82 -1.86 -34.90
N GLN C 219 -14.44 -2.23 -36.01
CA GLN C 219 -15.84 -1.94 -36.24
C GLN C 219 -16.69 -2.99 -35.53
N PRO C 220 -17.97 -2.69 -35.25
CA PRO C 220 -18.82 -3.71 -34.63
C PRO C 220 -19.07 -4.85 -35.59
N PRO C 221 -19.39 -6.04 -35.09
CA PRO C 221 -19.71 -7.15 -36.01
C PRO C 221 -20.96 -6.86 -36.82
N GLY C 222 -20.78 -6.77 -38.14
CA GLY C 222 -21.89 -6.50 -39.04
C GLY C 222 -22.50 -5.12 -38.82
N GLU C 229 -29.42 0.77 -31.04
CA GLU C 229 -28.36 -0.02 -31.67
C GLU C 229 -27.59 -0.82 -30.61
N GLY C 230 -26.79 -0.11 -29.82
CA GLY C 230 -25.91 -0.73 -28.86
C GLY C 230 -24.57 -1.18 -29.42
N GLN C 231 -24.35 -1.06 -30.72
CA GLN C 231 -23.08 -1.41 -31.32
C GLN C 231 -22.05 -0.32 -31.06
N ARG C 232 -20.80 -0.74 -30.87
CA ARG C 232 -19.74 0.19 -30.45
C ARG C 232 -18.43 -0.17 -31.14
N GLN C 233 -17.78 0.83 -31.72
CA GLN C 233 -16.43 0.66 -32.23
C GLN C 233 -15.44 0.58 -31.07
N GLU C 234 -14.21 0.18 -31.40
CA GLU C 234 -13.13 0.15 -30.44
C GLU C 234 -11.87 0.67 -31.13
N VAL C 235 -10.96 1.22 -30.34
CA VAL C 235 -9.59 1.51 -30.77
C VAL C 235 -8.67 0.66 -29.92
N ILE C 236 -7.98 -0.28 -30.55
CA ILE C 236 -7.12 -1.22 -29.84
C ILE C 236 -5.68 -0.84 -30.16
N PHE C 237 -4.92 -0.58 -29.11
CA PHE C 237 -3.49 -0.34 -29.19
C PHE C 237 -2.77 -1.63 -28.78
N TYR C 238 -2.04 -2.21 -29.71
CA TYR C 238 -1.35 -3.48 -29.49
C TYR C 238 0.10 -3.21 -29.14
N LEU C 239 0.62 -3.97 -28.18
CA LEU C 239 2.04 -3.96 -27.85
C LEU C 239 2.52 -5.39 -27.96
N ILE C 240 3.31 -5.66 -28.98
CA ILE C 240 4.03 -6.92 -29.10
C ILE C 240 5.39 -6.71 -28.45
N ILE C 241 5.66 -7.45 -27.38
CA ILE C 241 6.82 -7.22 -26.54
C ILE C 241 7.55 -8.53 -26.33
N ARG C 242 8.87 -8.51 -26.51
CA ARG C 242 9.72 -9.67 -26.36
C ARG C 242 10.47 -9.59 -25.02
N ARG C 243 10.44 -10.68 -24.26
CA ARG C 243 11.18 -10.72 -23.01
C ARG C 243 12.67 -10.88 -23.29
N LYS C 244 13.48 -10.26 -22.43
CA LYS C 244 14.93 -10.33 -22.53
C LYS C 244 15.44 -11.28 -21.46
N PRO C 245 15.85 -12.53 -21.80
CA PRO C 245 15.91 -13.59 -20.79
C PRO C 245 17.23 -13.75 -20.03
N LEU C 246 18.09 -12.72 -20.02
CA LEU C 246 19.42 -12.85 -19.44
C LEU C 246 19.37 -13.34 -17.99
N PHE C 247 18.41 -12.86 -17.21
CA PHE C 247 18.30 -13.26 -15.80
C PHE C 247 18.11 -14.77 -15.68
N TYR C 248 17.23 -15.34 -16.50
CA TYR C 248 16.95 -16.77 -16.41
C TYR C 248 18.09 -17.60 -16.97
N LEU C 249 18.82 -17.07 -17.96
CA LEU C 249 20.01 -17.76 -18.44
C LEU C 249 21.06 -17.84 -17.34
N VAL C 250 21.27 -16.76 -16.62
CA VAL C 250 22.31 -16.75 -15.58
C VAL C 250 21.88 -17.58 -14.38
N ASN C 251 20.61 -17.49 -13.97
CA ASN C 251 20.18 -18.01 -12.68
C ASN C 251 19.58 -19.41 -12.74
N VAL C 252 19.15 -19.88 -13.91
CA VAL C 252 18.46 -21.16 -14.01
C VAL C 252 19.13 -22.06 -15.03
N ILE C 253 19.32 -21.57 -16.26
CA ILE C 253 19.74 -22.44 -17.35
C ILE C 253 21.17 -22.92 -17.13
N ALA C 254 22.09 -22.00 -16.83
CA ALA C 254 23.49 -22.39 -16.66
C ALA C 254 23.70 -23.31 -15.47
N PRO C 255 23.13 -23.07 -14.29
CA PRO C 255 23.21 -24.08 -13.23
C PRO C 255 22.64 -25.42 -13.62
N CYS C 256 21.55 -25.44 -14.40
CA CYS C 256 20.98 -26.70 -14.85
C CYS C 256 21.96 -27.43 -15.78
N ILE C 257 22.64 -26.70 -16.66
CA ILE C 257 23.62 -27.31 -17.54
C ILE C 257 24.77 -27.90 -16.72
N LEU C 258 25.23 -27.16 -15.71
CA LEU C 258 26.32 -27.66 -14.88
C LEU C 258 25.90 -28.91 -14.10
N ILE C 259 24.69 -28.90 -13.55
CA ILE C 259 24.17 -30.06 -12.83
C ILE C 259 24.06 -31.26 -13.77
N THR C 260 23.65 -31.00 -15.01
CA THR C 260 23.56 -32.06 -16.00
C THR C 260 24.94 -32.65 -16.29
N LEU C 261 25.94 -31.78 -16.39
CA LEU C 261 27.30 -32.27 -16.64
C LEU C 261 27.79 -33.15 -15.51
N LEU C 262 27.51 -32.75 -14.27
CA LEU C 262 27.88 -33.60 -13.13
C LEU C 262 27.13 -34.91 -13.13
N ALA C 263 25.85 -34.88 -13.52
CA ALA C 263 25.07 -36.11 -13.61
C ALA C 263 25.67 -37.04 -14.67
N ILE C 264 26.21 -36.48 -15.74
CA ILE C 264 26.94 -37.31 -16.72
C ILE C 264 28.19 -37.88 -16.06
N PHE C 265 28.99 -37.03 -15.42
CA PHE C 265 30.30 -37.44 -14.93
C PHE C 265 30.24 -38.42 -13.77
N VAL C 266 29.08 -38.60 -13.14
CA VAL C 266 29.00 -39.61 -12.08
C VAL C 266 29.32 -41.00 -12.64
N PHE C 267 29.04 -41.24 -13.92
CA PHE C 267 29.32 -42.54 -14.51
C PHE C 267 30.81 -42.81 -14.72
N TYR C 268 31.65 -41.78 -14.63
CA TYR C 268 33.10 -41.96 -14.63
C TYR C 268 33.68 -42.17 -13.23
N LEU C 269 32.87 -41.97 -12.19
CA LEU C 269 33.33 -42.17 -10.82
C LEU C 269 33.46 -43.66 -10.52
N PRO C 270 34.60 -44.14 -10.00
CA PRO C 270 34.74 -45.58 -9.80
C PRO C 270 33.79 -46.08 -8.72
N PRO C 271 33.27 -47.30 -8.84
CA PRO C 271 32.39 -47.81 -7.77
C PRO C 271 33.05 -47.91 -6.41
N ASP C 272 34.35 -48.21 -6.36
CA ASP C 272 35.03 -48.40 -5.08
C ASP C 272 35.17 -47.11 -4.29
N ALA C 273 34.95 -45.94 -4.90
CA ALA C 273 35.02 -44.70 -4.15
C ALA C 273 33.84 -44.54 -3.19
N GLY C 274 32.71 -45.19 -3.46
CA GLY C 274 31.55 -45.05 -2.58
C GLY C 274 31.00 -43.64 -2.57
N GLU C 275 30.89 -43.00 -3.73
CA GLU C 275 30.49 -41.61 -3.83
C GLU C 275 29.52 -41.32 -4.97
N LYS C 276 29.12 -42.32 -5.77
CA LYS C 276 28.18 -42.09 -6.85
C LYS C 276 26.85 -41.58 -6.32
N MET C 277 26.35 -42.21 -5.26
CA MET C 277 25.02 -41.91 -4.77
C MET C 277 24.94 -40.49 -4.25
N GLY C 278 25.95 -40.09 -3.47
CA GLY C 278 25.96 -38.74 -2.91
C GLY C 278 25.96 -37.69 -4.00
N LEU C 279 26.82 -37.86 -5.01
CA LEU C 279 26.90 -36.89 -6.10
C LEU C 279 25.57 -36.77 -6.84
N SER C 280 25.02 -37.91 -7.28
CA SER C 280 23.78 -37.87 -8.06
C SER C 280 22.62 -37.30 -7.24
N ILE C 281 22.50 -37.71 -5.99
CA ILE C 281 21.34 -37.31 -5.22
C ILE C 281 21.46 -35.86 -4.77
N PHE C 282 22.67 -35.36 -4.52
CA PHE C 282 22.81 -33.93 -4.21
C PHE C 282 22.62 -33.09 -5.46
N ALA C 283 22.93 -33.62 -6.64
CA ALA C 283 22.54 -32.95 -7.87
C ALA C 283 21.01 -32.82 -7.95
N LEU C 284 20.29 -33.89 -7.61
CA LEU C 284 18.83 -33.81 -7.58
C LEU C 284 18.35 -32.79 -6.55
N LEU C 285 18.99 -32.76 -5.38
CA LEU C 285 18.60 -31.81 -4.33
C LEU C 285 18.81 -30.37 -4.79
N THR C 286 19.92 -30.09 -5.46
CA THR C 286 20.16 -28.76 -6.02
C THR C 286 19.09 -28.41 -7.05
N LEU C 287 18.70 -29.38 -7.88
CA LEU C 287 17.63 -29.12 -8.83
C LEU C 287 16.32 -28.81 -8.13
N THR C 288 16.06 -29.46 -7.00
CA THR C 288 14.87 -29.12 -6.21
C THR C 288 14.95 -27.69 -5.70
N VAL C 289 16.13 -27.26 -5.28
CA VAL C 289 16.32 -25.86 -4.85
C VAL C 289 16.00 -24.92 -6.01
N PHE C 290 16.39 -25.29 -7.23
CA PHE C 290 16.08 -24.43 -8.37
C PHE C 290 14.60 -24.47 -8.73
N LEU C 291 13.92 -25.58 -8.49
CA LEU C 291 12.47 -25.60 -8.62
C LEU C 291 11.83 -24.62 -7.65
N LEU C 292 12.35 -24.58 -6.41
CA LEU C 292 11.86 -23.58 -5.45
C LEU C 292 12.14 -22.17 -5.94
N LEU C 293 13.29 -21.95 -6.58
CA LEU C 293 13.58 -20.64 -7.15
C LEU C 293 12.57 -20.26 -8.22
N LEU C 294 12.25 -21.21 -9.11
CA LEU C 294 11.34 -20.93 -10.22
C LEU C 294 9.89 -20.82 -9.79
N ALA C 295 9.53 -21.38 -8.63
CA ALA C 295 8.13 -21.35 -8.19
C ALA C 295 7.61 -19.92 -8.06
N ASP C 296 8.47 -18.97 -7.70
CA ASP C 296 8.05 -17.59 -7.53
C ASP C 296 7.87 -16.85 -8.85
N LYS C 297 8.47 -17.33 -9.94
CA LYS C 297 8.57 -16.60 -11.19
C LYS C 297 7.65 -17.10 -12.29
N VAL C 298 7.46 -18.40 -12.42
CA VAL C 298 6.82 -18.97 -13.61
C VAL C 298 5.32 -18.67 -13.59
N PRO C 299 4.65 -18.53 -14.74
CA PRO C 299 3.20 -18.34 -14.71
C PRO C 299 2.47 -19.58 -14.22
N GLU C 300 1.25 -19.35 -13.71
CA GLU C 300 0.48 -20.36 -13.00
C GLU C 300 -0.71 -20.89 -13.80
N THR C 301 -0.80 -20.59 -15.09
CA THR C 301 -1.89 -21.09 -15.91
C THR C 301 -1.62 -22.54 -16.34
N SER C 302 -2.66 -23.16 -16.93
CA SER C 302 -2.63 -24.59 -17.23
C SER C 302 -2.93 -24.88 -18.71
N LEU C 303 -2.86 -23.88 -19.59
CA LEU C 303 -3.09 -24.14 -21.01
C LEU C 303 -1.91 -24.82 -21.66
N SER C 304 -0.69 -24.57 -21.19
CA SER C 304 0.50 -25.24 -21.68
C SER C 304 1.58 -25.15 -20.61
N VAL C 305 2.69 -25.83 -20.84
CA VAL C 305 3.81 -25.88 -19.92
C VAL C 305 4.90 -24.95 -20.45
N PRO C 306 5.51 -24.09 -19.62
CA PRO C 306 6.67 -23.33 -20.10
C PRO C 306 7.83 -24.23 -20.48
N ILE C 307 8.58 -23.79 -21.49
CA ILE C 307 9.70 -24.59 -21.97
C ILE C 307 10.79 -24.70 -20.91
N ILE C 308 10.93 -23.69 -20.05
CA ILE C 308 11.92 -23.79 -18.99
C ILE C 308 11.49 -24.83 -17.97
N ILE C 309 10.19 -24.95 -17.70
CA ILE C 309 9.71 -26.03 -16.83
C ILE C 309 9.94 -27.38 -17.49
N LYS C 310 9.75 -27.46 -18.82
CA LYS C 310 10.05 -28.69 -19.52
C LYS C 310 11.52 -29.06 -19.39
N TYR C 311 12.41 -28.07 -19.51
CA TYR C 311 13.83 -28.34 -19.38
C TYR C 311 14.19 -28.75 -17.95
N LEU C 312 13.55 -28.12 -16.96
CA LEU C 312 13.81 -28.48 -15.56
C LEU C 312 13.37 -29.90 -15.28
N MET C 313 12.17 -30.28 -15.72
CA MET C 313 11.69 -31.63 -15.48
C MET C 313 12.48 -32.64 -16.29
N PHE C 314 12.94 -32.26 -17.49
CA PHE C 314 13.83 -33.12 -18.26
C PHE C 314 15.12 -33.37 -17.51
N THR C 315 15.70 -32.33 -16.91
CA THR C 315 16.93 -32.52 -16.14
C THR C 315 16.67 -33.34 -14.88
N MET C 316 15.50 -33.16 -14.26
CA MET C 316 15.16 -33.97 -13.10
C MET C 316 15.07 -35.45 -13.49
N VAL C 317 14.47 -35.74 -14.64
CA VAL C 317 14.37 -37.11 -15.11
C VAL C 317 15.75 -37.67 -15.43
N LEU C 318 16.63 -36.87 -16.04
CA LEU C 318 17.99 -37.37 -16.31
C LEU C 318 18.73 -37.67 -15.01
N VAL C 319 18.62 -36.79 -14.01
CA VAL C 319 19.32 -37.03 -12.76
C VAL C 319 18.74 -38.24 -12.05
N THR C 320 17.41 -38.41 -12.10
CA THR C 320 16.78 -39.59 -11.52
C THR C 320 17.27 -40.87 -12.20
N PHE C 321 17.36 -40.85 -13.53
CA PHE C 321 17.85 -42.03 -14.23
C PHE C 321 19.33 -42.28 -13.96
N SER C 322 20.11 -41.21 -13.76
CA SER C 322 21.50 -41.39 -13.37
C SER C 322 21.59 -42.06 -12.00
N VAL C 323 20.71 -41.67 -11.07
CA VAL C 323 20.64 -42.33 -9.77
C VAL C 323 20.32 -43.81 -9.94
N ILE C 324 19.29 -44.10 -10.76
CA ILE C 324 18.84 -45.48 -10.92
C ILE C 324 19.94 -46.33 -11.54
N LEU C 325 20.58 -45.82 -12.59
CA LEU C 325 21.61 -46.60 -13.28
C LEU C 325 22.88 -46.70 -12.45
N SER C 326 23.16 -45.71 -11.60
CA SER C 326 24.26 -45.85 -10.65
C SER C 326 23.96 -46.95 -9.65
N VAL C 327 22.71 -47.07 -9.21
CA VAL C 327 22.35 -48.19 -8.33
C VAL C 327 22.55 -49.51 -9.05
N VAL C 328 22.19 -49.57 -10.34
CA VAL C 328 22.38 -50.80 -11.11
C VAL C 328 23.87 -51.14 -11.21
N VAL C 329 24.71 -50.15 -11.49
CA VAL C 329 26.15 -50.37 -11.60
C VAL C 329 26.72 -50.84 -10.26
N LEU C 330 26.29 -50.21 -9.17
CA LEU C 330 26.80 -50.62 -7.86
C LEU C 330 26.32 -52.01 -7.48
N ASN C 331 25.10 -52.37 -7.88
CA ASN C 331 24.62 -53.73 -7.65
C ASN C 331 25.48 -54.74 -8.39
N LEU C 332 25.83 -54.44 -9.64
CA LEU C 332 26.71 -55.34 -10.39
C LEU C 332 28.09 -55.41 -9.76
N HIS C 333 28.63 -54.26 -9.33
CA HIS C 333 29.99 -54.22 -8.81
C HIS C 333 30.12 -55.00 -7.50
N HIS C 334 29.17 -54.80 -6.59
CA HIS C 334 29.22 -55.43 -5.27
C HIS C 334 28.53 -56.78 -5.24
N ARG C 335 28.21 -57.35 -6.40
CA ARG C 335 27.51 -58.62 -6.44
C ARG C 335 28.36 -59.74 -5.84
N SER C 336 27.73 -60.54 -4.98
CA SER C 336 28.44 -61.62 -4.31
C SER C 336 28.77 -62.72 -5.33
N PRO C 337 30.04 -63.08 -5.55
CA PRO C 337 30.33 -64.13 -6.54
C PRO C 337 29.89 -65.53 -6.12
N HIS C 338 29.56 -65.74 -4.84
CA HIS C 338 29.16 -67.08 -4.39
C HIS C 338 27.66 -67.26 -4.49
N THR C 339 26.89 -66.25 -4.06
CA THR C 339 25.44 -66.33 -4.19
C THR C 339 25.00 -66.22 -5.64
N HIS C 340 25.76 -65.49 -6.46
CA HIS C 340 25.44 -65.26 -7.86
C HIS C 340 26.45 -65.95 -8.75
N GLN C 341 25.96 -66.57 -9.81
CA GLN C 341 26.78 -67.11 -10.88
C GLN C 341 26.49 -66.31 -12.15
N MET C 342 27.53 -65.95 -12.86
CA MET C 342 27.38 -65.11 -14.04
C MET C 342 26.67 -65.94 -15.11
N PRO C 343 25.52 -65.51 -15.63
CA PRO C 343 24.94 -66.24 -16.76
C PRO C 343 25.82 -66.10 -18.00
N LEU C 344 25.77 -67.12 -18.85
CA LEU C 344 26.67 -67.18 -20.00
C LEU C 344 26.43 -66.03 -20.96
N TRP C 345 25.17 -65.64 -21.16
CA TRP C 345 24.88 -64.53 -22.05
C TRP C 345 25.47 -63.23 -21.52
N VAL C 346 25.48 -63.05 -20.19
CA VAL C 346 26.12 -61.88 -19.60
C VAL C 346 27.60 -61.87 -19.93
N ARG C 347 28.26 -63.03 -19.81
CA ARG C 347 29.68 -63.13 -20.18
C ARG C 347 29.88 -62.74 -21.64
N GLN C 348 29.12 -63.35 -22.55
CA GLN C 348 29.31 -63.12 -23.98
C GLN C 348 29.10 -61.65 -24.33
N ILE C 349 28.03 -61.05 -23.82
CA ILE C 349 27.72 -59.68 -24.19
C ILE C 349 28.71 -58.71 -23.55
N PHE C 350 28.86 -58.76 -22.23
CA PHE C 350 29.52 -57.69 -21.51
C PHE C 350 31.01 -57.91 -21.26
N ILE C 351 31.57 -59.06 -21.61
CA ILE C 351 33.00 -59.31 -21.46
C ILE C 351 33.71 -59.49 -22.80
N HIS C 352 33.01 -59.94 -23.84
CA HIS C 352 33.61 -60.26 -25.13
C HIS C 352 33.17 -59.31 -26.24
N LYS C 353 31.87 -59.08 -26.41
CA LYS C 353 31.38 -58.29 -27.52
C LYS C 353 31.47 -56.79 -27.22
N LEU C 354 30.79 -56.34 -26.17
CA LEU C 354 30.69 -54.90 -25.91
C LEU C 354 32.02 -54.20 -25.67
N PRO C 355 32.99 -54.75 -24.92
CA PRO C 355 34.23 -54.00 -24.67
C PRO C 355 34.98 -53.60 -25.94
N LEU C 356 34.86 -54.40 -27.01
CA LEU C 356 35.52 -54.04 -28.26
C LEU C 356 34.90 -52.78 -28.87
N TYR C 357 33.57 -52.67 -28.80
CA TYR C 357 32.90 -51.49 -29.36
C TYR C 357 33.11 -50.25 -28.50
N LEU C 358 33.24 -50.42 -27.19
CA LEU C 358 33.44 -49.31 -26.27
C LEU C 358 34.91 -48.95 -26.06
N ARG C 359 35.83 -49.59 -26.79
CA ARG C 359 37.27 -49.33 -26.66
C ARG C 359 37.74 -49.56 -25.23
N LEU C 360 37.23 -50.62 -24.60
CA LEU C 360 37.65 -51.05 -23.27
C LEU C 360 38.48 -52.32 -23.44
N LYS C 361 39.79 -52.21 -23.23
CA LYS C 361 40.71 -53.33 -23.36
C LYS C 361 40.98 -53.88 -21.96
N ARG C 362 40.51 -55.08 -21.70
CA ARG C 362 40.78 -55.74 -20.42
C ARG C 362 42.22 -56.23 -20.42
N PRO C 363 43.08 -55.81 -19.48
CA PRO C 363 44.45 -56.35 -19.46
C PRO C 363 44.44 -57.85 -19.17
N LYS C 364 45.32 -58.57 -19.85
CA LYS C 364 45.42 -60.03 -19.74
C LYS C 364 44.08 -60.68 -20.06
N LEU C 430 56.35 -90.38 11.41
CA LEU C 430 56.58 -88.95 11.37
C LEU C 430 55.26 -88.17 11.41
N PRO C 431 54.50 -88.32 12.49
CA PRO C 431 53.21 -87.62 12.57
C PRO C 431 53.32 -86.10 12.52
N GLU C 432 54.39 -85.54 13.06
CA GLU C 432 54.54 -84.08 13.07
C GLU C 432 54.71 -83.54 11.65
N LEU C 433 55.57 -84.18 10.86
CA LEU C 433 55.75 -83.74 9.48
C LEU C 433 54.48 -83.95 8.67
N ARG C 434 53.75 -85.03 8.94
CA ARG C 434 52.48 -85.26 8.24
C ARG C 434 51.48 -84.15 8.56
N GLU C 435 51.37 -83.77 9.83
CA GLU C 435 50.45 -82.71 10.20
C GLU C 435 50.89 -81.36 9.61
N VAL C 436 52.20 -81.13 9.53
CA VAL C 436 52.69 -79.91 8.92
C VAL C 436 52.35 -79.88 7.43
N VAL C 437 52.52 -81.02 6.76
CA VAL C 437 52.15 -81.12 5.35
C VAL C 437 50.67 -80.83 5.18
N SER C 438 49.85 -81.36 6.08
CA SER C 438 48.41 -81.10 6.04
C SER C 438 48.11 -79.62 6.22
N SER C 439 48.79 -78.96 7.17
CA SER C 439 48.54 -77.54 7.39
C SER C 439 48.94 -76.71 6.18
N ILE C 440 50.09 -77.01 5.58
CA ILE C 440 50.53 -76.25 4.41
C ILE C 440 49.58 -76.47 3.25
N SER C 441 49.13 -77.71 3.05
CA SER C 441 48.17 -78.00 1.99
C SER C 441 46.86 -77.26 2.22
N TYR C 442 46.40 -77.21 3.47
CA TYR C 442 45.18 -76.48 3.79
C TYR C 442 45.33 -74.99 3.49
N ILE C 443 46.47 -74.41 3.86
CA ILE C 443 46.69 -72.99 3.58
C ILE C 443 46.69 -72.73 2.09
N ALA C 444 47.38 -73.59 1.33
CA ALA C 444 47.42 -73.41 -0.13
C ALA C 444 46.03 -73.56 -0.74
N ARG C 445 45.24 -74.52 -0.24
CA ARG C 445 43.89 -74.71 -0.76
C ARG C 445 43.01 -73.49 -0.46
N GLN C 446 43.13 -72.93 0.74
CA GLN C 446 42.37 -71.74 1.08
C GLN C 446 42.76 -70.57 0.18
N LEU C 447 44.06 -70.41 -0.10
CA LEU C 447 44.49 -69.33 -0.96
C LEU C 447 44.01 -69.55 -2.40
N GLN C 448 43.99 -70.80 -2.86
CA GLN C 448 43.48 -71.07 -4.20
C GLN C 448 41.99 -70.77 -4.29
N GLU C 449 41.24 -71.11 -3.25
CA GLU C 449 39.82 -70.78 -3.23
C GLU C 449 39.61 -69.27 -3.22
N GLN C 450 40.44 -68.55 -2.46
CA GLN C 450 40.36 -67.09 -2.47
C GLN C 450 40.68 -66.54 -3.85
N GLU C 451 41.63 -67.17 -4.55
CA GLU C 451 41.96 -66.72 -5.91
C GLU C 451 40.78 -66.92 -6.86
N ASP C 452 40.10 -68.06 -6.76
CA ASP C 452 38.91 -68.29 -7.59
C ASP C 452 37.81 -67.28 -7.27
N HIS C 453 37.61 -67.01 -5.98
CA HIS C 453 36.64 -65.99 -5.57
C HIS C 453 37.01 -64.63 -6.14
N ASP C 454 38.29 -64.28 -6.10
CA ASP C 454 38.73 -63.01 -6.66
C ASP C 454 38.50 -62.96 -8.16
N ALA C 455 38.70 -64.08 -8.85
CA ALA C 455 38.46 -64.10 -10.30
C ALA C 455 36.99 -63.85 -10.61
N LEU C 456 36.08 -64.50 -9.88
CA LEU C 456 34.66 -64.25 -10.11
C LEU C 456 34.28 -62.81 -9.77
N LYS C 457 34.85 -62.30 -8.68
CA LYS C 457 34.56 -60.92 -8.24
C LYS C 457 35.09 -59.95 -9.29
N GLU C 458 36.24 -60.22 -9.93
CA GLU C 458 36.78 -59.35 -10.97
C GLU C 458 35.96 -59.43 -12.24
N ASP C 459 35.40 -60.60 -12.56
CA ASP C 459 34.50 -60.69 -13.69
C ASP C 459 33.27 -59.81 -13.48
N TRP C 460 32.67 -59.90 -12.29
CA TRP C 460 31.51 -59.05 -12.01
C TRP C 460 31.86 -57.57 -12.06
N GLN C 461 33.03 -57.20 -11.53
CA GLN C 461 33.45 -55.81 -11.52
C GLN C 461 33.72 -55.30 -12.93
N PHE C 462 34.31 -56.14 -13.79
CA PHE C 462 34.54 -55.74 -15.17
C PHE C 462 33.22 -55.55 -15.91
N VAL C 463 32.25 -56.43 -15.65
CA VAL C 463 30.93 -56.25 -16.26
C VAL C 463 30.31 -54.94 -15.78
N ALA C 464 30.47 -54.63 -14.49
CA ALA C 464 29.96 -53.37 -13.97
C ALA C 464 30.63 -52.17 -14.65
N MET C 465 31.94 -52.27 -14.88
CA MET C 465 32.68 -51.20 -15.57
C MET C 465 32.17 -51.01 -16.99
N VAL C 466 31.96 -52.11 -17.71
CA VAL C 466 31.49 -52.03 -19.10
C VAL C 466 30.11 -51.41 -19.14
N VAL C 467 29.24 -51.83 -18.21
CA VAL C 467 27.90 -51.26 -18.12
C VAL C 467 27.96 -49.77 -17.78
N ASP C 468 28.91 -49.38 -16.92
CA ASP C 468 29.05 -47.98 -16.56
C ASP C 468 29.49 -47.14 -17.75
N ARG C 469 30.43 -47.65 -18.55
CA ARG C 469 30.86 -46.90 -19.74
C ARG C 469 29.73 -46.81 -20.77
N LEU C 470 28.97 -47.89 -20.92
CA LEU C 470 27.82 -47.86 -21.83
C LEU C 470 26.82 -46.82 -21.38
N PHE C 471 26.54 -46.75 -20.07
CA PHE C 471 25.62 -45.74 -19.56
C PHE C 471 26.19 -44.34 -19.70
N LEU C 472 27.51 -44.19 -19.57
CA LEU C 472 28.13 -42.88 -19.76
C LEU C 472 27.90 -42.37 -21.18
N TRP C 473 28.15 -43.23 -22.17
CA TRP C 473 27.93 -42.81 -23.55
C TRP C 473 26.45 -42.59 -23.84
N THR C 474 25.58 -43.44 -23.29
CA THR C 474 24.15 -43.27 -23.49
C THR C 474 23.66 -41.95 -22.90
N PHE C 475 24.15 -41.61 -21.70
CA PHE C 475 23.76 -40.35 -21.08
C PHE C 475 24.30 -39.15 -21.85
N ILE C 476 25.52 -39.25 -22.37
CA ILE C 476 26.06 -38.17 -23.19
C ILE C 476 25.17 -37.94 -24.40
N ILE C 477 24.79 -39.02 -25.08
CA ILE C 477 23.99 -38.90 -26.30
C ILE C 477 22.61 -38.34 -25.97
N PHE C 478 21.94 -38.92 -24.97
CA PHE C 478 20.58 -38.49 -24.65
C PHE C 478 20.56 -37.05 -24.16
N THR C 479 21.50 -36.68 -23.29
CA THR C 479 21.60 -35.32 -22.81
C THR C 479 21.81 -34.34 -23.96
N SER C 480 22.78 -34.64 -24.83
CA SER C 480 23.08 -33.72 -25.92
C SER C 480 21.88 -33.56 -26.84
N VAL C 481 21.22 -34.67 -27.18
CA VAL C 481 20.09 -34.60 -28.10
C VAL C 481 18.94 -33.81 -27.48
N GLY C 482 18.56 -34.14 -26.24
CA GLY C 482 17.44 -33.45 -25.62
C GLY C 482 17.72 -31.98 -25.37
N THR C 483 18.92 -31.66 -24.86
CA THR C 483 19.28 -30.28 -24.62
C THR C 483 19.30 -29.48 -25.92
N LEU C 484 19.85 -30.08 -26.99
CA LEU C 484 19.88 -29.38 -28.27
C LEU C 484 18.47 -29.16 -28.81
N VAL C 485 17.60 -30.15 -28.66
CA VAL C 485 16.22 -30.01 -29.15
C VAL C 485 15.52 -28.87 -28.42
N ILE C 486 15.62 -28.85 -27.08
CA ILE C 486 14.94 -27.81 -26.31
C ILE C 486 15.56 -26.45 -26.59
N PHE C 487 16.89 -26.38 -26.70
CA PHE C 487 17.55 -25.10 -26.90
C PHE C 487 17.26 -24.53 -28.29
N LEU C 488 17.17 -25.39 -29.30
CA LEU C 488 16.82 -24.93 -30.65
C LEU C 488 15.35 -24.54 -30.72
N ASP C 489 14.49 -25.24 -29.98
CA ASP C 489 13.09 -24.83 -29.90
C ASP C 489 12.97 -23.44 -29.29
N ALA C 490 13.75 -23.17 -28.24
CA ALA C 490 13.72 -21.84 -27.62
C ALA C 490 14.31 -20.79 -28.54
N THR C 491 15.47 -21.08 -29.15
CA THR C 491 16.23 -20.06 -29.88
C THR C 491 15.48 -19.61 -31.13
N TYR C 492 14.84 -20.54 -31.83
CA TYR C 492 14.17 -20.23 -33.09
C TYR C 492 12.76 -19.67 -32.88
N HIS C 493 12.29 -19.55 -31.64
CA HIS C 493 11.03 -18.87 -31.36
C HIS C 493 11.28 -17.37 -31.42
N LEU C 494 11.05 -16.79 -32.59
CA LEU C 494 11.26 -15.38 -32.84
C LEU C 494 9.96 -14.61 -32.73
N PRO C 495 10.01 -13.30 -32.52
CA PRO C 495 8.77 -12.51 -32.51
C PRO C 495 8.20 -12.41 -33.92
N PRO C 496 6.92 -12.09 -34.06
CA PRO C 496 6.32 -12.06 -35.41
C PRO C 496 6.90 -10.92 -36.23
N PRO C 497 7.29 -11.16 -37.49
CA PRO C 497 7.78 -10.03 -38.29
C PRO C 497 6.74 -8.95 -38.55
N ASP C 498 5.46 -9.33 -38.58
CA ASP C 498 4.35 -8.44 -38.88
C ASP C 498 3.34 -8.51 -37.75
N PRO C 499 2.77 -7.38 -37.29
CA PRO C 499 1.83 -7.46 -36.15
C PRO C 499 0.59 -8.30 -36.41
N PHE C 500 0.14 -8.42 -37.66
CA PHE C 500 -1.12 -9.09 -38.00
C PHE C 500 -0.87 -10.14 -39.06
N PRO C 501 -0.24 -11.26 -38.70
CA PRO C 501 0.07 -12.29 -39.70
C PRO C 501 -1.18 -12.98 -40.22
N SER C 502 -1.06 -13.48 -41.45
CA SER C 502 -2.15 -14.26 -42.04
C SER C 502 -2.24 -15.63 -41.36
N ARG C 503 -3.45 -16.02 -41.00
CA ARG C 503 -3.71 -17.27 -40.29
C ARG C 503 -4.49 -18.26 -41.15
N LEU D 22 -10.86 38.99 15.24
CA LEU D 22 -10.30 38.93 13.88
C LEU D 22 -11.23 39.69 12.94
N ASN D 23 -11.66 40.88 13.39
CA ASN D 23 -12.39 41.75 12.49
C ASN D 23 -11.56 42.09 11.26
N GLU D 24 -10.29 42.47 11.49
CA GLU D 24 -9.51 43.13 10.43
C GLU D 24 -9.25 42.21 9.24
N GLU D 25 -8.86 40.95 9.47
CA GLU D 25 -8.67 40.11 8.28
C GLU D 25 -9.98 39.61 7.70
N GLU D 26 -11.08 39.63 8.47
CA GLU D 26 -12.38 39.44 7.83
C GLU D 26 -12.65 40.57 6.85
N ARG D 27 -12.34 41.81 7.25
CA ARG D 27 -12.45 42.93 6.32
C ARG D 27 -11.54 42.74 5.12
N LEU D 28 -10.31 42.28 5.35
CA LEU D 28 -9.38 42.13 4.25
C LEU D 28 -9.80 41.02 3.28
N ILE D 29 -10.26 39.89 3.81
CA ILE D 29 -10.70 38.78 2.97
C ILE D 29 -11.92 39.21 2.16
N ARG D 30 -12.86 39.91 2.80
CA ARG D 30 -14.02 40.40 2.07
C ARG D 30 -13.62 41.43 1.02
N HIS D 31 -12.64 42.27 1.34
CA HIS D 31 -12.16 43.25 0.37
C HIS D 31 -11.53 42.58 -0.84
N LEU D 32 -10.71 41.55 -0.61
CA LEU D 32 -9.99 40.92 -1.70
C LEU D 32 -10.90 40.08 -2.57
N PHE D 33 -11.77 39.27 -1.95
CA PHE D 33 -12.51 38.25 -2.66
C PHE D 33 -13.91 38.67 -3.07
N GLN D 34 -14.57 39.51 -2.28
CA GLN D 34 -15.92 39.97 -2.58
C GLN D 34 -15.95 41.34 -3.24
N GLU D 35 -15.14 42.29 -2.75
CA GLU D 35 -15.16 43.63 -3.31
C GLU D 35 -14.50 43.68 -4.68
N LYS D 36 -13.33 43.04 -4.83
CA LYS D 36 -12.62 43.00 -6.10
C LYS D 36 -12.99 41.79 -6.94
N GLY D 37 -13.89 40.93 -6.47
CA GLY D 37 -14.40 39.84 -7.29
C GLY D 37 -13.34 38.86 -7.74
N TYR D 38 -12.55 38.33 -6.80
CA TYR D 38 -11.47 37.42 -7.13
C TYR D 38 -12.01 36.17 -7.82
N ASN D 39 -11.35 35.79 -8.92
CA ASN D 39 -11.70 34.61 -9.70
C ASN D 39 -10.47 33.71 -9.76
N LYS D 40 -10.51 32.57 -9.08
CA LYS D 40 -9.36 31.69 -9.02
C LYS D 40 -9.18 30.85 -10.27
N GLU D 41 -10.18 30.79 -11.15
CA GLU D 41 -10.02 30.08 -12.42
C GLU D 41 -9.09 30.84 -13.37
N LEU D 42 -9.01 32.16 -13.23
CA LEU D 42 -8.17 32.99 -14.08
C LEU D 42 -6.78 33.15 -13.47
N ARG D 43 -5.77 33.15 -14.33
CA ARG D 43 -4.40 33.33 -13.88
C ARG D 43 -4.17 34.77 -13.43
N PRO D 44 -3.17 35.01 -12.56
CA PRO D 44 -2.83 36.40 -12.21
C PRO D 44 -1.97 37.09 -13.27
N VAL D 45 -2.63 37.57 -14.33
CA VAL D 45 -1.97 38.27 -15.42
C VAL D 45 -2.89 39.37 -15.93
N ALA D 46 -2.29 40.48 -16.38
CA ALA D 46 -3.09 41.56 -16.96
C ALA D 46 -3.60 41.18 -18.34
N HIS D 47 -2.79 40.46 -19.12
CA HIS D 47 -3.15 40.01 -20.45
C HIS D 47 -2.83 38.52 -20.58
N LYS D 48 -3.53 37.87 -21.52
CA LYS D 48 -3.38 36.43 -21.66
C LYS D 48 -1.98 36.05 -22.10
N GLU D 49 -1.35 36.87 -22.95
CA GLU D 49 -0.04 36.53 -23.48
C GLU D 49 1.05 36.50 -22.40
N GLU D 50 0.81 37.11 -21.24
CA GLU D 50 1.80 37.09 -20.18
C GLU D 50 1.86 35.73 -19.51
N SER D 51 3.00 35.45 -18.89
CA SER D 51 3.26 34.21 -18.16
C SER D 51 3.45 34.51 -16.69
N VAL D 52 3.06 33.55 -15.84
CA VAL D 52 3.17 33.66 -14.39
C VAL D 52 4.45 32.96 -13.98
N ASP D 53 5.33 33.69 -13.29
CA ASP D 53 6.58 33.11 -12.80
C ASP D 53 6.29 32.32 -11.52
N VAL D 54 6.64 31.04 -11.53
CA VAL D 54 6.47 30.16 -10.38
C VAL D 54 7.85 29.66 -9.98
N ALA D 55 8.29 30.04 -8.79
CA ALA D 55 9.57 29.59 -8.25
C ALA D 55 9.35 28.38 -7.37
N LEU D 56 10.13 27.32 -7.61
CA LEU D 56 9.99 26.05 -6.92
C LEU D 56 11.26 25.70 -6.18
N ALA D 57 11.08 25.21 -4.96
CA ALA D 57 12.15 24.57 -4.20
C ALA D 57 11.60 23.28 -3.60
N LEU D 58 12.51 22.36 -3.28
CA LEU D 58 12.14 21.07 -2.73
C LEU D 58 13.00 20.79 -1.50
N THR D 59 12.34 20.47 -0.39
CA THR D 59 12.99 20.03 0.82
C THR D 59 12.72 18.54 1.00
N LEU D 60 13.77 17.75 1.24
CA LEU D 60 13.64 16.32 1.44
C LEU D 60 13.50 16.05 2.93
N SER D 61 12.28 15.74 3.38
CA SER D 61 12.07 15.41 4.78
C SER D 61 12.74 14.08 5.12
N ASN D 62 12.53 13.06 4.29
CA ASN D 62 13.21 11.78 4.47
C ASN D 62 13.07 10.97 3.20
N LEU D 63 14.12 10.21 2.87
CA LEU D 63 14.10 9.25 1.79
C LEU D 63 13.54 7.94 2.34
N ILE D 64 12.29 7.63 1.99
CA ILE D 64 11.63 6.47 2.61
C ILE D 64 12.30 5.18 2.14
N SER D 65 12.38 4.97 0.83
CA SER D 65 12.96 3.71 0.36
C SER D 65 13.26 3.80 -1.13
N LEU D 66 14.05 2.82 -1.60
CA LEU D 66 14.23 2.55 -3.03
C LEU D 66 14.04 1.05 -3.20
N LYS D 67 12.89 0.66 -3.74
CA LYS D 67 12.60 -0.73 -4.04
C LYS D 67 13.21 -1.10 -5.38
N GLU D 68 14.15 -2.04 -5.36
CA GLU D 68 14.87 -2.42 -6.57
C GLU D 68 14.02 -3.28 -7.49
N VAL D 69 13.26 -4.22 -6.94
CA VAL D 69 12.45 -5.11 -7.76
C VAL D 69 11.37 -4.31 -8.49
N GLU D 70 10.69 -3.42 -7.77
CA GLU D 70 9.70 -2.54 -8.37
C GLU D 70 10.32 -1.29 -8.99
N GLU D 71 11.60 -1.02 -8.74
CA GLU D 71 12.30 0.13 -9.31
C GLU D 71 11.59 1.43 -8.96
N THR D 72 11.19 1.56 -7.70
CA THR D 72 10.39 2.70 -7.23
C THR D 72 11.11 3.40 -6.10
N LEU D 73 11.21 4.71 -6.20
CA LEU D 73 11.75 5.54 -5.12
C LEU D 73 10.58 6.18 -4.37
N THR D 74 10.51 5.93 -3.07
CA THR D 74 9.51 6.53 -2.20
C THR D 74 10.19 7.60 -1.35
N THR D 75 9.68 8.84 -1.45
CA THR D 75 10.25 9.99 -0.78
C THR D 75 9.15 10.83 -0.12
N ASN D 76 9.55 11.54 0.93
CA ASN D 76 8.73 12.55 1.60
C ASN D 76 9.36 13.90 1.31
N VAL D 77 8.63 14.77 0.62
CA VAL D 77 9.16 16.04 0.15
C VAL D 77 8.18 17.16 0.47
N TRP D 78 8.72 18.31 0.87
CA TRP D 78 7.96 19.53 1.04
C TRP D 78 8.28 20.45 -0.13
N ILE D 79 7.26 20.82 -0.89
CA ILE D 79 7.44 21.58 -2.13
C ILE D 79 7.11 23.04 -1.84
N GLU D 80 8.10 23.91 -1.91
CA GLU D 80 7.88 25.34 -1.73
C GLU D 80 7.57 25.96 -3.09
N HIS D 81 6.34 26.44 -3.23
CA HIS D 81 5.88 27.21 -4.37
C HIS D 81 5.85 28.67 -3.98
N GLY D 82 6.35 29.52 -4.87
CA GLY D 82 6.26 30.96 -4.68
C GLY D 82 5.86 31.65 -5.97
N TRP D 83 4.81 32.46 -5.93
CA TRP D 83 4.45 33.23 -7.11
C TRP D 83 3.84 34.55 -6.66
N THR D 84 3.41 35.37 -7.62
CA THR D 84 2.85 36.68 -7.36
C THR D 84 1.43 36.73 -7.90
N ASP D 85 0.51 37.21 -7.08
CA ASP D 85 -0.88 37.43 -7.47
C ASP D 85 -1.20 38.88 -7.12
N ASN D 86 -1.15 39.76 -8.12
CA ASN D 86 -1.36 41.19 -7.87
C ASN D 86 -2.78 41.50 -7.41
N ARG D 87 -3.74 40.62 -7.69
CA ARG D 87 -5.09 40.82 -7.18
C ARG D 87 -5.17 40.65 -5.67
N LEU D 88 -4.19 39.99 -5.05
CA LEU D 88 -4.16 39.75 -3.62
C LEU D 88 -3.21 40.68 -2.89
N LYS D 89 -3.11 41.92 -3.34
CA LYS D 89 -2.33 42.96 -2.69
C LYS D 89 -3.24 43.82 -1.82
N TRP D 90 -2.68 44.34 -0.72
CA TRP D 90 -3.39 45.28 0.12
C TRP D 90 -2.37 46.18 0.82
N ASN D 91 -2.84 47.34 1.25
CA ASN D 91 -2.06 48.24 2.07
C ASN D 91 -2.25 47.85 3.53
N ALA D 92 -1.14 47.55 4.22
CA ALA D 92 -1.24 46.96 5.56
C ALA D 92 -1.88 47.91 6.56
N GLU D 93 -1.54 49.20 6.50
CA GLU D 93 -2.06 50.14 7.49
C GLU D 93 -3.50 50.55 7.24
N GLU D 94 -4.11 50.13 6.12
CA GLU D 94 -5.54 50.22 5.95
C GLU D 94 -6.29 49.04 6.58
N PHE D 95 -5.58 48.01 7.03
CA PHE D 95 -6.21 46.78 7.53
C PHE D 95 -5.52 46.33 8.81
N GLY D 96 -5.33 47.25 9.75
CA GLY D 96 -4.82 46.90 11.05
C GLY D 96 -3.41 46.36 11.05
N ASN D 97 -2.58 46.80 10.09
CA ASN D 97 -1.19 46.37 9.98
C ASN D 97 -1.06 44.87 9.80
N ILE D 98 -2.06 44.25 9.18
CA ILE D 98 -1.96 42.86 8.79
C ILE D 98 -0.95 42.76 7.66
N SER D 99 0.04 41.89 7.82
CA SER D 99 1.10 41.70 6.84
C SER D 99 1.02 40.37 6.11
N VAL D 100 0.22 39.43 6.60
CA VAL D 100 0.15 38.10 5.99
C VAL D 100 -1.22 37.49 6.31
N LEU D 101 -1.69 36.65 5.39
CA LEU D 101 -2.94 35.93 5.51
C LEU D 101 -2.69 34.45 5.30
N ARG D 102 -3.41 33.61 6.03
CA ARG D 102 -3.49 32.17 5.75
C ARG D 102 -4.85 31.90 5.13
N LEU D 103 -4.85 31.33 3.93
CA LEU D 103 -6.08 31.04 3.20
C LEU D 103 -6.10 29.58 2.78
N PRO D 104 -7.28 28.94 2.73
CA PRO D 104 -7.36 27.62 2.10
C PRO D 104 -6.88 27.67 0.65
N PRO D 105 -6.18 26.64 0.17
CA PRO D 105 -5.63 26.71 -1.19
C PRO D 105 -6.70 26.68 -2.28
N ASP D 106 -7.94 26.31 -1.96
CA ASP D 106 -9.00 26.22 -2.95
C ASP D 106 -9.76 27.54 -3.14
N MET D 107 -9.43 28.60 -2.40
CA MET D 107 -9.95 29.92 -2.72
C MET D 107 -9.13 30.65 -3.77
N VAL D 108 -7.84 30.37 -3.86
CA VAL D 108 -6.93 31.13 -4.71
C VAL D 108 -6.54 30.31 -5.92
N TRP D 109 -6.12 31.02 -6.97
CA TRP D 109 -5.52 30.36 -8.12
C TRP D 109 -4.22 29.67 -7.70
N LEU D 110 -4.03 28.44 -8.17
CA LEU D 110 -2.84 27.65 -7.88
C LEU D 110 -2.09 27.30 -9.17
N PRO D 111 -0.75 27.33 -9.17
CA PRO D 111 -0.01 26.78 -10.31
C PRO D 111 0.12 25.28 -10.19
N GLU D 112 -0.82 24.51 -10.72
CA GLU D 112 -0.90 23.09 -10.38
C GLU D 112 0.33 22.37 -10.93
N ILE D 113 1.33 22.19 -10.05
CA ILE D 113 2.52 21.41 -10.36
C ILE D 113 2.25 19.97 -9.93
N VAL D 114 2.71 19.03 -10.76
CA VAL D 114 2.54 17.61 -10.50
C VAL D 114 3.88 16.92 -10.70
N LEU D 115 4.04 15.76 -10.09
CA LEU D 115 5.18 14.90 -10.34
C LEU D 115 4.91 14.13 -11.63
N GLU D 116 5.59 14.50 -12.71
CA GLU D 116 5.34 13.88 -14.00
C GLU D 116 5.74 12.42 -14.00
N ASN D 117 6.88 12.09 -13.38
CA ASN D 117 7.46 10.75 -13.48
C ASN D 117 7.05 9.84 -12.33
N ASN D 118 5.86 10.03 -11.78
CA ASN D 118 5.31 9.04 -10.85
C ASN D 118 5.01 7.74 -11.58
N ASN D 119 4.96 6.65 -10.83
CA ASN D 119 4.64 5.33 -11.37
C ASN D 119 3.50 4.65 -10.61
N ASP D 120 2.65 5.42 -9.93
CA ASP D 120 1.49 4.88 -9.22
C ASP D 120 0.21 5.66 -9.46
N GLY D 121 0.25 6.75 -10.22
CA GLY D 121 -0.92 7.56 -10.48
C GLY D 121 -1.14 8.71 -9.52
N SER D 122 -0.32 8.82 -8.47
CA SER D 122 -0.42 9.93 -7.52
C SER D 122 0.41 11.09 -8.07
N PHE D 123 -0.22 11.89 -8.92
CA PHE D 123 0.44 13.03 -9.54
C PHE D 123 0.60 14.22 -8.59
N GLN D 124 -0.29 14.34 -7.61
CA GLN D 124 -0.47 15.57 -6.85
C GLN D 124 0.13 15.47 -5.45
N ILE D 125 0.25 16.64 -4.81
CA ILE D 125 0.70 16.71 -3.43
C ILE D 125 -0.31 16.01 -2.51
N SER D 126 0.17 15.61 -1.33
CA SER D 126 -0.65 14.82 -0.41
C SER D 126 -1.59 15.72 0.39
N TYR D 127 -1.05 16.68 1.13
CA TYR D 127 -1.82 17.54 2.01
C TYR D 127 -1.87 18.94 1.42
N SER D 128 -3.07 19.42 1.11
CA SER D 128 -3.26 20.76 0.56
C SER D 128 -3.40 21.73 1.73
N CYS D 129 -2.26 22.22 2.20
CA CYS D 129 -2.21 23.14 3.32
C CYS D 129 -2.65 24.54 2.89
N ASN D 130 -2.73 25.45 3.85
CA ASN D 130 -3.08 26.83 3.54
C ASN D 130 -1.95 27.50 2.77
N VAL D 131 -2.32 28.41 1.87
CA VAL D 131 -1.39 29.35 1.27
C VAL D 131 -1.15 30.51 2.23
N LEU D 132 0.06 31.03 2.21
CA LEU D 132 0.41 32.27 2.90
C LEU D 132 0.50 33.39 1.86
N VAL D 133 -0.30 34.43 2.05
CA VAL D 133 -0.40 35.56 1.11
C VAL D 133 0.09 36.80 1.84
N TYR D 134 1.11 37.44 1.30
CA TYR D 134 1.69 38.64 1.90
C TYR D 134 1.13 39.89 1.21
N HIS D 135 1.18 41.01 1.93
CA HIS D 135 0.49 42.22 1.50
C HIS D 135 1.04 42.76 0.18
N TYR D 136 2.28 42.45 -0.16
CA TYR D 136 2.88 42.91 -1.41
C TYR D 136 2.61 41.94 -2.57
N GLY D 137 1.66 41.03 -2.42
CA GLY D 137 1.19 40.20 -3.52
C GLY D 137 1.85 38.85 -3.66
N PHE D 138 2.78 38.50 -2.78
CA PHE D 138 3.50 37.24 -2.88
C PHE D 138 2.69 36.12 -2.21
N VAL D 139 2.49 35.03 -2.95
CA VAL D 139 1.81 33.84 -2.46
C VAL D 139 2.88 32.77 -2.25
N TYR D 140 2.96 32.30 -1.00
CA TYR D 140 3.85 31.23 -0.57
C TYR D 140 3.00 30.01 -0.25
N TRP D 141 3.49 28.83 -0.62
CA TRP D 141 2.71 27.61 -0.41
C TRP D 141 3.69 26.46 -0.23
N LEU D 142 3.57 25.71 0.87
CA LEU D 142 4.51 24.63 1.20
C LEU D 142 3.74 23.34 1.46
N PRO D 143 3.13 22.75 0.43
CA PRO D 143 2.48 21.47 0.61
C PRO D 143 3.50 20.35 0.81
N PRO D 144 3.26 19.43 1.74
CA PRO D 144 4.07 18.22 1.79
C PRO D 144 3.44 17.08 0.98
N ALA D 145 4.27 16.11 0.64
CA ALA D 145 3.83 15.04 -0.24
C ALA D 145 4.66 13.79 0.00
N ILE D 146 3.99 12.65 -0.14
CA ILE D 146 4.65 11.35 -0.26
C ILE D 146 4.57 10.96 -1.72
N PHE D 147 5.72 10.79 -2.37
CA PHE D 147 5.78 10.49 -3.79
C PHE D 147 6.46 9.15 -4.02
N ARG D 148 5.90 8.40 -4.97
CA ARG D 148 6.48 7.15 -5.45
C ARG D 148 6.79 7.33 -6.93
N SER D 149 8.07 7.43 -7.25
CA SER D 149 8.54 7.80 -8.58
C SER D 149 9.31 6.65 -9.21
N SER D 150 9.35 6.65 -10.54
CA SER D 150 10.11 5.67 -11.29
C SER D 150 11.59 5.96 -11.19
N CYS D 151 12.37 4.96 -10.82
CA CYS D 151 13.83 5.06 -10.78
C CYS D 151 14.41 3.78 -11.38
N PRO D 152 14.73 3.77 -12.67
CA PRO D 152 15.37 2.59 -13.25
C PRO D 152 16.69 2.27 -12.55
N ILE D 153 16.91 0.99 -12.32
CA ILE D 153 17.97 0.51 -11.43
C ILE D 153 19.10 -0.05 -12.28
N SER D 154 20.32 0.40 -12.00
CA SER D 154 21.52 -0.16 -12.59
C SER D 154 22.09 -1.19 -11.61
N VAL D 155 22.02 -2.46 -11.98
CA VAL D 155 22.37 -3.55 -11.08
C VAL D 155 23.82 -3.99 -11.26
N THR D 156 24.58 -3.28 -12.10
CA THR D 156 25.87 -3.79 -12.56
C THR D 156 26.84 -4.03 -11.42
N TYR D 157 26.88 -3.12 -10.45
CA TYR D 157 27.82 -3.18 -9.33
C TYR D 157 27.15 -3.51 -8.00
N PHE D 158 25.93 -4.04 -8.03
CA PHE D 158 25.23 -4.39 -6.81
C PHE D 158 26.03 -5.46 -6.05
N PRO D 159 26.23 -5.33 -4.72
CA PRO D 159 25.70 -4.34 -3.77
C PRO D 159 26.58 -3.09 -3.61
N PHE D 160 27.60 -2.89 -4.44
CA PHE D 160 28.44 -1.70 -4.39
C PHE D 160 27.99 -0.64 -5.38
N ASP D 161 26.68 -0.56 -5.63
CA ASP D 161 26.13 0.27 -6.69
C ASP D 161 25.69 1.63 -6.16
N TRP D 162 25.57 2.57 -7.09
CA TRP D 162 24.97 3.87 -6.84
C TRP D 162 23.90 4.11 -7.89
N GLN D 163 22.83 4.76 -7.47
CA GLN D 163 21.64 4.97 -8.30
C GLN D 163 21.45 6.46 -8.50
N ASN D 164 20.75 6.78 -9.59
CA ASN D 164 20.53 8.16 -10.05
C ASN D 164 19.04 8.30 -10.28
N CYS D 165 18.31 8.66 -9.23
CA CYS D 165 16.87 8.85 -9.30
C CYS D 165 16.55 10.32 -9.58
N SER D 166 15.35 10.56 -10.09
CA SER D 166 14.92 11.92 -10.43
C SER D 166 13.46 12.11 -10.06
N LEU D 167 13.14 13.33 -9.63
CA LEU D 167 11.78 13.78 -9.40
C LEU D 167 11.53 14.92 -10.36
N LYS D 168 10.71 14.67 -11.38
CA LYS D 168 10.43 15.62 -12.44
C LYS D 168 9.10 16.30 -12.17
N PHE D 169 9.12 17.63 -12.06
CA PHE D 169 7.95 18.43 -11.73
C PHE D 169 7.61 19.33 -12.90
N SER D 170 6.35 19.28 -13.34
CA SER D 170 5.85 20.13 -14.39
C SER D 170 4.37 20.37 -14.13
N SER D 171 3.73 21.10 -15.04
CA SER D 171 2.30 21.36 -14.98
C SER D 171 1.64 20.79 -16.22
N LEU D 172 0.61 19.97 -16.02
CA LEU D 172 -0.20 19.46 -17.12
C LEU D 172 -1.36 20.39 -17.45
N LYS D 173 -1.85 21.15 -16.47
CA LYS D 173 -2.92 22.12 -16.73
C LYS D 173 -2.42 23.39 -17.40
N TYR D 174 -1.12 23.70 -17.27
CA TYR D 174 -0.54 24.90 -17.84
C TYR D 174 0.75 24.54 -18.56
N THR D 175 1.07 25.32 -19.58
CA THR D 175 2.26 25.15 -20.41
C THR D 175 3.20 26.33 -20.20
N ALA D 176 4.29 26.34 -20.97
CA ALA D 176 5.23 27.46 -20.91
C ALA D 176 4.59 28.76 -21.37
N LYS D 177 3.49 28.70 -22.12
CA LYS D 177 2.80 29.93 -22.58
C LYS D 177 2.03 30.55 -21.40
N GLU D 178 1.74 29.79 -20.34
CA GLU D 178 0.94 30.28 -19.24
C GLU D 178 1.70 30.45 -17.94
N ILE D 179 2.64 29.56 -17.62
CA ILE D 179 3.47 29.69 -16.43
C ILE D 179 4.92 29.46 -16.82
N THR D 180 5.83 30.20 -16.19
CA THR D 180 7.27 30.03 -16.36
C THR D 180 7.82 29.45 -15.07
N LEU D 181 8.38 28.25 -15.15
CA LEU D 181 8.96 27.58 -13.99
C LEU D 181 10.40 28.02 -13.80
N SER D 182 10.76 28.29 -12.54
CA SER D 182 12.10 28.72 -12.18
C SER D 182 12.44 28.17 -10.81
N LEU D 183 13.72 28.27 -10.45
CA LEU D 183 14.19 27.82 -9.16
C LEU D 183 14.07 28.95 -8.13
N LYS D 184 13.95 28.57 -6.87
CA LYS D 184 13.88 29.54 -5.79
C LYS D 184 15.19 30.30 -5.69
N GLN D 185 15.08 31.57 -5.27
CA GLN D 185 16.22 32.47 -5.14
C GLN D 185 16.43 32.80 -3.67
N ASP D 186 17.66 32.62 -3.20
CA ASP D 186 18.06 32.97 -1.84
C ASP D 186 19.04 34.13 -1.88
N ALA D 187 19.29 34.71 -0.70
CA ALA D 187 20.11 35.91 -0.57
C ALA D 187 21.19 35.71 0.48
N LYS D 188 22.34 36.33 0.24
CA LYS D 188 23.45 36.31 1.19
C LYS D 188 24.35 37.50 0.89
N GLU D 189 24.62 38.30 1.93
CA GLU D 189 25.41 39.53 1.79
C GLU D 189 24.79 40.47 0.75
N ASN D 190 23.47 40.50 0.71
CA ASN D 190 22.72 41.29 -0.27
C ASN D 190 23.09 40.87 -1.69
N ARG D 191 23.34 39.58 -1.90
CA ARG D 191 23.59 39.00 -3.21
C ARG D 191 22.62 37.86 -3.42
N THR D 192 21.90 37.90 -4.54
CA THR D 192 20.91 36.88 -4.86
C THR D 192 21.56 35.76 -5.66
N TYR D 193 21.19 34.52 -5.34
CA TYR D 193 21.65 33.34 -6.04
C TYR D 193 20.51 32.35 -6.18
N PRO D 194 20.57 31.44 -7.15
CA PRO D 194 19.54 30.41 -7.24
C PRO D 194 19.82 29.24 -6.30
N VAL D 195 18.74 28.59 -5.87
CA VAL D 195 18.82 27.38 -5.07
C VAL D 195 18.78 26.21 -6.06
N GLU D 196 19.95 25.66 -6.37
CA GLU D 196 20.12 24.62 -7.38
C GLU D 196 20.39 23.26 -6.74
N TRP D 197 19.71 22.98 -5.63
CA TRP D 197 19.91 21.73 -4.90
C TRP D 197 18.65 21.43 -4.12
N ILE D 198 18.51 20.17 -3.72
CA ILE D 198 17.46 19.78 -2.78
C ILE D 198 17.84 20.28 -1.40
N ILE D 199 16.91 20.95 -0.73
CA ILE D 199 17.15 21.48 0.61
C ILE D 199 17.05 20.34 1.62
N ILE D 200 18.05 20.24 2.50
CA ILE D 200 18.06 19.25 3.57
C ILE D 200 18.43 19.96 4.87
N ASP D 201 17.61 19.77 5.89
CA ASP D 201 17.92 20.31 7.21
C ASP D 201 19.08 19.52 7.80
N PRO D 202 20.23 20.14 8.14
CA PRO D 202 21.33 19.33 8.69
C PRO D 202 20.99 18.63 9.99
N GLU D 203 20.15 19.24 10.84
CA GLU D 203 19.84 18.67 12.14
C GLU D 203 18.62 17.77 12.10
N GLY D 204 17.55 18.20 11.43
CA GLY D 204 16.31 17.45 11.42
C GLY D 204 16.26 16.28 10.48
N PHE D 205 17.24 16.15 9.57
CA PHE D 205 17.21 15.08 8.58
C PHE D 205 17.84 13.81 9.15
N THR D 206 17.09 12.71 9.05
CA THR D 206 17.58 11.38 9.43
C THR D 206 17.93 10.64 8.15
N GLU D 207 19.17 10.19 8.04
CA GLU D 207 19.63 9.52 6.83
C GLU D 207 18.94 8.17 6.67
N ASN D 208 18.69 7.80 5.42
CA ASN D 208 18.12 6.48 5.14
C ASN D 208 19.09 5.39 5.58
N GLY D 209 18.54 4.29 6.07
CA GLY D 209 19.35 3.23 6.64
C GLY D 209 20.18 2.46 5.64
N GLU D 210 19.90 2.58 4.33
CA GLU D 210 20.63 1.87 3.30
C GLU D 210 21.21 2.76 2.21
N TRP D 211 20.82 4.03 2.13
CA TRP D 211 21.20 4.91 1.03
C TRP D 211 21.75 6.22 1.57
N GLU D 212 22.89 6.64 1.02
CA GLU D 212 23.55 7.89 1.39
C GLU D 212 23.53 8.82 0.20
N ILE D 213 23.08 10.06 0.41
CA ILE D 213 22.95 11.02 -0.67
C ILE D 213 24.31 11.63 -0.95
N VAL D 214 24.81 11.45 -2.18
CA VAL D 214 26.10 11.98 -2.59
C VAL D 214 25.88 13.35 -3.21
N HIS D 215 25.07 13.41 -4.27
CA HIS D 215 24.70 14.66 -4.93
C HIS D 215 23.19 14.81 -4.87
N ARG D 216 22.74 16.06 -4.96
CA ARG D 216 21.31 16.35 -4.94
C ARG D 216 21.03 17.64 -5.71
N PRO D 217 21.30 17.68 -7.01
CA PRO D 217 21.13 18.92 -7.77
C PRO D 217 19.68 19.19 -8.14
N ALA D 218 19.44 20.42 -8.59
CA ALA D 218 18.15 20.85 -9.11
C ALA D 218 18.38 21.63 -10.39
N ARG D 219 17.56 21.36 -11.40
CA ARG D 219 17.76 21.94 -12.73
C ARG D 219 16.42 22.33 -13.35
N VAL D 220 16.44 23.42 -14.11
CA VAL D 220 15.33 23.80 -14.99
C VAL D 220 15.66 23.28 -16.38
N ASN D 221 14.87 22.35 -16.88
CA ASN D 221 15.05 21.75 -18.20
C ASN D 221 13.98 22.29 -19.14
N VAL D 222 14.42 22.89 -20.24
CA VAL D 222 13.55 23.40 -21.29
C VAL D 222 13.92 22.67 -22.57
N ASP D 223 12.93 22.07 -23.23
CA ASP D 223 13.15 21.36 -24.47
C ASP D 223 12.96 22.34 -25.63
N PRO D 224 14.02 22.73 -26.37
CA PRO D 224 13.81 23.68 -27.47
C PRO D 224 12.98 23.14 -28.61
N ARG D 225 12.90 21.82 -28.76
CA ARG D 225 12.20 21.22 -29.89
C ARG D 225 10.70 21.26 -29.72
N ALA D 226 10.22 21.11 -28.48
CA ALA D 226 8.80 21.09 -28.25
C ALA D 226 8.19 22.47 -28.48
N PRO D 227 6.93 22.54 -28.90
CA PRO D 227 6.30 23.86 -29.05
C PRO D 227 6.04 24.48 -27.69
N LEU D 228 5.89 25.81 -27.70
CA LEU D 228 5.73 26.54 -26.44
C LEU D 228 4.38 26.26 -25.78
N ASP D 229 3.43 25.69 -26.51
CA ASP D 229 2.12 25.32 -25.97
C ASP D 229 2.02 23.85 -25.59
N SER D 230 3.16 23.18 -25.36
CA SER D 230 3.19 21.78 -24.96
C SER D 230 3.49 21.65 -23.47
N PRO D 231 2.85 20.75 -22.72
CA PRO D 231 3.28 20.53 -21.32
C PRO D 231 4.69 20.01 -21.19
N SER D 232 5.24 19.39 -22.23
CA SER D 232 6.58 18.80 -22.18
C SER D 232 7.69 19.79 -22.44
N ARG D 233 7.38 21.07 -22.68
CA ARG D 233 8.42 22.05 -22.94
C ARG D 233 9.32 22.23 -21.72
N GLN D 234 8.74 22.60 -20.59
CA GLN D 234 9.48 22.99 -19.40
C GLN D 234 9.23 22.02 -18.26
N ASP D 235 10.24 21.84 -17.43
CA ASP D 235 10.10 21.15 -16.15
C ASP D 235 11.25 21.53 -15.24
N ILE D 236 11.08 21.24 -13.96
CA ILE D 236 12.16 21.35 -12.98
C ILE D 236 12.38 19.95 -12.42
N THR D 237 13.60 19.48 -12.51
CA THR D 237 13.98 18.14 -12.07
C THR D 237 14.91 18.24 -10.87
N PHE D 238 14.58 17.49 -9.81
CA PHE D 238 15.43 17.35 -8.64
C PHE D 238 15.99 15.94 -8.64
N TYR D 239 17.31 15.83 -8.74
CA TYR D 239 17.97 14.54 -8.86
C TYR D 239 18.54 14.12 -7.52
N LEU D 240 18.56 12.81 -7.29
CA LEU D 240 19.18 12.22 -6.11
C LEU D 240 20.15 11.16 -6.59
N ILE D 241 21.45 11.44 -6.43
CA ILE D 241 22.49 10.45 -6.62
C ILE D 241 22.72 9.82 -5.25
N ILE D 242 22.45 8.53 -5.14
CA ILE D 242 22.45 7.84 -3.84
C ILE D 242 23.33 6.61 -3.93
N ARG D 243 24.25 6.48 -2.98
CA ARG D 243 25.16 5.36 -2.88
C ARG D 243 24.64 4.38 -1.85
N ARG D 244 24.60 3.10 -2.21
CA ARG D 244 24.18 2.08 -1.25
C ARG D 244 25.24 1.89 -0.19
N LYS D 245 24.79 1.69 1.05
CA LYS D 245 25.68 1.33 2.14
C LYS D 245 25.71 -0.20 2.23
N PRO D 246 26.79 -0.88 1.78
CA PRO D 246 26.70 -2.32 1.54
C PRO D 246 27.01 -3.20 2.74
N LEU D 247 27.01 -2.63 3.96
CA LEU D 247 27.43 -3.40 5.13
C LEU D 247 26.51 -4.60 5.37
N PHE D 248 25.19 -4.39 5.24
CA PHE D 248 24.26 -5.49 5.44
C PHE D 248 24.51 -6.61 4.44
N TYR D 249 24.57 -6.28 3.15
CA TYR D 249 24.79 -7.29 2.14
C TYR D 249 26.16 -7.93 2.28
N ILE D 250 27.18 -7.13 2.61
CA ILE D 250 28.52 -7.67 2.85
C ILE D 250 28.44 -8.76 3.91
N ILE D 251 28.03 -8.39 5.12
CA ILE D 251 28.06 -9.29 6.27
C ILE D 251 27.20 -10.52 6.03
N ASN D 252 25.99 -10.33 5.49
CA ASN D 252 25.02 -11.42 5.47
C ASN D 252 25.07 -12.28 4.21
N ILE D 253 25.77 -11.84 3.15
CA ILE D 253 25.75 -12.56 1.88
C ILE D 253 27.18 -12.81 1.41
N LEU D 254 27.98 -11.75 1.32
CA LEU D 254 29.20 -11.84 0.52
C LEU D 254 30.27 -12.64 1.24
N VAL D 255 30.52 -12.31 2.52
CA VAL D 255 31.53 -13.05 3.27
C VAL D 255 31.14 -14.52 3.42
N PRO D 256 29.92 -14.87 3.82
CA PRO D 256 29.54 -16.31 3.78
C PRO D 256 29.66 -16.93 2.40
N CYS D 257 29.12 -16.28 1.37
CA CYS D 257 29.15 -16.87 0.03
C CYS D 257 30.57 -17.02 -0.49
N VAL D 258 31.40 -15.99 -0.30
CA VAL D 258 32.77 -16.04 -0.79
C VAL D 258 33.56 -17.10 -0.04
N LEU D 259 33.40 -17.19 1.28
CA LEU D 259 34.14 -18.19 2.04
C LEU D 259 33.69 -19.60 1.70
N ILE D 260 32.38 -19.80 1.52
CA ILE D 260 31.87 -21.11 1.15
C ILE D 260 32.38 -21.51 -0.23
N SER D 261 32.48 -20.54 -1.15
CA SER D 261 33.04 -20.84 -2.46
C SER D 261 34.52 -21.19 -2.35
N PHE D 262 35.27 -20.47 -1.51
CA PHE D 262 36.71 -20.72 -1.39
C PHE D 262 36.99 -22.05 -0.70
N MET D 263 36.09 -22.55 0.15
CA MET D 263 36.40 -23.80 0.83
C MET D 263 36.45 -24.99 -0.14
N VAL D 264 35.91 -24.85 -1.35
CA VAL D 264 35.91 -25.96 -2.31
C VAL D 264 37.33 -26.35 -2.69
N ASN D 265 38.27 -25.40 -2.64
CA ASN D 265 39.66 -25.71 -2.94
C ASN D 265 40.28 -26.65 -1.93
N LEU D 266 39.67 -26.83 -0.75
CA LEU D 266 40.18 -27.77 0.24
C LEU D 266 40.10 -29.22 -0.23
N VAL D 267 39.26 -29.53 -1.22
CA VAL D 267 39.13 -30.92 -1.66
C VAL D 267 40.43 -31.41 -2.25
N PHE D 268 41.21 -30.52 -2.87
CA PHE D 268 42.50 -30.93 -3.43
C PHE D 268 43.49 -31.34 -2.36
N TYR D 269 43.34 -30.83 -1.14
CA TYR D 269 44.16 -31.28 -0.01
C TYR D 269 43.54 -32.45 0.74
N LEU D 270 42.29 -32.81 0.44
CA LEU D 270 41.71 -34.01 1.05
C LEU D 270 42.28 -35.26 0.39
N PRO D 271 42.63 -36.31 1.14
CA PRO D 271 43.05 -37.55 0.48
C PRO D 271 41.89 -38.25 -0.18
N ALA D 272 42.20 -39.05 -1.20
CA ALA D 272 41.17 -39.81 -1.88
C ALA D 272 40.61 -40.93 -1.01
N ASP D 273 41.34 -41.36 0.03
CA ASP D 273 40.87 -42.42 0.91
C ASP D 273 39.85 -41.95 1.93
N SER D 274 39.71 -40.63 2.11
CA SER D 274 38.68 -40.13 3.02
C SER D 274 37.29 -40.49 2.53
N GLY D 275 37.10 -40.56 1.21
CA GLY D 275 35.79 -40.91 0.67
C GLY D 275 34.75 -39.82 0.79
N GLU D 276 35.17 -38.56 0.90
CA GLU D 276 34.26 -37.44 1.14
C GLU D 276 34.63 -36.22 0.33
N LYS D 277 35.17 -36.42 -0.87
CA LYS D 277 35.64 -35.32 -1.71
C LYS D 277 34.52 -34.72 -2.56
N THR D 278 33.89 -35.55 -3.40
CA THR D 278 32.81 -35.07 -4.25
C THR D 278 31.63 -34.61 -3.40
N SER D 279 31.44 -35.19 -2.21
CA SER D 279 30.40 -34.72 -1.31
C SER D 279 30.66 -33.28 -0.89
N VAL D 280 31.90 -32.96 -0.53
CA VAL D 280 32.24 -31.60 -0.16
C VAL D 280 32.00 -30.65 -1.32
N ALA D 281 32.45 -31.04 -2.52
CA ALA D 281 32.33 -30.13 -3.66
C ALA D 281 30.86 -29.91 -4.05
N ILE D 282 30.07 -30.99 -4.11
CA ILE D 282 28.68 -30.83 -4.50
C ILE D 282 27.90 -30.11 -3.41
N SER D 283 28.29 -30.25 -2.15
CA SER D 283 27.63 -29.48 -1.09
C SER D 283 27.93 -28.00 -1.22
N VAL D 284 29.16 -27.65 -1.61
CA VAL D 284 29.46 -26.24 -1.88
C VAL D 284 28.58 -25.74 -3.02
N LEU D 285 28.38 -26.57 -4.06
CA LEU D 285 27.51 -26.17 -5.15
C LEU D 285 26.07 -25.97 -4.67
N LEU D 286 25.59 -26.84 -3.77
CA LEU D 286 24.26 -26.69 -3.22
C LEU D 286 24.13 -25.40 -2.41
N ALA D 287 25.13 -25.08 -1.60
CA ALA D 287 25.10 -23.84 -0.84
C ALA D 287 25.09 -22.63 -1.77
N GLN D 288 25.86 -22.68 -2.85
CA GLN D 288 25.83 -21.61 -3.84
C GLN D 288 24.45 -21.48 -4.46
N SER D 289 23.78 -22.60 -4.70
CA SER D 289 22.42 -22.56 -5.23
C SER D 289 21.47 -21.91 -4.24
N VAL D 290 21.63 -22.21 -2.94
CA VAL D 290 20.82 -21.55 -1.92
C VAL D 290 21.06 -20.05 -1.93
N PHE D 291 22.32 -19.63 -2.07
CA PHE D 291 22.61 -18.20 -2.14
C PHE D 291 21.99 -17.56 -3.37
N LEU D 292 21.99 -18.28 -4.50
CA LEU D 292 21.36 -17.77 -5.70
C LEU D 292 19.85 -17.60 -5.50
N LEU D 293 19.23 -18.58 -4.84
CA LEU D 293 17.82 -18.44 -4.45
C LEU D 293 17.63 -17.21 -3.58
N LEU D 294 18.59 -16.91 -2.72
CA LEU D 294 18.49 -15.73 -1.87
C LEU D 294 18.53 -14.45 -2.71
N ILE D 295 19.46 -14.39 -3.66
CA ILE D 295 19.62 -13.21 -4.50
C ILE D 295 18.39 -13.00 -5.37
N SER D 296 17.77 -14.09 -5.83
CA SER D 296 16.71 -14.00 -6.83
C SER D 296 15.51 -13.18 -6.37
N LYS D 297 15.30 -13.05 -5.06
CA LYS D 297 14.14 -12.33 -4.53
C LYS D 297 14.42 -10.85 -4.29
N ARG D 298 15.65 -10.38 -4.49
CA ARG D 298 16.06 -9.05 -4.07
C ARG D 298 16.24 -8.05 -5.20
N LEU D 299 16.44 -8.51 -6.44
CA LEU D 299 16.71 -7.66 -7.58
C LEU D 299 15.70 -7.95 -8.68
N PRO D 300 15.47 -7.00 -9.60
CA PRO D 300 14.60 -7.27 -10.73
C PRO D 300 15.30 -8.10 -11.80
N ALA D 301 14.50 -8.75 -12.63
CA ALA D 301 15.01 -9.62 -13.69
C ALA D 301 15.31 -8.83 -14.97
N THR D 302 16.13 -7.78 -14.85
CA THR D 302 16.52 -6.96 -15.99
C THR D 302 17.71 -7.58 -16.70
N SER D 303 17.85 -7.26 -17.98
CA SER D 303 18.86 -7.84 -18.85
C SER D 303 19.96 -6.86 -19.23
N MET D 304 19.98 -5.66 -18.65
CA MET D 304 21.00 -4.68 -19.02
C MET D 304 22.38 -5.11 -18.58
N ALA D 305 22.49 -5.81 -17.46
CA ALA D 305 23.77 -6.32 -16.99
C ALA D 305 23.53 -7.43 -16.00
N ILE D 306 24.55 -8.26 -15.83
CA ILE D 306 24.55 -9.26 -14.76
C ILE D 306 25.01 -8.58 -13.47
N PRO D 307 24.33 -8.77 -12.34
CA PRO D 307 24.84 -8.13 -11.10
C PRO D 307 26.20 -8.68 -10.70
N LEU D 308 26.96 -7.84 -9.99
CA LEU D 308 28.29 -8.22 -9.56
C LEU D 308 28.25 -9.49 -8.71
N ILE D 309 27.31 -9.54 -7.76
CA ILE D 309 27.15 -10.76 -6.97
C ILE D 309 26.69 -11.91 -7.87
N GLY D 310 25.85 -11.62 -8.85
CA GLY D 310 25.49 -12.65 -9.82
C GLY D 310 26.68 -13.12 -10.63
N LYS D 311 27.55 -12.19 -11.04
CA LYS D 311 28.76 -12.57 -11.75
C LYS D 311 29.63 -13.49 -10.90
N PHE D 312 29.84 -13.12 -9.63
CA PHE D 312 30.66 -13.96 -8.77
C PHE D 312 30.02 -15.32 -8.55
N LEU D 313 28.70 -15.36 -8.39
CA LEU D 313 28.04 -16.64 -8.15
C LEU D 313 28.11 -17.54 -9.38
N LEU D 314 27.95 -16.98 -10.58
CA LEU D 314 28.11 -17.79 -11.78
C LEU D 314 29.53 -18.28 -11.92
N PHE D 315 30.51 -17.42 -11.67
CA PHE D 315 31.92 -17.81 -11.73
C PHE D 315 32.22 -18.92 -10.72
N GLY D 316 31.71 -18.78 -9.50
CA GLY D 316 31.94 -19.79 -8.48
C GLY D 316 31.25 -21.10 -8.80
N MET D 317 30.02 -21.04 -9.33
CA MET D 317 29.33 -22.27 -9.71
C MET D 317 30.08 -23.01 -10.81
N VAL D 318 30.57 -22.27 -11.81
CA VAL D 318 31.33 -22.91 -12.89
C VAL D 318 32.60 -23.53 -12.34
N LEU D 319 33.32 -22.79 -11.49
CA LEU D 319 34.56 -23.32 -10.93
C LEU D 319 34.30 -24.54 -10.03
N VAL D 320 33.23 -24.51 -9.24
CA VAL D 320 32.90 -25.64 -8.38
C VAL D 320 32.54 -26.86 -9.22
N THR D 321 31.84 -26.64 -10.34
CA THR D 321 31.54 -27.75 -11.25
C THR D 321 32.83 -28.34 -11.82
N MET D 322 33.77 -27.49 -12.24
CA MET D 322 35.06 -27.97 -12.70
C MET D 322 35.78 -28.75 -11.61
N VAL D 323 35.68 -28.28 -10.36
CA VAL D 323 36.33 -28.97 -9.25
C VAL D 323 35.70 -30.34 -9.02
N VAL D 324 34.37 -30.44 -9.15
CA VAL D 324 33.72 -31.74 -9.02
C VAL D 324 34.20 -32.69 -10.12
N VAL D 325 34.28 -32.18 -11.35
CA VAL D 325 34.77 -33.02 -12.46
C VAL D 325 36.20 -33.47 -12.20
N ILE D 326 37.04 -32.56 -11.70
CA ILE D 326 38.42 -32.90 -11.39
C ILE D 326 38.48 -33.94 -10.29
N CYS D 327 37.62 -33.81 -9.27
CA CYS D 327 37.60 -34.79 -8.19
C CYS D 327 37.17 -36.17 -8.71
N VAL D 328 36.20 -36.19 -9.61
CA VAL D 328 35.78 -37.45 -10.23
C VAL D 328 36.96 -38.09 -10.95
N ILE D 329 37.70 -37.28 -11.72
CA ILE D 329 38.83 -37.82 -12.48
C ILE D 329 39.92 -38.30 -11.54
N VAL D 330 40.20 -37.54 -10.48
CA VAL D 330 41.25 -37.91 -9.52
C VAL D 330 40.88 -39.22 -8.82
N LEU D 331 39.62 -39.37 -8.41
CA LEU D 331 39.19 -40.61 -7.79
C LEU D 331 39.24 -41.77 -8.78
N ASN D 332 38.91 -41.51 -10.04
CA ASN D 332 39.04 -42.55 -11.07
C ASN D 332 40.48 -43.01 -11.20
N ILE D 333 41.43 -42.07 -11.15
CA ILE D 333 42.84 -42.42 -11.24
C ILE D 333 43.28 -43.17 -9.99
N HIS D 334 42.80 -42.76 -8.82
CA HIS D 334 43.28 -43.31 -7.56
C HIS D 334 42.93 -44.79 -7.41
N PHE D 335 41.77 -45.20 -7.92
CA PHE D 335 41.25 -46.54 -7.72
C PHE D 335 41.55 -47.49 -8.87
N ARG D 336 42.47 -47.14 -9.76
CA ARG D 336 42.88 -48.04 -10.83
C ARG D 336 43.77 -49.14 -10.26
N THR D 337 43.66 -50.34 -10.85
CA THR D 337 44.43 -51.50 -10.44
C THR D 337 44.94 -52.22 -11.67
N PRO D 338 45.91 -53.14 -11.54
CA PRO D 338 46.40 -53.87 -12.74
C PRO D 338 45.33 -54.65 -13.47
N SER D 339 44.28 -55.10 -12.77
CA SER D 339 43.20 -55.83 -13.42
C SER D 339 42.26 -54.93 -14.22
N THR D 340 42.42 -53.61 -14.14
CA THR D 340 41.56 -52.64 -14.82
C THR D 340 42.31 -51.73 -15.79
N HIS D 341 43.51 -51.29 -15.42
CA HIS D 341 44.27 -50.34 -16.22
C HIS D 341 45.73 -50.77 -16.25
N VAL D 342 46.44 -50.27 -17.26
CA VAL D 342 47.87 -50.48 -17.43
C VAL D 342 48.57 -49.18 -17.08
N LEU D 343 49.51 -49.26 -16.13
CA LEU D 343 50.29 -48.10 -15.70
C LEU D 343 51.57 -48.07 -16.53
N SER D 344 51.59 -47.23 -17.56
CA SER D 344 52.72 -47.16 -18.46
C SER D 344 53.92 -46.51 -17.77
N GLU D 345 55.09 -46.65 -18.39
CA GLU D 345 56.30 -46.05 -17.82
C GLU D 345 56.31 -44.54 -18.00
N GLY D 346 55.71 -44.03 -19.08
CA GLY D 346 55.69 -42.60 -19.29
C GLY D 346 54.87 -41.87 -18.24
N VAL D 347 53.70 -42.42 -17.89
CA VAL D 347 52.88 -41.81 -16.86
C VAL D 347 53.60 -41.82 -15.52
N LYS D 348 54.29 -42.93 -15.20
CA LYS D 348 55.05 -43.00 -13.97
C LYS D 348 56.16 -41.95 -13.95
N LYS D 349 56.89 -41.81 -15.07
CA LYS D 349 57.97 -40.84 -15.12
C LYS D 349 57.43 -39.42 -14.97
N LEU D 350 56.28 -39.13 -15.59
CA LEU D 350 55.74 -37.78 -15.55
C LEU D 350 55.19 -37.43 -14.17
N PHE D 351 54.47 -38.37 -13.53
CA PHE D 351 53.66 -38.04 -12.37
C PHE D 351 54.26 -38.46 -11.03
N LEU D 352 55.26 -39.35 -11.02
CA LEU D 352 55.88 -39.79 -9.78
C LEU D 352 57.25 -39.18 -9.53
N GLU D 353 57.93 -38.69 -10.57
CA GLU D 353 59.22 -38.04 -10.47
C GLU D 353 59.22 -36.61 -10.98
N THR D 354 58.72 -36.36 -12.19
CA THR D 354 58.94 -35.07 -12.83
C THR D 354 58.02 -33.99 -12.25
N LEU D 355 56.71 -34.21 -12.27
CA LEU D 355 55.82 -33.21 -11.68
C LEU D 355 56.03 -33.02 -10.18
N PRO D 356 56.20 -34.05 -9.35
CA PRO D 356 56.50 -33.78 -7.93
C PRO D 356 57.76 -32.96 -7.67
N GLU D 357 58.83 -33.09 -8.46
CA GLU D 357 60.00 -32.27 -8.20
C GLU D 357 59.79 -30.83 -8.64
N LEU D 358 59.06 -30.61 -9.75
CA LEU D 358 58.68 -29.25 -10.10
C LEU D 358 57.77 -28.63 -9.06
N LEU D 359 56.82 -29.40 -8.53
CA LEU D 359 55.88 -28.88 -7.54
C LEU D 359 56.45 -28.85 -6.13
N HIS D 360 57.71 -29.28 -5.94
CA HIS D 360 58.36 -29.26 -4.62
C HIS D 360 57.58 -30.10 -3.62
N MET D 361 57.01 -31.20 -4.09
CA MET D 361 56.23 -32.07 -3.22
C MET D 361 57.14 -32.87 -2.30
N SER D 362 56.58 -33.30 -1.17
CA SER D 362 57.34 -34.14 -0.25
C SER D 362 57.60 -35.50 -0.89
N ARG D 363 58.88 -35.88 -0.94
CA ARG D 363 59.25 -37.13 -1.58
C ARG D 363 59.14 -38.29 -0.60
N PRO D 364 58.88 -39.52 -1.07
CA PRO D 364 58.90 -40.65 -0.15
C PRO D 364 60.32 -40.95 0.33
N ALA D 365 60.41 -41.52 1.53
CA ALA D 365 61.69 -41.89 2.13
C ALA D 365 62.62 -40.69 2.25
N GLN D 429 63.78 -90.17 -1.39
CA GLN D 429 62.85 -90.56 -2.45
C GLN D 429 61.42 -90.59 -1.91
N GLU D 430 61.13 -91.56 -1.03
CA GLU D 430 59.82 -91.59 -0.38
C GLU D 430 59.62 -90.36 0.49
N LEU D 431 60.68 -89.91 1.17
CA LEU D 431 60.60 -88.67 1.93
C LEU D 431 60.31 -87.50 1.00
N PHE D 432 60.96 -87.46 -0.16
CA PHE D 432 60.67 -86.41 -1.14
C PHE D 432 59.24 -86.53 -1.65
N ASN D 433 58.76 -87.75 -1.86
CA ASN D 433 57.38 -87.93 -2.31
C ASN D 433 56.39 -87.43 -1.27
N GLU D 434 56.70 -87.60 0.02
CA GLU D 434 55.83 -87.13 1.08
C GLU D 434 55.92 -85.62 1.27
N LEU D 435 57.08 -85.03 1.04
CA LEU D 435 57.27 -83.60 1.22
C LEU D 435 56.91 -82.78 -0.01
N LYS D 436 56.74 -83.42 -1.17
CA LYS D 436 56.41 -82.66 -2.39
C LYS D 436 55.11 -81.87 -2.28
N PRO D 437 54.02 -82.39 -1.72
CA PRO D 437 52.84 -81.51 -1.52
C PRO D 437 53.14 -80.29 -0.67
N ALA D 438 53.98 -80.41 0.36
CA ALA D 438 54.31 -79.25 1.17
C ALA D 438 55.14 -78.24 0.37
N VAL D 439 56.09 -78.71 -0.43
CA VAL D 439 56.90 -77.81 -1.25
C VAL D 439 56.02 -77.10 -2.27
N ASP D 440 55.11 -77.83 -2.91
CA ASP D 440 54.20 -77.21 -3.86
C ASP D 440 53.29 -76.20 -3.20
N GLY D 441 52.77 -76.53 -2.01
CA GLY D 441 51.93 -75.59 -1.29
C GLY D 441 52.69 -74.33 -0.89
N ALA D 442 53.92 -74.50 -0.42
CA ALA D 442 54.73 -73.34 -0.05
C ALA D 442 55.03 -72.47 -1.25
N ASN D 443 55.35 -73.07 -2.39
CA ASN D 443 55.60 -72.30 -3.60
C ASN D 443 54.33 -71.57 -4.04
N PHE D 444 53.18 -72.22 -3.92
CA PHE D 444 51.92 -71.57 -4.27
C PHE D 444 51.64 -70.38 -3.35
N ILE D 445 51.88 -70.56 -2.05
CA ILE D 445 51.69 -69.46 -1.10
C ILE D 445 52.62 -68.30 -1.44
N VAL D 446 53.87 -68.62 -1.78
CA VAL D 446 54.85 -67.59 -2.11
C VAL D 446 54.42 -66.82 -3.35
N ASN D 447 53.97 -67.54 -4.39
CA ASN D 447 53.54 -66.88 -5.60
C ASN D 447 52.32 -66.01 -5.35
N HIS D 448 51.37 -66.50 -4.55
CA HIS D 448 50.19 -65.71 -4.21
C HIS D 448 50.59 -64.43 -3.48
N MET D 449 51.49 -64.53 -2.50
CA MET D 449 51.92 -63.36 -1.75
C MET D 449 52.66 -62.37 -2.66
N ARG D 450 53.53 -62.87 -3.53
CA ARG D 450 54.28 -61.98 -4.41
C ARG D 450 53.36 -61.25 -5.39
N ASP D 451 52.38 -61.98 -5.95
CA ASP D 451 51.42 -61.35 -6.85
C ASP D 451 50.60 -60.30 -6.12
N GLN D 452 50.19 -60.60 -4.88
CA GLN D 452 49.45 -59.61 -4.10
C GLN D 452 50.29 -58.37 -3.84
N ASN D 453 51.57 -58.56 -3.53
CA ASN D 453 52.45 -57.43 -3.25
C ASN D 453 52.64 -56.56 -4.49
N ASN D 454 52.84 -57.18 -5.66
CA ASN D 454 52.98 -56.41 -6.88
C ASN D 454 51.69 -55.65 -7.20
N TYR D 455 50.54 -56.30 -7.01
CA TYR D 455 49.25 -55.66 -7.20
C TYR D 455 49.11 -54.43 -6.30
N ASN D 456 49.45 -54.59 -5.02
CA ASN D 456 49.36 -53.48 -4.08
C ASN D 456 50.34 -52.37 -4.44
N GLU D 457 51.52 -52.72 -4.91
CA GLU D 457 52.50 -51.71 -5.32
C GLU D 457 51.98 -50.88 -6.49
N GLU D 458 51.37 -51.53 -7.48
CA GLU D 458 50.80 -50.79 -8.59
C GLU D 458 49.64 -49.89 -8.11
N LYS D 459 48.84 -50.39 -7.17
CA LYS D 459 47.78 -49.55 -6.62
C LYS D 459 48.34 -48.32 -5.91
N ASP D 460 49.43 -48.50 -5.16
CA ASP D 460 50.07 -47.35 -4.50
C ASP D 460 50.61 -46.36 -5.52
N SER D 461 51.17 -46.87 -6.63
CA SER D 461 51.62 -45.98 -7.69
C SER D 461 50.47 -45.15 -8.25
N TRP D 462 49.32 -45.79 -8.48
CA TRP D 462 48.16 -45.05 -8.95
C TRP D 462 47.71 -44.00 -7.94
N ASN D 463 47.78 -44.35 -6.64
CA ASN D 463 47.45 -43.39 -5.60
C ASN D 463 48.37 -42.18 -5.65
N ARG D 464 49.67 -42.42 -5.88
CA ARG D 464 50.61 -41.30 -5.93
C ARG D 464 50.39 -40.44 -7.17
N VAL D 465 50.03 -41.06 -8.29
CA VAL D 465 49.67 -40.29 -9.48
C VAL D 465 48.46 -39.39 -9.18
N ALA D 466 47.47 -39.94 -8.48
CA ALA D 466 46.30 -39.14 -8.09
C ALA D 466 46.70 -37.99 -7.19
N ARG D 467 47.61 -38.23 -6.25
CA ARG D 467 48.07 -37.15 -5.37
C ARG D 467 48.76 -36.04 -6.17
N THR D 468 49.60 -36.43 -7.15
CA THR D 468 50.28 -35.43 -7.96
C THR D 468 49.27 -34.59 -8.75
N VAL D 469 48.27 -35.25 -9.33
CA VAL D 469 47.24 -34.52 -10.08
C VAL D 469 46.50 -33.58 -9.13
N ASP D 470 46.21 -34.03 -7.91
CA ASP D 470 45.49 -33.19 -6.96
C ASP D 470 46.32 -31.95 -6.58
N ARG D 471 47.63 -32.13 -6.35
CA ARG D 471 48.46 -30.98 -6.00
C ARG D 471 48.57 -29.99 -7.15
N LEU D 472 48.74 -30.50 -8.38
CA LEU D 472 48.79 -29.61 -9.53
C LEU D 472 47.47 -28.86 -9.69
N CYS D 473 46.34 -29.56 -9.51
CA CYS D 473 45.05 -28.90 -9.64
C CYS D 473 44.83 -27.88 -8.52
N LEU D 474 45.36 -28.13 -7.33
CA LEU D 474 45.33 -27.11 -6.28
C LEU D 474 46.04 -25.85 -6.75
N PHE D 475 47.30 -26.00 -7.17
CA PHE D 475 48.10 -24.84 -7.54
C PHE D 475 47.58 -24.15 -8.80
N VAL D 476 46.78 -24.83 -9.62
CA VAL D 476 46.22 -24.19 -10.81
C VAL D 476 44.87 -23.54 -10.51
N VAL D 477 44.01 -24.22 -9.74
CA VAL D 477 42.63 -23.77 -9.59
C VAL D 477 42.52 -22.70 -8.51
N THR D 478 43.22 -22.85 -7.39
CA THR D 478 43.06 -21.87 -6.31
C THR D 478 43.48 -20.46 -6.73
N PRO D 479 44.62 -20.24 -7.41
CA PRO D 479 44.90 -18.88 -7.90
C PRO D 479 43.86 -18.36 -8.86
N VAL D 480 43.29 -19.20 -9.71
CA VAL D 480 42.25 -18.76 -10.64
C VAL D 480 41.04 -18.25 -9.87
N MET D 481 40.62 -19.00 -8.85
CA MET D 481 39.48 -18.59 -8.03
C MET D 481 39.77 -17.27 -7.33
N VAL D 482 40.96 -17.15 -6.72
CA VAL D 482 41.30 -15.94 -5.99
C VAL D 482 41.34 -14.74 -6.92
N VAL D 483 41.98 -14.90 -8.09
CA VAL D 483 42.14 -13.79 -9.01
C VAL D 483 40.79 -13.38 -9.60
N GLY D 484 39.95 -14.35 -9.97
CA GLY D 484 38.65 -14.02 -10.53
C GLY D 484 37.76 -13.32 -9.52
N THR D 485 37.71 -13.83 -8.29
CA THR D 485 36.93 -13.18 -7.24
C THR D 485 37.45 -11.77 -6.98
N ALA D 486 38.78 -11.61 -6.93
CA ALA D 486 39.36 -10.29 -6.71
C ALA D 486 38.98 -9.33 -7.82
N TRP D 487 39.09 -9.76 -9.07
CA TRP D 487 38.76 -8.86 -10.17
C TRP D 487 37.30 -8.46 -10.13
N ILE D 488 36.41 -9.43 -9.89
CA ILE D 488 34.98 -9.16 -9.85
C ILE D 488 34.65 -8.17 -8.74
N PHE D 489 35.26 -8.33 -7.56
CA PHE D 489 34.88 -7.50 -6.43
C PHE D 489 35.61 -6.16 -6.41
N LEU D 490 36.82 -6.06 -6.95
CA LEU D 490 37.45 -4.76 -7.14
C LEU D 490 36.79 -3.95 -8.25
N GLN D 491 36.05 -4.58 -9.16
CA GLN D 491 35.21 -3.78 -10.04
C GLN D 491 34.20 -2.96 -9.23
N GLY D 492 33.67 -3.53 -8.15
CA GLY D 492 32.62 -2.89 -7.38
C GLY D 492 33.11 -2.03 -6.23
N VAL D 493 34.19 -2.45 -5.57
CA VAL D 493 34.68 -1.72 -4.40
C VAL D 493 35.13 -0.32 -4.81
N TYR D 494 35.80 -0.20 -5.96
CA TYR D 494 36.23 1.09 -6.48
C TYR D 494 35.20 1.72 -7.42
N ASN D 495 33.94 1.31 -7.33
CA ASN D 495 32.85 1.95 -8.06
C ASN D 495 32.26 3.04 -7.18
N GLN D 496 32.38 4.29 -7.64
CA GLN D 496 31.88 5.46 -6.95
C GLN D 496 31.11 6.33 -7.93
N PRO D 497 30.15 7.12 -7.47
CA PRO D 497 29.52 8.08 -8.37
C PRO D 497 30.51 9.15 -8.79
N PRO D 498 30.30 9.80 -9.94
CA PRO D 498 31.30 10.75 -10.43
C PRO D 498 31.42 11.96 -9.53
N PRO D 499 32.53 12.70 -9.60
CA PRO D 499 32.68 13.87 -8.72
C PRO D 499 31.61 14.93 -8.91
N GLN D 500 31.10 15.10 -10.13
CA GLN D 500 30.06 16.08 -10.46
C GLN D 500 28.75 15.35 -10.79
N PRO D 501 27.58 15.94 -10.47
CA PRO D 501 26.34 15.23 -10.79
C PRO D 501 26.12 14.99 -12.28
N PHE D 502 26.54 15.93 -13.13
CA PHE D 502 26.34 15.85 -14.56
C PHE D 502 27.70 15.76 -15.25
N PRO D 503 28.04 14.69 -15.97
CA PRO D 503 29.30 14.68 -16.73
C PRO D 503 29.33 15.79 -17.77
N GLY D 504 30.49 16.43 -17.90
CA GLY D 504 30.67 17.55 -18.80
C GLY D 504 30.37 18.90 -18.19
N ASP D 505 29.66 18.94 -17.05
CA ASP D 505 29.31 20.17 -16.37
C ASP D 505 30.18 20.30 -15.13
N PRO D 506 31.09 21.29 -15.03
CA PRO D 506 31.98 21.33 -13.85
C PRO D 506 31.28 21.73 -12.57
N TYR D 507 30.07 22.29 -12.63
CA TYR D 507 29.42 22.80 -11.43
C TYR D 507 29.03 21.66 -10.50
N SER D 508 29.13 21.91 -9.20
CA SER D 508 28.90 20.89 -8.18
C SER D 508 27.47 20.88 -7.64
N TYR D 509 26.70 21.96 -7.83
CA TYR D 509 25.33 22.05 -7.34
C TYR D 509 25.27 21.85 -5.83
N ASN D 510 26.21 22.47 -5.11
CA ASN D 510 26.29 22.40 -3.66
C ASN D 510 26.05 23.78 -3.07
N VAL D 511 25.65 23.80 -1.80
CA VAL D 511 25.36 25.07 -1.14
C VAL D 511 26.63 25.89 -0.94
N GLN D 512 27.81 25.26 -0.94
CA GLN D 512 29.05 26.01 -0.76
C GLN D 512 29.37 26.83 -1.99
N ASP D 513 29.10 26.30 -3.19
CA ASP D 513 29.40 26.98 -4.44
C ASP D 513 28.14 27.65 -4.97
N LYS D 514 27.80 28.78 -4.35
CA LYS D 514 26.69 29.59 -4.83
C LYS D 514 27.10 30.36 -6.08
N ARG D 515 26.18 30.44 -7.05
CA ARG D 515 26.39 31.15 -8.29
C ARG D 515 25.55 32.43 -8.24
N PHE D 516 26.15 33.49 -7.69
CA PHE D 516 25.44 34.74 -7.50
C PHE D 516 25.13 35.40 -8.83
N ILE D 517 23.96 36.03 -8.91
CA ILE D 517 23.54 36.72 -10.12
C ILE D 517 24.08 38.15 -10.06
N LYS E 21 -50.82 11.83 -8.19
CA LYS E 21 -49.58 12.13 -7.41
C LYS E 21 -49.22 10.95 -6.50
N ASN E 22 -47.93 10.63 -6.47
CA ASN E 22 -47.45 9.59 -5.57
C ASN E 22 -47.57 10.06 -4.12
N GLU E 23 -48.09 9.18 -3.27
CA GLU E 23 -48.18 9.48 -1.84
C GLU E 23 -46.83 9.41 -1.13
N GLU E 24 -45.87 8.66 -1.69
CA GLU E 24 -44.54 8.63 -1.10
C GLU E 24 -43.88 10.00 -1.16
N LEU E 25 -44.05 10.72 -2.26
CA LEU E 25 -43.49 12.06 -2.38
C LEU E 25 -44.14 13.01 -1.38
N ARG E 26 -45.47 12.91 -1.21
CA ARG E 26 -46.16 13.74 -0.24
C ARG E 26 -45.67 13.46 1.17
N LEU E 27 -45.50 12.18 1.50
CA LEU E 27 -44.98 11.83 2.82
C LEU E 27 -43.56 12.33 3.01
N TYR E 28 -42.73 12.23 1.98
CA TYR E 28 -41.35 12.69 2.09
C TYR E 28 -41.28 14.18 2.32
N HIS E 29 -42.11 14.96 1.60
CA HIS E 29 -42.17 16.39 1.83
C HIS E 29 -42.70 16.70 3.23
N HIS E 30 -43.70 15.93 3.69
CA HIS E 30 -44.26 16.15 5.01
C HIS E 30 -43.22 15.93 6.09
N LEU E 31 -42.37 14.93 5.92
CA LEU E 31 -41.43 14.55 6.97
C LEU E 31 -40.13 15.34 6.93
N PHE E 32 -39.69 15.78 5.74
CA PHE E 32 -38.33 16.30 5.57
C PHE E 32 -38.26 17.75 5.08
N ASN E 33 -39.39 18.43 4.89
CA ASN E 33 -39.32 19.84 4.52
C ASN E 33 -38.75 20.67 5.67
N ASN E 34 -39.08 20.32 6.91
CA ASN E 34 -38.60 21.00 8.11
C ASN E 34 -38.03 19.91 9.03
N TYR E 35 -36.75 19.57 8.83
CA TYR E 35 -36.13 18.50 9.58
C TYR E 35 -34.62 18.74 9.63
N ASP E 36 -34.05 18.53 10.81
CA ASP E 36 -32.62 18.72 11.04
C ASP E 36 -31.97 17.37 11.36
N PRO E 37 -31.20 16.75 10.45
CA PRO E 37 -30.50 15.51 10.82
C PRO E 37 -29.34 15.71 11.77
N GLY E 38 -28.92 16.95 12.03
CA GLY E 38 -27.82 17.19 12.95
C GLY E 38 -28.22 17.18 14.41
N SER E 39 -29.50 17.28 14.73
CA SER E 39 -30.00 17.31 16.09
C SER E 39 -30.54 15.94 16.48
N ARG E 40 -30.30 15.56 17.74
CA ARG E 40 -30.82 14.29 18.23
C ARG E 40 -32.34 14.35 18.29
N PRO E 41 -33.03 13.20 18.15
CA PRO E 41 -34.50 13.20 18.30
C PRO E 41 -34.93 13.10 19.77
N VAL E 42 -34.81 14.22 20.47
CA VAL E 42 -35.19 14.32 21.88
C VAL E 42 -35.95 15.62 22.07
N ARG E 43 -36.98 15.57 22.92
CA ARG E 43 -37.76 16.77 23.21
C ARG E 43 -37.02 17.71 24.15
N GLU E 44 -36.19 17.18 25.03
CA GLU E 44 -35.38 17.95 25.96
C GLU E 44 -33.92 17.52 25.85
N PRO E 45 -32.96 18.42 26.11
CA PRO E 45 -31.55 18.01 25.97
C PRO E 45 -31.13 16.89 26.89
N GLU E 46 -31.70 16.80 28.10
CA GLU E 46 -31.29 15.78 29.05
C GLU E 46 -31.89 14.42 28.74
N ASP E 47 -32.82 14.32 27.78
CA ASP E 47 -33.38 13.04 27.41
C ASP E 47 -32.36 12.22 26.63
N THR E 48 -32.49 10.90 26.72
CA THR E 48 -31.58 9.95 26.10
C THR E 48 -32.27 9.22 24.96
N VAL E 49 -31.54 8.97 23.89
CA VAL E 49 -32.04 8.21 22.75
C VAL E 49 -31.64 6.75 22.94
N THR E 50 -32.62 5.86 22.95
CA THR E 50 -32.37 4.44 23.10
C THR E 50 -32.22 3.81 21.73
N ILE E 51 -31.15 3.05 21.54
CA ILE E 51 -30.82 2.40 20.28
C ILE E 51 -30.88 0.89 20.50
N SER E 52 -31.73 0.21 19.74
CA SER E 52 -31.76 -1.25 19.73
C SER E 52 -30.79 -1.75 18.69
N LEU E 53 -29.85 -2.60 19.12
CA LEU E 53 -28.72 -3.03 18.31
C LEU E 53 -28.76 -4.54 18.11
N LYS E 54 -28.51 -4.95 16.87
CA LYS E 54 -28.22 -6.34 16.54
C LYS E 54 -27.03 -6.33 15.58
N VAL E 55 -26.21 -7.37 15.65
CA VAL E 55 -25.06 -7.51 14.75
C VAL E 55 -25.11 -8.92 14.17
N THR E 56 -25.27 -9.02 12.86
CA THR E 56 -25.36 -10.30 12.16
C THR E 56 -24.06 -10.53 11.40
N LEU E 57 -23.36 -11.61 11.72
CA LEU E 57 -22.15 -11.99 11.00
C LEU E 57 -22.52 -12.92 9.86
N THR E 58 -22.09 -12.58 8.65
CA THR E 58 -22.32 -13.41 7.47
C THR E 58 -21.11 -14.26 7.11
N ASN E 59 -19.90 -13.72 7.17
CA ASN E 59 -18.69 -14.48 6.89
C ASN E 59 -17.57 -13.99 7.79
N LEU E 60 -16.79 -14.94 8.30
CA LEU E 60 -15.51 -14.65 8.95
C LEU E 60 -14.45 -14.84 7.87
N ILE E 61 -13.95 -13.73 7.32
CA ILE E 61 -13.03 -13.83 6.19
C ILE E 61 -11.70 -14.43 6.63
N SER E 62 -11.10 -13.86 7.68
CA SER E 62 -9.78 -14.38 8.06
C SER E 62 -9.38 -13.85 9.42
N LEU E 63 -8.38 -14.51 10.00
CA LEU E 63 -7.63 -13.98 11.14
C LEU E 63 -6.16 -14.03 10.75
N ASN E 64 -5.63 -12.88 10.32
CA ASN E 64 -4.23 -12.75 9.98
C ASN E 64 -3.42 -12.65 11.27
N GLU E 65 -2.62 -13.68 11.55
CA GLU E 65 -1.87 -13.74 12.79
C GLU E 65 -0.67 -12.79 12.78
N LYS E 66 -0.04 -12.60 11.63
CA LYS E 66 1.13 -11.73 11.56
C LYS E 66 0.77 -10.29 11.89
N GLU E 67 -0.35 -9.81 11.37
CA GLU E 67 -0.84 -8.47 11.68
C GLU E 67 -1.87 -8.46 12.80
N GLU E 68 -2.29 -9.63 13.29
CA GLU E 68 -3.23 -9.74 14.41
C GLU E 68 -4.55 -9.01 14.08
N THR E 69 -5.09 -9.31 12.89
CA THR E 69 -6.27 -8.63 12.36
C THR E 69 -7.34 -9.65 12.03
N LEU E 70 -8.57 -9.39 12.47
CA LEU E 70 -9.72 -10.22 12.15
C LEU E 70 -10.56 -9.50 11.10
N THR E 71 -10.69 -10.10 9.92
CA THR E 71 -11.52 -9.58 8.85
C THR E 71 -12.83 -10.35 8.83
N THR E 72 -13.95 -9.62 9.00
CA THR E 72 -15.28 -10.18 9.03
C THR E 72 -16.22 -9.35 8.15
N SER E 73 -17.27 -10.02 7.65
CA SER E 73 -18.39 -9.38 6.98
C SER E 73 -19.60 -9.47 7.89
N VAL E 74 -20.19 -8.32 8.22
CA VAL E 74 -21.35 -8.25 9.09
C VAL E 74 -22.36 -7.28 8.48
N TRP E 75 -23.55 -7.25 9.07
CA TRP E 75 -24.46 -6.14 8.90
C TRP E 75 -25.13 -5.86 10.23
N ILE E 76 -25.21 -4.58 10.57
CA ILE E 76 -25.67 -4.12 11.86
C ILE E 76 -27.12 -3.71 11.67
N GLY E 77 -28.00 -4.13 12.59
CA GLY E 77 -29.37 -3.68 12.61
C GLY E 77 -29.54 -2.67 13.74
N ILE E 78 -29.89 -1.44 13.36
CA ILE E 78 -29.99 -0.32 14.29
C ILE E 78 -31.42 0.18 14.22
N ASP E 79 -32.14 0.11 15.33
CA ASP E 79 -33.52 0.58 15.42
C ASP E 79 -33.64 1.66 16.48
N TRP E 80 -34.44 2.69 16.22
CA TRP E 80 -34.69 3.70 17.24
C TRP E 80 -35.97 4.47 16.88
N GLN E 81 -36.28 5.46 17.70
CA GLN E 81 -37.47 6.31 17.52
C GLN E 81 -37.05 7.72 17.17
N ASP E 82 -37.78 8.33 16.25
CA ASP E 82 -37.60 9.74 15.88
C ASP E 82 -38.99 10.35 15.82
N TYR E 83 -39.36 11.10 16.85
CA TYR E 83 -40.71 11.66 16.93
C TYR E 83 -40.97 12.63 15.78
N ARG E 84 -39.93 13.30 15.28
CA ARG E 84 -40.12 14.21 14.15
C ARG E 84 -40.54 13.47 12.89
N LEU E 85 -40.17 12.21 12.76
CA LEU E 85 -40.47 11.39 11.60
C LEU E 85 -41.69 10.52 11.79
N ASN E 86 -42.69 11.01 12.54
CA ASN E 86 -43.86 10.20 12.85
C ASN E 86 -44.92 10.46 11.80
N TYR E 87 -45.64 9.41 11.41
CA TYR E 87 -46.76 9.56 10.49
C TYR E 87 -47.68 8.35 10.68
N SER E 88 -48.91 8.50 10.22
CA SER E 88 -49.91 7.44 10.22
C SER E 88 -50.23 7.05 8.78
N LYS E 89 -50.44 5.75 8.55
CA LYS E 89 -50.73 5.28 7.22
C LYS E 89 -52.05 5.81 6.68
N ASP E 90 -53.00 6.13 7.57
CA ASP E 90 -54.32 6.56 7.12
C ASP E 90 -54.27 7.90 6.40
N ASP E 91 -53.37 8.79 6.78
CA ASP E 91 -53.26 10.10 6.18
C ASP E 91 -52.40 10.11 4.91
N PHE E 92 -51.81 8.99 4.53
CA PHE E 92 -50.91 8.93 3.38
C PHE E 92 -51.16 7.66 2.57
N GLY E 93 -52.43 7.33 2.35
CA GLY E 93 -52.78 6.27 1.44
C GLY E 93 -52.37 4.87 1.86
N GLY E 94 -52.16 4.65 3.15
CA GLY E 94 -51.81 3.32 3.63
C GLY E 94 -50.34 2.98 3.55
N ILE E 95 -49.46 3.96 3.40
CA ILE E 95 -48.03 3.69 3.37
C ILE E 95 -47.57 3.35 4.79
N GLU E 96 -46.93 2.19 4.94
CA GLU E 96 -46.41 1.73 6.23
C GLU E 96 -44.89 1.85 6.34
N THR E 97 -44.19 2.08 5.23
CA THR E 97 -42.75 2.18 5.23
C THR E 97 -42.31 3.18 4.17
N LEU E 98 -41.24 3.90 4.45
CA LEU E 98 -40.63 4.82 3.49
C LEU E 98 -39.13 4.62 3.52
N ARG E 99 -38.54 4.30 2.36
CA ARG E 99 -37.10 4.20 2.23
C ARG E 99 -36.54 5.56 1.84
N VAL E 100 -35.56 6.04 2.59
CA VAL E 100 -34.88 7.30 2.25
C VAL E 100 -33.38 7.13 2.46
N PRO E 101 -32.56 7.96 1.79
CA PRO E 101 -31.12 7.90 2.04
C PRO E 101 -30.78 8.19 3.49
N SER E 102 -29.77 7.48 4.00
CA SER E 102 -29.40 7.61 5.40
C SER E 102 -28.89 9.02 5.72
N GLU E 103 -28.33 9.71 4.72
CA GLU E 103 -27.79 11.05 4.97
C GLU E 103 -28.87 12.05 5.38
N LEU E 104 -30.13 11.78 5.07
CA LEU E 104 -31.19 12.75 5.36
C LEU E 104 -31.71 12.68 6.80
N VAL E 105 -31.49 11.57 7.50
CA VAL E 105 -31.98 11.41 8.87
C VAL E 105 -30.81 11.50 9.84
N TRP E 106 -31.13 11.84 11.08
CA TRP E 106 -30.16 11.74 12.16
C TRP E 106 -29.80 10.28 12.38
N LEU E 107 -28.52 10.03 12.65
CA LEU E 107 -28.01 8.69 12.95
C LEU E 107 -27.24 8.73 14.25
N PRO E 108 -27.20 7.63 15.01
CA PRO E 108 -26.37 7.63 16.23
C PRO E 108 -24.87 7.53 15.96
N GLU E 109 -24.45 7.35 14.71
CA GLU E 109 -23.04 7.31 14.32
C GLU E 109 -22.32 6.16 15.06
N ILE E 110 -22.79 4.94 14.80
CA ILE E 110 -22.16 3.76 15.38
C ILE E 110 -20.89 3.45 14.60
N VAL E 111 -19.81 3.19 15.33
CA VAL E 111 -18.52 2.84 14.75
C VAL E 111 -17.95 1.66 15.53
N LEU E 112 -17.07 0.92 14.86
CA LEU E 112 -16.28 -0.12 15.50
C LEU E 112 -15.03 0.54 16.07
N GLU E 113 -14.95 0.59 17.40
CA GLU E 113 -13.88 1.36 18.04
C GLU E 113 -12.53 0.64 17.90
N ASN E 114 -12.52 -0.68 17.97
CA ASN E 114 -11.29 -1.46 17.99
C ASN E 114 -10.86 -1.89 16.60
N ASN E 115 -11.16 -1.11 15.57
CA ASN E 115 -10.65 -1.37 14.24
C ASN E 115 -9.15 -1.11 14.20
N ILE E 116 -8.47 -1.79 13.27
CA ILE E 116 -7.02 -1.67 13.12
C ILE E 116 -6.62 -0.91 11.87
N ASP E 117 -7.46 -0.87 10.83
CA ASP E 117 -7.11 -0.27 9.55
C ASP E 117 -7.54 1.19 9.44
N GLY E 118 -8.08 1.78 10.50
CA GLY E 118 -8.58 3.13 10.44
C GLY E 118 -9.98 3.28 9.89
N GLN E 119 -10.63 2.18 9.50
CA GLN E 119 -11.99 2.22 8.98
C GLN E 119 -12.96 2.07 10.15
N PHE E 120 -13.68 3.14 10.46
CA PHE E 120 -14.62 3.15 11.58
C PHE E 120 -16.05 2.86 11.14
N GLY E 121 -16.46 3.35 9.97
CA GLY E 121 -17.84 3.30 9.55
C GLY E 121 -18.19 2.05 8.76
N VAL E 122 -19.39 2.07 8.20
CA VAL E 122 -19.95 0.93 7.48
C VAL E 122 -19.48 0.96 6.03
N ALA E 123 -19.63 -0.17 5.36
CA ALA E 123 -19.13 -0.32 3.99
C ALA E 123 -20.08 0.31 2.97
N TYR E 124 -21.39 0.24 3.21
CA TYR E 124 -22.38 0.73 2.25
C TYR E 124 -23.47 1.48 3.02
N ASP E 125 -23.68 2.74 2.64
CA ASP E 125 -24.71 3.58 3.27
C ASP E 125 -26.06 3.25 2.65
N ALA E 126 -26.68 2.20 3.20
CA ALA E 126 -27.98 1.77 2.72
C ALA E 126 -29.06 2.77 3.12
N ASN E 127 -30.21 2.65 2.48
CA ASN E 127 -31.36 3.47 2.88
C ASN E 127 -31.81 3.11 4.28
N VAL E 128 -32.28 4.11 4.99
CA VAL E 128 -33.03 3.91 6.23
C VAL E 128 -34.48 3.67 5.87
N LEU E 129 -35.13 2.82 6.67
CA LEU E 129 -36.56 2.56 6.58
C LEU E 129 -37.25 3.31 7.72
N VAL E 130 -38.18 4.18 7.36
CA VAL E 130 -38.99 4.94 8.33
C VAL E 130 -40.36 4.30 8.33
N TYR E 131 -40.73 3.69 9.46
CA TYR E 131 -42.04 3.09 9.64
C TYR E 131 -42.98 4.12 10.27
N GLU E 132 -44.27 3.86 10.12
CA GLU E 132 -45.26 4.67 10.81
C GLU E 132 -45.10 4.54 12.31
N GLY E 133 -45.32 5.64 13.03
CA GLY E 133 -45.09 5.71 14.46
C GLY E 133 -43.74 6.26 14.86
N GLY E 134 -42.94 6.74 13.91
CA GLY E 134 -41.64 7.33 14.22
C GLY E 134 -40.50 6.35 14.34
N SER E 135 -40.71 5.07 14.00
CA SER E 135 -39.65 4.08 14.12
C SER E 135 -38.73 4.16 12.90
N VAL E 136 -37.43 4.20 13.15
CA VAL E 136 -36.41 4.27 12.11
C VAL E 136 -35.53 3.03 12.23
N THR E 137 -35.34 2.34 11.10
CA THR E 137 -34.50 1.16 11.00
C THR E 137 -33.42 1.41 9.96
N TRP E 138 -32.19 1.04 10.31
CA TRP E 138 -31.04 1.14 9.41
C TRP E 138 -30.28 -0.16 9.48
N LEU E 139 -30.03 -0.77 8.31
CA LEU E 139 -29.42 -2.09 8.23
C LEU E 139 -28.21 -2.07 7.29
N PRO E 140 -27.17 -1.32 7.64
CA PRO E 140 -26.02 -1.20 6.72
C PRO E 140 -25.11 -2.41 6.82
N PRO E 141 -24.57 -2.90 5.71
CA PRO E 141 -23.51 -3.92 5.80
C PRO E 141 -22.14 -3.29 5.99
N ALA E 142 -21.20 -4.13 6.41
CA ALA E 142 -19.86 -3.64 6.74
C ALA E 142 -18.85 -4.76 6.60
N ILE E 143 -17.64 -4.37 6.18
CA ILE E 143 -16.45 -5.20 6.27
C ILE E 143 -15.59 -4.58 7.36
N TYR E 144 -15.29 -5.36 8.39
CA TYR E 144 -14.56 -4.87 9.56
C TYR E 144 -13.24 -5.61 9.71
N ARG E 145 -12.16 -4.85 9.86
CA ARG E 145 -10.83 -5.35 10.19
C ARG E 145 -10.53 -4.89 11.60
N SER E 146 -10.63 -5.82 12.56
CA SER E 146 -10.57 -5.51 13.98
C SER E 146 -9.29 -6.06 14.60
N VAL E 147 -8.90 -5.44 15.72
CA VAL E 147 -7.75 -5.91 16.49
C VAL E 147 -8.12 -7.18 17.21
N CYS E 148 -7.30 -8.21 17.06
CA CYS E 148 -7.43 -9.46 17.84
C CYS E 148 -6.02 -9.88 18.24
N ALA E 149 -5.68 -9.65 19.51
CA ALA E 149 -4.40 -10.11 20.04
C ALA E 149 -4.40 -11.64 20.07
N VAL E 150 -3.42 -12.23 19.38
CA VAL E 150 -3.39 -13.66 19.18
C VAL E 150 -2.61 -14.30 20.32
N GLU E 151 -3.28 -15.16 21.09
CA GLU E 151 -2.62 -15.95 22.12
C GLU E 151 -1.91 -17.12 21.45
N VAL E 152 -0.59 -17.08 21.41
CA VAL E 152 0.18 -18.00 20.57
C VAL E 152 0.51 -19.32 21.26
N THR E 153 0.24 -19.46 22.56
CA THR E 153 0.87 -20.49 23.38
C THR E 153 0.63 -21.89 22.84
N TYR E 154 -0.58 -22.17 22.36
CA TYR E 154 -0.97 -23.50 21.87
C TYR E 154 -1.17 -23.52 20.36
N PHE E 155 -0.65 -22.53 19.65
CA PHE E 155 -0.72 -22.53 18.19
C PHE E 155 0.02 -23.74 17.64
N PRO E 156 -0.55 -24.49 16.68
CA PRO E 156 -1.80 -24.29 15.93
C PRO E 156 -3.03 -24.89 16.60
N PHE E 157 -2.92 -25.52 17.77
CA PHE E 157 -4.09 -26.09 18.45
C PHE E 157 -4.70 -25.08 19.41
N ASP E 158 -4.98 -23.87 18.92
CA ASP E 158 -5.33 -22.73 19.74
C ASP E 158 -6.74 -22.27 19.44
N TRP E 159 -7.29 -21.51 20.39
CA TRP E 159 -8.54 -20.79 20.22
C TRP E 159 -8.31 -19.34 20.63
N GLN E 160 -9.06 -18.44 20.00
CA GLN E 160 -8.87 -17.01 20.16
C GLN E 160 -10.17 -16.37 20.63
N ASN E 161 -10.02 -15.21 21.26
CA ASN E 161 -11.13 -14.42 21.83
C ASN E 161 -11.02 -13.03 21.20
N CYS E 162 -11.66 -12.86 20.05
CA CYS E 162 -11.59 -11.61 19.30
C CYS E 162 -12.78 -10.74 19.66
N SER E 163 -12.50 -9.49 20.04
CA SER E 163 -13.54 -8.55 20.43
C SER E 163 -14.01 -7.73 19.24
N LEU E 164 -15.31 -7.42 19.23
CA LEU E 164 -15.90 -6.42 18.35
C LEU E 164 -16.57 -5.40 19.26
N ILE E 165 -16.03 -4.19 19.30
CA ILE E 165 -16.49 -3.13 20.20
C ILE E 165 -17.16 -2.06 19.34
N PHE E 166 -18.44 -1.81 19.62
CA PHE E 166 -19.25 -0.83 18.92
C PHE E 166 -19.61 0.30 19.87
N ARG E 167 -19.53 1.53 19.38
CA ARG E 167 -19.93 2.68 20.20
C ARG E 167 -20.30 3.83 19.29
N SER E 168 -21.03 4.78 19.85
CA SER E 168 -21.29 6.03 19.15
C SER E 168 -20.03 6.89 19.14
N GLN E 169 -19.65 7.38 17.96
CA GLN E 169 -18.45 8.19 17.84
C GLN E 169 -18.61 9.58 18.43
N THR E 170 -19.84 10.04 18.62
CA THR E 170 -20.14 11.42 18.97
C THR E 170 -20.75 11.58 20.35
N TYR E 171 -21.73 10.75 20.70
CA TYR E 171 -22.60 11.00 21.84
C TYR E 171 -22.19 10.16 23.05
N ASN E 172 -22.33 10.74 24.24
CA ASN E 172 -22.03 10.06 25.48
C ASN E 172 -23.23 9.21 25.90
N ALA E 173 -23.07 8.50 27.01
CA ALA E 173 -24.10 7.56 27.45
C ALA E 173 -25.40 8.25 27.82
N GLU E 174 -25.33 9.49 28.34
CA GLU E 174 -26.55 10.22 28.66
C GLU E 174 -27.29 10.66 27.41
N GLU E 175 -26.57 10.84 26.30
CA GLU E 175 -27.18 11.29 25.05
C GLU E 175 -27.72 10.12 24.22
N VAL E 176 -26.96 9.04 24.11
CA VAL E 176 -27.35 7.85 23.35
C VAL E 176 -26.97 6.62 24.16
N GLU E 177 -27.93 5.71 24.33
CA GLU E 177 -27.71 4.45 25.02
C GLU E 177 -28.10 3.29 24.10
N PHE E 178 -27.64 2.10 24.47
CA PHE E 178 -27.81 0.89 23.67
C PHE E 178 -28.58 -0.17 24.43
N THR E 179 -29.43 -0.88 23.71
CA THR E 179 -30.07 -2.10 24.19
C THR E 179 -29.98 -3.14 23.07
N PHE E 180 -30.06 -4.41 23.46
CA PHE E 180 -30.05 -5.48 22.48
C PHE E 180 -31.43 -5.66 21.88
N ALA E 181 -31.47 -6.02 20.60
CA ALA E 181 -32.73 -6.34 19.95
C ALA E 181 -33.27 -7.67 20.47
N VAL E 182 -34.58 -7.84 20.34
CA VAL E 182 -35.29 -9.02 20.80
C VAL E 182 -35.77 -9.80 19.58
N ASP E 183 -35.88 -11.12 19.74
CA ASP E 183 -36.37 -11.98 18.68
C ASP E 183 -37.89 -11.92 18.62
N ASN E 184 -38.49 -12.82 17.84
CA ASN E 184 -39.95 -12.81 17.70
C ASN E 184 -40.64 -13.26 18.98
N ASP E 185 -39.99 -14.13 19.75
CA ASP E 185 -40.54 -14.59 21.03
C ASP E 185 -40.27 -13.60 22.17
N GLY E 186 -39.57 -12.50 21.92
CA GLY E 186 -39.23 -11.55 22.95
C GLY E 186 -37.94 -11.83 23.67
N LYS E 187 -37.25 -12.93 23.36
CA LYS E 187 -35.98 -13.22 23.99
C LYS E 187 -34.91 -12.25 23.51
N THR E 188 -34.10 -11.75 24.44
CA THR E 188 -33.06 -10.79 24.10
C THR E 188 -31.96 -11.48 23.29
N ILE E 189 -31.58 -10.87 22.17
CA ILE E 189 -30.48 -11.39 21.35
C ILE E 189 -29.23 -10.67 21.83
N ASN E 190 -28.64 -11.19 22.90
CA ASN E 190 -27.39 -10.68 23.45
C ASN E 190 -26.20 -11.47 22.90
N LYS E 191 -26.12 -11.57 21.58
CA LYS E 191 -25.07 -12.34 20.92
C LYS E 191 -25.02 -11.93 19.45
N ILE E 192 -23.98 -12.40 18.77
CA ILE E 192 -23.91 -12.24 17.32
C ILE E 192 -24.91 -13.19 16.68
N ASP E 193 -25.78 -12.64 15.83
CA ASP E 193 -26.73 -13.46 15.09
C ASP E 193 -26.07 -14.04 13.85
N ILE E 194 -26.38 -15.29 13.55
CA ILE E 194 -25.88 -15.97 12.35
C ILE E 194 -27.03 -16.72 11.72
N ASP E 195 -27.26 -16.49 10.43
CA ASP E 195 -28.21 -17.26 9.65
C ASP E 195 -27.57 -18.62 9.35
N THR E 196 -28.14 -19.68 9.90
CA THR E 196 -27.53 -21.01 9.78
C THR E 196 -27.51 -21.47 8.33
N GLU E 197 -28.57 -21.19 7.58
CA GLU E 197 -28.67 -21.70 6.22
C GLU E 197 -27.63 -21.05 5.30
N ALA E 198 -27.50 -19.72 5.39
CA ALA E 198 -26.60 -18.99 4.50
C ALA E 198 -25.14 -19.00 4.97
N TYR E 199 -24.87 -19.50 6.17
CA TYR E 199 -23.52 -19.40 6.73
C TYR E 199 -22.63 -20.51 6.19
N THR E 200 -21.46 -20.13 5.69
CA THR E 200 -20.41 -21.05 5.31
C THR E 200 -19.26 -20.86 6.30
N GLU E 201 -18.91 -21.93 7.01
CA GLU E 201 -17.85 -21.83 8.01
C GLU E 201 -16.51 -21.53 7.35
N ASN E 202 -15.71 -20.70 8.01
CA ASN E 202 -14.37 -20.41 7.54
C ASN E 202 -13.56 -21.69 7.48
N GLY E 203 -12.71 -21.79 6.47
CA GLY E 203 -11.95 -23.00 6.24
C GLY E 203 -11.02 -23.38 7.38
N GLU E 204 -10.60 -22.41 8.20
CA GLU E 204 -9.67 -22.63 9.30
C GLU E 204 -10.25 -22.34 10.67
N TRP E 205 -11.33 -21.58 10.78
CA TRP E 205 -11.82 -21.07 12.06
C TRP E 205 -13.29 -21.42 12.22
N ALA E 206 -13.61 -22.09 13.32
CA ALA E 206 -14.98 -22.37 13.71
C ALA E 206 -15.37 -21.44 14.85
N ILE E 207 -16.55 -20.83 14.76
CA ILE E 207 -17.03 -19.90 15.78
C ILE E 207 -17.75 -20.75 16.83
N ASP E 208 -17.13 -20.87 18.01
CA ASP E 208 -17.74 -21.64 19.09
C ASP E 208 -18.71 -20.80 19.90
N PHE E 209 -18.36 -19.55 20.21
CA PHE E 209 -19.25 -18.70 21.01
C PHE E 209 -19.18 -17.27 20.53
N CYS E 210 -20.23 -16.50 20.85
CA CYS E 210 -20.27 -15.09 20.49
C CYS E 210 -21.20 -14.28 21.39
N PRO E 211 -20.95 -14.24 22.70
CA PRO E 211 -21.80 -13.43 23.58
C PRO E 211 -21.57 -11.94 23.38
N GLY E 212 -22.60 -11.17 23.71
CA GLY E 212 -22.53 -9.72 23.68
C GLY E 212 -22.91 -9.13 25.02
N VAL E 213 -22.27 -8.02 25.35
CA VAL E 213 -22.46 -7.33 26.62
C VAL E 213 -22.48 -5.82 26.38
N ILE E 214 -23.44 -5.15 27.00
CA ILE E 214 -23.48 -3.69 27.01
C ILE E 214 -22.79 -3.21 28.27
N ARG E 215 -21.69 -2.47 28.11
CA ARG E 215 -20.90 -1.97 29.23
C ARG E 215 -21.13 -0.46 29.38
N ARG E 216 -21.24 -0.04 30.64
CA ARG E 216 -21.31 1.37 31.01
C ARG E 216 -20.21 1.67 32.00
N HIS E 217 -19.52 2.80 31.81
CA HIS E 217 -18.37 3.14 32.63
C HIS E 217 -18.18 4.65 32.63
N HIS E 218 -17.25 5.11 33.47
CA HIS E 218 -17.00 6.53 33.69
C HIS E 218 -18.27 7.24 34.17
N GLY E 219 -19.05 6.56 35.00
CA GLY E 219 -20.26 7.12 35.57
C GLY E 219 -20.05 7.89 36.85
N GLY E 220 -18.82 7.99 37.35
CA GLY E 220 -18.57 8.70 38.58
C GLY E 220 -18.58 10.21 38.41
N ALA E 221 -18.68 10.92 39.54
CA ALA E 221 -18.70 12.37 39.50
C ALA E 221 -17.39 12.93 38.97
N THR E 222 -16.26 12.39 39.41
CA THR E 222 -14.97 12.85 38.91
C THR E 222 -14.81 12.54 37.43
N ASP E 223 -15.27 11.37 37.00
CA ASP E 223 -15.15 11.01 35.60
C ASP E 223 -16.02 11.92 34.72
N GLY E 224 -17.18 12.32 35.22
CA GLY E 224 -18.04 13.25 34.52
C GLY E 224 -19.13 12.53 33.74
N PRO E 225 -19.31 12.84 32.45
CA PRO E 225 -20.38 12.17 31.69
C PRO E 225 -20.08 10.69 31.49
N GLY E 226 -21.13 9.88 31.56
CA GLY E 226 -20.96 8.45 31.40
C GLY E 226 -20.72 8.06 29.96
N GLU E 227 -20.03 6.94 29.78
CA GLU E 227 -19.74 6.38 28.48
C GLU E 227 -20.25 4.95 28.43
N THR E 228 -20.57 4.49 27.23
CA THR E 228 -21.12 3.14 27.05
C THR E 228 -20.63 2.57 25.73
N ASP E 229 -20.66 1.24 25.64
CA ASP E 229 -20.36 0.56 24.39
C ASP E 229 -20.92 -0.85 24.45
N VAL E 230 -20.83 -1.54 23.32
CA VAL E 230 -21.29 -2.93 23.19
C VAL E 230 -20.11 -3.75 22.72
N ILE E 231 -19.76 -4.79 23.49
CA ILE E 231 -18.64 -5.66 23.17
C ILE E 231 -19.18 -7.06 22.90
N TYR E 232 -18.88 -7.58 21.71
CA TYR E 232 -19.11 -8.97 21.35
C TYR E 232 -17.79 -9.72 21.40
N SER E 233 -17.83 -10.95 21.91
CA SER E 233 -16.63 -11.76 22.14
C SER E 233 -16.72 -13.03 21.31
N LEU E 234 -16.15 -12.98 20.10
CA LEU E 234 -16.08 -14.17 19.26
C LEU E 234 -15.02 -15.11 19.80
N ILE E 235 -15.46 -16.21 20.41
CA ILE E 235 -14.59 -17.30 20.81
C ILE E 235 -14.53 -18.25 19.63
N ILE E 236 -13.39 -18.29 18.94
CA ILE E 236 -13.21 -19.00 17.68
C ILE E 236 -12.12 -20.06 17.86
N ARG E 237 -12.36 -21.23 17.28
CA ARG E 237 -11.48 -22.38 17.39
C ARG E 237 -10.80 -22.63 16.06
N ARG E 238 -9.48 -22.80 16.07
CA ARG E 238 -8.77 -23.15 14.85
C ARG E 238 -8.96 -24.62 14.53
N LYS E 239 -9.10 -24.93 13.25
CA LYS E 239 -9.10 -26.29 12.76
C LYS E 239 -7.69 -26.60 12.26
N PRO E 240 -6.89 -27.40 12.99
CA PRO E 240 -5.44 -27.43 12.70
C PRO E 240 -5.02 -28.45 11.65
N LEU E 241 -5.97 -28.93 10.83
CA LEU E 241 -5.70 -30.06 9.95
C LEU E 241 -4.54 -29.78 9.00
N PHE E 242 -4.44 -28.56 8.47
CA PHE E 242 -3.36 -28.24 7.55
C PHE E 242 -2.00 -28.39 8.24
N TYR E 243 -1.87 -27.83 9.45
CA TYR E 243 -0.61 -27.93 10.17
C TYR E 243 -0.29 -29.36 10.56
N VAL E 244 -1.33 -30.15 10.88
CA VAL E 244 -1.11 -31.54 11.23
C VAL E 244 -0.57 -32.31 10.03
N ILE E 245 -1.21 -32.17 8.88
CA ILE E 245 -0.84 -32.97 7.71
C ILE E 245 0.49 -32.51 7.14
N ASN E 246 0.69 -31.21 7.01
CA ASN E 246 1.78 -30.69 6.18
C ASN E 246 3.05 -30.42 6.95
N ILE E 247 2.97 -30.16 8.25
CA ILE E 247 4.12 -29.72 9.04
C ILE E 247 4.37 -30.69 10.19
N ILE E 248 3.37 -30.90 11.05
CA ILE E 248 3.61 -31.58 12.32
C ILE E 248 3.91 -33.06 12.09
N VAL E 249 3.13 -33.74 11.26
CA VAL E 249 3.30 -35.18 11.07
C VAL E 249 4.63 -35.46 10.36
N PRO E 250 4.94 -34.82 9.22
CA PRO E 250 6.28 -35.03 8.63
C PRO E 250 7.42 -34.69 9.56
N CYS E 251 7.28 -33.60 10.33
CA CYS E 251 8.32 -33.20 11.26
C CYS E 251 8.50 -34.24 12.37
N VAL E 252 7.40 -34.78 12.87
CA VAL E 252 7.46 -35.82 13.91
C VAL E 252 8.16 -37.06 13.37
N LEU E 253 7.83 -37.48 12.15
CA LEU E 253 8.46 -38.68 11.61
C LEU E 253 9.94 -38.46 11.35
N ILE E 254 10.29 -37.31 10.76
CA ILE E 254 11.69 -37.03 10.45
C ILE E 254 12.50 -36.89 11.75
N SER E 255 11.88 -36.32 12.79
CA SER E 255 12.55 -36.20 14.07
C SER E 255 12.62 -37.54 14.80
N GLY E 256 11.69 -38.45 14.52
CA GLY E 256 11.80 -39.79 15.04
C GLY E 256 12.89 -40.62 14.38
N LEU E 257 13.29 -40.25 13.16
CA LEU E 257 14.32 -41.01 12.46
C LEU E 257 15.66 -41.05 13.20
N VAL E 258 15.98 -40.06 14.04
CA VAL E 258 17.30 -40.08 14.67
C VAL E 258 17.46 -41.25 15.63
N LEU E 259 16.35 -41.79 16.15
CA LEU E 259 16.43 -42.98 17.00
C LEU E 259 16.96 -44.18 16.23
N LEU E 260 16.83 -44.20 14.90
CA LEU E 260 17.37 -45.28 14.10
C LEU E 260 18.90 -45.29 14.08
N ALA E 261 19.54 -44.16 14.38
CA ALA E 261 21.00 -44.11 14.37
C ALA E 261 21.60 -45.05 15.41
N TYR E 262 20.88 -45.30 16.50
CA TYR E 262 21.37 -46.23 17.52
C TYR E 262 21.46 -47.66 17.02
N PHE E 263 20.79 -48.00 15.91
CA PHE E 263 20.79 -49.36 15.39
C PHE E 263 21.73 -49.56 14.20
N LEU E 264 22.36 -48.47 13.69
CA LEU E 264 23.32 -48.62 12.60
C LEU E 264 24.69 -48.98 13.17
N PRO E 265 25.53 -49.69 12.42
CA PRO E 265 26.83 -50.10 12.96
C PRO E 265 27.75 -48.92 13.19
N ALA E 266 28.61 -49.04 14.20
CA ALA E 266 29.62 -48.04 14.49
C ALA E 266 30.90 -48.31 13.71
N GLN E 267 30.78 -48.33 12.39
CA GLN E 267 31.88 -48.56 11.46
C GLN E 267 31.92 -47.43 10.43
N ALA E 268 32.85 -47.54 9.48
CA ALA E 268 32.98 -46.52 8.45
C ALA E 268 31.74 -46.42 7.59
N GLY E 269 31.17 -47.57 7.20
CA GLY E 269 30.01 -47.63 6.35
C GLY E 269 28.68 -47.59 7.06
N GLY E 270 28.65 -47.29 8.35
CA GLY E 270 27.40 -47.29 9.09
C GLY E 270 26.51 -46.09 8.77
N GLN E 271 27.12 -44.93 8.50
CA GLN E 271 26.38 -43.70 8.18
C GLN E 271 25.45 -43.29 9.31
N LYS E 272 25.90 -43.49 10.55
CA LYS E 272 25.15 -43.08 11.72
C LYS E 272 25.02 -41.55 11.79
N CYS E 273 26.16 -40.87 11.68
CA CYS E 273 26.16 -39.42 11.73
C CYS E 273 25.48 -38.81 10.51
N THR E 274 25.53 -39.49 9.37
CA THR E 274 24.79 -39.06 8.19
C THR E 274 23.32 -38.89 8.54
N VAL E 275 22.73 -39.93 9.12
CA VAL E 275 21.31 -39.92 9.46
C VAL E 275 21.03 -38.80 10.46
N SER E 276 21.83 -38.71 11.53
CA SER E 276 21.54 -37.74 12.57
C SER E 276 21.63 -36.30 12.07
N ILE E 277 22.77 -35.94 11.46
CA ILE E 277 22.95 -34.55 11.08
C ILE E 277 22.04 -34.17 9.92
N ASN E 278 21.66 -35.12 9.06
CA ASN E 278 20.73 -34.78 7.99
C ASN E 278 19.31 -34.63 8.52
N VAL E 279 18.95 -35.33 9.59
CA VAL E 279 17.69 -35.00 10.25
C VAL E 279 17.75 -33.57 10.79
N LEU E 280 18.90 -33.17 11.33
CA LEU E 280 19.03 -31.78 11.77
C LEU E 280 18.85 -30.80 10.61
N LEU E 281 19.43 -31.10 9.45
CA LEU E 281 19.28 -30.24 8.27
C LEU E 281 17.81 -30.16 7.84
N ALA E 282 17.11 -31.30 7.82
CA ALA E 282 15.70 -31.31 7.48
C ALA E 282 14.88 -30.48 8.49
N GLN E 283 15.24 -30.57 9.78
CA GLN E 283 14.58 -29.76 10.78
C GLN E 283 14.83 -28.27 10.55
N THR E 284 16.02 -27.91 10.06
CA THR E 284 16.27 -26.52 9.69
C THR E 284 15.37 -26.08 8.54
N VAL E 285 15.18 -26.96 7.55
CA VAL E 285 14.24 -26.67 6.47
C VAL E 285 12.84 -26.46 7.04
N PHE E 286 12.44 -27.28 8.01
CA PHE E 286 11.12 -27.12 8.62
C PHE E 286 11.02 -25.85 9.44
N LEU E 287 12.13 -25.41 10.05
CA LEU E 287 12.16 -24.13 10.72
C LEU E 287 11.91 -22.99 9.74
N PHE E 288 12.56 -23.04 8.57
CA PHE E 288 12.28 -22.04 7.56
C PHE E 288 10.82 -22.09 7.12
N LEU E 289 10.27 -23.28 6.99
CA LEU E 289 8.86 -23.41 6.60
C LEU E 289 7.94 -22.83 7.67
N ILE E 290 8.24 -23.08 8.95
CA ILE E 290 7.37 -22.66 10.04
C ILE E 290 7.47 -21.17 10.27
N ALA E 291 8.63 -20.57 10.02
CA ALA E 291 8.79 -19.12 10.21
C ALA E 291 7.84 -18.32 9.33
N GLN E 292 7.37 -18.88 8.22
CA GLN E 292 6.45 -18.19 7.34
C GLN E 292 5.03 -18.14 7.89
N LYS E 293 4.70 -18.98 8.87
CA LYS E 293 3.32 -19.15 9.34
C LYS E 293 3.08 -18.68 10.77
N ILE E 294 4.06 -18.80 11.65
CA ILE E 294 3.83 -18.56 13.09
C ILE E 294 3.59 -17.07 13.34
N PRO E 295 2.89 -16.69 14.40
CA PRO E 295 2.84 -15.27 14.76
C PRO E 295 4.19 -14.77 15.24
N GLU E 296 4.35 -13.45 15.21
CA GLU E 296 5.62 -12.79 15.45
C GLU E 296 5.58 -11.94 16.72
N THR E 297 4.95 -12.46 17.77
CA THR E 297 4.90 -11.82 19.08
C THR E 297 5.81 -12.58 20.05
N SER E 298 6.07 -11.95 21.21
CA SER E 298 7.04 -12.44 22.18
C SER E 298 6.46 -12.56 23.58
N LEU E 299 5.14 -12.63 23.72
CA LEU E 299 4.55 -12.84 25.04
C LEU E 299 4.66 -14.29 25.49
N SER E 300 4.66 -15.23 24.54
CA SER E 300 4.89 -16.63 24.85
C SER E 300 5.41 -17.31 23.58
N VAL E 301 5.92 -18.51 23.75
CA VAL E 301 6.48 -19.31 22.65
C VAL E 301 5.36 -20.20 22.12
N PRO E 302 5.11 -20.23 20.81
CA PRO E 302 4.06 -21.13 20.31
C PRO E 302 4.44 -22.60 20.45
N LEU E 303 3.40 -23.44 20.47
CA LEU E 303 3.61 -24.87 20.64
C LEU E 303 4.45 -25.43 19.49
N LEU E 304 4.18 -24.99 18.26
CA LEU E 304 4.93 -25.48 17.11
C LEU E 304 6.41 -25.14 17.24
N GLY E 305 6.72 -23.91 17.62
CA GLY E 305 8.10 -23.52 17.83
C GLY E 305 8.76 -24.28 18.97
N ARG E 306 8.03 -24.46 20.08
CA ARG E 306 8.57 -25.22 21.20
C ARG E 306 8.90 -26.64 20.80
N PHE E 307 7.98 -27.29 20.07
CA PHE E 307 8.22 -28.66 19.63
C PHE E 307 9.40 -28.74 18.68
N LEU E 308 9.51 -27.79 17.75
CA LEU E 308 10.61 -27.84 16.79
C LEU E 308 11.96 -27.62 17.47
N ILE E 309 12.02 -26.66 18.40
CA ILE E 309 13.27 -26.45 19.14
C ILE E 309 13.59 -27.67 19.99
N PHE E 310 12.57 -28.32 20.56
CA PHE E 310 12.80 -29.50 21.37
C PHE E 310 13.39 -30.64 20.54
N VAL E 311 12.80 -30.91 19.37
CA VAL E 311 13.32 -32.00 18.55
C VAL E 311 14.69 -31.65 18.00
N MET E 312 14.97 -30.37 17.75
CA MET E 312 16.30 -29.98 17.33
C MET E 312 17.32 -30.24 18.44
N VAL E 313 16.97 -29.93 19.69
CA VAL E 313 17.86 -30.19 20.80
C VAL E 313 18.08 -31.70 20.97
N VAL E 314 17.01 -32.48 20.84
CA VAL E 314 17.15 -33.94 20.93
C VAL E 314 18.05 -34.47 19.82
N ALA E 315 17.90 -33.94 18.61
CA ALA E 315 18.75 -34.37 17.51
C ALA E 315 20.21 -34.00 17.76
N THR E 316 20.45 -32.82 18.33
CA THR E 316 21.82 -32.41 18.65
C THR E 316 22.42 -33.35 19.71
N LEU E 317 21.64 -33.69 20.73
CA LEU E 317 22.13 -34.60 21.76
C LEU E 317 22.42 -35.97 21.18
N ILE E 318 21.57 -36.45 20.26
CA ILE E 318 21.81 -37.76 19.66
C ILE E 318 23.00 -37.72 18.71
N VAL E 319 23.25 -36.58 18.07
CA VAL E 319 24.48 -36.43 17.28
C VAL E 319 25.70 -36.55 18.19
N MET E 320 25.66 -35.86 19.35
CA MET E 320 26.76 -35.97 20.29
C MET E 320 26.93 -37.41 20.76
N ASN E 321 25.82 -38.10 21.02
CA ASN E 321 25.86 -39.49 21.44
C ASN E 321 26.49 -40.37 20.36
N CYS E 322 26.11 -40.16 19.10
CA CYS E 322 26.68 -40.95 18.02
C CYS E 322 28.16 -40.69 17.87
N VAL E 323 28.59 -39.44 18.05
CA VAL E 323 30.01 -39.12 18.00
C VAL E 323 30.75 -39.84 19.12
N ILE E 324 30.17 -39.87 20.33
CA ILE E 324 30.82 -40.54 21.45
C ILE E 324 30.90 -42.04 21.20
N VAL E 325 29.81 -42.64 20.70
CA VAL E 325 29.80 -44.08 20.44
C VAL E 325 30.82 -44.43 19.37
N LEU E 326 30.93 -43.61 18.32
CA LEU E 326 31.93 -43.85 17.30
C LEU E 326 33.34 -43.67 17.85
N ASN E 327 33.54 -42.70 18.74
CA ASN E 327 34.85 -42.54 19.35
C ASN E 327 35.25 -43.76 20.15
N VAL E 328 34.29 -44.32 20.90
CA VAL E 328 34.58 -45.50 21.73
C VAL E 328 34.79 -46.74 20.85
N SER E 329 34.02 -46.86 19.77
CA SER E 329 34.01 -48.12 19.01
C SER E 329 35.26 -48.28 18.17
N GLN E 330 35.76 -47.20 17.57
CA GLN E 330 36.92 -47.23 16.68
C GLN E 330 38.25 -47.08 17.41
N ARG E 331 38.27 -47.15 18.73
CA ARG E 331 39.53 -47.18 19.45
C ARG E 331 40.30 -48.45 19.12
N THR E 332 41.60 -48.31 18.84
CA THR E 332 42.48 -49.39 18.47
C THR E 332 43.63 -49.48 19.46
N PRO E 333 44.27 -50.65 19.61
CA PRO E 333 45.42 -50.74 20.52
C PRO E 333 46.56 -49.80 20.19
N THR E 334 46.74 -49.43 18.91
CA THR E 334 47.89 -48.65 18.51
C THR E 334 47.79 -47.18 18.87
N THR E 335 46.62 -46.71 19.32
CA THR E 335 46.44 -45.33 19.76
C THR E 335 45.95 -45.21 21.20
N HIS E 336 45.00 -46.05 21.61
CA HIS E 336 44.35 -45.94 22.90
C HIS E 336 44.70 -47.13 23.78
N ALA E 337 44.78 -46.87 25.08
CA ALA E 337 45.01 -47.90 26.09
C ALA E 337 43.69 -48.45 26.58
N MET E 338 43.73 -49.68 27.09
CA MET E 338 42.53 -50.36 27.55
C MET E 338 42.17 -49.86 28.94
N SER E 339 41.08 -49.11 29.03
CA SER E 339 40.54 -48.73 30.33
C SER E 339 39.82 -49.93 30.94
N PRO E 340 40.24 -50.44 32.13
CA PRO E 340 39.51 -51.58 32.70
C PRO E 340 38.25 -51.17 33.45
N ARG E 341 38.23 -49.94 33.98
CA ARG E 341 37.07 -49.48 34.74
C ARG E 341 35.85 -49.36 33.83
N LEU E 342 36.00 -48.68 32.70
CA LEU E 342 34.88 -48.53 31.77
C LEU E 342 34.44 -49.87 31.23
N ARG E 343 35.40 -50.77 30.96
CA ARG E 343 35.06 -52.10 30.48
C ARG E 343 34.26 -52.89 31.50
N HIS E 344 34.66 -52.83 32.76
CA HIS E 344 33.91 -53.53 33.80
C HIS E 344 32.52 -52.91 33.97
N VAL E 345 32.42 -51.58 33.86
CA VAL E 345 31.13 -50.92 34.03
C VAL E 345 30.17 -51.32 32.91
N LEU E 346 30.65 -51.33 31.65
CA LEU E 346 29.75 -51.50 30.52
C LEU E 346 29.50 -52.96 30.17
N LEU E 347 30.53 -53.82 30.22
CA LEU E 347 30.37 -55.19 29.74
C LEU E 347 29.95 -56.15 30.85
N GLU E 348 30.44 -55.95 32.07
CA GLU E 348 30.19 -56.87 33.18
C GLU E 348 29.06 -56.39 34.10
N LEU E 349 29.16 -55.16 34.60
CA LEU E 349 28.20 -54.69 35.60
C LEU E 349 26.84 -54.38 34.97
N LEU E 350 26.83 -53.75 33.79
CA LEU E 350 25.59 -53.27 33.21
C LEU E 350 24.60 -54.39 32.87
N PRO E 351 25.00 -55.49 32.21
CA PRO E 351 24.00 -56.54 31.95
C PRO E 351 23.39 -57.14 33.20
N ARG E 352 24.18 -57.34 34.24
CA ARG E 352 23.63 -57.87 35.49
C ARG E 352 22.72 -56.86 36.16
N LEU E 353 23.10 -55.58 36.15
CA LEU E 353 22.21 -54.54 36.66
C LEU E 353 20.96 -54.43 35.80
N LEU E 354 21.12 -54.55 34.48
CA LEU E 354 20.00 -54.44 33.56
C LEU E 354 19.18 -55.73 33.58
N ALA E 417 74.98 -74.26 7.37
CA ALA E 417 73.56 -74.56 7.25
C ALA E 417 72.68 -73.40 7.71
N PRO E 418 72.71 -72.29 6.96
CA PRO E 418 71.83 -71.15 7.30
C PRO E 418 70.35 -71.44 7.08
N GLU E 419 70.01 -72.49 6.32
CA GLU E 419 68.62 -72.76 5.96
C GLU E 419 67.77 -73.01 7.21
N VAL E 420 68.21 -73.95 8.06
CA VAL E 420 67.40 -74.36 9.20
C VAL E 420 67.14 -73.17 10.12
N ARG E 421 68.20 -72.48 10.53
CA ARG E 421 68.06 -71.37 11.45
C ARG E 421 67.23 -70.24 10.86
N CYS E 422 67.57 -69.83 9.63
CA CYS E 422 66.94 -68.64 9.06
C CYS E 422 65.46 -68.88 8.81
N CYS E 423 65.09 -70.05 8.28
CA CYS E 423 63.68 -70.29 8.00
C CYS E 423 62.90 -70.64 9.26
N VAL E 424 63.53 -71.24 10.26
CA VAL E 424 62.84 -71.41 11.54
C VAL E 424 62.54 -70.05 12.15
N ASP E 425 63.50 -69.12 12.07
CA ASP E 425 63.26 -67.76 12.55
C ASP E 425 62.15 -67.09 11.75
N ALA E 426 62.13 -67.29 10.43
CA ALA E 426 61.08 -66.68 9.61
C ALA E 426 59.70 -67.23 9.96
N VAL E 427 59.60 -68.55 10.15
CA VAL E 427 58.33 -69.16 10.48
C VAL E 427 57.88 -68.69 11.86
N ASN E 428 58.81 -68.60 12.81
CA ASN E 428 58.47 -68.08 14.12
C ASN E 428 58.03 -66.62 14.05
N PHE E 429 58.64 -65.84 13.15
CA PHE E 429 58.24 -64.45 13.01
C PHE E 429 56.81 -64.34 12.47
N VAL E 430 56.45 -65.15 11.48
CA VAL E 430 55.08 -65.07 10.97
C VAL E 430 54.10 -65.51 12.05
N ALA E 431 54.45 -66.55 12.82
CA ALA E 431 53.56 -67.01 13.89
C ALA E 431 53.37 -65.93 14.94
N GLU E 432 54.46 -65.28 15.37
CA GLU E 432 54.35 -64.22 16.37
C GLU E 432 53.57 -63.03 15.84
N SER E 433 53.78 -62.70 14.56
CA SER E 433 53.00 -61.63 13.95
C SER E 433 51.52 -61.95 13.96
N THR E 434 51.17 -63.19 13.57
CA THR E 434 49.76 -63.59 13.56
C THR E 434 49.16 -63.51 14.95
N ARG E 435 49.94 -63.91 15.97
CA ARG E 435 49.47 -63.79 17.34
C ARG E 435 49.21 -62.34 17.72
N ASP E 436 50.10 -61.43 17.30
CA ASP E 436 49.91 -60.02 17.61
C ASP E 436 48.66 -59.47 16.94
N GLN E 437 48.42 -59.81 15.66
CA GLN E 437 47.19 -59.38 15.01
C GLN E 437 45.96 -59.95 15.70
N GLU E 438 46.00 -61.21 16.12
CA GLU E 438 44.85 -61.78 16.82
C GLU E 438 44.58 -61.06 18.14
N ALA E 439 45.61 -60.77 18.91
CA ALA E 439 45.40 -60.07 20.18
C ALA E 439 44.86 -58.66 19.94
N THR E 440 45.42 -57.97 18.94
CA THR E 440 44.95 -56.63 18.59
C THR E 440 43.48 -56.67 18.19
N GLY E 441 43.08 -57.69 17.43
CA GLY E 441 41.70 -57.76 16.98
C GLY E 441 40.74 -58.16 18.09
N GLU E 442 41.23 -58.92 19.08
CA GLU E 442 40.39 -59.21 20.25
C GLU E 442 40.16 -57.96 21.08
N GLU E 443 41.19 -57.12 21.23
CA GLU E 443 41.01 -55.86 21.94
C GLU E 443 40.08 -54.92 21.19
N VAL E 444 40.20 -54.88 19.86
CA VAL E 444 39.28 -54.10 19.06
C VAL E 444 37.85 -54.60 19.24
N SER E 445 37.67 -55.92 19.27
CA SER E 445 36.33 -56.48 19.45
C SER E 445 35.76 -56.08 20.82
N ASP E 446 36.61 -56.04 21.85
CA ASP E 446 36.15 -55.53 23.14
C ASP E 446 35.65 -54.09 23.02
N TRP E 447 36.39 -53.26 22.27
CA TRP E 447 35.95 -51.89 22.06
C TRP E 447 34.60 -51.82 21.35
N VAL E 448 34.39 -52.67 20.34
CA VAL E 448 33.11 -52.68 19.63
C VAL E 448 31.98 -53.11 20.56
N ARG E 449 32.22 -54.11 21.42
CA ARG E 449 31.16 -54.54 22.33
C ARG E 449 30.80 -53.44 23.33
N MET E 450 31.82 -52.73 23.83
CA MET E 450 31.54 -51.59 24.70
C MET E 450 30.69 -50.54 23.98
N GLY E 451 31.05 -50.22 22.74
CA GLY E 451 30.25 -49.29 21.97
C GLY E 451 28.83 -49.77 21.78
N ASN E 452 28.65 -51.08 21.55
CA ASN E 452 27.31 -51.64 21.38
C ASN E 452 26.48 -51.48 22.64
N ALA E 453 27.08 -51.75 23.80
CA ALA E 453 26.33 -51.61 25.05
C ALA E 453 25.93 -50.16 25.30
N LEU E 454 26.86 -49.24 25.06
CA LEU E 454 26.54 -47.81 25.19
C LEU E 454 25.39 -47.43 24.26
N ASP E 455 25.46 -47.89 23.01
CA ASP E 455 24.41 -47.62 22.04
C ASP E 455 23.07 -48.15 22.53
N ASN E 456 23.07 -49.37 23.08
CA ASN E 456 21.84 -50.01 23.52
C ASN E 456 21.16 -49.20 24.63
N ILE E 457 21.91 -48.84 25.67
CA ILE E 457 21.27 -48.13 26.79
C ILE E 457 20.88 -46.72 26.37
N CYS E 458 21.71 -46.05 25.57
CA CYS E 458 21.39 -44.70 25.17
C CYS E 458 20.22 -44.63 24.19
N PHE E 459 19.94 -45.72 23.46
CA PHE E 459 18.74 -45.74 22.64
C PHE E 459 17.50 -45.61 23.51
N TRP E 460 17.43 -46.38 24.59
CA TRP E 460 16.26 -46.31 25.47
C TRP E 460 16.17 -44.95 26.13
N ALA E 461 17.31 -44.39 26.54
CA ALA E 461 17.29 -43.05 27.13
C ALA E 461 16.72 -42.03 26.13
N ALA E 462 17.20 -42.06 24.89
CA ALA E 462 16.75 -41.11 23.89
C ALA E 462 15.28 -41.32 23.53
N LEU E 463 14.84 -42.59 23.47
CA LEU E 463 13.45 -42.87 23.16
C LEU E 463 12.53 -42.31 24.24
N VAL E 464 12.89 -42.53 25.51
CA VAL E 464 12.08 -42.00 26.60
C VAL E 464 12.06 -40.48 26.55
N LEU E 465 13.22 -39.85 26.30
CA LEU E 465 13.26 -38.39 26.23
C LEU E 465 12.35 -37.86 25.12
N PHE E 466 12.50 -38.39 23.90
CA PHE E 466 11.71 -37.91 22.76
C PHE E 466 10.22 -38.11 23.02
N SER E 467 9.84 -39.33 23.43
CA SER E 467 8.43 -39.64 23.62
C SER E 467 7.81 -38.79 24.71
N VAL E 468 8.48 -38.69 25.87
CA VAL E 468 7.91 -37.95 26.99
C VAL E 468 7.79 -36.47 26.65
N GLY E 469 8.84 -35.88 26.06
CA GLY E 469 8.77 -34.47 25.73
C GLY E 469 7.70 -34.15 24.70
N SER E 470 7.62 -34.94 23.63
CA SER E 470 6.59 -34.71 22.62
C SER E 470 5.21 -34.88 23.22
N SER E 471 5.00 -35.91 24.04
CA SER E 471 3.70 -36.14 24.65
C SER E 471 3.32 -34.99 25.57
N LEU E 472 4.25 -34.49 26.38
CA LEU E 472 3.94 -33.37 27.25
C LEU E 472 3.59 -32.13 26.45
N ILE E 473 4.36 -31.85 25.39
CA ILE E 473 4.12 -30.64 24.59
C ILE E 473 2.75 -30.70 23.95
N PHE E 474 2.36 -31.87 23.42
CA PHE E 474 1.08 -31.96 22.72
C PHE E 474 -0.10 -32.12 23.67
N LEU E 475 0.08 -32.77 24.82
CA LEU E 475 -0.96 -32.79 25.83
C LEU E 475 -1.18 -31.41 26.44
N GLY E 476 -0.20 -30.53 26.36
CA GLY E 476 -0.47 -29.13 26.66
C GLY E 476 -1.59 -28.57 25.81
N ALA E 477 -1.59 -28.92 24.52
CA ALA E 477 -2.69 -28.51 23.64
C ALA E 477 -3.95 -29.31 23.90
N TYR E 478 -3.81 -30.58 24.29
CA TYR E 478 -5.00 -31.42 24.51
C TYR E 478 -5.88 -30.85 25.61
N PHE E 479 -5.31 -30.20 26.60
CA PHE E 479 -6.06 -29.57 27.69
C PHE E 479 -6.39 -28.11 27.40
N ASN E 480 -6.14 -27.63 26.19
CA ASN E 480 -6.47 -26.26 25.77
C ASN E 480 -7.77 -26.21 24.99
N ARG E 481 -8.75 -27.02 25.37
CA ARG E 481 -10.05 -26.94 24.70
C ARG E 481 -10.70 -25.61 25.03
N VAL E 482 -11.67 -25.24 24.19
CA VAL E 482 -12.46 -24.05 24.51
C VAL E 482 -13.20 -24.30 25.83
N PRO E 483 -13.19 -23.37 26.80
CA PRO E 483 -13.84 -23.66 28.08
C PRO E 483 -15.35 -23.83 27.93
N ASP E 484 -15.91 -24.65 28.82
CA ASP E 484 -17.36 -24.82 28.86
C ASP E 484 -17.95 -23.55 29.45
N LEU E 485 -18.31 -22.60 28.59
CA LEU E 485 -18.82 -21.30 29.03
C LEU E 485 -20.32 -21.37 29.25
N PRO E 486 -20.89 -20.44 30.05
CA PRO E 486 -22.35 -20.43 30.27
C PRO E 486 -23.10 -19.62 29.21
N TYR E 487 -22.88 -19.98 27.94
CA TYR E 487 -23.57 -19.36 26.83
C TYR E 487 -24.01 -20.44 25.85
N ALA E 488 -25.05 -20.11 25.09
CA ALA E 488 -25.49 -20.98 24.02
C ALA E 488 -24.47 -20.94 22.87
N PRO E 489 -24.44 -21.99 22.04
CA PRO E 489 -23.53 -21.93 20.88
C PRO E 489 -23.90 -20.80 19.94
N CYS E 490 -22.88 -20.26 19.27
CA CYS E 490 -23.12 -19.16 18.34
C CYS E 490 -24.03 -19.59 17.20
N ILE E 491 -23.83 -20.80 16.69
CA ILE E 491 -24.65 -21.38 15.64
C ILE E 491 -25.46 -22.50 16.28
N GLN E 492 -26.77 -22.36 16.26
CA GLN E 492 -27.64 -23.37 16.86
C GLN E 492 -27.68 -24.60 15.97
N PRO E 493 -27.37 -25.81 16.48
CA PRO E 493 -27.35 -26.94 15.55
C PRO E 493 -28.74 -27.49 15.26
N GLU F 32 -12.93 51.19 -13.40
CA GLU F 32 -13.59 51.54 -12.11
C GLU F 32 -15.04 51.09 -12.20
N VAL F 33 -15.58 50.60 -11.09
CA VAL F 33 -16.96 50.16 -11.04
C VAL F 33 -17.89 51.34 -11.31
N GLN F 34 -18.82 51.15 -12.24
CA GLN F 34 -19.75 52.20 -12.65
C GLN F 34 -21.12 51.61 -12.92
N LEU F 35 -22.15 52.32 -12.46
CA LEU F 35 -23.55 51.98 -12.73
C LEU F 35 -24.23 53.22 -13.27
N VAL F 36 -24.94 53.08 -14.41
CA VAL F 36 -25.59 54.19 -15.08
C VAL F 36 -27.04 53.79 -15.34
N GLU F 37 -27.97 54.58 -14.83
CA GLU F 37 -29.40 54.32 -14.95
C GLU F 37 -30.04 55.16 -16.06
N SER F 38 -31.15 54.65 -16.57
CA SER F 38 -31.90 55.33 -17.63
C SER F 38 -33.29 54.73 -17.68
N GLY F 39 -34.15 55.36 -18.47
CA GLY F 39 -35.52 54.92 -18.64
C GLY F 39 -36.54 55.61 -17.77
N GLY F 40 -36.22 56.75 -17.17
CA GLY F 40 -37.15 57.50 -16.36
C GLY F 40 -38.01 58.43 -17.16
N GLY F 41 -38.54 59.45 -16.48
CA GLY F 41 -39.37 60.46 -17.10
C GLY F 41 -40.77 60.53 -16.51
N LEU F 42 -41.68 61.17 -17.24
CA LEU F 42 -43.07 61.36 -16.80
C LEU F 42 -43.93 60.23 -17.36
N VAL F 43 -44.70 59.59 -16.49
CA VAL F 43 -45.65 58.55 -16.89
C VAL F 43 -46.97 58.83 -16.19
N LYS F 44 -48.07 58.62 -16.90
CA LYS F 44 -49.38 58.81 -16.30
C LYS F 44 -49.67 57.66 -15.32
N PRO F 45 -50.43 57.92 -14.24
CA PRO F 45 -50.79 56.82 -13.34
C PRO F 45 -51.58 55.74 -14.05
N GLY F 46 -51.37 54.50 -13.59
CA GLY F 46 -51.95 53.34 -14.23
C GLY F 46 -51.20 52.84 -15.45
N GLY F 47 -50.13 53.51 -15.85
CA GLY F 47 -49.35 53.12 -17.00
C GLY F 47 -48.28 52.12 -16.65
N SER F 48 -47.17 52.18 -17.39
CA SER F 48 -46.06 51.26 -17.17
C SER F 48 -44.76 51.95 -17.57
N LEU F 49 -43.65 51.41 -17.07
CA LEU F 49 -42.33 51.92 -17.41
C LEU F 49 -41.31 50.80 -17.30
N ARG F 50 -40.15 51.03 -17.89
CA ARG F 50 -39.04 50.07 -17.87
C ARG F 50 -37.78 50.86 -17.53
N LEU F 51 -37.22 50.61 -16.36
CA LEU F 51 -35.97 51.22 -15.94
C LEU F 51 -34.82 50.27 -16.26
N SER F 52 -33.70 50.83 -16.74
CA SER F 52 -32.54 50.05 -17.11
C SER F 52 -31.31 50.60 -16.38
N CYS F 53 -30.38 49.69 -16.06
CA CYS F 53 -29.15 50.03 -15.36
C CYS F 53 -28.01 49.28 -16.04
N ALA F 54 -27.11 50.01 -16.68
CA ALA F 54 -25.94 49.44 -17.31
C ALA F 54 -24.76 49.46 -16.33
N ALA F 55 -24.09 48.33 -16.21
CA ALA F 55 -22.98 48.15 -15.28
C ALA F 55 -21.67 47.99 -16.04
N SER F 56 -20.58 48.42 -15.42
CA SER F 56 -19.26 48.24 -16.00
C SER F 56 -18.22 48.22 -14.88
N GLY F 57 -17.06 47.64 -15.20
CA GLY F 57 -15.95 47.58 -14.28
C GLY F 57 -15.92 46.39 -13.34
N PHE F 58 -16.85 45.44 -13.49
CA PHE F 58 -16.86 44.26 -12.63
C PHE F 58 -17.68 43.17 -13.31
N THR F 59 -17.59 41.97 -12.74
CA THR F 59 -18.37 40.82 -13.22
C THR F 59 -19.82 41.01 -12.80
N PHE F 60 -20.67 41.39 -13.76
CA PHE F 60 -22.05 41.70 -13.44
C PHE F 60 -22.80 40.48 -12.91
N SER F 61 -22.56 39.31 -13.50
CA SER F 61 -23.33 38.12 -13.14
C SER F 61 -23.02 37.61 -11.73
N GLY F 62 -21.88 37.98 -11.15
CA GLY F 62 -21.46 37.47 -9.87
C GLY F 62 -21.98 38.20 -8.65
N TYR F 63 -22.85 39.20 -8.82
CA TYR F 63 -23.34 40.01 -7.73
C TYR F 63 -24.86 40.06 -7.78
N TRP F 64 -25.49 39.99 -6.61
CA TRP F 64 -26.89 40.37 -6.49
C TRP F 64 -27.02 41.86 -6.80
N MET F 65 -28.18 42.26 -7.29
CA MET F 65 -28.44 43.66 -7.61
C MET F 65 -29.75 44.09 -6.97
N HIS F 66 -29.80 45.36 -6.57
CA HIS F 66 -30.95 45.91 -5.88
C HIS F 66 -31.41 47.20 -6.56
N TRP F 67 -32.71 47.39 -6.55
CA TRP F 67 -33.33 48.68 -6.86
C TRP F 67 -33.81 49.29 -5.56
N VAL F 68 -33.46 50.57 -5.36
CA VAL F 68 -33.79 51.33 -4.16
C VAL F 68 -34.33 52.68 -4.60
N ARG F 69 -35.50 53.07 -4.08
CA ARG F 69 -36.13 54.33 -4.45
C ARG F 69 -35.99 55.33 -3.32
N GLN F 70 -35.85 56.60 -3.70
CA GLN F 70 -35.89 57.73 -2.78
C GLN F 70 -36.92 58.72 -3.30
N ALA F 71 -38.02 58.88 -2.57
CA ALA F 71 -39.02 59.85 -2.97
C ALA F 71 -38.48 61.26 -2.72
N PRO F 72 -39.04 62.28 -3.39
CA PRO F 72 -38.54 63.65 -3.17
C PRO F 72 -38.72 64.09 -1.72
N GLY F 73 -37.62 64.48 -1.10
CA GLY F 73 -37.65 64.90 0.29
C GLY F 73 -37.98 63.80 1.27
N LYS F 74 -37.54 62.56 1.00
CA LYS F 74 -37.78 61.42 1.87
C LYS F 74 -36.50 60.62 1.96
N GLY F 75 -36.55 59.53 2.74
CA GLY F 75 -35.42 58.65 2.91
C GLY F 75 -35.40 57.53 1.87
N LEU F 76 -34.34 56.73 1.92
CA LEU F 76 -34.18 55.63 1.01
C LEU F 76 -35.14 54.49 1.38
N VAL F 77 -35.71 53.86 0.35
CA VAL F 77 -36.63 52.74 0.52
C VAL F 77 -36.24 51.66 -0.48
N TRP F 78 -36.00 50.45 0.02
CA TRP F 78 -35.61 49.33 -0.84
C TRP F 78 -36.79 48.85 -1.67
N VAL F 79 -36.58 48.75 -2.98
CA VAL F 79 -37.63 48.32 -3.90
C VAL F 79 -37.55 46.81 -4.08
N SER F 80 -36.42 46.34 -4.63
CA SER F 80 -36.38 44.96 -5.08
C SER F 80 -34.94 44.46 -5.13
N HIS F 81 -34.81 43.12 -5.20
CA HIS F 81 -33.54 42.43 -5.21
C HIS F 81 -33.61 41.27 -6.20
N ILE F 82 -32.50 41.04 -6.90
CA ILE F 82 -32.37 39.91 -7.83
C ILE F 82 -31.02 39.24 -7.62
N ASN F 83 -31.03 37.91 -7.73
CA ASN F 83 -29.83 37.10 -7.65
C ASN F 83 -28.91 37.37 -8.84
N GLY F 84 -27.73 36.74 -8.81
CA GLY F 84 -26.80 36.90 -9.92
C GLY F 84 -27.32 36.28 -11.20
N ASP F 85 -27.90 35.07 -11.11
CA ASP F 85 -28.43 34.41 -12.30
C ASP F 85 -29.83 34.89 -12.63
N GLY F 86 -30.64 35.16 -11.60
CA GLY F 86 -32.01 35.60 -11.76
C GLY F 86 -33.07 34.62 -11.30
N SER F 87 -32.67 33.50 -10.69
CA SER F 87 -33.67 32.54 -10.20
C SER F 87 -34.49 33.12 -9.07
N SER F 88 -33.85 33.83 -8.15
CA SER F 88 -34.49 34.37 -6.96
C SER F 88 -34.71 35.87 -7.11
N THR F 89 -35.93 36.31 -6.83
CA THR F 89 -36.29 37.73 -6.83
C THR F 89 -37.07 38.04 -5.57
N THR F 90 -36.94 39.28 -5.09
CA THR F 90 -37.65 39.75 -3.92
C THR F 90 -38.09 41.18 -4.17
N TYR F 91 -39.25 41.55 -3.60
CA TYR F 91 -39.83 42.86 -3.81
C TYR F 91 -40.36 43.39 -2.49
N ALA F 92 -40.50 44.72 -2.43
CA ALA F 92 -41.16 45.35 -1.30
C ALA F 92 -42.65 45.02 -1.31
N ASP F 93 -43.27 45.11 -0.12
CA ASP F 93 -44.68 44.78 -0.01
C ASP F 93 -45.55 45.70 -0.84
N SER F 94 -45.15 46.97 -0.99
CA SER F 94 -45.91 47.93 -1.77
C SER F 94 -45.80 47.72 -3.27
N VAL F 95 -44.87 46.89 -3.73
CA VAL F 95 -44.63 46.66 -5.16
C VAL F 95 -44.58 45.16 -5.46
N LYS F 96 -45.23 44.36 -4.60
CA LYS F 96 -45.03 42.91 -4.64
C LYS F 96 -45.54 42.31 -5.95
N GLY F 97 -46.77 42.66 -6.34
CA GLY F 97 -47.41 42.10 -7.51
C GLY F 97 -47.34 42.95 -8.76
N ARG F 98 -46.78 44.16 -8.68
CA ARG F 98 -46.80 45.11 -9.77
C ARG F 98 -45.46 45.30 -10.46
N PHE F 99 -44.35 44.91 -9.83
CA PHE F 99 -43.01 45.11 -10.33
C PHE F 99 -42.41 43.78 -10.78
N THR F 100 -41.43 43.86 -11.68
CA THR F 100 -40.73 42.69 -12.19
C THR F 100 -39.27 43.06 -12.43
N ILE F 101 -38.38 42.51 -11.62
CA ILE F 101 -36.95 42.71 -11.76
C ILE F 101 -36.35 41.59 -12.61
N SER F 102 -35.43 41.95 -13.49
CA SER F 102 -34.79 40.99 -14.38
C SER F 102 -33.39 41.48 -14.71
N ARG F 103 -32.64 40.65 -15.42
CA ARG F 103 -31.26 40.97 -15.74
C ARG F 103 -30.86 40.27 -17.04
N ASP F 104 -29.86 40.85 -17.71
CA ASP F 104 -29.20 40.26 -18.86
C ASP F 104 -27.70 40.37 -18.61
N ASN F 105 -27.08 39.25 -18.26
CA ASN F 105 -25.65 39.24 -17.97
C ASN F 105 -24.81 39.37 -19.23
N ALA F 106 -25.35 38.94 -20.38
CA ALA F 106 -24.63 39.12 -21.63
C ALA F 106 -24.43 40.60 -21.95
N LYS F 107 -25.48 41.40 -21.76
CA LYS F 107 -25.42 42.84 -21.99
C LYS F 107 -25.00 43.63 -20.74
N ASN F 108 -24.85 42.96 -19.59
CA ASN F 108 -24.54 43.63 -18.33
C ASN F 108 -25.58 44.72 -18.02
N THR F 109 -26.85 44.34 -18.08
CA THR F 109 -27.96 45.28 -17.92
C THR F 109 -29.00 44.72 -16.96
N LEU F 110 -29.25 45.46 -15.88
CA LEU F 110 -30.35 45.17 -14.97
C LEU F 110 -31.59 45.93 -15.44
N TYR F 111 -32.77 45.31 -15.24
CA TYR F 111 -34.03 45.86 -15.72
C TYR F 111 -35.09 45.77 -14.63
N LEU F 112 -35.97 46.76 -14.63
CA LEU F 112 -37.13 46.79 -13.72
C LEU F 112 -38.34 47.24 -14.51
N GLN F 113 -39.29 46.33 -14.70
CA GLN F 113 -40.58 46.65 -15.31
C GLN F 113 -41.56 47.04 -14.20
N MET F 114 -42.18 48.21 -14.35
CA MET F 114 -43.10 48.75 -13.37
C MET F 114 -44.47 48.88 -14.01
N ASN F 115 -45.49 48.36 -13.32
CA ASN F 115 -46.87 48.38 -13.79
C ASN F 115 -47.77 48.90 -12.68
N ALA F 116 -48.95 49.39 -13.08
CA ALA F 116 -49.95 49.91 -12.15
C ALA F 116 -49.36 51.04 -11.30
N LEU F 117 -48.64 51.94 -11.96
CA LEU F 117 -47.95 53.01 -11.26
C LEU F 117 -48.93 53.96 -10.59
N ARG F 118 -48.50 54.52 -9.46
CA ARG F 118 -49.30 55.42 -8.64
C ARG F 118 -48.46 56.65 -8.31
N ALA F 119 -49.13 57.68 -7.79
CA ALA F 119 -48.44 58.91 -7.43
C ALA F 119 -47.41 58.69 -6.32
N GLU F 120 -47.57 57.67 -5.50
CA GLU F 120 -46.60 57.37 -4.44
C GLU F 120 -45.32 56.73 -4.97
N ASP F 121 -45.26 56.36 -6.25
CA ASP F 121 -44.06 55.81 -6.85
C ASP F 121 -43.16 56.87 -7.48
N THR F 122 -43.52 58.15 -7.38
CA THR F 122 -42.65 59.22 -7.85
C THR F 122 -41.37 59.27 -7.02
N ALA F 123 -40.23 59.01 -7.65
CA ALA F 123 -38.99 58.90 -6.88
C ALA F 123 -37.79 58.84 -7.82
N VAL F 124 -36.62 59.08 -7.24
CA VAL F 124 -35.34 58.79 -7.89
C VAL F 124 -35.01 57.34 -7.59
N TYR F 125 -34.86 56.54 -8.64
CA TYR F 125 -34.54 55.12 -8.51
C TYR F 125 -33.04 54.91 -8.73
N TYR F 126 -32.46 54.08 -7.87
CA TYR F 126 -31.04 53.76 -7.88
C TYR F 126 -30.88 52.26 -8.06
N CYS F 127 -29.94 51.87 -8.92
CA CYS F 127 -29.49 50.49 -9.01
C CYS F 127 -28.17 50.39 -8.25
N THR F 128 -28.04 49.36 -7.42
CA THR F 128 -26.85 49.20 -6.60
C THR F 128 -26.45 47.73 -6.53
N ARG F 129 -25.16 47.52 -6.34
CA ARG F 129 -24.54 46.20 -6.31
C ARG F 129 -24.36 45.76 -4.87
N ASP F 130 -24.79 44.53 -4.56
CA ASP F 130 -24.57 43.93 -3.25
C ASP F 130 -23.21 43.25 -3.29
N VAL F 131 -22.19 43.91 -2.73
CA VAL F 131 -20.85 43.34 -2.74
C VAL F 131 -20.78 42.10 -1.88
N GLY F 132 -21.60 42.01 -0.83
CA GLY F 132 -21.53 40.90 0.11
C GLY F 132 -22.08 39.59 -0.42
N SER F 133 -22.68 39.59 -1.61
CA SER F 133 -23.26 38.39 -2.19
C SER F 133 -22.33 37.66 -3.15
N TYR F 134 -21.09 38.12 -3.32
CA TYR F 134 -20.17 37.49 -4.24
C TYR F 134 -19.54 36.25 -3.62
N GLY F 135 -19.50 35.18 -4.40
CA GLY F 135 -18.81 33.97 -3.97
C GLY F 135 -19.46 33.24 -2.84
N LEU F 136 -20.77 33.39 -2.66
CA LEU F 136 -21.45 32.70 -1.56
C LEU F 136 -21.56 31.19 -1.80
N GLU F 137 -21.36 30.73 -3.04
CA GLU F 137 -21.32 29.29 -3.29
C GLU F 137 -20.16 28.64 -2.53
N SER F 138 -19.08 29.37 -2.30
CA SER F 138 -18.02 28.88 -1.44
C SER F 138 -18.47 28.90 0.00
N ARG F 139 -18.01 27.92 0.77
CA ARG F 139 -18.40 27.80 2.18
C ARG F 139 -17.69 28.80 3.08
N TYR F 140 -16.67 29.52 2.58
CA TYR F 140 -15.91 30.44 3.39
C TYR F 140 -16.50 31.85 3.46
N LEU F 141 -17.41 32.19 2.55
CA LEU F 141 -18.00 33.52 2.46
C LEU F 141 -19.48 33.44 2.81
N THR F 142 -19.91 34.31 3.73
CA THR F 142 -21.31 34.47 4.08
C THR F 142 -21.78 35.86 3.67
N TYR F 143 -23.10 36.00 3.53
CA TYR F 143 -23.67 37.23 3.02
C TYR F 143 -23.56 38.38 4.02
N VAL F 144 -23.34 39.59 3.49
CA VAL F 144 -23.49 40.83 4.25
C VAL F 144 -24.17 41.85 3.34
N ASN F 145 -24.80 42.84 3.96
CA ASN F 145 -25.50 43.90 3.21
C ASN F 145 -24.51 45.04 2.99
N TRP F 146 -24.03 45.15 1.74
CA TRP F 146 -22.87 45.97 1.39
C TRP F 146 -23.14 46.73 0.09
N PHE F 147 -24.21 47.51 0.05
CA PHE F 147 -24.61 48.24 -1.18
C PHE F 147 -23.56 49.33 -1.42
N ASP F 148 -22.40 48.93 -1.94
CA ASP F 148 -21.28 49.87 -2.00
C ASP F 148 -21.36 50.85 -3.18
N PRO F 149 -21.43 50.41 -4.43
CA PRO F 149 -21.54 51.39 -5.53
C PRO F 149 -22.98 51.72 -5.87
N TRP F 150 -23.24 53.00 -6.07
CA TRP F 150 -24.56 53.52 -6.41
C TRP F 150 -24.44 54.38 -7.66
N GLY F 151 -25.41 54.23 -8.57
CA GLY F 151 -25.48 55.12 -9.71
C GLY F 151 -26.02 56.47 -9.31
N GLN F 152 -25.91 57.42 -10.24
CA GLN F 152 -26.45 58.76 -10.00
C GLN F 152 -27.97 58.75 -9.86
N GLY F 153 -28.63 57.72 -10.36
CA GLY F 153 -30.07 57.58 -10.23
C GLY F 153 -30.83 58.17 -11.40
N THR F 154 -32.08 57.74 -11.53
CA THR F 154 -32.96 58.23 -12.60
C THR F 154 -34.34 58.53 -12.02
N LEU F 155 -34.90 59.66 -12.44
CA LEU F 155 -36.13 60.19 -11.86
C LEU F 155 -37.35 59.66 -12.60
N VAL F 156 -38.32 59.15 -11.84
CA VAL F 156 -39.60 58.71 -12.37
C VAL F 156 -40.68 59.56 -11.72
N THR F 157 -41.52 60.20 -12.55
CA THR F 157 -42.59 61.07 -12.11
C THR F 157 -43.91 60.46 -12.55
N VAL F 158 -44.67 59.94 -11.59
CA VAL F 158 -46.02 59.44 -11.83
C VAL F 158 -46.99 60.57 -11.52
N SER F 159 -47.59 61.15 -12.56
CA SER F 159 -48.54 62.24 -12.39
C SER F 159 -49.54 62.24 -13.53
N SER F 160 -50.79 62.57 -13.19
CA SER F 160 -51.88 62.64 -14.17
C SER F 160 -52.04 64.03 -14.78
N ALA F 161 -51.17 64.98 -14.43
CA ALA F 161 -51.26 66.34 -14.95
C ALA F 161 -50.68 66.39 -16.35
N SER F 162 -50.54 67.60 -16.90
CA SER F 162 -49.97 67.82 -18.22
C SER F 162 -49.07 69.06 -18.16
N THR F 163 -48.25 69.21 -19.19
CA THR F 163 -47.30 70.31 -19.25
C THR F 163 -48.05 71.63 -19.34
N LYS F 164 -47.80 72.52 -18.39
CA LYS F 164 -48.29 73.90 -18.42
C LYS F 164 -47.13 74.80 -18.02
N GLY F 165 -47.17 76.05 -18.47
CA GLY F 165 -46.12 77.00 -18.19
C GLY F 165 -46.38 77.77 -16.89
N PRO F 166 -45.34 78.40 -16.35
CA PRO F 166 -45.51 79.14 -15.11
C PRO F 166 -46.26 80.45 -15.29
N SER F 167 -46.74 80.98 -14.17
CA SER F 167 -47.28 82.32 -14.06
C SER F 167 -46.41 83.11 -13.11
N VAL F 168 -45.96 84.27 -13.56
CA VAL F 168 -45.02 85.12 -12.82
C VAL F 168 -45.80 86.31 -12.28
N PHE F 169 -45.82 86.45 -10.96
CA PHE F 169 -46.47 87.57 -10.28
C PHE F 169 -45.44 88.33 -9.46
N PRO F 170 -45.68 89.61 -9.19
CA PRO F 170 -44.73 90.36 -8.36
C PRO F 170 -44.86 89.93 -6.92
N LEU F 171 -43.75 90.02 -6.20
CA LEU F 171 -43.74 90.04 -4.74
C LEU F 171 -43.00 91.30 -4.35
N ALA F 172 -43.78 92.32 -3.91
CA ALA F 172 -43.36 93.70 -3.69
C ALA F 172 -43.47 94.08 -2.21
N PRO F 173 -42.74 95.10 -1.75
CA PRO F 173 -42.84 95.46 -0.33
C PRO F 173 -44.19 96.06 0.02
N SER F 174 -44.57 95.91 1.29
CA SER F 174 -45.81 96.46 1.80
C SER F 174 -45.64 97.93 2.17
N GLY F 181 -35.71 98.61 8.72
CA GLY F 181 -35.22 97.26 8.50
C GLY F 181 -34.57 97.10 7.15
N THR F 182 -34.61 95.88 6.62
CA THR F 182 -34.12 95.57 5.28
C THR F 182 -35.32 95.15 4.44
N ALA F 183 -35.41 95.67 3.23
CA ALA F 183 -36.52 95.42 2.33
C ALA F 183 -36.28 94.14 1.53
N ALA F 184 -37.37 93.41 1.27
CA ALA F 184 -37.34 92.16 0.53
C ALA F 184 -38.29 92.24 -0.65
N LEU F 185 -37.89 91.69 -1.79
CA LEU F 185 -38.76 91.62 -2.96
C LEU F 185 -38.41 90.39 -3.77
N GLY F 186 -39.17 90.16 -4.84
CA GLY F 186 -38.91 89.01 -5.68
C GLY F 186 -40.06 88.73 -6.63
N CYS F 187 -39.99 87.54 -7.24
CA CYS F 187 -41.00 87.07 -8.20
C CYS F 187 -41.56 85.74 -7.72
N LEU F 188 -42.89 85.59 -7.78
CA LEU F 188 -43.57 84.35 -7.44
C LEU F 188 -43.88 83.61 -8.74
N VAL F 189 -43.39 82.38 -8.83
CA VAL F 189 -43.58 81.52 -10.00
C VAL F 189 -44.55 80.42 -9.58
N LYS F 190 -45.76 80.45 -10.13
CA LYS F 190 -46.86 79.62 -9.69
C LYS F 190 -47.40 78.76 -10.83
N ASP F 191 -47.89 77.57 -10.49
CA ASP F 191 -48.70 76.74 -11.39
C ASP F 191 -47.93 76.38 -12.66
N TYR F 192 -46.86 75.60 -12.46
CA TYR F 192 -46.05 75.06 -13.55
C TYR F 192 -45.84 73.57 -13.30
N PHE F 193 -45.50 72.86 -14.38
CA PHE F 193 -45.25 71.43 -14.31
C PHE F 193 -44.53 70.98 -15.58
N PRO F 194 -43.52 70.10 -15.50
CA PRO F 194 -42.80 69.54 -14.35
C PRO F 194 -41.56 70.37 -14.00
N GLU F 195 -40.70 69.89 -13.10
CA GLU F 195 -39.46 70.56 -12.82
C GLU F 195 -38.51 70.41 -14.01
N PRO F 196 -37.47 71.28 -14.12
CA PRO F 196 -37.10 72.42 -13.27
C PRO F 196 -37.43 73.77 -13.90
N VAL F 197 -37.33 74.83 -13.10
CA VAL F 197 -37.52 76.21 -13.55
C VAL F 197 -36.28 76.99 -13.17
N THR F 198 -35.70 77.71 -14.14
CA THR F 198 -34.48 78.48 -13.92
C THR F 198 -34.80 79.96 -13.88
N VAL F 199 -34.26 80.65 -12.88
CA VAL F 199 -34.49 82.08 -12.65
C VAL F 199 -33.16 82.80 -12.84
N SER F 200 -33.18 83.88 -13.62
CA SER F 200 -31.97 84.64 -13.91
C SER F 200 -32.27 86.14 -13.86
N TRP F 201 -31.20 86.91 -13.67
CA TRP F 201 -31.27 88.37 -13.58
C TRP F 201 -30.15 88.94 -14.45
N ASN F 202 -30.53 89.58 -15.56
CA ASN F 202 -29.58 90.32 -16.41
C ASN F 202 -28.39 89.47 -16.83
N SER F 203 -28.64 88.20 -17.15
CA SER F 203 -27.61 87.29 -17.65
C SER F 203 -26.48 87.12 -16.64
N GLY F 204 -26.82 87.06 -15.35
CA GLY F 204 -25.84 86.76 -14.34
C GLY F 204 -24.87 87.86 -14.01
N ALA F 205 -25.23 89.13 -14.27
CA ALA F 205 -24.34 90.23 -13.96
C ALA F 205 -24.09 90.36 -12.46
N LEU F 206 -25.07 89.97 -11.64
CA LEU F 206 -24.96 90.00 -10.19
C LEU F 206 -24.52 88.63 -9.67
N THR F 207 -23.72 88.64 -8.61
CA THR F 207 -23.09 87.43 -8.08
C THR F 207 -23.76 86.90 -6.82
N SER F 208 -24.11 87.78 -5.88
CA SER F 208 -24.76 87.40 -4.63
C SER F 208 -26.13 88.07 -4.54
N GLY F 209 -27.00 87.48 -3.72
CA GLY F 209 -28.34 87.98 -3.50
C GLY F 209 -29.45 87.09 -4.01
N VAL F 210 -29.13 85.94 -4.57
CA VAL F 210 -30.14 84.99 -5.05
C VAL F 210 -30.71 84.25 -3.85
N HIS F 211 -32.04 84.16 -3.77
CA HIS F 211 -32.68 83.15 -2.96
C HIS F 211 -33.80 82.53 -3.78
N THR F 212 -33.86 81.20 -3.83
CA THR F 212 -34.94 80.49 -4.50
C THR F 212 -35.26 79.23 -3.71
N PHE F 213 -36.54 79.05 -3.40
CA PHE F 213 -36.95 77.99 -2.49
C PHE F 213 -37.27 76.73 -3.28
N PRO F 214 -37.18 75.54 -2.65
CA PRO F 214 -37.61 74.33 -3.35
C PRO F 214 -39.09 74.39 -3.71
N ALA F 215 -39.42 73.83 -4.87
CA ALA F 215 -40.81 73.81 -5.32
C ALA F 215 -41.65 72.92 -4.40
N VAL F 216 -42.91 73.30 -4.25
CA VAL F 216 -43.87 72.60 -3.40
C VAL F 216 -44.97 72.01 -4.27
N LEU F 217 -45.29 70.74 -4.04
CA LEU F 217 -46.36 70.06 -4.77
C LEU F 217 -47.70 70.51 -4.22
N GLN F 218 -48.48 71.20 -5.06
CA GLN F 218 -49.81 71.65 -4.66
C GLN F 218 -50.81 70.49 -4.74
N SER F 219 -51.97 70.69 -4.12
CA SER F 219 -53.00 69.66 -4.14
C SER F 219 -53.54 69.43 -5.54
N SER F 220 -53.52 70.47 -6.39
CA SER F 220 -53.97 70.30 -7.77
C SER F 220 -53.05 69.34 -8.52
N GLY F 221 -51.75 69.44 -8.29
CA GLY F 221 -50.76 68.63 -8.99
C GLY F 221 -49.57 69.43 -9.49
N LEU F 222 -49.66 70.76 -9.43
CA LEU F 222 -48.66 71.65 -9.99
C LEU F 222 -47.74 72.20 -8.90
N TYR F 223 -46.76 73.00 -9.33
CA TYR F 223 -45.66 73.43 -8.48
C TYR F 223 -45.64 74.96 -8.37
N SER F 224 -45.19 75.44 -7.21
CA SER F 224 -45.09 76.87 -6.94
C SER F 224 -43.83 77.15 -6.14
N LEU F 225 -43.28 78.35 -6.31
CA LEU F 225 -42.14 78.80 -5.54
C LEU F 225 -42.06 80.32 -5.63
N SER F 226 -41.14 80.88 -4.85
CA SER F 226 -40.89 82.32 -4.85
C SER F 226 -39.39 82.55 -4.76
N SER F 227 -38.86 83.36 -5.67
CA SER F 227 -37.45 83.72 -5.69
C SER F 227 -37.31 85.16 -5.23
N VAL F 228 -36.44 85.38 -4.24
CA VAL F 228 -36.42 86.62 -3.47
C VAL F 228 -34.99 87.14 -3.31
N VAL F 229 -34.94 88.40 -2.87
CA VAL F 229 -33.74 89.17 -2.61
C VAL F 229 -34.03 90.14 -1.49
N THR F 230 -33.17 90.15 -0.46
CA THR F 230 -33.23 91.11 0.65
C THR F 230 -32.04 92.06 0.52
N VAL F 231 -32.32 93.36 0.58
CA VAL F 231 -31.30 94.41 0.57
C VAL F 231 -31.82 95.58 1.39
N PRO F 232 -30.96 96.50 1.84
CA PRO F 232 -31.47 97.75 2.41
C PRO F 232 -32.29 98.53 1.39
N SER F 233 -33.16 99.39 1.92
CA SER F 233 -34.19 100.06 1.12
C SER F 233 -33.68 101.30 0.40
N SER F 234 -32.38 101.61 0.43
CA SER F 234 -31.90 102.84 -0.18
C SER F 234 -31.85 102.77 -1.71
N SER F 235 -32.05 101.60 -2.32
CA SER F 235 -31.90 101.42 -3.76
C SER F 235 -33.24 101.43 -4.51
N LEU F 236 -34.27 102.06 -3.95
CA LEU F 236 -35.59 102.07 -4.59
C LEU F 236 -35.58 102.82 -5.92
N GLY F 237 -35.02 104.03 -5.93
CA GLY F 237 -35.33 104.98 -6.98
C GLY F 237 -34.44 105.03 -8.20
N THR F 238 -33.28 104.37 -8.16
CA THR F 238 -32.25 104.58 -9.18
C THR F 238 -32.27 103.55 -10.31
N GLN F 239 -32.33 102.27 -9.99
CA GLN F 239 -32.03 101.20 -10.95
C GLN F 239 -33.30 100.47 -11.38
N THR F 240 -33.35 100.12 -12.66
CA THR F 240 -34.42 99.29 -13.22
C THR F 240 -34.03 97.83 -13.09
N TYR F 241 -35.01 96.98 -12.79
CA TYR F 241 -34.74 95.57 -12.50
C TYR F 241 -35.86 94.71 -13.07
N ILE F 242 -35.48 93.52 -13.55
CA ILE F 242 -36.36 92.61 -14.26
C ILE F 242 -35.99 91.18 -13.87
N CYS F 243 -36.99 90.31 -13.74
CA CYS F 243 -36.77 88.92 -13.37
C CYS F 243 -37.13 88.02 -14.54
N ASN F 244 -36.19 87.14 -14.92
CA ASN F 244 -36.36 86.25 -16.06
C ASN F 244 -36.60 84.84 -15.55
N VAL F 245 -37.74 84.26 -15.92
CA VAL F 245 -38.10 82.90 -15.57
C VAL F 245 -38.12 82.08 -16.85
N ASN F 246 -37.55 80.87 -16.79
CA ASN F 246 -37.52 79.97 -17.93
C ASN F 246 -37.98 78.58 -17.48
N HIS F 247 -38.97 78.05 -18.20
CA HIS F 247 -39.50 76.71 -17.98
C HIS F 247 -39.42 75.99 -19.32
N LYS F 248 -38.43 75.12 -19.46
CA LYS F 248 -38.17 74.46 -20.74
C LYS F 248 -39.30 73.53 -21.20
N PRO F 249 -39.90 72.68 -20.34
CA PRO F 249 -40.93 71.75 -20.85
C PRO F 249 -42.10 72.43 -21.53
N SER F 250 -42.53 73.58 -21.03
CA SER F 250 -43.58 74.36 -21.65
C SER F 250 -43.07 75.29 -22.74
N ASN F 251 -41.76 75.40 -22.90
CA ASN F 251 -41.14 76.39 -23.78
C ASN F 251 -41.67 77.78 -23.39
N THR F 252 -41.38 78.14 -22.14
CA THR F 252 -41.82 79.42 -21.58
C THR F 252 -40.61 80.24 -21.18
N LYS F 253 -40.51 81.45 -21.75
CA LYS F 253 -39.47 82.42 -21.41
C LYS F 253 -40.17 83.72 -21.05
N VAL F 254 -40.30 84.01 -19.75
CA VAL F 254 -40.97 85.21 -19.26
C VAL F 254 -39.90 86.15 -18.74
N ASP F 255 -40.01 87.42 -19.10
CA ASP F 255 -39.12 88.48 -18.62
C ASP F 255 -40.02 89.55 -18.01
N LYS F 256 -40.29 89.44 -16.71
CA LYS F 256 -41.29 90.25 -16.05
C LYS F 256 -40.60 91.43 -15.38
N LYS F 257 -41.06 92.63 -15.71
CA LYS F 257 -40.53 93.86 -15.14
C LYS F 257 -41.36 94.23 -13.91
N VAL F 258 -40.69 94.36 -12.77
CA VAL F 258 -41.31 94.73 -11.51
C VAL F 258 -41.04 96.20 -11.25
N GLU F 259 -42.10 97.00 -11.11
CA GLU F 259 -41.98 98.42 -10.84
C GLU F 259 -43.12 98.85 -9.93
N PRO F 260 -42.99 100.02 -9.27
CA PRO F 260 -44.10 100.56 -8.48
C PRO F 260 -45.37 100.77 -9.30
N GLN G 22 -38.08 46.47 12.62
CA GLN G 22 -38.32 47.93 12.42
C GLN G 22 -37.11 48.74 12.86
N MET G 23 -36.93 49.91 12.25
CA MET G 23 -35.81 50.81 12.53
C MET G 23 -36.24 52.10 13.17
N THR G 24 -35.38 52.60 14.06
CA THR G 24 -35.58 53.89 14.71
C THR G 24 -34.21 54.55 14.84
N GLN G 25 -33.98 55.63 14.11
CA GLN G 25 -32.76 56.41 14.20
C GLN G 25 -32.97 57.61 15.11
N SER G 26 -31.86 58.10 15.67
CA SER G 26 -31.91 59.26 16.53
C SER G 26 -30.55 59.96 16.53
N PRO G 27 -30.50 61.30 16.63
CA PRO G 27 -31.59 62.28 16.57
C PRO G 27 -32.00 62.51 15.12
N SER G 28 -33.23 62.92 14.84
CA SER G 28 -33.61 63.22 13.46
C SER G 28 -32.79 64.35 12.89
N THR G 29 -32.32 65.27 13.74
CA THR G 29 -31.58 66.45 13.33
C THR G 29 -30.47 66.68 14.35
N LEU G 30 -29.33 67.21 13.88
CA LEU G 30 -28.18 67.39 14.76
C LEU G 30 -27.35 68.54 14.23
N SER G 31 -27.12 69.54 15.08
CA SER G 31 -26.31 70.71 14.74
C SER G 31 -25.00 70.68 15.50
N ALA G 32 -23.90 70.95 14.81
CA ALA G 32 -22.58 70.95 15.41
C ALA G 32 -21.65 71.74 14.50
N SER G 33 -20.37 71.77 14.86
CA SER G 33 -19.36 72.54 14.14
C SER G 33 -18.13 71.67 13.89
N VAL G 34 -17.18 72.24 13.17
CA VAL G 34 -15.94 71.53 12.83
C VAL G 34 -15.19 71.22 14.11
N GLY G 35 -14.77 69.96 14.25
CA GLY G 35 -13.98 69.51 15.39
C GLY G 35 -14.78 68.84 16.49
N ASP G 36 -16.10 68.97 16.48
CA ASP G 36 -16.92 68.38 17.53
C ASP G 36 -17.22 66.92 17.22
N ARG G 37 -17.41 66.14 18.28
CA ARG G 37 -17.74 64.73 18.15
C ARG G 37 -19.25 64.56 17.96
N VAL G 38 -19.63 63.68 17.05
CA VAL G 38 -21.02 63.39 16.73
C VAL G 38 -21.26 61.90 16.92
N THR G 39 -22.43 61.56 17.47
CA THR G 39 -22.82 60.17 17.68
C THR G 39 -24.29 60.03 17.31
N ILE G 40 -24.57 59.26 16.26
CA ILE G 40 -25.92 58.98 15.78
C ILE G 40 -26.25 57.55 16.15
N THR G 41 -27.39 57.35 16.83
CA THR G 41 -27.78 56.05 17.32
C THR G 41 -28.89 55.46 16.45
N CYS G 42 -28.90 54.13 16.37
CA CYS G 42 -29.91 53.38 15.64
C CYS G 42 -30.35 52.19 16.48
N ARG G 43 -31.65 51.88 16.40
CA ARG G 43 -32.25 50.85 17.23
C ARG G 43 -33.16 49.99 16.37
N ALA G 44 -33.02 48.67 16.53
CA ALA G 44 -33.84 47.68 15.85
C ALA G 44 -34.83 47.08 16.85
N SER G 45 -36.06 46.84 16.38
CA SER G 45 -37.06 46.22 17.23
C SER G 45 -36.77 44.73 17.49
N GLN G 46 -35.93 44.11 16.65
CA GLN G 46 -35.52 42.73 16.84
C GLN G 46 -34.01 42.62 16.61
N SER G 47 -33.42 41.60 17.22
CA SER G 47 -31.97 41.42 17.17
C SER G 47 -31.54 41.11 15.73
N ILE G 48 -30.85 42.04 15.10
CA ILE G 48 -30.31 41.87 13.76
C ILE G 48 -28.82 41.50 13.79
N SER G 49 -28.31 41.10 14.95
CA SER G 49 -26.91 40.73 15.11
C SER G 49 -25.98 41.86 14.66
N SER G 50 -25.34 41.73 13.50
CA SER G 50 -24.39 42.71 12.99
C SER G 50 -24.75 43.18 11.59
N TRP G 51 -25.88 42.75 11.04
CA TRP G 51 -26.24 43.02 9.64
C TRP G 51 -26.73 44.46 9.56
N LEU G 52 -25.79 45.40 9.65
CA LEU G 52 -26.15 46.80 9.57
C LEU G 52 -25.09 47.51 8.75
N ALA G 53 -25.54 48.42 7.89
CA ALA G 53 -24.67 49.30 7.13
C ALA G 53 -25.06 50.75 7.39
N TRP G 54 -24.06 51.62 7.37
CA TRP G 54 -24.23 53.06 7.50
C TRP G 54 -23.83 53.71 6.18
N PHE G 55 -24.74 54.52 5.63
CA PHE G 55 -24.55 55.24 4.38
C PHE G 55 -24.57 56.74 4.64
N GLN G 56 -23.87 57.48 3.78
CA GLN G 56 -23.88 58.93 3.76
C GLN G 56 -24.47 59.39 2.44
N GLN G 57 -25.25 60.47 2.49
CA GLN G 57 -25.83 61.08 1.29
C GLN G 57 -25.80 62.59 1.45
N LYS G 58 -24.98 63.26 0.65
CA LYS G 58 -25.02 64.70 0.53
C LYS G 58 -26.15 65.10 -0.41
N PRO G 59 -26.62 66.35 -0.35
CA PRO G 59 -27.69 66.77 -1.26
C PRO G 59 -27.28 66.66 -2.72
N GLY G 60 -28.21 66.22 -3.55
CA GLY G 60 -28.00 66.15 -4.98
C GLY G 60 -27.11 65.02 -5.47
N GLN G 61 -26.66 64.15 -4.58
CA GLN G 61 -25.78 63.03 -4.91
C GLN G 61 -26.43 61.72 -4.50
N ALA G 62 -25.77 60.61 -4.87
CA ALA G 62 -26.23 59.28 -4.52
C ALA G 62 -25.70 58.88 -3.15
N PRO G 63 -26.32 57.90 -2.49
CA PRO G 63 -25.77 57.41 -1.22
C PRO G 63 -24.38 56.80 -1.41
N LYS G 64 -23.56 56.93 -0.37
CA LYS G 64 -22.23 56.34 -0.31
C LYS G 64 -22.15 55.52 0.96
N LEU G 65 -21.81 54.24 0.83
CA LEU G 65 -21.65 53.39 2.00
C LEU G 65 -20.42 53.82 2.78
N LEU G 66 -20.61 54.07 4.08
CA LEU G 66 -19.51 54.36 4.99
C LEU G 66 -19.06 53.12 5.75
N ILE G 67 -20.01 52.36 6.30
CA ILE G 67 -19.68 51.19 7.11
C ILE G 67 -20.62 50.06 6.70
N TYR G 68 -20.10 48.83 6.73
CA TYR G 68 -20.90 47.63 6.57
C TYR G 68 -20.62 46.69 7.73
N LYS G 69 -21.60 45.84 8.05
CA LYS G 69 -21.52 44.93 9.19
C LYS G 69 -21.33 45.69 10.51
N ALA G 70 -21.77 46.94 10.56
CA ALA G 70 -21.86 47.77 11.75
C ALA G 70 -20.52 48.26 12.30
N SER G 71 -19.39 47.74 11.82
CA SER G 71 -18.09 48.25 12.27
C SER G 71 -17.01 48.25 11.19
N SER G 72 -17.30 47.86 9.95
CA SER G 72 -16.28 47.68 8.93
C SER G 72 -16.24 48.91 8.02
N LEU G 73 -15.17 49.68 8.12
CA LEU G 73 -15.01 50.84 7.25
C LEU G 73 -14.76 50.41 5.81
N GLU G 74 -15.31 51.18 4.88
CA GLU G 74 -14.98 50.97 3.47
C GLU G 74 -13.54 51.39 3.19
N SER G 75 -13.04 50.96 2.03
CA SER G 75 -11.63 51.14 1.71
C SER G 75 -11.26 52.62 1.61
N GLY G 76 -12.10 53.43 0.98
CA GLY G 76 -11.80 54.82 0.73
C GLY G 76 -12.40 55.83 1.69
N VAL G 77 -12.94 55.39 2.83
CA VAL G 77 -13.64 56.27 3.75
C VAL G 77 -12.61 56.83 4.74
N PRO G 78 -12.71 58.10 5.18
CA PRO G 78 -11.77 58.59 6.19
C PRO G 78 -11.91 57.83 7.51
N SER G 79 -10.79 57.76 8.24
CA SER G 79 -10.73 56.98 9.48
C SER G 79 -11.49 57.63 10.63
N ARG G 80 -11.90 58.89 10.51
CA ARG G 80 -12.66 59.53 11.59
C ARG G 80 -13.98 58.82 11.82
N PHE G 81 -14.63 58.37 10.76
CA PHE G 81 -15.85 57.59 10.90
C PHE G 81 -15.57 56.28 11.61
N SER G 82 -16.47 55.87 12.49
CA SER G 82 -16.34 54.59 13.24
C SER G 82 -17.72 53.98 13.40
N GLY G 83 -17.80 52.67 13.66
CA GLY G 83 -19.09 51.98 13.84
C GLY G 83 -19.00 51.01 15.00
N SER G 84 -20.01 50.96 15.84
CA SER G 84 -20.07 50.04 17.00
C SER G 84 -21.50 49.53 17.15
N GLY G 85 -21.74 48.55 18.03
CA GLY G 85 -23.09 48.05 18.30
C GLY G 85 -23.29 46.62 17.85
N SER G 86 -24.34 45.97 18.33
CA SER G 86 -24.69 44.57 17.97
C SER G 86 -26.16 44.36 18.36
N GLY G 87 -26.71 43.18 18.07
CA GLY G 87 -28.12 42.87 18.39
C GLY G 87 -28.81 44.15 17.93
N THR G 88 -29.55 44.82 18.81
CA THR G 88 -30.53 45.89 18.45
C THR G 88 -29.88 47.28 18.47
N GLU G 89 -29.04 47.60 19.46
CA GLU G 89 -28.47 48.97 19.59
C GLU G 89 -27.18 49.10 18.78
N PHE G 90 -27.13 50.02 17.82
CA PHE G 90 -25.91 50.30 17.00
C PHE G 90 -25.65 51.80 17.07
N SER G 91 -24.51 52.26 16.55
CA SER G 91 -24.14 53.69 16.60
C SER G 91 -23.03 54.05 15.62
N LEU G 92 -23.09 55.24 15.03
CA LEU G 92 -22.08 55.80 14.14
C LEU G 92 -21.47 57.02 14.81
N THR G 93 -20.14 57.06 14.86
CA THR G 93 -19.40 58.10 15.55
C THR G 93 -18.48 58.82 14.56
N ILE G 94 -18.54 60.15 14.58
CA ILE G 94 -17.60 61.00 13.84
C ILE G 94 -16.78 61.74 14.89
N SER G 95 -15.48 61.47 14.91
CA SER G 95 -14.63 62.05 15.94
C SER G 95 -14.41 63.54 15.73
N SER G 96 -14.20 63.96 14.49
CA SER G 96 -13.90 65.35 14.16
C SER G 96 -14.67 65.72 12.90
N LEU G 97 -15.68 66.58 13.05
CA LEU G 97 -16.46 67.02 11.90
C LEU G 97 -15.59 67.84 10.95
N GLN G 98 -15.90 67.74 9.67
CA GLN G 98 -15.27 68.50 8.60
C GLN G 98 -16.37 69.07 7.71
N PRO G 99 -16.04 70.05 6.86
CA PRO G 99 -17.08 70.64 6.00
C PRO G 99 -17.77 69.63 5.09
N ASP G 100 -17.09 68.57 4.67
CA ASP G 100 -17.69 67.57 3.81
C ASP G 100 -18.53 66.54 4.57
N ASP G 101 -18.51 66.55 5.90
CA ASP G 101 -19.26 65.60 6.70
C ASP G 101 -20.67 66.05 7.01
N PHE G 102 -21.10 67.22 6.55
CA PHE G 102 -22.47 67.69 6.75
C PHE G 102 -23.35 67.06 5.68
N ALA G 103 -24.13 66.06 6.08
CA ALA G 103 -24.89 65.25 5.13
C ALA G 103 -26.01 64.56 5.88
N THR G 104 -26.78 63.75 5.15
CA THR G 104 -27.83 62.92 5.73
C THR G 104 -27.29 61.50 5.84
N TYR G 105 -27.28 60.97 7.06
CA TYR G 105 -26.71 59.65 7.35
C TYR G 105 -27.83 58.66 7.57
N TYR G 106 -27.85 57.61 6.74
CA TYR G 106 -28.87 56.56 6.81
C TYR G 106 -28.26 55.28 7.37
N CYS G 107 -29.14 54.44 7.90
CA CYS G 107 -28.78 53.10 8.34
C CYS G 107 -29.66 52.10 7.59
N GLN G 108 -29.11 50.90 7.37
CA GLN G 108 -29.81 49.85 6.65
C GLN G 108 -29.55 48.52 7.35
N GLN G 109 -30.59 47.69 7.41
CA GLN G 109 -30.51 46.35 7.99
C GLN G 109 -31.07 45.30 7.05
N TYR G 110 -30.68 44.06 7.34
CA TYR G 110 -31.13 42.87 6.61
C TYR G 110 -31.38 41.76 7.61
N ASN G 111 -32.63 41.29 7.69
CA ASN G 111 -32.97 40.05 8.37
C ASN G 111 -33.47 39.01 7.38
N THR G 112 -34.52 39.33 6.63
CA THR G 112 -34.88 38.59 5.42
C THR G 112 -35.24 39.49 4.24
N TYR G 113 -35.47 40.77 4.45
CA TYR G 113 -35.47 41.78 3.40
C TYR G 113 -34.67 42.98 3.91
N TRP G 114 -34.43 43.94 3.02
CA TRP G 114 -33.60 45.09 3.31
C TRP G 114 -34.47 46.28 3.70
N THR G 115 -34.18 46.86 4.87
CA THR G 115 -34.95 47.98 5.40
C THR G 115 -33.98 49.10 5.77
N PHE G 116 -34.18 50.27 5.17
CA PHE G 116 -33.44 51.45 5.55
C PHE G 116 -34.15 52.18 6.69
N GLY G 117 -33.36 52.81 7.55
CA GLY G 117 -33.89 53.64 8.60
C GLY G 117 -34.03 55.08 8.16
N GLN G 118 -35.01 55.77 8.74
CA GLN G 118 -35.20 57.19 8.45
C GLN G 118 -33.94 57.96 8.80
N GLY G 119 -33.51 58.82 7.88
CA GLY G 119 -32.20 59.43 7.97
C GLY G 119 -32.08 60.46 9.08
N THR G 120 -30.84 60.87 9.32
CA THR G 120 -30.50 61.92 10.26
C THR G 120 -29.52 62.87 9.58
N LYS G 121 -29.77 64.17 9.72
CA LYS G 121 -29.02 65.21 9.04
C LYS G 121 -28.09 65.90 10.02
N VAL G 122 -26.87 66.22 9.56
CA VAL G 122 -25.88 66.95 10.33
C VAL G 122 -25.73 68.33 9.69
N GLU G 123 -25.95 69.37 10.48
CA GLU G 123 -25.90 70.76 10.04
C GLU G 123 -24.79 71.51 10.75
N ILE G 124 -24.36 72.62 10.14
CA ILE G 124 -23.37 73.48 10.76
C ILE G 124 -24.04 74.30 11.85
N LYS G 125 -23.39 74.38 13.01
CA LYS G 125 -23.90 75.11 14.17
C LYS G 125 -23.35 76.53 14.16
N ARG G 126 -24.23 77.50 14.42
CA ARG G 126 -23.86 78.91 14.43
C ARG G 126 -24.65 79.62 15.53
N THR G 127 -24.41 80.92 15.68
CA THR G 127 -25.14 81.72 16.64
C THR G 127 -26.59 81.89 16.22
N VAL G 128 -27.43 82.15 17.22
CA VAL G 128 -28.86 82.38 16.96
C VAL G 128 -29.03 83.74 16.28
N ALA G 129 -29.83 83.77 15.22
CA ALA G 129 -30.18 84.99 14.51
C ALA G 129 -31.70 85.14 14.52
N ALA G 130 -32.17 86.32 14.87
CA ALA G 130 -33.61 86.54 14.95
C ALA G 130 -34.24 86.51 13.56
N PRO G 131 -35.47 86.01 13.43
CA PRO G 131 -36.08 85.95 12.10
C PRO G 131 -36.52 87.32 11.61
N SER G 132 -36.64 87.44 10.29
CA SER G 132 -37.21 88.61 9.63
C SER G 132 -38.52 88.18 8.97
N VAL G 133 -39.62 88.84 9.33
CA VAL G 133 -40.98 88.42 8.97
C VAL G 133 -41.56 89.38 7.95
N PHE G 134 -42.11 88.84 6.85
CA PHE G 134 -42.73 89.65 5.81
C PHE G 134 -43.96 88.94 5.29
N ILE G 135 -45.08 89.66 5.16
CA ILE G 135 -46.32 89.08 4.58
C ILE G 135 -46.67 89.83 3.30
N PHE G 136 -46.93 89.11 2.20
CA PHE G 136 -47.26 89.71 0.88
C PHE G 136 -48.73 89.38 0.55
N PRO G 137 -49.54 90.33 0.03
CA PRO G 137 -50.93 90.04 -0.34
C PRO G 137 -51.05 89.52 -1.79
N PRO G 138 -52.16 88.84 -2.14
CA PRO G 138 -52.35 88.30 -3.49
C PRO G 138 -52.32 89.39 -4.58
N SER G 139 -51.59 89.16 -5.67
CA SER G 139 -51.50 90.10 -6.81
C SER G 139 -52.90 90.35 -7.38
N ASP G 140 -53.11 91.46 -8.08
CA ASP G 140 -54.44 91.80 -8.68
C ASP G 140 -54.69 90.91 -9.90
N GLU G 141 -53.63 90.48 -10.59
CA GLU G 141 -53.74 89.56 -11.72
C GLU G 141 -54.24 88.20 -11.27
N GLN G 142 -53.72 87.68 -10.16
CA GLN G 142 -54.21 86.40 -9.64
C GLN G 142 -55.65 86.53 -9.17
N LEU G 143 -55.99 87.64 -8.51
CA LEU G 143 -57.37 87.86 -8.07
C LEU G 143 -58.34 87.91 -9.25
N LYS G 144 -57.87 88.36 -10.42
CA LYS G 144 -58.72 88.36 -11.60
C LYS G 144 -59.12 86.94 -12.00
N SER G 145 -58.30 85.94 -11.65
CA SER G 145 -58.56 84.56 -12.02
C SER G 145 -59.49 83.83 -11.05
N GLY G 146 -59.82 84.43 -9.91
CA GLY G 146 -60.74 83.84 -8.95
C GLY G 146 -60.10 83.11 -7.79
N THR G 147 -58.79 83.26 -7.58
CA THR G 147 -58.08 82.65 -6.45
C THR G 147 -57.18 83.71 -5.82
N ALA G 148 -56.52 83.32 -4.72
CA ALA G 148 -55.69 84.24 -3.95
C ALA G 148 -54.62 83.47 -3.21
N SER G 149 -53.37 83.92 -3.35
CA SER G 149 -52.22 83.36 -2.64
C SER G 149 -51.62 84.43 -1.72
N VAL G 150 -51.51 84.10 -0.43
CA VAL G 150 -50.95 84.98 0.59
C VAL G 150 -49.71 84.30 1.16
N VAL G 151 -48.60 85.04 1.28
CA VAL G 151 -47.34 84.45 1.70
C VAL G 151 -46.87 85.13 2.98
N CYS G 152 -46.34 84.34 3.91
CA CYS G 152 -45.62 84.85 5.08
C CYS G 152 -44.23 84.23 5.05
N LEU G 153 -43.20 85.07 5.11
CA LEU G 153 -41.82 84.71 4.85
C LEU G 153 -40.99 85.02 6.08
N LEU G 154 -40.34 83.98 6.61
CA LEU G 154 -39.38 84.09 7.70
C LEU G 154 -37.99 83.91 7.11
N ASN G 155 -37.13 84.90 7.31
CA ASN G 155 -35.80 84.93 6.68
C ASN G 155 -34.73 84.97 7.75
N ASN G 156 -33.64 84.23 7.51
CA ASN G 156 -32.40 84.39 8.25
C ASN G 156 -32.60 84.12 9.73
N PHE G 157 -33.02 82.89 10.03
CA PHE G 157 -33.29 82.46 11.40
C PHE G 157 -32.63 81.11 11.65
N TYR G 158 -32.36 80.86 12.94
CA TYR G 158 -31.68 79.66 13.39
C TYR G 158 -31.97 79.53 14.87
N PRO G 159 -32.33 78.32 15.37
CA PRO G 159 -32.30 77.08 14.58
C PRO G 159 -33.58 76.87 13.76
N ARG G 160 -33.93 75.63 13.40
CA ARG G 160 -35.21 75.32 12.71
C ARG G 160 -36.19 74.91 13.81
N GLU G 161 -36.89 75.88 14.42
CA GLU G 161 -37.79 75.60 15.58
C GLU G 161 -39.23 75.97 15.29
N ALA G 162 -40.18 75.11 15.67
CA ALA G 162 -41.63 75.37 15.55
C ALA G 162 -42.00 75.79 14.12
N LYS G 163 -43.06 76.59 13.94
CA LYS G 163 -43.56 77.00 12.60
C LYS G 163 -44.30 78.33 12.72
N VAL G 164 -45.10 78.70 11.72
CA VAL G 164 -45.93 79.93 11.73
C VAL G 164 -47.40 79.51 11.87
N GLN G 165 -48.24 80.34 12.48
CA GLN G 165 -49.69 80.04 12.66
C GLN G 165 -50.51 81.13 11.95
N TRP G 166 -51.34 80.75 10.97
CA TRP G 166 -52.16 81.70 10.24
C TRP G 166 -53.32 82.14 11.11
N LYS G 167 -53.63 83.44 11.08
CA LYS G 167 -54.82 84.00 11.69
C LYS G 167 -55.61 84.77 10.65
N VAL G 168 -56.91 84.51 10.60
CA VAL G 168 -57.83 85.15 9.67
C VAL G 168 -58.88 85.87 10.52
N ASP G 169 -58.72 87.18 10.66
CA ASP G 169 -59.53 87.97 11.61
C ASP G 169 -59.42 87.37 13.00
N ASN G 170 -58.20 86.96 13.37
CA ASN G 170 -57.92 86.32 14.65
C ASN G 170 -58.59 84.96 14.79
N ALA G 171 -58.79 84.26 13.66
CA ALA G 171 -59.32 82.90 13.64
C ALA G 171 -58.25 81.97 13.10
N LEU G 172 -57.93 80.92 13.85
CA LEU G 172 -56.89 79.99 13.46
C LEU G 172 -57.32 79.17 12.25
N GLN G 173 -56.42 79.04 11.28
CA GLN G 173 -56.61 78.21 10.10
C GLN G 173 -55.74 76.97 10.20
N SER G 174 -56.12 75.93 9.44
CA SER G 174 -55.38 74.68 9.47
C SER G 174 -55.80 73.84 8.26
N GLY G 175 -54.84 73.07 7.74
CA GLY G 175 -55.10 72.14 6.67
C GLY G 175 -55.23 72.74 5.29
N ASN G 176 -55.01 74.05 5.14
CA ASN G 176 -55.11 74.75 3.87
C ASN G 176 -53.86 75.51 3.47
N SER G 177 -52.89 75.65 4.37
CA SER G 177 -51.63 76.32 4.09
C SER G 177 -50.52 75.29 3.84
N GLN G 178 -49.55 75.68 3.03
CA GLN G 178 -48.41 74.83 2.65
C GLN G 178 -47.12 75.53 3.03
N GLU G 179 -46.08 74.73 3.26
CA GLU G 179 -44.82 75.22 3.81
C GLU G 179 -43.66 74.86 2.90
N SER G 180 -42.66 75.75 2.83
CA SER G 180 -41.46 75.56 2.02
C SER G 180 -40.24 76.00 2.82
N VAL G 181 -39.17 75.20 2.74
CA VAL G 181 -37.96 75.40 3.55
C VAL G 181 -36.73 75.37 2.63
N THR G 182 -35.76 76.22 2.94
CA THR G 182 -34.51 76.31 2.19
C THR G 182 -33.37 75.70 3.00
N GLU G 183 -32.45 75.05 2.29
CA GLU G 183 -31.31 74.38 2.91
C GLU G 183 -30.33 75.44 3.44
N GLN G 184 -29.63 75.10 4.52
CA GLN G 184 -28.61 75.94 5.15
C GLN G 184 -27.74 76.65 4.13
N ASP G 185 -27.61 77.97 4.30
CA ASP G 185 -26.86 78.78 3.35
C ASP G 185 -25.37 78.48 3.43
N SER G 186 -24.67 78.77 2.34
CA SER G 186 -23.26 78.45 2.24
C SER G 186 -22.35 79.45 2.95
N LYS G 187 -22.85 80.65 3.26
CA LYS G 187 -22.06 81.71 3.89
C LYS G 187 -22.54 82.01 5.30
N ASP G 188 -23.81 82.38 5.46
CA ASP G 188 -24.36 82.74 6.76
C ASP G 188 -24.98 81.56 7.50
N SER G 189 -25.27 80.46 6.81
CA SER G 189 -25.73 79.23 7.44
C SER G 189 -27.08 79.38 8.15
N THR G 190 -27.94 80.27 7.66
CA THR G 190 -29.28 80.45 8.21
C THR G 190 -30.33 79.82 7.28
N TYR G 191 -31.55 79.74 7.80
CA TYR G 191 -32.68 79.12 7.13
C TYR G 191 -33.69 80.16 6.68
N SER G 192 -34.50 79.80 5.68
CA SER G 192 -35.63 80.60 5.23
C SER G 192 -36.85 79.69 5.11
N LEU G 193 -38.02 80.25 5.45
CA LEU G 193 -39.27 79.52 5.54
C LEU G 193 -40.37 80.36 4.89
N SER G 194 -41.24 79.71 4.13
CA SER G 194 -42.40 80.36 3.54
C SER G 194 -43.65 79.56 3.86
N SER G 195 -44.69 80.25 4.33
CA SER G 195 -46.01 79.70 4.50
C SER G 195 -46.94 80.35 3.47
N THR G 196 -47.52 79.53 2.61
CA THR G 196 -48.39 79.99 1.52
C THR G 196 -49.81 79.53 1.82
N LEU G 197 -50.74 80.48 1.83
CA LEU G 197 -52.17 80.23 2.02
C LEU G 197 -52.86 80.43 0.69
N THR G 198 -53.65 79.44 0.28
CA THR G 198 -54.39 79.48 -0.97
C THR G 198 -55.88 79.51 -0.65
N LEU G 199 -56.58 80.52 -1.15
CA LEU G 199 -58.02 80.66 -0.94
C LEU G 199 -58.69 80.98 -2.27
N SER G 200 -60.01 80.84 -2.29
CA SER G 200 -60.81 81.34 -3.40
C SER G 200 -60.99 82.84 -3.27
N LYS G 201 -61.40 83.47 -4.39
CA LYS G 201 -61.58 84.92 -4.38
C LYS G 201 -62.72 85.32 -3.45
N ALA G 202 -63.79 84.53 -3.41
CA ALA G 202 -64.89 84.82 -2.50
C ALA G 202 -64.44 84.75 -1.04
N ASP G 203 -63.74 83.67 -0.68
CA ASP G 203 -63.20 83.56 0.67
C ASP G 203 -62.18 84.65 0.95
N TYR G 204 -61.39 85.03 -0.05
CA TYR G 204 -60.44 86.12 0.12
C TYR G 204 -61.15 87.42 0.47
N GLU G 205 -62.24 87.74 -0.25
CA GLU G 205 -62.93 89.01 -0.07
C GLU G 205 -63.82 89.03 1.16
N LYS G 206 -64.30 87.87 1.63
CA LYS G 206 -65.20 87.86 2.77
C LYS G 206 -64.55 88.37 4.06
N HIS G 207 -63.22 88.28 4.17
CA HIS G 207 -62.48 88.62 5.37
C HIS G 207 -61.45 89.69 5.05
N LYS G 208 -61.13 90.51 6.06
CA LYS G 208 -60.30 91.70 5.89
C LYS G 208 -58.88 91.51 6.40
N VAL G 209 -58.72 91.12 7.67
CA VAL G 209 -57.43 91.09 8.34
C VAL G 209 -56.85 89.70 8.23
N TYR G 210 -55.58 89.62 7.81
CA TYR G 210 -54.86 88.36 7.66
C TYR G 210 -53.50 88.55 8.31
N ALA G 211 -53.06 87.56 9.10
CA ALA G 211 -51.82 87.69 9.85
C ALA G 211 -51.11 86.35 9.95
N CYS G 212 -49.80 86.41 10.09
CA CYS G 212 -48.99 85.24 10.46
C CYS G 212 -48.26 85.54 11.75
N GLU G 213 -48.34 84.60 12.69
CA GLU G 213 -47.71 84.70 14.01
C GLU G 213 -46.59 83.67 14.11
N VAL G 214 -45.41 84.12 14.50
CA VAL G 214 -44.21 83.30 14.57
C VAL G 214 -43.84 83.10 16.03
N THR G 215 -43.57 81.84 16.40
CA THR G 215 -43.11 81.43 17.71
C THR G 215 -41.81 80.66 17.51
N HIS G 216 -40.71 81.25 17.96
CA HIS G 216 -39.36 80.75 17.75
C HIS G 216 -38.50 81.24 18.91
N GLN G 217 -37.50 80.44 19.28
CA GLN G 217 -36.75 80.70 20.51
C GLN G 217 -35.98 82.01 20.44
N GLY G 218 -35.63 82.47 19.24
CA GLY G 218 -34.85 83.68 19.08
C GLY G 218 -35.61 84.96 19.32
N LEU G 219 -36.94 84.91 19.39
CA LEU G 219 -37.79 86.08 19.58
C LEU G 219 -38.24 86.19 21.03
N SER G 220 -38.27 87.42 21.54
CA SER G 220 -38.65 87.64 22.93
C SER G 220 -40.10 87.21 23.19
N SER G 221 -41.00 87.53 22.28
CA SER G 221 -42.41 87.19 22.38
C SER G 221 -42.88 86.75 21.00
N PRO G 222 -44.03 86.05 20.92
CA PRO G 222 -44.56 85.68 19.60
C PRO G 222 -44.83 86.92 18.76
N VAL G 223 -44.29 86.93 17.55
CA VAL G 223 -44.36 88.09 16.67
C VAL G 223 -45.47 87.87 15.66
N THR G 224 -46.53 88.66 15.77
CA THR G 224 -47.65 88.63 14.83
C THR G 224 -47.53 89.81 13.88
N LYS G 225 -47.45 89.53 12.59
CA LYS G 225 -47.47 90.56 11.55
C LYS G 225 -48.74 90.37 10.72
N SER G 226 -49.45 91.47 10.49
CA SER G 226 -50.81 91.44 9.97
C SER G 226 -50.96 92.49 8.87
N PHE G 227 -52.04 92.34 8.09
CA PHE G 227 -52.39 93.33 7.10
C PHE G 227 -53.91 93.34 6.99
N ASN G 228 -54.47 94.50 6.64
CA ASN G 228 -55.89 94.64 6.34
C ASN G 228 -56.08 94.82 4.84
N ARG G 229 -57.14 94.19 4.31
CA ARG G 229 -57.43 94.26 2.89
C ARG G 229 -58.02 95.62 2.57
C1 NAG H . -24.71 -25.29 -7.62
C2 NAG H . -25.72 -26.35 -7.99
C3 NAG H . -27.06 -25.70 -8.29
C4 NAG H . -27.50 -24.78 -7.15
C5 NAG H . -26.37 -23.80 -6.81
C6 NAG H . -26.65 -22.95 -5.59
C7 NAG H . -24.69 -28.33 -9.12
C8 NAG H . -24.57 -29.02 -7.79
N2 NAG H . -25.25 -27.11 -9.14
O3 NAG H . -28.04 -26.72 -8.50
O4 NAG H . -28.64 -24.03 -7.52
O5 NAG H . -25.18 -24.55 -6.52
O6 NAG H . -27.07 -23.73 -4.48
O7 NAG H . -24.32 -28.88 -10.16
H2 NAG H . -25.83 -26.97 -7.24
H3 NAG H . -26.98 -25.15 -9.09
H4 NAG H . -27.70 -25.35 -6.38
H5 NAG H . -26.29 -23.22 -7.57
H61 NAG H . -25.85 -22.46 -5.36
H62 NAG H . -27.33 -22.30 -5.80
H81 NAG H . -24.16 -29.89 -7.92
H82 NAG H . -24.03 -28.48 -7.20
H83 NAG H . -25.46 -29.13 -7.41
HN2 NAG H . -25.34 -26.74 -9.91
HO3 NAG H . -28.78 -26.36 -8.67
HO6 NAG H . -27.21 -23.22 -3.82
C1 NAG H . -29.88 -24.72 -7.34
C2 NAG H . -30.97 -23.75 -6.87
C3 NAG H . -32.30 -24.48 -6.75
C4 NAG H . -32.66 -25.12 -8.09
C5 NAG H . -31.54 -26.07 -8.52
C6 NAG H . -31.78 -26.65 -9.89
C7 NAG H . -30.05 -21.94 -5.41
C8 NAG H . -29.74 -21.14 -6.63
N2 NAG H . -30.62 -23.15 -5.59
O3 NAG H . -33.31 -23.55 -6.37
O4 NAG H . -33.88 -25.85 -7.94
O5 NAG H . -30.30 -25.34 -8.58
O6 NAG H . -30.76 -27.60 -10.23
O7 NAG H . -29.80 -21.51 -4.28
H2 NAG H . -31.05 -23.04 -7.52
H3 NAG H . -32.23 -25.18 -6.08
H4 NAG H . -32.77 -24.43 -8.76
H5 NAG H . -31.52 -26.77 -7.86
H61 NAG H . -32.64 -27.09 -9.91
H62 NAG H . -31.79 -25.95 -10.56
H81 NAG H . -29.34 -20.29 -6.37
H82 NAG H . -29.12 -21.64 -7.19
H83 NAG H . -30.56 -20.97 -7.13
HN2 NAG H . -30.79 -23.61 -4.88
HO3 NAG H . -34.05 -23.95 -6.30
HO6 NAG H . -30.91 -27.91 -10.98
C1 BMA H . -34.90 -25.22 -8.72
C2 BMA H . -36.00 -26.26 -8.85
C3 BMA H . -37.16 -25.67 -9.67
C4 BMA H . -37.63 -24.31 -9.10
C5 BMA H . -36.41 -23.39 -8.92
C6 BMA H . -36.77 -22.03 -8.31
O2 BMA H . -36.50 -26.58 -7.56
O3 BMA H . -38.26 -26.56 -9.76
O4 BMA H . -38.54 -23.71 -10.01
O5 BMA H . -35.42 -24.05 -8.11
O6 BMA H . -37.18 -22.23 -6.98
H2 BMA H . -35.65 -27.05 -9.28
H3 BMA H . -36.81 -25.53 -10.56
H4 BMA H . -38.06 -24.45 -8.25
H5 BMA H . -36.07 -23.20 -9.81
H61 BMA H . -35.99 -21.44 -8.34
H62 BMA H . -37.47 -21.61 -8.83
HO2 BMA H . -35.89 -26.90 -7.10
HO4 BMA H . -39.20 -24.22 -10.12
C1 MAN H . -37.99 -27.53 -10.79
C2 MAN H . -39.33 -27.88 -11.46
C3 MAN H . -40.24 -28.54 -10.43
C4 MAN H . -39.55 -29.75 -9.76
C5 MAN H . -38.18 -29.33 -9.19
C6 MAN H . -37.35 -30.48 -8.67
O2 MAN H . -39.16 -28.85 -12.49
O3 MAN H . -41.49 -28.92 -10.99
O4 MAN H . -40.37 -30.23 -8.71
O5 MAN H . -37.40 -28.68 -10.22
O6 MAN H . -37.91 -30.90 -7.43
H2 MAN H . -39.69 -27.06 -11.81
H3 MAN H . -40.42 -27.87 -9.74
H4 MAN H . -39.42 -30.44 -10.42
H5 MAN H . -38.39 -28.74 -8.46
H61 MAN H . -37.33 -31.21 -9.30
H62 MAN H . -36.43 -30.20 -8.55
HO2 MAN H . -39.90 -29.01 -12.84
HO3 MAN H . -41.96 -29.28 -10.40
HO4 MAN H . -40.00 -30.89 -8.34
HO6 MAN H . -37.46 -31.54 -7.12
C1 MAN H . -37.70 -20.99 -6.46
C2 MAN H . -37.79 -21.17 -4.94
C3 MAN H . -38.82 -22.24 -4.61
C4 MAN H . -40.18 -21.93 -5.29
C5 MAN H . -39.97 -21.72 -6.81
C6 MAN H . -41.23 -21.28 -7.52
O2 MAN H . -38.24 -19.97 -4.32
O3 MAN H . -39.00 -22.37 -3.21
O4 MAN H . -41.06 -23.01 -5.09
O5 MAN H . -38.97 -20.71 -7.02
O6 MAN H . -41.61 -20.02 -7.00
H2 MAN H . -36.90 -21.41 -4.63
H3 MAN H . -38.49 -23.08 -4.95
H4 MAN H . -40.54 -21.12 -4.92
H5 MAN H . -39.69 -22.58 -7.16
H61 MAN H . -41.08 -21.22 -8.47
H62 MAN H . -41.94 -21.93 -7.37
HO2 MAN H . -38.28 -20.09 -3.49
HO3 MAN H . -39.58 -22.96 -3.06
HO4 MAN H . -41.80 -22.84 -5.46
HO6 MAN H . -42.31 -19.75 -7.38
C1 NAG I . 14.15 10.38 23.65
C2 NAG I . 14.88 10.87 24.88
C3 NAG I . 14.32 12.23 25.33
C4 NAG I . 14.30 13.21 24.17
C5 NAG I . 13.63 12.58 22.95
C6 NAG I . 13.76 13.40 21.70
C7 NAG I . 15.83 9.22 26.45
C8 NAG I . 15.53 8.23 27.54
N2 NAG I . 14.79 9.89 25.97
O3 NAG I . 15.11 12.74 26.40
O4 NAG I . 13.54 14.37 24.51
O5 NAG I . 14.27 11.33 22.64
O6 NAG I . 12.67 13.16 20.81
O7 NAG I . 16.97 9.40 26.03
H2 NAG I . 15.82 10.99 24.66
H3 NAG I . 13.41 12.10 25.64
H4 NAG I . 15.22 13.46 23.97
H5 NAG I . 12.70 12.48 23.18
H61 NAG I . 13.80 14.34 21.92
H62 NAG I . 14.60 13.19 21.24
H81 NAG I . 16.35 7.81 27.82
H82 NAG I . 15.12 8.70 28.29
H83 NAG I . 14.91 7.57 27.20
HN2 NAG I . 14.01 9.74 26.30
HO3 NAG I . 14.79 13.48 26.65
HO6 NAG I . 12.76 13.62 20.12
C1 NAG I . 14.25 15.41 25.20
C2 NAG I . 13.78 16.80 24.75
C3 NAG I . 14.53 17.86 25.54
C4 NAG I . 14.29 17.66 27.02
C5 NAG I . 14.74 16.27 27.44
C6 NAG I . 14.41 15.96 28.88
C7 NAG I . 13.03 16.87 22.37
C8 NAG I . 11.68 16.39 22.81
N2 NAG I . 13.97 17.01 23.33
O3 NAG I . 14.08 19.15 25.13
O4 NAG I . 15.03 18.64 27.75
O5 NAG I . 14.08 15.27 26.64
O6 NAG I . 14.99 14.73 29.29
O7 NAG I . 13.28 17.08 21.18
H2 NAG I . 12.83 16.85 24.94
H3 NAG I . 15.48 17.79 25.36
H4 NAG I . 13.35 17.77 27.22
H5 NAG I . 15.70 16.25 27.32
H61 NAG I . 14.72 16.67 29.45
H62 NAG I . 13.43 15.91 28.99
H81 NAG I . 11.10 16.33 22.04
H82 NAG I . 11.77 15.51 23.22
H83 NAG I . 11.31 17.02 23.45
HN2 NAG I . 14.76 17.25 23.06
HO3 NAG I . 14.49 19.74 25.57
HO6 NAG I . 14.79 14.58 30.10
C1 BMA I . 14.15 19.57 28.40
C2 BMA I . 15.02 20.30 29.40
C3 BMA I . 14.18 21.34 30.14
C4 BMA I . 13.43 22.27 29.16
C5 BMA I . 12.65 21.43 28.15
C6 BMA I . 11.91 22.25 27.09
O2 BMA I . 16.06 20.98 28.71
O3 BMA I . 14.96 22.12 31.05
O4 BMA I . 12.54 23.09 29.89
O5 BMA I . 13.55 20.50 27.49
O6 BMA I . 12.85 23.02 26.38
H2 BMA I . 15.40 19.66 30.02
H3 BMA I . 13.52 20.84 30.65
H4 BMA I . 14.07 22.83 28.70
H5 BMA I . 11.97 20.96 28.65
H61 BMA I . 11.41 21.67 26.49
H62 BMA I . 11.25 22.83 27.52
HO2 BMA I . 16.53 20.43 28.29
HO4 BMA I . 12.97 23.55 30.45
C1 MAN I . 15.18 21.34 32.25
C2 MAN I . 15.24 22.32 33.43
C3 MAN I . 16.45 23.24 33.25
C4 MAN I . 17.74 22.41 33.06
C5 MAN I . 17.57 21.42 31.92
C6 MAN I . 18.72 20.45 31.73
O2 MAN I . 15.44 21.64 34.66
O3 MAN I . 16.59 24.14 34.34
O4 MAN I . 18.81 23.29 32.76
O5 MAN I . 16.38 20.62 32.14
O6 MAN I . 19.75 21.14 31.02
H2 MAN I . 14.41 22.82 33.43
H3 MAN I . 16.31 23.76 32.45
H4 MAN I . 17.94 21.92 33.88
H5 MAN I . 17.50 21.96 31.11
H61 MAN I . 19.05 20.15 32.59
H62 MAN I . 18.44 19.67 31.24
HO2 MAN I . 15.47 22.21 35.29
HO3 MAN I . 17.27 24.62 34.21
HO4 MAN I . 19.52 22.85 32.66
HO6 MAN I . 20.41 20.62 30.92
C1 MAN I . 12.13 23.93 25.52
C2 MAN I . 13.13 24.40 24.45
C3 MAN I . 14.25 25.19 25.10
C4 MAN I . 13.70 26.33 25.98
C5 MAN I . 12.65 25.77 26.98
C6 MAN I . 11.95 26.86 27.77
O2 MAN I . 12.51 25.28 23.52
O3 MAN I . 15.14 25.72 24.13
O4 MAN I . 14.75 26.93 26.70
O5 MAN I . 11.64 25.03 26.27
O6 MAN I . 11.29 27.72 26.84
H2 MAN I . 13.45 23.60 24.00
H3 MAN I . 14.75 24.58 25.67
H4 MAN I . 13.26 26.98 25.41
H5 MAN I . 13.15 25.21 27.61
H61 MAN I . 11.31 26.48 28.39
H62 MAN I . 12.59 27.36 28.29
HO2 MAN I . 13.07 25.52 22.94
HO3 MAN I . 15.75 26.16 24.52
HO4 MAN I . 14.45 27.55 27.19
HO6 MAN I . 10.89 28.33 27.27
C1 NAG J . -2.27 -9.88 -31.46
C2 NAG J . -1.96 -10.55 -32.81
C3 NAG J . -2.90 -10.01 -33.88
C4 NAG J . -4.36 -10.12 -33.45
C5 NAG J . -4.54 -9.48 -32.08
C6 NAG J . -5.94 -9.65 -31.53
C7 NAG J . 0.42 -11.24 -33.22
C8 NAG J . 0.09 -12.63 -32.78
N2 NAG J . -0.58 -10.33 -33.20
O3 NAG J . -2.68 -10.75 -35.08
O4 NAG J . -5.17 -9.43 -34.39
O5 NAG J . -3.64 -10.06 -31.13
O6 NAG J . -6.10 -8.97 -30.29
O7 NAG J . 1.55 -10.93 -33.58
H2 NAG J . -2.12 -11.51 -32.71
H3 NAG J . -2.71 -9.07 -34.04
H4 NAG J . -4.61 -11.06 -33.40
H5 NAG J . -4.37 -8.54 -32.21
H61 NAG J . -6.59 -9.31 -32.17
H62 NAG J . -6.13 -10.60 -31.40
H81 NAG J . 0.88 -13.18 -32.85
H82 NAG J . -0.22 -12.60 -31.85
H83 NAG J . -0.61 -12.99 -33.34
HN2 NAG J . -0.38 -9.52 -33.43
HO3 NAG J . -3.19 -10.47 -35.68
HO6 NAG J . -6.88 -9.09 -30.01
C1 NAG J . -5.92 -10.34 -35.22
C2 NAG J . -7.11 -9.53 -35.72
C3 NAG J . -7.97 -10.37 -36.63
C4 NAG J . -7.13 -10.92 -37.78
C5 NAG J . -5.94 -11.67 -37.23
C6 NAG J . -4.98 -12.13 -38.31
C7 NAG J . -8.09 -7.73 -34.27
C8 NAG J . -7.45 -6.70 -35.15
N2 NAG J . -7.90 -9.03 -34.60
O3 NAG J . -9.04 -9.59 -37.14
O4 NAG J . -7.92 -11.78 -38.59
O5 NAG J . -5.18 -10.84 -36.34
O6 NAG J . -4.21 -11.04 -38.80
O7 NAG J . -8.78 -7.42 -33.30
H2 NAG J . -6.78 -8.76 -36.22
H3 NAG J . -8.34 -11.12 -36.13
H4 NAG J . -6.82 -10.17 -38.33
H5 NAG J . -6.30 -12.46 -36.77
H61 NAG J . -4.39 -12.81 -37.96
H62 NAG J . -5.48 -12.52 -39.04
H81 NAG J . -7.67 -5.82 -34.80
H82 NAG J . -6.49 -6.83 -35.13
H83 NAG J . -7.77 -6.79 -36.05
HN2 NAG J . -8.27 -9.61 -34.09
HO3 NAG J . -9.52 -10.06 -37.65
HO6 NAG J . -3.68 -11.31 -39.39
C1 BMA J . -8.08 -11.21 -39.90
C2 BMA J . -8.45 -12.35 -40.84
C3 BMA J . -8.66 -11.82 -42.24
C4 BMA J . -9.68 -10.68 -42.24
C5 BMA J . -9.29 -9.59 -41.22
C6 BMA J . -10.36 -8.52 -41.08
O2 BMA J . -9.68 -12.93 -40.41
O3 BMA J . -9.05 -12.84 -43.15
O4 BMA J . -9.75 -10.10 -43.53
O5 BMA J . -9.08 -10.20 -39.93
O6 BMA J . -11.54 -9.12 -40.58
H2 BMA J . -7.74 -13.02 -40.81
H3 BMA J . -7.80 -11.47 -42.54
H4 BMA J . -10.55 -11.04 -41.99
H5 BMA J . -8.48 -9.17 -41.54
H61 BMA J . -10.06 -7.82 -40.48
H62 BMA J . -10.53 -8.09 -41.94
HO2 BMA J . -9.60 -13.24 -39.64
HO4 BMA J . -9.97 -10.71 -44.09
C1 MAN J . -7.86 -13.38 -43.78
C2 MAN J . -8.27 -13.99 -45.13
C3 MAN J . -9.18 -15.20 -44.90
C4 MAN J . -8.52 -16.20 -43.95
C5 MAN J . -8.10 -15.50 -42.64
C6 MAN J . -7.29 -16.41 -41.73
O2 MAN J . -7.14 -14.48 -45.84
O3 MAN J . -9.53 -15.83 -46.13
O4 MAN J . -9.44 -17.24 -43.64
O5 MAN J . -7.27 -14.36 -42.95
O6 MAN J . -8.17 -17.34 -41.13
H2 MAN J . -8.72 -13.29 -45.63
H3 MAN J . -9.99 -14.87 -44.49
H4 MAN J . -7.73 -16.57 -44.38
H5 MAN J . -8.92 -15.26 -42.20
H61 MAN J . -6.60 -16.86 -42.24
H62 MAN J . -6.85 -15.88 -41.05
HO2 MAN J . -7.39 -14.81 -46.58
HO3 MAN J . -10.02 -16.49 -45.97
HO4 MAN J . -9.08 -17.80 -43.13
HO6 MAN J . -7.74 -17.86 -40.62
C1 MAN J . -12.45 -8.11 -40.09
C2 MAN J . -13.33 -8.75 -38.99
C3 MAN J . -14.27 -9.77 -39.62
C4 MAN J . -15.08 -9.16 -40.78
C5 MAN J . -14.11 -8.52 -41.81
C6 MAN J . -14.84 -7.77 -42.90
O2 MAN J . -14.18 -7.77 -38.39
O3 MAN J . -15.16 -10.31 -38.64
O4 MAN J . -15.83 -10.17 -41.42
O5 MAN J . -13.22 -7.58 -41.15
O6 MAN J . -13.87 -7.10 -43.69
H2 MAN J . -12.73 -9.15 -38.35
H3 MAN J . -13.73 -10.50 -39.96
H4 MAN J . -15.65 -8.47 -40.43
H5 MAN J . -13.62 -9.26 -42.20
H61 MAN J . -15.37 -8.37 -43.44
H62 MAN J . -15.46 -7.13 -42.51
HO2 MAN J . -14.65 -8.14 -37.80
HO3 MAN J . -15.67 -10.87 -39.00
HO4 MAN J . -16.27 -9.84 -42.06
HO6 MAN J . -14.27 -6.67 -44.31
C1 NAG K . 21.65 11.26 -13.80
C2 NAG K . 22.98 11.62 -14.47
C3 NAG K . 22.86 12.95 -15.20
C4 NAG K . 21.68 12.93 -16.15
C5 NAG K . 20.41 12.50 -15.43
C6 NAG K . 19.23 12.33 -16.34
C7 NAG K . 25.06 10.81 -13.32
C8 NAG K . 25.12 9.65 -14.27
N2 NAG K . 24.04 11.67 -13.47
O3 NAG K . 24.07 13.18 -15.90
O4 NAG K . 21.49 14.23 -16.70
O5 NAG K . 20.62 11.24 -14.78
O6 NAG K . 18.08 11.91 -15.63
O7 NAG K . 25.91 10.96 -12.44
H2 NAG K . 23.20 10.91 -15.11
H3 NAG K . 22.71 13.65 -14.55
H4 NAG K . 21.87 12.30 -16.87
H5 NAG K . 20.22 13.21 -14.79
H61 NAG K . 19.05 13.17 -16.80
H62 NAG K . 19.45 11.68 -17.03
H81 NAG K . 25.90 9.11 -14.06
H82 NAG K . 24.31 9.12 -14.18
H83 NAG K . 25.18 9.99 -15.18
HN2 NAG K . 24.02 12.34 -12.92
HO3 NAG K . 24.02 13.92 -16.31
HO6 NAG K . 17.43 11.82 -16.16
C1 NAG K . 21.91 14.25 -18.08
C2 NAG K . 21.07 15.30 -18.78
C3 NAG K . 21.46 15.38 -20.24
C4 NAG K . 22.95 15.65 -20.37
C5 NAG K . 23.75 14.61 -19.57
C6 NAG K . 25.23 14.92 -19.51
C7 NAG K . 18.71 15.75 -18.05
C8 NAG K . 19.15 17.05 -17.43
N2 NAG K . 19.64 14.99 -18.65
O3 NAG K . 20.73 16.42 -20.88
O4 NAG K . 23.34 15.56 -21.74
O5 NAG K . 23.29 14.58 -18.21
O6 NAG K . 25.51 15.90 -18.53
O7 NAG K . 17.53 15.39 -18.01
H2 NAG K . 21.22 16.16 -18.36
H3 NAG K . 21.26 14.54 -20.68
H4 NAG K . 23.14 16.53 -20.02
H5 NAG K . 23.61 13.77 -20.03
H61 NAG K . 25.72 14.12 -19.31
H62 NAG K . 25.52 15.25 -20.37
H81 NAG K . 18.39 17.49 -17.04
H82 NAG K . 19.82 16.86 -16.75
H83 NAG K . 19.54 17.61 -18.12
HN2 NAG K . 19.38 14.25 -19.00
HO3 NAG K . 20.94 16.47 -21.68
HO6 NAG K . 26.33 16.07 -18.51
C1 BMA K . 23.87 16.82 -22.17
C2 BMA K . 24.79 16.51 -23.34
C3 BMA K . 25.36 17.81 -23.90
C4 BMA K . 24.24 18.80 -24.25
C5 BMA K . 23.31 19.00 -23.02
C6 BMA K . 22.11 19.88 -23.34
O2 BMA K . 24.05 15.89 -24.38
O3 BMA K . 26.19 17.56 -25.03
O4 BMA K . 24.80 20.05 -24.62
O5 BMA K . 22.84 17.71 -22.58
O6 BMA K . 21.40 19.28 -24.43
H2 BMA K . 25.50 15.92 -23.03
H3 BMA K . 25.91 18.21 -23.21
H4 BMA K . 23.72 18.43 -24.98
H5 BMA K . 23.84 19.45 -22.35
H61 BMA K . 21.53 19.94 -22.56
H62 BMA K . 22.39 20.77 -23.56
HO2 BMA K . 23.73 15.17 -24.11
HO4 BMA K . 25.31 19.93 -25.29
C1 MAN K . 19.98 19.29 -24.14
C2 MAN K . 19.28 18.46 -25.25
C3 MAN K . 19.39 19.18 -26.58
C4 MAN K . 18.88 20.63 -26.47
C5 MAN K . 19.58 21.39 -25.31
C6 MAN K . 18.98 22.75 -24.99
O2 MAN K . 17.88 18.36 -24.99
O3 MAN K . 18.70 18.48 -27.63
O4 MAN K . 19.14 21.29 -27.71
O5 MAN K . 19.48 20.61 -24.10
O6 MAN K . 19.75 23.34 -23.95
H2 MAN K . 19.70 17.59 -25.26
H3 MAN K . 20.33 19.21 -26.82
H4 MAN K . 17.93 20.63 -26.29
H5 MAN K . 20.50 21.50 -25.61
H61 MAN K . 19.00 23.31 -25.78
H62 MAN K . 18.06 22.66 -24.72
HO2 MAN K . 17.51 17.91 -25.61
HO4 MAN K . 18.86 22.08 -27.67
HO6 MAN K . 19.44 24.10 -23.76
C1 MAN K . 19.63 18.08 -28.65
C2 MAN K . 18.85 17.71 -29.94
C3 MAN K . 18.07 16.41 -29.73
C4 MAN K . 18.99 15.29 -29.21
C5 MAN K . 19.72 15.76 -27.95
C6 MAN K . 20.74 14.77 -27.45
O2 MAN K . 19.73 17.45 -31.03
O3 MAN K . 17.40 15.99 -30.92
O4 MAN K . 18.20 14.15 -28.89
O5 MAN K . 20.44 16.99 -28.23
O6 MAN K . 21.42 15.35 -26.34
H2 MAN K . 18.27 18.46 -30.13
H3 MAN K . 17.39 16.58 -29.06
H4 MAN K . 19.63 15.07 -29.89
H5 MAN K . 19.03 15.89 -27.27
H61 MAN K . 20.30 13.95 -27.18
H62 MAN K . 21.36 14.54 -28.15
HO2 MAN K . 19.29 17.25 -31.71
HO3 MAN K . 16.98 15.28 -30.77
HO4 MAN K . 18.70 13.54 -28.60
HO6 MAN K . 21.99 14.81 -26.06
C1 MAN K . 27.54 17.39 -24.59
C2 MAN K . 28.46 17.78 -25.76
C3 MAN K . 28.33 16.77 -26.89
C4 MAN K . 28.56 15.34 -26.37
C5 MAN K . 27.63 15.04 -25.18
C6 MAN K . 27.91 13.69 -24.53
O2 MAN K . 29.84 17.76 -25.38
O3 MAN K . 29.22 17.06 -27.96
O4 MAN K . 28.30 14.42 -27.42
O5 MAN K . 27.79 16.06 -24.17
O6 MAN K . 27.35 12.67 -25.35
H2 MAN K . 28.20 18.68 -26.03
H3 MAN K . 27.42 16.82 -27.22
H4 MAN K . 29.48 15.25 -26.08
H5 MAN K . 26.73 15.03 -25.56
H61 MAN K . 28.87 13.56 -24.42
H62 MAN K . 27.52 13.67 -23.65
HO2 MAN K . 30.31 17.98 -26.04
HO3 MAN K . 29.12 16.48 -28.56
HO4 MAN K . 28.43 13.63 -27.15
HO6 MAN K . 27.50 11.93 -24.99
C1 NAG L . -13.00 -12.80 26.16
C2 NAG L . -13.13 -13.52 27.51
C3 NAG L . -14.14 -12.80 28.39
C4 NAG L . -13.80 -11.32 28.51
C5 NAG L . -13.67 -10.72 27.11
C6 NAG L . -13.28 -9.26 27.12
C7 NAG L . -12.79 -16.00 27.45
C8 NAG L . -11.36 -15.81 27.87
N2 NAG L . -13.54 -14.90 27.30
O3 NAG L . -14.13 -13.42 29.68
O4 NAG L . -14.83 -10.66 29.23
O5 NAG L . -12.66 -11.44 26.37
O6 NAG L . -11.92 -9.09 27.50
O7 NAG L . -13.24 -17.12 27.25
H2 NAG L . -12.26 -13.52 27.94
H3 NAG L . -15.03 -12.87 28.00
H4 NAG L . -12.96 -11.22 28.99
H5 NAG L . -14.55 -10.80 26.71
H61 NAG L . -13.42 -8.89 26.24
H62 NAG L . -13.85 -8.78 27.73
H81 NAG L . -10.92 -16.67 27.94
H82 NAG L . -10.91 -15.26 27.21
H83 NAG L . -11.34 -15.36 28.73
HN2 NAG L . -14.36 -15.03 27.06
HO3 NAG L . -14.68 -13.03 30.18
HO6 NAG L . -11.73 -8.26 27.49
C1 NAG L . -14.31 -9.86 30.31
C2 NAG L . -15.48 -9.08 30.91
C3 NAG L . -14.98 -8.23 32.07
C4 NAG L . -14.25 -9.10 33.09
C5 NAG L . -13.15 -9.92 32.41
C6 NAG L . -12.49 -10.91 33.35
C7 NAG L . -17.22 -8.54 29.20
C8 NAG L . -17.88 -9.87 29.48
N2 NAG L . -16.11 -8.24 29.90
O3 NAG L . -16.07 -7.57 32.68
O4 NAG L . -13.66 -8.26 34.09
O5 NAG L . -13.70 -10.67 31.33
O6 NAG L . -11.26 -11.37 32.84
O7 NAG L . -17.68 -7.77 28.37
H2 NAG L . -16.14 -9.71 31.24
H3 NAG L . -14.35 -7.57 31.74
H4 NAG L . -14.89 -9.70 33.50
H5 NAG L . -12.49 -9.28 32.12
H61 NAG L . -12.35 -10.49 34.21
H62 NAG L . -13.09 -11.66 33.50
H81 NAG L . -18.66 -9.95 28.91
H82 NAG L . -17.25 -10.58 29.30
H83 NAG L . -18.15 -9.89 30.42
HN2 NAG L . -15.74 -7.48 29.75
HO3 NAG L . -15.80 -7.10 33.32
HO6 NAG L . -10.93 -11.92 33.37
C1 BMA L . -14.16 -8.64 35.38
C2 BMA L . -13.09 -8.25 36.38
C3 BMA L . -13.54 -8.59 37.79
C4 BMA L . -14.91 -7.94 38.08
C5 BMA L . -15.93 -8.33 36.98
C6 BMA L . -17.26 -7.59 37.14
O2 BMA L . -12.85 -6.85 36.33
O3 BMA L . -12.60 -8.16 38.77
O4 BMA L . -15.39 -8.37 39.34
O5 BMA L . -15.39 -7.99 35.69
O6 BMA L . -17.00 -6.19 37.07
H2 BMA L . -12.26 -8.73 36.16
H3 BMA L . -13.63 -9.54 37.85
H4 BMA L . -14.81 -6.98 38.07
H5 BMA L . -16.09 -9.28 37.06
H61 BMA L . -17.88 -7.86 36.44
H62 BMA L . -17.67 -7.82 37.98
HO2 BMA L . -12.60 -6.62 35.56
HO4 BMA L . -14.84 -8.17 39.94
C1 MAN L . -11.80 -9.30 39.18
C2 MAN L . -11.04 -8.88 40.45
C3 MAN L . -10.01 -7.80 40.13
C4 MAN L . -9.10 -8.25 38.98
C5 MAN L . -9.92 -8.68 37.76
C6 MAN L . -9.07 -9.28 36.65
O2 MAN L . -10.29 -9.98 40.99
O3 MAN L . -9.26 -7.45 41.28
O4 MAN L . -8.26 -7.16 38.61
O5 MAN L . -10.89 -9.68 38.16
O6 MAN L . -8.52 -10.49 37.14
H2 MAN L . -11.71 -8.58 41.09
H3 MAN L . -10.51 -7.02 39.84
H4 MAN L . -8.56 -8.99 39.29
H5 MAN L . -10.34 -7.87 37.43
H61 MAN L . -9.62 -9.44 35.86
H62 MAN L . -8.37 -8.67 36.40
HO2 MAN L . -9.89 -9.72 41.68
HO3 MAN L . -8.70 -6.85 41.08
HO4 MAN L . -7.75 -7.40 37.98
HO6 MAN L . -8.05 -10.84 36.54
C1 MAN L . -18.13 -5.44 37.56
C2 MAN L . -17.99 -4.01 37.00
C3 MAN L . -16.75 -3.35 37.61
C4 MAN L . -16.79 -3.42 39.15
C5 MAN L . -16.99 -4.87 39.62
C6 MAN L . -17.20 -4.99 41.11
O2 MAN L . -19.09 -3.20 37.39
O3 MAN L . -16.62 -1.99 37.17
O4 MAN L . -15.56 -2.93 39.67
O5 MAN L . -18.16 -5.44 38.97
O6 MAN L . -17.27 -6.37 41.44
H2 MAN L . -17.92 -4.09 36.04
H3 MAN L . -15.97 -3.83 37.29
H4 MAN L . -17.53 -2.87 39.46
H5 MAN L . -16.19 -5.35 39.37
H61 MAN L . -16.46 -4.56 41.58
H62 MAN L . -18.01 -4.53 41.38
HO2 MAN L . -19.00 -2.42 37.07
HO3 MAN L . -15.95 -1.65 37.52
HO4 MAN L . -15.58 -2.97 40.51
HO6 MAN L . -17.38 -6.45 42.28
N POV M . -11.35 -38.72 3.12
P POV M . -10.93 -36.27 7.64
C1 POV M . -8.52 -36.04 8.70
C2 POV M . -7.51 -37.12 9.00
C3 POV M . -6.44 -36.69 9.98
C210 POV M . 0.39 -44.03 4.00
C310 POV M . 4.05 -43.98 9.69
C11 POV M . -11.13 -37.17 5.17
O11 POV M . -9.86 -36.60 8.78
C211 POV M . 0.99 -45.11 3.17
C311 POV M . 4.86 -44.74 10.70
C12 POV M . -10.50 -38.20 4.26
O12 POV M . -10.31 -37.01 6.36
C212 POV M . 2.15 -45.78 3.82
C13 POV M . -10.53 -39.64 2.28
O13 POV M . -12.22 -36.94 8.01
C213 POV M . 2.80 -46.87 2.98
C14 POV M . -12.51 -39.47 3.65
O14 POV M . -10.91 -34.79 7.37
C214 POV M . 3.85 -47.65 3.71
C15 POV M . -11.82 -37.59 2.28
C215 POV M . 4.41 -48.80 2.93
C216 POV M . 5.27 -49.73 3.74
C217 POV M . 5.72 -50.96 2.99
C218 POV M . 6.47 -51.93 3.86
C21 POV M . -7.54 -38.16 6.83
O21 POV M . -6.83 -37.50 7.76
C22 POV M . -7.18 -37.71 5.44
O22 POV M . -8.36 -39.00 7.09
C23 POV M . -6.55 -38.78 4.62
C24 POV M . -5.19 -39.20 5.15
C25 POV M . -4.42 -40.09 4.21
C26 POV M . -3.07 -40.51 4.72
C27 POV M . -2.36 -41.50 3.83
C28 POV M . -1.16 -42.14 4.45
C29 POV M . -0.63 -43.29 3.67
C31 POV M . -4.34 -37.44 10.75
O31 POV M . -5.40 -37.70 9.98
C32 POV M . -3.10 -38.07 10.18
O32 POV M . -4.39 -36.82 11.77
C33 POV M . -2.46 -39.05 11.09
C34 POV M . -1.13 -39.56 10.57
C35 POV M . -1.25 -40.45 9.35
C36 POV M . 0.08 -40.98 8.85
C37 POV M . 0.79 -41.89 9.82
C38 POV M . 2.05 -42.49 9.27
C39 POV M . 2.80 -43.36 10.25
H29 POV M . -1.08 -43.51 2.84
H1 POV M . -8.42 -35.32 9.32
H1A POV M . -8.37 -35.68 7.81
H2 POV M . -7.99 -37.85 9.39
H3 POV M . -6.07 -35.83 9.72
H3A POV M . -6.82 -36.59 10.86
H310 POV M . 4.60 -43.27 9.31
H31A POV M . 3.82 -44.57 8.96
H210 POV M . 0.80 -43.86 4.86
H11 POV M . -11.21 -36.33 4.70
H11A POV M . -12.03 -37.45 5.41
H211 POV M . 0.30 -45.78 2.97
H21A POV M . 1.26 -44.75 2.31
H12 POV M . -10.23 -38.96 4.81
H12A POV M . -9.69 -37.82 3.89
H22 POV M . -7.98 -37.39 4.99
H212 POV M . 2.81 -45.11 4.03
H22A POV M . -6.56 -36.96 5.50
H21B POV M . 1.86 -46.17 4.67
H32 POV M . -3.32 -38.51 9.33
H32A POV M . -2.47 -37.36 9.97
H13 POV M . -11.08 -39.97 1.55
H13A POV M . -9.78 -39.16 1.93
H13B POV M . -10.23 -40.38 2.82
H23 POV M . -7.13 -39.56 4.60
H213 POV M . 2.10 -47.48 2.67
H23A POV M . -6.46 -38.47 3.70
H21C POV M . 3.19 -46.46 2.19
H33 POV M . -2.33 -38.65 11.96
H33A POV M . -3.06 -39.81 11.22
H14 POV M . -13.05 -39.80 2.90
H14A POV M . -12.20 -40.22 4.18
H14B POV M . -13.05 -38.88 4.20
H24 POV M . -4.66 -38.41 5.33
H214 POV M . 4.57 -47.06 3.95
H24A POV M . -5.31 -39.65 5.99
H21D POV M . 3.47 -47.98 4.54
H34 POV M . -0.57 -38.80 10.35
H34A POV M . -0.68 -40.06 11.27
H15 POV M . -12.37 -37.96 1.56
H15A POV M . -12.36 -37.00 2.82
H15B POV M . -11.06 -37.12 1.92
H25 POV M . -4.95 -40.89 4.04
H215 POV M . 3.67 -49.31 2.54
H25A POV M . -4.31 -39.64 3.37
H21E POV M . 4.94 -48.46 2.18
H35 POV M . -1.82 -41.19 9.57
H35A POV M . -1.67 -39.96 8.64
H26 POV M . -2.51 -39.71 4.82
H216 POV M . 6.05 -49.25 4.05
H26A POV M . -3.18 -40.89 5.60
H21F POV M . 4.77 -50.00 4.53
H36 POV M . -0.08 -41.47 8.03
H36A POV M . 0.66 -40.23 8.65
H27 POV M . -2.98 -42.19 3.57
H217 POV M . 4.94 -51.40 2.62
H27A POV M . -2.08 -41.06 3.01
H21G POV M . 6.28 -50.69 2.25
H37 POV M . 1.00 -41.39 10.62
H37A POV M . 0.19 -42.60 10.08
H28 POV M . -0.46 -41.47 4.56
H218 POV M . 6.73 -52.70 3.32
H28A POV M . -1.40 -42.44 5.35
H21H POV M . 7.26 -51.49 4.21
H21J POV M . 5.91 -52.22 4.59
H38 POV M . 1.83 -43.03 8.49
H38A POV M . 2.64 -41.78 8.98
H39 POV M . 2.21 -44.07 10.55
H39A POV M . 3.02 -42.84 11.03
C1 CLR N . 34.32 -6.25 5.76
C2 CLR N . 32.98 -5.50 5.63
C3 CLR N . 32.90 -4.32 6.58
C4 CLR N . 33.21 -4.76 8.01
C5 CLR N . 33.53 -6.24 8.10
C6 CLR N . 32.84 -7.03 8.91
C7 CLR N . 33.20 -8.44 9.24
C8 CLR N . 34.51 -8.87 8.61
C9 CLR N . 34.65 -8.30 7.19
C10 CLR N . 34.63 -6.75 7.18
C11 CLR N . 35.83 -8.91 6.43
C12 CLR N . 35.87 -10.44 6.47
C13 CLR N . 35.85 -10.97 7.91
C14 CLR N . 34.58 -10.40 8.56
C15 CLR N . 34.43 -11.18 9.85
C16 CLR N . 34.89 -12.60 9.47
C17 CLR N . 35.57 -12.50 8.08
C18 CLR N . 37.13 -10.57 8.66
C19 CLR N . 35.96 -6.15 7.66
C20 CLR N . 36.72 -13.52 7.94
C21 CLR N . 37.57 -13.32 6.70
C22 CLR N . 36.15 -14.95 7.95
C23 CLR N . 36.98 -15.99 8.65
C24 CLR N . 38.24 -16.35 7.91
C25 CLR N . 38.86 -17.69 8.28
C26 CLR N . 37.99 -18.85 7.85
C27 CLR N . 39.16 -17.77 9.77
O1 CLR N . 33.83 -3.30 6.18
H11 CLR N . 34.31 -7.00 5.16
H12 CLR N . 35.04 -5.66 5.47
H21 CLR N . 32.88 -5.18 4.72
H22 CLR N . 32.25 -6.11 5.81
H3 CLR N . 32.00 -3.97 6.55
H41 CLR N . 33.96 -4.26 8.33
H42 CLR N . 32.45 -4.56 8.57
H6 CLR N . 32.07 -6.67 9.29
H71 CLR N . 33.25 -8.54 10.20
H72 CLR N . 32.49 -9.03 8.94
H8 CLR N . 35.24 -8.54 9.16
H9 CLR N . 33.85 -8.58 6.69
H111 CLR N . 35.80 -8.62 5.51
H112 CLR N . 36.66 -8.56 6.81
H121 CLR N . 35.12 -10.80 5.98
H122 CLR N . 36.68 -10.76 6.03
H14 CLR N . 33.79 -10.53 8.01
H151 CLR N . 34.98 -10.81 10.57
H152 CLR N . 33.52 -11.18 10.16
H161 CLR N . 35.52 -12.94 10.13
H162 CLR N . 34.15 -13.21 9.44
H17 CLR N . 35.04 -12.78 7.32
H181 CLR N . 37.09 -10.93 9.56
H182 CLR N . 37.90 -10.95 8.20
H183 CLR N . 37.20 -9.61 8.69
H191 CLR N . 36.15 -6.46 8.56
H192 CLR N . 36.67 -6.42 7.06
H193 CLR N . 35.89 -5.18 7.67
H20 CLR N . 37.30 -13.39 8.70
H211 CLR N . 38.27 -13.99 6.68
H212 CLR N . 37.01 -13.40 5.91
H213 CLR N . 37.98 -12.44 6.74
H221 CLR N . 35.27 -14.92 8.36
H222 CLR N . 36.02 -15.24 7.04
H231 CLR N . 37.22 -15.65 9.53
H232 CLR N . 36.45 -16.78 8.79
H241 CLR N . 38.04 -16.36 6.96
H242 CLR N . 38.89 -15.65 8.05
H25 CLR N . 39.71 -17.75 7.80
H261 CLR N . 38.41 -19.69 8.11
H262 CLR N . 37.12 -18.78 8.30
H263 CLR N . 37.86 -18.82 6.89
H271 CLR N . 39.55 -18.63 9.97
H272 CLR N . 39.77 -17.05 10.01
H273 CLR N . 38.32 -17.66 10.25
H1 CLR N . 33.77 -2.65 6.71
C1 CLR O . 1.89 -29.87 -25.10
C2 CLR O . 0.62 -30.18 -25.89
C3 CLR O . -0.55 -29.35 -25.41
C4 CLR O . -0.82 -29.61 -23.94
C5 CLR O . 0.29 -30.40 -23.27
C6 CLR O . 0.02 -31.47 -22.54
C7 CLR O . 0.98 -32.15 -21.63
C8 CLR O . 2.33 -31.43 -21.55
C9 CLR O . 2.73 -30.95 -22.97
C10 CLR O . 1.72 -29.93 -23.56
C11 CLR O . 4.18 -30.45 -23.01
C12 CLR O . 5.19 -31.41 -22.38
C13 CLR O . 4.81 -31.76 -20.94
C14 CLR O . 3.39 -32.36 -21.00
C15 CLR O . 3.18 -33.00 -19.64
C16 CLR O . 4.58 -33.48 -19.22
C17 CLR O . 5.58 -32.94 -20.28
C18 CLR O . 4.88 -30.51 -20.04
C19 CLR O . 1.88 -28.52 -22.96
C20 CLR O . 6.99 -32.71 -19.69
C21 CLR O . 7.92 -31.99 -20.64
C22 CLR O . 7.59 -34.05 -19.26
C23 CLR O . 8.84 -33.96 -18.41
C24 CLR O . 9.79 -35.10 -18.62
C25 CLR O . 10.40 -35.23 -20.01
C26 CLR O . 11.32 -36.44 -20.09
C27 CLR O . 11.16 -33.97 -20.40
O1 CLR O . -0.26 -27.96 -25.60
H11 CLR O . 2.58 -30.51 -25.36
H12 CLR O . 2.21 -29.00 -25.33
H21 CLR O . 0.78 -30.01 -26.82
H22 CLR O . 0.41 -31.12 -25.80
H3 CLR O . -1.33 -29.59 -25.91
H41 CLR O . -0.93 -28.77 -23.48
H42 CLR O . -1.65 -30.09 -23.84
H6 CLR O . -0.84 -31.83 -22.60
H71 CLR O . 0.60 -32.19 -20.73
H72 CLR O . 1.12 -33.06 -21.92
H8 CLR O . 2.25 -30.67 -20.96
H9 CLR O . 2.70 -31.72 -23.55
H111 CLR O . 4.43 -30.28 -23.93
H112 CLR O . 4.23 -29.59 -22.55
H121 CLR O . 5.22 -32.22 -22.91
H122 CLR O . 6.07 -31.02 -22.40
H14 CLR O . 3.31 -33.05 -21.69
H151 CLR O . 2.82 -32.36 -19.00
H152 CLR O . 2.55 -33.74 -19.68
H161 CLR O . 4.81 -33.15 -18.34
H162 CLR O . 4.61 -34.45 -19.18
H17 CLR O . 5.83 -33.55 -20.99
H181 CLR O . 4.64 -30.76 -19.14
H182 CLR O . 5.79 -30.16 -20.06
H183 CLR O . 4.26 -29.85 -20.38
H191 CLR O . 1.76 -28.57 -22.00
H192 CLR O . 2.77 -28.19 -23.17
H193 CLR O . 1.21 -27.93 -23.35
H20 CLR O . 6.87 -32.14 -18.91
H211 CLR O . 8.79 -31.87 -20.21
H212 CLR O . 8.02 -32.51 -21.46
H213 CLR O . 7.54 -31.12 -20.86
H221 CLR O . 6.93 -34.55 -18.77
H222 CLR O . 7.81 -34.56 -20.06
H231 CLR O . 9.30 -33.13 -18.62
H232 CLR O . 8.59 -33.91 -17.47
H241 CLR O . 10.51 -35.03 -17.97
H242 CLR O . 9.32 -35.93 -18.42
H25 CLR O . 9.67 -35.36 -20.63
H261 CLR O . 11.70 -36.49 -20.99
H262 CLR O . 12.04 -36.33 -19.45
H263 CLR O . 10.81 -37.24 -19.91
H271 CLR O . 11.53 -34.09 -21.29
H272 CLR O . 10.53 -33.22 -20.40
H273 CLR O . 11.86 -33.81 -19.76
H1 CLR O . -0.91 -27.49 -25.33
N POV P . 36.50 -41.15 -21.48
P POV P . 39.85 -44.77 -19.89
C1 POV P . 42.23 -43.98 -19.09
C2 POV P . 43.08 -42.73 -19.04
C3 POV P . 42.26 -41.47 -18.82
C210 POV P . 44.95 -35.38 -16.10
C310 POV P . 36.59 -34.41 -18.43
C11 POV P . 38.38 -42.75 -20.76
O11 POV P . 41.08 -43.75 -19.96
C211 POV P . 43.94 -34.49 -15.45
C311 POV P . 35.63 -33.82 -19.42
C12 POV P . 37.17 -42.51 -21.62
O12 POV P . 38.80 -44.13 -20.93
C212 POV P . 42.66 -34.37 -16.22
C312 POV P . 36.04 -32.48 -19.96
C13 POV P . 37.47 -40.07 -21.79
O13 POV P . 40.31 -46.09 -20.42
C213 POV P . 41.72 -33.32 -15.63
C313 POV P . 34.93 -31.69 -20.61
C14 POV P . 35.36 -41.05 -22.42
O14 POV P . 39.25 -44.68 -18.51
C214 POV P . 40.88 -32.60 -16.65
C314 POV P . 33.76 -31.38 -19.71
C15 POV P . 36.00 -40.96 -20.09
C215 POV P . 40.38 -31.27 -16.17
C315 POV P . 34.10 -30.86 -18.34
C216 POV P . 39.60 -30.47 -17.20
C316 POV P . 34.97 -29.62 -18.36
C217 POV P . 38.32 -31.12 -17.65
C218 POV P . 37.29 -31.26 -16.55
C21 POV P . 44.86 -41.77 -20.33
O21 POV P . 43.82 -42.61 -20.28
C22 POV P . 46.15 -42.40 -19.89
O22 POV P . 44.75 -40.63 -20.70
C23 POV P . 46.81 -41.70 -18.74
C24 POV P . 46.05 -41.91 -17.43
C25 POV P . 46.75 -41.35 -16.22
C26 POV P . 47.03 -39.88 -16.28
C27 POV P . 45.80 -39.00 -16.43
C28 POV P . 46.10 -37.55 -16.30
C29 POV P . 44.89 -36.66 -16.24
C31 POV P . 42.53 -39.33 -17.88
O31 POV P . 43.13 -40.42 -18.34
C32 POV P . 42.13 -38.41 -18.99
O32 POV P . 42.36 -39.12 -16.71
C33 POV P . 41.36 -37.21 -18.54
C34 POV P . 39.97 -37.56 -18.03
C35 POV P . 39.07 -38.21 -19.06
C36 POV P . 37.65 -37.73 -19.01
C37 POV P . 37.27 -36.79 -20.13
C38 POV P . 38.06 -35.52 -20.19
C39 POV P . 37.98 -34.64 -18.96
H29 POV P . 44.01 -37.08 -16.32
H1 POV P . 42.75 -44.71 -19.42
H1A POV P . 41.93 -44.21 -18.20
H2 POV P . 43.67 -42.80 -18.28
H3 POV P . 41.84 -41.20 -19.65
H3A POV P . 41.55 -41.63 -18.18
H310 POV P . 36.64 -33.82 -17.67
H31A POV P . 36.24 -35.25 -18.11
H210 POV P . 45.75 -34.93 -16.45
H11 POV P . 39.10 -42.15 -21.02
H11A POV P . 38.19 -42.58 -19.83
H211 POV P . 43.73 -34.84 -14.57
H21A POV P . 44.32 -33.61 -15.33
H311 POV P . 35.53 -34.45 -20.17
H31B POV P . 34.75 -33.74 -19.01
H12 POV P . 36.51 -43.19 -21.42
H12A POV P . 37.42 -42.62 -22.55
H22 POV P . 45.99 -43.32 -19.65
H212 POV P . 42.86 -34.13 -17.13
H22A POV P . 46.77 -42.41 -20.64
H21B POV P . 42.21 -35.23 -16.23
H32 POV P . 42.92 -38.13 -19.46
H312 POV P . 36.41 -31.96 -19.24
H32A POV P . 41.59 -38.91 -19.64
H31C POV P . 36.75 -32.62 -20.62
H13 POV P . 37.04 -39.21 -21.69
H13A POV P . 38.22 -40.13 -21.17
H13B POV P . 37.79 -40.18 -22.70
H23 POV P . 47.71 -42.03 -18.63
H213 POV P . 41.13 -33.76 -15.00
H23A POV P . 46.86 -40.76 -18.93
H21C POV P . 42.24 -32.68 -15.14
H33 POV P . 41.86 -36.77 -17.84
H313 POV P . 35.29 -30.86 -20.94
H33A POV P . 41.29 -36.59 -19.28
H31D POV P . 34.61 -32.19 -21.38
H14 POV P . 34.94 -40.18 -22.33
H14A POV P . 35.70 -41.17 -23.33
H14B POV P . 34.72 -41.76 -22.21
H24 POV P . 45.18 -41.49 -17.51
H214 POV P . 41.41 -32.47 -17.46
H24A POV P . 45.90 -42.85 -17.30
H21D POV P . 40.13 -33.16 -16.90
H34 POV P . 40.05 -38.16 -17.27
H314 POV P . 33.19 -30.74 -20.15
H34A POV P . 39.54 -36.74 -17.72
H31E POV P . 33.23 -32.20 -19.60
H15 POV P . 35.59 -40.09 -20.03
H15A POV P . 35.35 -41.65 -19.90
H15B POV P . 36.75 -41.01 -19.48
H25 POV P . 46.20 -41.53 -15.43
H215 POV P . 39.81 -31.41 -15.40
H25A POV P . 47.58 -41.83 -16.10
H21E POV P . 41.13 -30.73 -15.88
H35 POV P . 39.43 -38.04 -19.94
H315 POV P . 33.28 -30.66 -17.86
H35A POV P . 39.10 -39.16 -18.93
H31F POV P . 34.56 -31.55 -17.84
H26 POV P . 47.50 -39.62 -15.46
H216 POV P . 39.41 -29.60 -16.84
H26A POV P . 47.63 -39.71 -17.01
H21F POV P . 40.16 -30.35 -17.98
H36 POV P . 37.07 -38.51 -19.04
H316 POV P . 35.14 -29.34 -17.44
H36A POV P . 37.49 -37.29 -18.16
H31G POV P . 35.80 -29.82 -18.80
H31H POV P . 34.50 -28.91 -18.83
H27 POV P . 45.38 -39.17 -17.29
H217 POV P . 37.94 -30.59 -18.37
H27A POV P . 45.14 -39.24 -15.75
H21G POV P . 38.50 -31.99 -18.01
H37 POV P . 37.37 -37.26 -20.97
H37A POV P . 36.32 -36.58 -20.04
H28 POV P . 46.63 -37.40 -15.51
H218 POV P . 36.49 -31.68 -16.91
H28A POV P . 46.65 -37.28 -17.06
H21H POV P . 37.66 -31.82 -15.84
H21J POV P . 37.08 -30.37 -16.20
H38 POV P . 39.00 -35.73 -20.35
H38A POV P . 37.76 -35.00 -20.95
H39 POV P . 38.39 -33.78 -19.15
H39A POV P . 38.51 -35.05 -18.25
C1 NAG Q . 0.25 50.37 12.33
C2 NAG Q . -0.66 51.12 13.26
C3 NAG Q . -0.69 52.58 12.86
C4 NAG Q . 0.72 53.14 12.97
C5 NAG Q . 1.71 52.29 12.16
C6 NAG Q . 3.15 52.62 12.46
C7 NAG Q . -2.96 50.40 12.46
C8 NAG Q . -2.69 50.91 11.06
N2 NAG Q . -2.00 50.54 13.39
O3 NAG Q . -1.62 53.27 13.68
O4 NAG Q . 0.76 54.47 12.50
O5 NAG Q . 1.57 50.88 12.45
O6 NAG Q . 3.38 52.48 13.85
O7 NAG Q . -4.04 49.88 12.75
H2 NAG Q . -0.28 51.03 14.15
H3 NAG Q . -0.98 52.70 11.94
H4 NAG Q . 0.98 53.12 13.92
H5 NAG Q . 1.49 52.49 11.23
H61 NAG Q . 3.74 52.05 11.96
H62 NAG Q . 3.34 53.54 12.18
H81 NAG Q . -3.47 50.73 10.51
H82 NAG Q . -2.52 51.86 11.10
H83 NAG Q . -1.92 50.45 10.70
HN2 NAG Q . -2.20 50.26 14.18
HO3 NAG Q . -1.64 54.09 13.46
HO4 NAG Q . 1.54 54.78 12.56
HO6 NAG Q . 4.20 52.67 14.02
C1 CLR R . 39.97 -0.79 1.79
C2 CLR R . 41.29 -0.37 2.43
C3 CLR R . 41.89 0.84 1.74
C4 CLR R . 41.80 0.71 0.24
C5 CLR R . 41.42 -0.70 -0.20
C6 CLR R . 42.23 -1.41 -0.97
C7 CLR R . 41.92 -2.76 -1.54
C8 CLR R . 40.52 -3.26 -1.18
C9 CLR R . 40.11 -2.78 0.22
C10 CLR R . 40.10 -1.23 0.32
C11 CLR R . 38.80 -3.43 0.70
C12 CLR R . 38.84 -4.96 0.61
C13 CLR R . 39.15 -5.42 -0.82
C14 CLR R . 40.49 -4.79 -1.21
C15 CLR R . 40.88 -5.51 -2.50
C16 CLR R . 40.23 -6.91 -2.37
C17 CLR R . 39.54 -6.92 -0.98
C18 CLR R . 37.99 -5.05 -1.77
C19 CLR R . 38.98 -0.59 -0.53
C20 CLR R . 38.46 -8.00 -0.78
C21 CLR R . 38.38 -8.41 0.69
C22 CLR R . 38.69 -9.22 -1.66
C23 CLR R . 37.57 -10.24 -1.63
C24 CLR R . 37.85 -11.47 -2.48
C25 CLR R . 39.01 -12.37 -2.03
C26 CLR R . 39.15 -12.41 -0.51
C27 CLR R . 40.32 -11.94 -2.67
O1 CLR R . 41.21 2.03 2.16
H11 CLR R . 39.59 -1.52 2.30
H12 CLR R . 39.34 -0.05 1.85
H21 CLR R . 41.14 -0.17 3.37
H22 CLR R . 41.92 -1.10 2.39
H3 CLR R . 42.82 0.89 1.99
H41 CLR R . 41.14 1.33 -0.10
H42 CLR R . 42.65 0.94 -0.16
H6 CLR R . 43.05 -1.03 -1.20
H71 CLR R . 42.01 -2.74 -2.50
H72 CLR R . 42.57 -3.40 -1.20
H8 CLR R . 39.90 -2.92 -1.84
H9 CLR R . 40.79 -3.07 0.85
H111 CLR R . 38.63 -3.18 1.62
H112 CLR R . 38.06 -3.10 0.17
H121 CLR R . 39.51 -5.31 1.22
H122 CLR R . 37.99 -5.32 0.89
H14 CLR R . 41.20 -4.92 -0.56
H151 CLR R . 40.54 -5.05 -3.29
H152 CLR R . 41.84 -5.58 -2.60
H161 CLR R . 39.59 -7.06 -3.08
H162 CLR R . 40.90 -7.61 -2.43
H17 CLR R . 40.11 -7.21 -0.25
H181 CLR R . 38.21 -5.36 -2.66
H182 CLR R . 37.18 -5.48 -1.46
H183 CLR R . 37.88 -4.09 -1.76
H191 CLR R . 39.07 -0.87 -1.45
H192 CLR R . 38.12 -0.88 -0.18
H193 CLR R . 39.05 0.38 -0.46
H20 CLR R . 37.62 -7.60 -1.04
H211 CLR R . 37.69 -9.09 0.79
H212 CLR R . 39.24 -8.77 0.97
H213 CLR R . 38.15 -7.63 1.22
H221 CLR R . 38.82 -8.94 -2.58
H222 CLR R . 39.51 -9.67 -1.38
H231 CLR R . 37.41 -10.51 -0.72
H232 CLR R . 36.76 -9.83 -1.95
H241 CLR R . 37.04 -12.01 -2.49
H242 CLR R . 38.02 -11.19 -3.38
H25 CLR R . 38.80 -13.26 -2.33
H261 CLR R . 39.89 -12.99 -0.28
H262 CLR R . 39.31 -11.52 -0.18
H263 CLR R . 38.34 -12.77 -0.14
H271 CLR R . 41.03 -12.53 -2.37
H272 CLR R . 40.24 -12.00 -3.63
H273 CLR R . 40.52 -11.02 -2.42
H1 CLR R . 41.54 2.69 1.77
C1 CLR S . 35.97 -2.98 3.55
C2 CLR S . 36.01 -1.56 4.09
C3 CLR S . 36.02 -0.50 3.00
C4 CLR S . 36.43 -1.10 1.67
C5 CLR S . 35.51 -2.22 1.23
C6 CLR S . 35.21 -2.42 -0.04
C7 CLR S . 34.81 -3.73 -0.62
C8 CLR S . 34.47 -4.80 0.42
C9 CLR S . 35.25 -4.61 1.72
C10 CLR S . 35.06 -3.18 2.31
C11 CLR S . 34.98 -5.74 2.72
C12 CLR S . 35.22 -7.13 2.12
C13 CLR S . 34.43 -7.36 0.84
C14 CLR S . 34.76 -6.19 -0.12
C15 CLR S . 34.17 -6.61 -1.47
C16 CLR S . 34.31 -8.15 -1.46
C17 CLR S . 34.87 -8.54 -0.07
C18 CLR S . 32.92 -7.43 1.15
C19 CLR S . 33.59 -2.91 2.66
C20 CLR S . 34.58 -10.00 0.31
C21 CLR S . 33.10 -10.36 0.37
C22 CLR S . 35.25 -10.33 1.65
C23 CLR S . 35.48 -11.79 1.91
C24 CLR S . 36.01 -12.08 3.30
C25 CLR S . 37.53 -12.16 3.44
C26 CLR S . 38.22 -10.89 2.95
C27 CLR S . 38.08 -13.38 2.71
O1 CLR S . 34.72 0.09 2.88
H11 CLR S . 36.87 -3.26 3.33
H12 CLR S . 35.66 -3.57 4.26
H21 CLR S . 35.24 -1.40 4.66
H22 CLR S . 36.81 -1.45 4.64
H3 CLR S . 36.68 0.18 3.25
H41 CLR S . 36.44 -0.40 0.99
H42 CLR S . 37.34 -1.44 1.73
H6 CLR S . 35.25 -1.69 -0.61
H71 CLR S . 34.05 -3.60 -1.21
H72 CLR S . 35.53 -4.06 -1.18
H8 CLR S . 33.51 -4.71 0.61
H9 CLR S . 36.21 -4.67 1.52
H111 CLR S . 35.55 -5.62 3.50
H112 CLR S . 34.06 -5.69 3.03
H121 CLR S . 36.18 -7.24 1.93
H122 CLR S . 34.98 -7.81 2.77
H14 CLR S . 35.72 -6.05 -0.23
H151 CLR S . 33.24 -6.33 -1.54
H152 CLR S . 34.64 -6.21 -2.21
H161 CLR S . 33.45 -8.57 -1.62
H162 CLR S . 34.90 -8.45 -2.18
H17 CLR S . 35.84 -8.61 0.00
H181 CLR S . 32.43 -7.57 0.33
H182 CLR S . 32.76 -8.16 1.76
H183 CLR S . 32.64 -6.59 1.55
H191 CLR S . 33.05 -3.04 1.87
H192 CLR S . 33.30 -3.53 3.36
H193 CLR S . 33.50 -1.99 2.97
H20 CLR S . 34.95 -10.55 -0.40
H211 CLR S . 33.01 -11.29 0.62
H212 CLR S . 32.66 -9.80 1.03
H213 CLR S . 32.71 -10.22 -0.51
H221 CLR S . 36.10 -9.88 1.69
H222 CLR S . 34.70 -9.97 2.37
H231 CLR S . 34.64 -12.27 1.80
H232 CLR S . 36.10 -12.15 1.26
H241 CLR S . 35.70 -11.38 3.89
H242 CLR S . 35.64 -12.92 3.61
H25 CLR S . 37.73 -12.26 4.38
H261 CLR S . 39.18 -10.99 3.05
H262 CLR S . 37.99 -10.77 2.01
H263 CLR S . 37.90 -10.14 3.47
H271 CLR S . 39.05 -13.40 2.82
H272 CLR S . 37.69 -14.18 3.09
H273 CLR S . 37.86 -13.31 1.77
H1 CLR S . 34.73 0.67 2.27
N POV T . 28.96 -5.73 -17.41
P POV T . 26.11 -8.30 -19.87
C1 POV T . 26.71 -10.69 -20.80
C2 POV T . 27.85 -11.67 -20.97
C3 POV T . 27.43 -12.97 -21.62
C210 POV T . 34.35 -18.76 -16.50
C11 POV T . 27.41 -7.77 -17.63
O11 POV T . 27.15 -9.51 -20.09
C211 POV T . 35.04 -19.99 -16.02
C12 POV T . 27.90 -6.61 -16.78
O12 POV T . 26.92 -7.29 -18.90
C212 POV T . 36.46 -19.76 -15.63
C13 POV T . 29.40 -4.69 -16.44
O13 POV T . 25.90 -7.61 -21.19
C213 POV T . 37.37 -19.39 -16.79
C14 POV T . 30.14 -6.56 -17.80
O14 POV T . 24.94 -8.84 -19.10
C15 POV T . 28.41 -5.06 -18.62
C21 POV T . 29.14 -11.00 -19.06
O21 POV T . 28.42 -11.96 -19.67
C22 POV T . 29.48 -11.32 -17.64
O22 POV T . 29.44 -9.98 -19.63
C23 POV T . 30.29 -12.58 -17.48
C24 POV T . 30.75 -12.79 -16.05
C25 POV T . 31.52 -14.07 -15.83
C26 POV T . 30.73 -15.32 -16.07
C27 POV T . 31.42 -16.60 -15.62
C28 POV T . 32.64 -16.94 -16.41
C29 POV T . 33.29 -18.22 -15.97
C31 POV T . 26.13 -14.86 -21.09
O31 POV T . 26.47 -13.63 -20.76
C32 POV T . 26.80 -15.87 -20.19
O32 POV T . 25.39 -15.13 -22.00
C33 POV T . 25.84 -16.76 -19.47
C34 POV T . 25.45 -17.97 -20.27
C35 POV T . 24.59 -18.97 -19.52
C36 POV T . 24.55 -20.34 -20.14
C37 POV T . 23.85 -20.40 -21.46
C38 POV T . 23.56 -21.81 -21.94
C39 POV T . 22.75 -21.88 -23.20
H29 POV T . 32.88 -18.69 -15.23
H1 POV T . 26.35 -10.45 -21.67
H1A POV T . 25.98 -11.12 -20.31
H2 POV T . 28.49 -11.25 -21.55
H3 POV T . 27.05 -12.81 -22.49
H3A POV T . 28.21 -13.54 -21.75
H210 POV T . 34.74 -18.31 -17.28
H11 POV T . 28.14 -8.40 -17.76
H11A POV T . 26.71 -8.24 -17.16
H211 POV T . 34.55 -20.35 -15.26
H21A POV T . 35.00 -20.67 -16.71
H12 POV T . 28.25 -6.97 -15.95
H12A POV T . 27.14 -6.06 -16.57
H22 POV T . 29.98 -10.57 -17.25
H212 POV T . 36.50 -19.07 -14.96
H22A POV T . 28.67 -11.40 -17.12
H21B POV T . 36.80 -20.58 -15.21
H32 POV T . 27.40 -16.42 -20.72
H32A POV T . 27.35 -15.39 -19.54
H13 POV T . 30.07 -4.14 -16.85
H13A POV T . 28.63 -4.15 -16.19
H13B POV T . 29.76 -5.12 -15.65
H23 POV T . 29.76 -13.33 -17.76
H23A POV T . 31.06 -12.53 -18.06
H33 POV T . 26.23 -17.05 -18.63
H33A POV T . 25.05 -16.25 -19.25
H14 POV T . 30.81 -5.98 -18.20
H14A POV T . 30.50 -6.98 -17.01
H14B POV T . 29.86 -7.23 -18.44
H24 POV T . 31.31 -12.04 -15.79
H24A POV T . 29.98 -12.79 -15.46
H34 POV T . 24.96 -17.70 -21.07
H34A POV T . 26.25 -18.42 -20.58
H15 POV T . 29.11 -4.49 -19.01
H15A POV T . 28.15 -5.73 -19.26
H15B POV T . 27.65 -4.52 -18.36
H25 POV T . 32.30 -14.06 -16.42
H25A POV T . 31.86 -14.08 -14.92
H35 POV T . 24.93 -19.04 -18.62
H35A POV T . 23.69 -18.62 -19.46
H26 POV T . 29.88 -15.25 -15.61
H26A POV T . 30.53 -15.39 -17.02
H36 POV T . 25.45 -20.67 -20.24
H36A POV T . 24.09 -20.94 -19.52
H27 POV T . 31.67 -16.51 -14.69
H27A POV T . 30.79 -17.34 -15.69
H37 POV T . 23.02 -19.92 -21.42
H37A POV T . 24.40 -19.96 -22.14
H28 POV T . 32.41 -17.01 -17.35
H28A POV T . 33.28 -16.22 -16.34
H38 POV T . 24.40 -22.27 -22.08
H38A POV T . 23.09 -22.28 -21.24
C1 NAG U . -48.08 10.47 14.91
C2 NAG U . -48.47 10.31 16.40
C3 NAG U . -49.88 9.72 16.55
C4 NAG U . -50.88 10.32 15.57
C5 NAG U . -50.30 10.34 14.16
C6 NAG U . -51.26 10.90 13.12
C7 NAG U . -47.60 8.72 18.17
C8 NAG U . -46.37 7.98 18.59
N2 NAG U . -47.46 9.48 17.06
O3 NAG U . -50.39 10.00 17.85
O4 NAG U . -52.07 9.54 15.59
O5 NAG U . -49.13 11.14 14.19
O6 NAG U . -51.33 12.32 13.18
O7 NAG U . -48.65 8.64 18.80
H2 NAG U . -48.49 11.19 16.82
H3 NAG U . -49.78 8.77 16.38
H4 NAG U . -51.07 11.24 15.84
H5 NAG U . -50.14 9.42 13.92
H61 NAG U . -50.95 10.64 12.24
H62 NAG U . -52.13 10.53 13.25
H81 NAG U . -46.57 7.47 19.39
H82 NAG U . -46.10 7.39 17.87
H83 NAG U . -45.67 8.62 18.77
HN2 NAG U . -46.68 9.46 16.70
HO3 NAG U . -51.17 9.67 17.92
HO4 NAG U . -52.62 9.86 15.06
HO6 NAG U . -51.86 12.60 12.59
C1 CLR V . 3.02 -20.76 31.12
C2 CLR V . 2.06 -19.58 31.04
C3 CLR V . 2.37 -18.69 29.87
C4 CLR V . 2.32 -19.49 28.59
C5 CLR V . 3.26 -20.68 28.65
C6 CLR V . 4.20 -20.86 27.73
C7 CLR V . 5.01 -22.10 27.58
C8 CLR V . 4.63 -23.20 28.55
C9 CLR V . 4.27 -22.60 29.92
C10 CLR V . 3.07 -21.62 29.83
C11 CLR V . 4.10 -23.68 31.00
C12 CLR V . 5.27 -24.66 31.08
C13 CLR V . 5.53 -25.33 29.72
C14 CLR V . 5.79 -24.19 28.72
C15 CLR V . 6.34 -24.88 27.48
C16 CLR V . 7.16 -26.06 28.05
C17 CLR V . 6.87 -26.11 29.58
C18 CLR V . 4.34 -26.22 29.32
C19 CLR V . 1.72 -22.35 29.65
C20 CLR V . 6.99 -27.54 30.14
C21 CLR V . 6.65 -27.62 31.61
C22 CLR V . 8.40 -28.09 29.87
C23 CLR V . 8.51 -29.03 28.71
C24 CLR V . 9.92 -29.42 28.39
C25 CLR V . 10.09 -30.41 27.24
C26 CLR V . 11.53 -30.90 27.16
C27 CLR V . 9.67 -29.79 25.92
O1 CLR V . 1.42 -17.60 29.80
H11 CLR V . 3.91 -20.43 31.31
H12 CLR V . 2.76 -21.33 31.86
H21 CLR V . 1.15 -19.90 30.98
H22 CLR V . 2.12 -19.06 31.86
H3 CLR V . 3.25 -18.31 29.98
H41 CLR V . 1.43 -19.80 28.43
H42 CLR V . 2.58 -18.93 27.84
H6 CLR V . 4.34 -20.17 27.13
H71 CLR V . 4.93 -22.43 26.67
H72 CLR V . 5.96 -21.87 27.70
H8 CLR V . 3.86 -23.67 28.20
H9 CLR V . 5.02 -22.06 30.20
H111 CLR V . 3.99 -23.25 31.87
H112 CLR V . 3.28 -24.18 30.83
H121 CLR V . 6.07 -24.19 31.37
H122 CLR V . 5.08 -25.34 31.74
H14 CLR V . 6.43 -23.54 29.04
H151 CLR V . 5.63 -25.18 26.89
H152 CLR V . 6.91 -24.28 26.97
H161 CLR V . 6.90 -26.88 27.62
H162 CLR V . 8.10 -25.94 27.88
H17 CLR V . 7.52 -25.69 30.15
H181 CLR V . 4.54 -26.63 28.46
H182 CLR V . 4.23 -26.91 29.99
H183 CLR V . 3.55 -25.68 29.26
H191 CLR V . 1.77 -22.89 28.84
H192 CLR V . 1.57 -22.93 30.42
H193 CLR V . 1.01 -21.70 29.57
H20 CLR V . 6.33 -28.08 29.67
H211 CLR V . 6.75 -28.55 31.91
H212 CLR V . 7.26 -27.06 32.12
H213 CLR V . 5.74 -27.33 31.75
H221 CLR V . 9.00 -27.34 29.72
H222 CLR V . 8.71 -28.55 30.67
H231 CLR V . 7.99 -29.83 28.91
H232 CLR V . 8.10 -28.63 27.93
H241 CLR V . 10.42 -28.62 28.19
H242 CLR V . 10.32 -29.80 29.19
H25 CLR V . 9.52 -31.17 27.42
H261 CLR V . 11.61 -31.52 26.42
H262 CLR V . 12.11 -30.15 27.01
H263 CLR V . 11.77 -31.34 27.98
H271 CLR V . 9.80 -30.44 25.21
H272 CLR V . 8.74 -29.54 25.97
H273 CLR V . 10.22 -29.01 25.74
H1 CLR V . 1.60 -17.12 29.14
C1 CLR W . 7.34 -18.32 27.88
C2 CLR W . 6.69 -17.20 28.70
C3 CLR W . 6.14 -17.72 30.01
C4 CLR W . 7.26 -18.39 30.80
C5 CLR W . 7.93 -19.48 29.99
C6 CLR W . 8.01 -20.71 30.48
C7 CLR W . 8.81 -21.82 29.87
C8 CLR W . 9.61 -21.38 28.65
C9 CLR W . 8.81 -20.37 27.82
C10 CLR W . 8.46 -19.08 28.62
C11 CLR W . 9.49 -20.06 26.47
C12 CLR W . 9.84 -21.32 25.67
C13 CLR W . 10.72 -22.27 26.49
C14 CLR W . 9.95 -22.59 27.77
C15 CLR W . 10.71 -23.75 28.40
C16 CLR W . 11.21 -24.55 27.18
C17 CLR W . 10.88 -23.72 25.93
C18 CLR W . 12.10 -21.65 26.75
C19 CLR W . 9.67 -18.16 28.83
C20 CLR W . 11.87 -24.00 24.78
C21 CLR W . 11.76 -23.01 23.63
C22 CLR W . 11.68 -25.43 24.26
C23 CLR W . 12.94 -26.25 24.15
C24 CLR W . 13.45 -26.71 25.48
C25 CLR W . 14.75 -27.51 25.44
C26 CLR W . 15.00 -28.22 26.76
C27 CLR W . 15.93 -26.60 25.10
O1 CLR W . 5.58 -16.65 30.77
H11 CLR W . 6.65 -18.95 27.61
H12 CLR W . 7.70 -17.94 27.07
H21 CLR W . 7.34 -16.50 28.87
H22 CLR W . 5.97 -16.79 28.19
H3 CLR W . 5.45 -18.37 29.83
H41 CLR W . 7.92 -17.71 31.04
H42 CLR W . 6.90 -18.75 31.62
H6 CLR W . 7.53 -20.91 31.24
H71 CLR W . 9.42 -22.17 30.53
H72 CLR W . 8.22 -22.54 29.62
H8 CLR W . 10.43 -20.97 28.95
H9 CLR W . 7.96 -20.78 27.61
H111 CLR W . 8.90 -19.51 25.94
H112 CLR W . 10.30 -19.55 26.62
H121 CLR W . 9.02 -21.79 25.41
H122 CLR W . 10.30 -21.07 24.86
H14 CLR W . 9.03 -22.86 27.62
H151 CLR W . 11.44 -23.44 28.96
H152 CLR W . 10.13 -24.29 28.97
H161 CLR W . 12.16 -24.72 27.25
H162 CLR W . 10.78 -25.42 27.15
H17 CLR W . 10.07 -23.94 25.46
H181 CLR W . 12.64 -22.26 27.27
H182 CLR W . 12.53 -21.45 25.90
H183 CLR W . 11.98 -20.82 27.25
H191 CLR W . 10.36 -18.66 29.29
H192 CLR W . 9.99 -17.87 27.96
H193 CLR W . 9.40 -17.40 29.35
H20 CLR W . 12.76 -23.90 25.14
H211 CLR W . 12.41 -23.25 22.94
H212 CLR W . 10.86 -23.05 23.26
H213 CLR W . 11.95 -22.12 23.95
H221 CLR W . 11.06 -25.90 24.85
H222 CLR W . 11.26 -25.39 23.38
H231 CLR W . 12.76 -27.02 23.59
H232 CLR W . 13.61 -25.72 23.71
H241 CLR W . 13.58 -25.93 26.05
H242 CLR W . 12.78 -27.26 25.91
H25 CLR W . 14.67 -28.16 24.74
H261 CLR W . 15.84 -28.71 26.69
H262 CLR W . 15.06 -27.56 27.47
H263 CLR W . 14.27 -28.83 26.92
H271 CLR W . 16.74 -27.13 25.09
H272 CLR W . 15.77 -26.19 24.24
H273 CLR W . 16.00 -25.91 25.79
H1 CLR W . 5.29 -16.94 31.50
N POV X . 24.38 -50.83 17.33
P POV X . 22.62 -54.84 17.95
C1 POV X . 20.10 -54.67 17.13
C2 POV X . 18.83 -53.93 17.41
C3 POV X . 18.26 -54.18 18.79
C210 POV X . 12.55 -46.03 16.70
C11 POV X . 23.08 -52.81 16.33
O11 POV X . 21.11 -54.29 18.10
C211 POV X . 12.31 -45.58 15.30
C12 POV X . 24.40 -52.22 16.74
O12 POV X . 23.07 -54.24 16.53
C212 POV X . 10.86 -45.59 14.91
C13 POV X . 25.77 -50.33 17.51
O13 POV X . 22.54 -56.34 17.82
C213 POV X . 10.57 -44.95 13.57
C14 POV X . 23.65 -49.90 16.42
O14 POV X . 23.43 -54.22 19.04
C214 POV X . 10.89 -43.48 13.48
C15 POV X . 23.71 -50.84 18.65
C215 POV X . 10.33 -42.64 14.60
C216 POV X . 8.83 -42.75 14.78
C217 POV X . 8.28 -41.92 15.90
C218 POV X . 8.46 -40.43 15.72
C21 POV X . 17.77 -53.74 15.25
O21 POV X . 17.78 -54.32 16.46
C22 POV X . 16.48 -54.00 14.54
O22 POV X . 18.68 -53.10 14.80
C23 POV X . 15.76 -52.77 14.13
C24 POV X . 15.14 -52.01 15.30
C25 POV X . 14.41 -50.77 14.87
C26 POV X . 13.58 -50.13 15.96
C27 POV X . 12.76 -48.94 15.48
C28 POV X . 11.79 -48.41 16.48
C29 POV X . 12.28 -47.20 17.22
C31 POV X . 16.19 -53.89 19.89
O31 POV X . 16.96 -53.56 18.86
C32 POV X . 14.74 -53.69 19.57
O32 POV X . 16.62 -54.30 20.94
C33 POV X . 14.39 -52.27 19.24
C34 POV X . 12.90 -52.06 19.09
C35 POV X . 12.44 -50.67 19.41
C36 POV X . 10.95 -50.48 19.33
C37 POV X . 10.50 -49.10 19.68
C38 POV X . 9.32 -48.62 18.87
H29 POV X . 12.40 -47.29 18.17
H1 POV X . 19.95 -55.63 17.16
H1A POV X . 20.42 -54.47 16.23
H2 POV X . 19.05 -52.99 17.33
H3 POV X . 18.18 -55.14 18.96
H3A POV X . 18.85 -53.83 19.47
H210 POV X . 12.96 -45.37 17.30
H11 POV X . 22.36 -52.40 16.84
H11A POV X . 22.91 -52.60 15.39
H211 POV X . 12.66 -44.68 15.19
H21A POV X . 12.80 -46.16 14.69
H12 POV X . 24.99 -52.22 15.97
H12A POV X . 24.80 -52.82 17.39
H22 POV X . 16.66 -54.55 13.75
H212 POV X . 10.56 -46.52 14.89
H22A POV X . 15.90 -54.53 15.11
H21B POV X . 10.36 -45.13 15.60
H32 POV X . 14.50 -54.25 18.82
H32A POV X . 14.20 -53.98 20.32
H13 POV X . 25.74 -49.44 17.88
H13A POV X . 26.24 -50.93 18.12
H13B POV X . 26.21 -50.31 16.65
H23 POV X . 16.38 -52.18 13.67
H213 POV X . 11.06 -45.41 12.88
H23A POV X . 15.06 -52.99 13.50
H21C POV X . 9.62 -45.07 13.37
H33 POV X . 14.73 -51.69 19.95
H33A POV X . 14.85 -52.01 18.43
H14 POV X . 23.65 -49.01 16.82
H14A POV X . 24.11 -49.87 15.56
H14B POV X . 22.74 -50.21 16.31
H24 POV X . 14.54 -52.59 15.77
H214 POV X . 11.85 -43.37 13.47
H24A POV X . 15.85 -51.77 15.92
H21D POV X . 10.56 -43.13 12.63
H34 POV X . 12.65 -52.27 18.17
H34A POV X . 12.44 -52.69 19.66
H15 POV X . 23.69 -49.94 19.01
H15A POV X . 22.79 -51.16 18.54
H15B POV X . 24.19 -51.43 19.25
H25 POV X . 15.06 -50.11 14.57
H215 POV X . 10.75 -42.90 15.43
H25A POV X . 13.84 -50.98 14.13
H21E POV X . 10.55 -41.71 14.44
H35 POV X . 12.75 -50.44 20.30
H35A POV X . 12.87 -50.05 18.80
H26 POV X . 12.99 -50.79 16.33
H216 POV X . 8.40 -42.47 13.95
H26A POV X . 14.17 -49.84 16.67
H21F POV X . 8.60 -43.67 14.92
H36 POV X . 10.66 -50.70 18.44
H36A POV X . 10.53 -51.12 19.94
H27 POV X . 13.36 -48.23 15.22
H217 POV X . 7.33 -42.12 15.99
H27A POV X . 12.28 -49.21 14.68
H21G POV X . 8.71 -42.20 16.72
H37 POV X . 10.26 -49.07 20.62
H37A POV X . 11.23 -48.47 19.56
H28 POV X . 10.96 -48.20 16.04
H218 POV X . 8.09 -39.98 16.48
H28A POV X . 11.60 -49.11 17.13
H21H POV X . 9.41 -40.25 15.66
H21J POV X . 8.01 -40.16 14.91
#